data_4ASU
#
_entry.id   4ASU
#
_cell.length_a   105.268
_cell.length_b   135.113
_cell.length_c   266.355
_cell.angle_alpha   90.00
_cell.angle_beta   90.00
_cell.angle_gamma   90.00
#
_symmetry.space_group_name_H-M   'P 21 21 21'
#
loop_
_entity.id
_entity.type
_entity.pdbx_description
1 polymer 'ATP SYNTHASE SUBUNIT ALPHA, MITOCHONDRIAL'
2 polymer 'ATP SYNTHASE SUBUNIT BETA, MITOCHONDRIAL'
3 polymer 'ATP SYNTHASE SUBUNIT GAMMA, MITOCHONDRIAL'
4 polymer 'ATP SYNTHASE SUBUNIT DELTA, MITOCHONDRIAL'
5 polymer 'ATP SYNTHASE SUBUNIT EPSILON, MITOCHONDRIAL'
6 non-polymer "ADENOSINE-5'-DIPHOSPHATE"
7 non-polymer 'MAGNESIUM ION'
8 water water
#
loop_
_entity_poly.entity_id
_entity_poly.type
_entity_poly.pdbx_seq_one_letter_code
_entity_poly.pdbx_strand_id
1 'polypeptide(L)'
;QKTGTAEVSSILEERILGADTSVDLEETGRVLSIGDGIARVHGLRNVQAEEMVEFSSGLKGMSLNLEPDNVGVVVFGNDK
LIKEGDIVKRTGAIVDVPVGEELLGRVVDALGNAIDGKGPIGSKARRRVGLKAPGIIPRISVREPMQTGIKAVDSLVPIG
RGQRELIIGDRQTGKTSIAIDTIINQKRFNDGTDEKKKLYCIYVAIGQKRSTVAQLVKRLTDADAMKYTIVVSATASDAA
PLQYLAPYSGCSMGEYFRDNGKHALIIYDDLSKQAVAYRQMSLLLRRPPGREAYPGDVFYLHSRLLERAAKMNDAFGGGS
LTALPVIETQAGDVSAYIPTNVISITDGQIFLETELFYKGIRPAINVGLSVSRVGSAAQTRAMKQVAGTMKLELAQYREV
AAFAQFGSDLDAATQQLLSRGVRLTELLKQGQYSPMAIEEQVAVIYAGVRGYLDKLEPSKITKFENAFLSHVISQHQALL
GKIRTDGKISEESDAKLKEIVTNFLAGFEA
;
A,B,C
2 'polypeptide(L)'
;QASPSPKAGATTGRIVAVIGAVVDVQFDEGLPPILNALEVQGRETRLVLEVAQHLGESTVRTIAMDGTEGLVRGQKVLDS
GAPIRIPVGPETLGRIMNVIGEPIDERGPIKTKQFAAIHAEAPEFVEMSVEQEILVTGIKVVDLLAPYAKGGKIGLFGGA
GVGKTVLIMELINNVAKAHGGYSVFAGVGERTREGNDLYHEMIESGVINLKDATSKVALVYGQMNEPPGARARVALTGLT
VAEYFRDQEGQDVLLFIDNIFRFTQAGSEVSALLGRIPSAVGYQPTLATDMGTMQERITTTKKGSITSVQAIYVPADDLT
DPAPATTFAHLDATTVLSRAIAELGIYPAVDPLDSTSRIMDPNIVGSEHYDVARGVQKILQDYKSLQDIIAILGMDELSE
EDKLTVSRARKIQRFLSQPFQVAEVFTGHLGKLVPLKETIKGFQQILAGEYDHLPEQAFYMVGPIEEAVAKADKLAEEHS
;
D,E,F
3 'polypeptide(L)'
;ATLKDITRRLKSIKNIQKITKSMKMVAAAKYARAERELKPARVYGVGSLALYEKADIKTPEDKKKHLIIGVSSDRGLCGA
IHSSVAKQMKSEAANLAAAGKEVKIIGVGDKIRSILHRTHSDQFLVTFKEVGRRPPTFGDASVIALELLNSGYEFDEGSI
IFNRFRSVISYKTEEKPIFSLDTISSAESMSIYDDIDADVLRNYQEYSLANIIYYSLKESTTSEQSARMTAMDNASKNAS
EMIDKLTLTFNRTRQAVITKELIEIISGAAALD
;
G
4 'polypeptide(L)'
;AEAAAAQAPAAGPGQMSFTFASPTQVFFNSANVRQVDVPTQTGAFGILAAHVPTLQVLRPGLVVVHAEDGTTSKYFVSSG
SVTVNADSSVQLLAEEAVTLDMLDLGAAKANLEKAQSELLGAADEATRAEIQIRIEANEALVKALE
;
H
5 'polypeptide(L)' VAYWRQAGLSYIRYSQICAKAVRDALKTEFKANAMKTSGSTIKIVKVKKE I
#
loop_
_chem_comp.id
_chem_comp.type
_chem_comp.name
_chem_comp.formula
ADP non-polymer ADENOSINE-5'-DIPHOSPHATE 'C10 H15 N5 O10 P2'
MG non-polymer 'MAGNESIUM ION' 'Mg 2'
#
# COMPACT_ATOMS: atom_id res chain seq x y z
N ASP A 24 0.24 22.95 53.00
CA ASP A 24 0.75 21.58 52.71
C ASP A 24 0.86 21.35 51.20
N LEU A 25 1.89 20.61 50.79
CA LEU A 25 2.11 20.29 49.38
C LEU A 25 2.31 18.80 49.15
N GLU A 26 2.51 18.05 50.24
CA GLU A 26 2.65 16.61 50.17
C GLU A 26 1.30 15.93 49.95
N GLU A 27 0.26 16.48 50.57
CA GLU A 27 -1.09 15.92 50.48
C GLU A 27 -1.97 16.65 49.47
N THR A 28 -1.72 17.95 49.31
CA THR A 28 -2.50 18.78 48.39
C THR A 28 -1.61 19.34 47.28
N GLY A 29 -2.24 19.94 46.28
CA GLY A 29 -1.53 20.55 45.17
C GLY A 29 -2.31 21.66 44.49
N ARG A 30 -1.63 22.40 43.61
CA ARG A 30 -2.26 23.48 42.86
C ARG A 30 -2.09 23.24 41.37
N VAL A 31 -3.12 23.57 40.59
CA VAL A 31 -3.09 23.40 39.13
C VAL A 31 -2.16 24.41 38.48
N LEU A 32 -1.09 23.90 37.85
CA LEU A 32 -0.16 24.71 37.07
C LEU A 32 -0.79 25.09 35.74
N SER A 33 -1.21 24.07 34.99
CA SER A 33 -1.87 24.25 33.70
C SER A 33 -3.00 23.25 33.51
N ILE A 34 -4.01 23.65 32.75
CA ILE A 34 -5.15 22.79 32.43
C ILE A 34 -5.59 22.98 30.97
N GLY A 35 -5.60 21.90 30.21
CA GLY A 35 -5.93 21.96 28.79
C GLY A 35 -6.14 20.59 28.18
N ASP A 36 -7.24 20.46 27.44
CA ASP A 36 -7.61 19.23 26.72
C ASP A 36 -7.74 17.99 27.63
N GLY A 37 -8.36 18.19 28.78
CA GLY A 37 -8.61 17.10 29.73
C GLY A 37 -7.44 16.74 30.62
N ILE A 38 -6.30 17.37 30.38
CA ILE A 38 -5.09 17.12 31.16
C ILE A 38 -4.83 18.28 32.12
N ALA A 39 -4.55 17.93 33.37
CA ALA A 39 -4.22 18.93 34.38
C ALA A 39 -2.84 18.66 34.97
N ARG A 40 -1.99 19.68 34.97
CA ARG A 40 -0.67 19.61 35.59
C ARG A 40 -0.73 20.20 36.99
N VAL A 41 -0.36 19.40 37.99
CA VAL A 41 -0.49 19.81 39.38
C VAL A 41 0.87 19.91 40.09
N HIS A 42 1.13 21.09 40.64
CA HIS A 42 2.28 21.32 41.50
C HIS A 42 2.00 20.70 42.84
N GLY A 43 3.02 20.09 43.43
CA GLY A 43 2.89 19.47 44.75
C GLY A 43 2.41 18.04 44.66
N LEU A 44 1.46 17.69 45.53
CA LEU A 44 0.94 16.33 45.67
C LEU A 44 2.06 15.29 45.80
N ARG A 45 3.02 15.56 46.70
CA ARG A 45 4.25 14.76 46.78
C ARG A 45 4.02 13.30 47.21
N ASN A 46 2.86 13.03 47.80
CA ASN A 46 2.54 11.68 48.27
C ASN A 46 1.52 10.92 47.40
N VAL A 47 1.36 11.37 46.15
CA VAL A 47 0.47 10.67 45.22
C VAL A 47 1.00 9.31 44.83
N GLN A 48 0.07 8.38 44.59
CA GLN A 48 0.39 7.08 44.06
C GLN A 48 0.05 7.07 42.57
N ALA A 49 0.78 6.26 41.81
CA ALA A 49 0.47 6.07 40.39
C ALA A 49 -0.95 5.54 40.25
N GLU A 50 -1.77 6.29 39.52
CA GLU A 50 -3.19 5.95 39.27
C GLU A 50 -4.10 6.18 40.49
N GLU A 51 -3.69 7.07 41.39
CA GLU A 51 -4.50 7.42 42.55
C GLU A 51 -5.55 8.47 42.18
N MET A 52 -6.74 8.33 42.77
CA MET A 52 -7.82 9.27 42.56
C MET A 52 -7.64 10.53 43.40
N VAL A 53 -7.51 11.67 42.72
CA VAL A 53 -7.42 12.98 43.38
C VAL A 53 -8.71 13.76 43.14
N GLU A 54 -8.87 14.87 43.87
CA GLU A 54 -10.09 15.67 43.78
C GLU A 54 -9.81 17.16 43.67
N PHE A 55 -10.56 17.82 42.80
CA PHE A 55 -10.44 19.26 42.56
C PHE A 55 -11.42 20.03 43.45
N SER A 56 -11.16 21.31 43.64
CA SER A 56 -12.00 22.19 44.47
C SER A 56 -13.42 22.35 43.91
N SER A 57 -13.56 22.12 42.62
CA SER A 57 -14.85 22.16 41.93
C SER A 57 -15.69 20.91 42.19
N GLY A 58 -15.04 19.84 42.65
CA GLY A 58 -15.71 18.59 42.99
C GLY A 58 -15.48 17.47 42.00
N LEU A 59 -14.79 17.77 40.91
CA LEU A 59 -14.50 16.78 39.86
C LEU A 59 -13.44 15.78 40.29
N LYS A 60 -13.55 14.57 39.74
CA LYS A 60 -12.60 13.50 40.00
C LYS A 60 -11.37 13.64 39.10
N GLY A 61 -10.28 12.98 39.46
CA GLY A 61 -9.06 12.99 38.67
C GLY A 61 -8.15 11.82 38.96
N MET A 62 -7.49 11.30 37.94
CA MET A 62 -6.56 10.18 38.10
C MET A 62 -5.12 10.56 37.75
N SER A 63 -4.20 10.22 38.65
CA SER A 63 -2.80 10.58 38.53
C SER A 63 -2.02 9.55 37.71
N LEU A 64 -2.06 9.69 36.38
CA LEU A 64 -1.40 8.73 35.49
C LEU A 64 0.09 8.99 35.34
N ASN A 65 0.47 10.27 35.22
CA ASN A 65 1.87 10.66 35.11
C ASN A 65 2.40 11.24 36.42
N LEU A 66 3.48 10.65 36.92
CA LEU A 66 4.19 11.21 38.06
C LEU A 66 5.55 11.71 37.58
N GLU A 67 5.72 13.04 37.63
CA GLU A 67 6.92 13.68 37.11
C GLU A 67 7.67 14.45 38.21
N PRO A 68 8.96 14.74 38.01
CA PRO A 68 9.77 15.43 39.02
C PRO A 68 9.17 16.76 39.51
N ASP A 69 8.57 17.53 38.59
CA ASP A 69 8.08 18.87 38.90
C ASP A 69 6.55 19.02 38.89
N ASN A 70 5.85 18.00 38.40
CA ASN A 70 4.38 18.01 38.33
C ASN A 70 3.74 16.63 38.38
N VAL A 71 2.40 16.60 38.33
CA VAL A 71 1.64 15.35 38.24
C VAL A 71 0.61 15.44 37.11
N GLY A 72 0.73 14.55 36.13
CA GLY A 72 -0.22 14.51 35.02
C GLY A 72 -1.54 13.87 35.41
N VAL A 73 -2.56 14.70 35.62
CA VAL A 73 -3.87 14.25 36.07
C VAL A 73 -4.89 14.31 34.93
N VAL A 74 -5.54 13.18 34.67
CA VAL A 74 -6.63 13.11 33.68
C VAL A 74 -7.98 13.44 34.33
N VAL A 75 -8.81 14.18 33.61
CA VAL A 75 -10.02 14.78 34.18
C VAL A 75 -11.30 14.03 33.83
N PHE A 76 -12.14 13.80 34.84
CA PHE A 76 -13.41 13.11 34.67
C PHE A 76 -14.55 14.13 34.62
N GLY A 77 -14.77 14.69 33.43
CA GLY A 77 -15.78 15.72 33.22
C GLY A 77 -15.23 16.93 32.49
N ASN A 78 -16.06 17.96 32.34
CA ASN A 78 -15.68 19.20 31.66
C ASN A 78 -14.55 19.91 32.41
N ASP A 79 -13.46 20.20 31.70
CA ASP A 79 -12.28 20.81 32.32
C ASP A 79 -12.35 22.34 32.41
N LYS A 80 -13.50 22.92 32.05
CA LYS A 80 -13.71 24.36 32.20
C LYS A 80 -13.99 24.75 33.65
N LEU A 81 -14.33 23.74 34.45
CA LEU A 81 -14.60 23.93 35.88
C LEU A 81 -13.30 24.00 36.68
N ILE A 82 -12.20 23.60 36.04
CA ILE A 82 -10.87 23.63 36.65
C ILE A 82 -10.03 24.77 36.06
N LYS A 83 -9.50 25.62 36.94
CA LYS A 83 -8.69 26.77 36.53
C LYS A 83 -7.27 26.66 37.04
N GLU A 84 -6.40 27.56 36.59
CA GLU A 84 -5.03 27.65 37.10
C GLU A 84 -5.05 28.12 38.55
N GLY A 85 -4.39 27.36 39.42
CA GLY A 85 -4.29 27.70 40.84
C GLY A 85 -5.31 27.02 41.73
N ASP A 86 -6.18 26.20 41.12
CA ASP A 86 -7.19 25.45 41.88
C ASP A 86 -6.55 24.38 42.75
N ILE A 87 -7.09 24.20 43.95
CA ILE A 87 -6.58 23.25 44.93
C ILE A 87 -6.95 21.82 44.54
N VAL A 88 -5.94 20.94 44.53
CA VAL A 88 -6.15 19.52 44.23
C VAL A 88 -5.77 18.69 45.46
N LYS A 89 -6.77 18.01 46.03
CA LYS A 89 -6.59 17.21 47.24
C LYS A 89 -6.41 15.73 46.94
N ARG A 90 -5.64 15.06 47.79
CA ARG A 90 -5.59 13.61 47.82
C ARG A 90 -6.77 13.11 48.64
N THR A 91 -7.54 12.19 48.07
CA THR A 91 -8.64 11.56 48.80
C THR A 91 -8.12 10.41 49.66
N GLY A 92 -6.94 9.92 49.32
CA GLY A 92 -6.33 8.79 50.01
C GLY A 92 -7.06 7.50 49.72
N ALA A 93 -7.38 7.29 48.45
CA ALA A 93 -8.17 6.14 48.01
C ALA A 93 -7.78 5.68 46.61
N ILE A 94 -8.00 4.39 46.34
CA ILE A 94 -7.72 3.81 45.02
C ILE A 94 -9.01 3.73 44.20
N VAL A 95 -8.86 3.61 42.88
CA VAL A 95 -10.00 3.54 41.96
C VAL A 95 -10.72 2.21 42.14
N ASP A 96 -12.01 2.29 42.45
CA ASP A 96 -12.83 1.09 42.68
C ASP A 96 -14.29 1.30 42.29
N VAL A 97 -14.99 0.19 42.07
CA VAL A 97 -16.41 0.21 41.70
C VAL A 97 -17.26 -0.65 42.65
N PRO A 98 -18.57 -0.34 42.76
CA PRO A 98 -19.49 -1.18 43.53
C PRO A 98 -19.60 -2.59 42.95
N VAL A 99 -19.92 -3.56 43.80
CA VAL A 99 -19.96 -4.96 43.42
C VAL A 99 -21.06 -5.72 44.16
N GLY A 100 -21.80 -6.56 43.44
CA GLY A 100 -22.84 -7.38 44.05
C GLY A 100 -24.07 -7.65 43.19
N GLU A 101 -24.97 -8.48 43.71
CA GLU A 101 -26.20 -8.85 43.02
C GLU A 101 -27.25 -7.74 43.00
N GLU A 102 -27.12 -6.79 43.91
CA GLU A 102 -28.02 -5.63 43.96
C GLU A 102 -27.80 -4.66 42.79
N LEU A 103 -26.70 -4.86 42.07
CA LEU A 103 -26.42 -4.14 40.83
C LEU A 103 -27.33 -4.60 39.68
N LEU A 104 -27.76 -5.86 39.74
CA LEU A 104 -28.52 -6.48 38.65
C LEU A 104 -29.80 -5.71 38.28
N GLY A 105 -29.97 -5.48 36.98
CA GLY A 105 -31.13 -4.77 36.46
C GLY A 105 -30.99 -3.26 36.48
N ARG A 106 -29.74 -2.79 36.56
CA ARG A 106 -29.47 -1.35 36.64
C ARG A 106 -28.53 -0.87 35.56
N VAL A 107 -28.70 0.39 35.14
CA VAL A 107 -27.80 1.05 34.23
C VAL A 107 -26.90 1.99 35.02
N VAL A 108 -25.61 1.69 35.03
CA VAL A 108 -24.62 2.49 35.76
C VAL A 108 -23.60 3.13 34.83
N ASP A 109 -22.94 4.18 35.32
CA ASP A 109 -21.84 4.81 34.57
C ASP A 109 -20.55 4.02 34.76
N ALA A 110 -19.44 4.59 34.31
CA ALA A 110 -18.12 3.96 34.46
C ALA A 110 -17.72 3.75 35.92
N LEU A 111 -18.01 4.73 36.76
CA LEU A 111 -17.60 4.68 38.17
C LEU A 111 -18.52 3.86 39.06
N GLY A 112 -19.75 3.60 38.60
CA GLY A 112 -20.72 2.81 39.35
C GLY A 112 -21.95 3.57 39.79
N ASN A 113 -21.99 4.87 39.46
CA ASN A 113 -23.15 5.72 39.75
C ASN A 113 -24.36 5.30 38.93
N ALA A 114 -25.51 5.25 39.59
CA ALA A 114 -26.77 4.87 38.93
C ALA A 114 -27.25 6.00 38.02
N ILE A 115 -27.39 5.70 36.73
CA ILE A 115 -27.78 6.71 35.74
C ILE A 115 -29.18 6.51 35.14
N ASP A 116 -29.90 5.50 35.65
CA ASP A 116 -31.28 5.24 35.22
C ASP A 116 -32.31 5.98 36.08
N GLY A 117 -31.84 6.69 37.11
CA GLY A 117 -32.69 7.49 37.99
C GLY A 117 -33.61 6.67 38.87
N LYS A 118 -33.20 5.44 39.17
CA LYS A 118 -34.00 4.52 39.97
C LYS A 118 -33.55 4.46 41.43
N GLY A 119 -32.79 5.48 41.85
CA GLY A 119 -32.29 5.56 43.22
C GLY A 119 -30.87 5.06 43.36
N PRO A 120 -30.39 4.93 44.61
CA PRO A 120 -29.03 4.45 44.85
C PRO A 120 -28.92 2.94 44.69
N ILE A 121 -27.71 2.46 44.39
CA ILE A 121 -27.41 1.04 44.38
C ILE A 121 -27.16 0.61 45.83
N GLY A 122 -27.80 -0.48 46.25
CA GLY A 122 -27.65 -0.98 47.62
C GLY A 122 -26.35 -1.74 47.83
N SER A 123 -25.25 -1.15 47.35
CA SER A 123 -23.93 -1.78 47.38
C SER A 123 -23.48 -2.18 48.79
N LYS A 124 -23.23 -3.47 48.95
CA LYS A 124 -22.75 -4.02 50.21
C LYS A 124 -21.29 -4.47 50.08
N ALA A 125 -20.80 -4.44 48.84
CA ALA A 125 -19.41 -4.80 48.55
C ALA A 125 -18.83 -3.89 47.48
N ARG A 126 -17.55 -3.56 47.63
CA ARG A 126 -16.79 -2.81 46.62
C ARG A 126 -15.55 -3.59 46.21
N ARG A 127 -15.09 -3.35 44.98
CA ARG A 127 -13.93 -4.04 44.44
C ARG A 127 -13.08 -3.11 43.57
N ARG A 128 -11.77 -3.31 43.60
CA ARG A 128 -10.82 -2.54 42.78
C ARG A 128 -11.04 -2.81 41.30
N VAL A 129 -10.65 -1.84 40.45
CA VAL A 129 -10.87 -1.95 39.00
C VAL A 129 -9.72 -2.61 38.25
N GLY A 130 -8.49 -2.39 38.72
CA GLY A 130 -7.30 -2.86 38.00
C GLY A 130 -6.54 -4.00 38.66
N LEU A 131 -7.29 -4.93 39.26
CA LEU A 131 -6.70 -6.11 39.89
C LEU A 131 -6.13 -7.09 38.86
N LYS A 132 -5.15 -7.89 39.28
CA LYS A 132 -4.51 -8.88 38.42
C LYS A 132 -5.45 -10.03 38.08
N ALA A 133 -5.19 -10.64 36.92
CA ALA A 133 -5.85 -11.87 36.53
C ALA A 133 -5.32 -13.03 37.37
N PRO A 134 -6.14 -14.07 37.59
CA PRO A 134 -5.64 -15.30 38.24
C PRO A 134 -4.49 -15.90 37.44
N GLY A 135 -3.51 -16.47 38.14
CA GLY A 135 -2.32 -17.03 37.51
C GLY A 135 -2.59 -18.34 36.79
N ILE A 136 -1.60 -19.22 36.78
CA ILE A 136 -1.69 -20.51 36.11
C ILE A 136 -2.57 -21.51 36.89
N ILE A 137 -2.33 -21.61 38.19
CA ILE A 137 -2.90 -22.67 39.03
C ILE A 137 -4.43 -22.65 39.20
N PRO A 138 -5.04 -21.49 39.53
CA PRO A 138 -6.49 -21.47 39.79
C PRO A 138 -7.37 -21.88 38.60
N ARG A 139 -6.80 -21.83 37.40
CA ARG A 139 -7.56 -22.10 36.17
C ARG A 139 -7.66 -23.58 35.84
N ILE A 140 -8.76 -23.95 35.17
CA ILE A 140 -8.98 -25.31 34.67
C ILE A 140 -9.53 -25.23 33.24
N SER A 141 -9.40 -26.32 32.49
CA SER A 141 -9.83 -26.38 31.09
C SER A 141 -11.32 -26.09 30.92
N VAL A 142 -11.65 -25.34 29.88
CA VAL A 142 -13.03 -24.95 29.58
C VAL A 142 -13.84 -26.17 29.11
N ARG A 143 -14.92 -26.47 29.84
CA ARG A 143 -15.74 -27.65 29.57
C ARG A 143 -17.23 -27.37 29.44
N GLU A 144 -17.71 -26.39 30.20
CA GLU A 144 -19.13 -26.03 30.21
C GLU A 144 -19.54 -25.24 28.97
N PRO A 145 -20.70 -25.59 28.37
CA PRO A 145 -21.20 -24.84 27.21
C PRO A 145 -21.76 -23.46 27.58
N MET A 146 -21.35 -22.44 26.83
CA MET A 146 -21.95 -21.11 26.92
C MET A 146 -22.86 -20.93 25.72
N GLN A 147 -24.14 -21.24 25.92
CA GLN A 147 -25.11 -21.24 24.83
C GLN A 147 -25.47 -19.82 24.40
N THR A 148 -25.40 -19.57 23.10
CA THR A 148 -25.74 -18.26 22.54
C THR A 148 -27.16 -18.27 21.96
N GLY A 149 -27.62 -19.44 21.55
CA GLY A 149 -28.94 -19.58 20.92
C GLY A 149 -28.91 -19.32 19.43
N ILE A 150 -27.73 -19.02 18.90
CA ILE A 150 -27.53 -18.78 17.48
C ILE A 150 -26.94 -20.03 16.84
N LYS A 151 -27.69 -20.58 15.89
CA LYS A 151 -27.35 -21.84 15.21
C LYS A 151 -25.92 -21.89 14.65
N ALA A 152 -25.52 -20.83 13.95
CA ALA A 152 -24.19 -20.76 13.34
C ALA A 152 -23.07 -20.81 14.38
N VAL A 153 -23.31 -20.17 15.52
CA VAL A 153 -22.34 -20.11 16.62
C VAL A 153 -22.29 -21.44 17.37
N ASP A 154 -23.44 -21.91 17.87
CA ASP A 154 -23.51 -23.10 18.71
C ASP A 154 -23.06 -24.39 18.01
N SER A 155 -23.20 -24.43 16.69
CA SER A 155 -22.83 -25.60 15.90
C SER A 155 -21.39 -25.55 15.39
N LEU A 156 -20.99 -24.41 14.85
CA LEU A 156 -19.73 -24.31 14.10
C LEU A 156 -18.63 -23.49 14.79
N VAL A 157 -19.03 -22.46 15.51
CA VAL A 157 -18.09 -21.62 16.26
C VAL A 157 -18.47 -21.63 17.74
N PRO A 158 -18.35 -22.80 18.41
CA PRO A 158 -18.89 -22.96 19.76
C PRO A 158 -18.06 -22.26 20.83
N ILE A 159 -18.74 -21.68 21.82
CA ILE A 159 -18.11 -20.97 22.92
C ILE A 159 -18.40 -21.69 24.24
N GLY A 160 -17.36 -21.79 25.08
CA GLY A 160 -17.51 -22.37 26.41
C GLY A 160 -17.29 -21.37 27.53
N ARG A 161 -17.75 -21.71 28.73
CA ARG A 161 -17.67 -20.81 29.88
C ARG A 161 -16.24 -20.52 30.35
N GLY A 162 -15.90 -19.24 30.40
CA GLY A 162 -14.56 -18.78 30.78
C GLY A 162 -13.69 -18.41 29.59
N GLN A 163 -14.28 -18.42 28.40
CA GLN A 163 -13.57 -18.19 27.15
C GLN A 163 -13.52 -16.71 26.78
N ARG A 164 -12.64 -16.37 25.85
CA ARG A 164 -12.57 -15.03 25.28
C ARG A 164 -12.83 -15.12 23.77
N GLU A 165 -14.08 -14.91 23.38
CA GLU A 165 -14.47 -15.01 21.98
C GLU A 165 -14.73 -13.62 21.41
N LEU A 166 -14.03 -13.30 20.33
CA LEU A 166 -14.05 -11.97 19.73
C LEU A 166 -15.12 -11.81 18.65
N ILE A 167 -16.06 -10.91 18.89
CA ILE A 167 -17.03 -10.53 17.87
C ILE A 167 -16.39 -9.43 17.02
N ILE A 168 -16.13 -9.74 15.75
CA ILE A 168 -15.36 -8.86 14.88
C ILE A 168 -15.93 -8.80 13.46
N GLY A 169 -15.92 -7.60 12.90
CA GLY A 169 -16.38 -7.36 11.53
C GLY A 169 -16.38 -5.88 11.21
N ASP A 170 -16.96 -5.52 10.06
CA ASP A 170 -17.10 -4.12 9.67
C ASP A 170 -18.22 -3.45 10.46
N ARG A 171 -18.51 -2.19 10.14
CA ARG A 171 -19.63 -1.48 10.73
C ARG A 171 -20.97 -2.02 10.21
N GLN A 172 -22.01 -1.90 11.03
CA GLN A 172 -23.38 -2.30 10.67
C GLN A 172 -23.46 -3.72 10.06
N THR A 173 -22.87 -4.69 10.74
CA THR A 173 -22.86 -6.07 10.26
C THR A 173 -23.54 -7.06 11.21
N GLY A 174 -23.92 -6.58 12.40
CA GLY A 174 -24.64 -7.40 13.38
C GLY A 174 -23.84 -7.78 14.60
N LYS A 175 -22.80 -7.00 14.92
CA LYS A 175 -21.91 -7.29 16.04
C LYS A 175 -22.64 -7.17 17.38
N THR A 176 -23.39 -6.09 17.56
CA THR A 176 -24.19 -5.88 18.76
C THR A 176 -25.33 -6.88 18.85
N SER A 177 -25.90 -7.21 17.69
CA SER A 177 -27.05 -8.11 17.61
C SER A 177 -26.75 -9.52 18.11
N ILE A 178 -25.54 -10.01 17.83
CA ILE A 178 -25.10 -11.31 18.33
C ILE A 178 -25.01 -11.31 19.86
N ALA A 179 -24.44 -10.24 20.40
CA ALA A 179 -24.28 -10.07 21.85
C ALA A 179 -25.63 -10.01 22.57
N ILE A 180 -26.56 -9.25 22.02
CA ILE A 180 -27.89 -9.08 22.62
C ILE A 180 -28.69 -10.39 22.58
N ASP A 181 -28.58 -11.11 21.46
CA ASP A 181 -29.21 -12.43 21.32
C ASP A 181 -28.70 -13.42 22.36
N THR A 182 -27.40 -13.34 22.66
CA THR A 182 -26.76 -14.19 23.66
C THR A 182 -27.29 -13.88 25.07
N ILE A 183 -27.47 -12.59 25.35
CA ILE A 183 -27.99 -12.14 26.65
C ILE A 183 -29.43 -12.60 26.85
N ILE A 184 -30.25 -12.44 25.81
CA ILE A 184 -31.67 -12.86 25.84
C ILE A 184 -31.79 -14.38 26.02
N ASN A 185 -30.86 -15.12 25.42
CA ASN A 185 -30.85 -16.58 25.47
C ASN A 185 -30.71 -17.18 26.87
N GLN A 186 -30.11 -16.41 27.79
CA GLN A 186 -29.85 -16.89 29.14
C GLN A 186 -31.09 -16.94 30.03
N LYS A 187 -32.19 -16.37 29.54
CA LYS A 187 -33.45 -16.30 30.30
C LYS A 187 -33.96 -17.68 30.73
N ARG A 188 -33.87 -18.66 29.83
CA ARG A 188 -34.35 -20.01 30.10
C ARG A 188 -33.55 -20.73 31.18
N PHE A 189 -32.28 -20.37 31.32
CA PHE A 189 -31.41 -20.95 32.34
C PHE A 189 -31.58 -20.26 33.70
N ASN A 190 -31.67 -18.93 33.67
CA ASN A 190 -31.77 -18.13 34.89
C ASN A 190 -33.13 -18.23 35.59
N ASP A 191 -34.16 -18.54 34.81
CA ASP A 191 -35.48 -18.86 35.36
C ASP A 191 -35.50 -20.31 35.86
N GLY A 192 -34.57 -21.11 35.35
CA GLY A 192 -34.49 -22.54 35.67
C GLY A 192 -34.11 -22.84 37.11
N THR A 193 -34.45 -24.03 37.56
CA THR A 193 -34.18 -24.49 38.93
C THR A 193 -32.71 -24.89 39.12
N ASP A 194 -32.02 -25.15 38.01
CA ASP A 194 -30.61 -25.54 38.03
C ASP A 194 -29.69 -24.35 38.35
N GLU A 195 -28.70 -24.60 39.19
CA GLU A 195 -27.75 -23.56 39.63
C GLU A 195 -26.36 -23.83 39.06
N LYS A 196 -26.30 -24.23 37.79
CA LYS A 196 -25.06 -24.57 37.12
C LYS A 196 -25.02 -23.95 35.73
N LYS A 197 -26.19 -23.89 35.09
CA LYS A 197 -26.34 -23.29 33.77
C LYS A 197 -26.68 -21.80 33.85
N LYS A 198 -26.81 -21.28 35.07
CA LYS A 198 -27.12 -19.87 35.29
C LYS A 198 -25.95 -18.97 34.92
N LEU A 199 -26.24 -17.94 34.13
CA LEU A 199 -25.23 -17.01 33.64
C LEU A 199 -25.71 -15.57 33.77
N TYR A 200 -24.94 -14.75 34.50
CA TYR A 200 -25.26 -13.35 34.71
C TYR A 200 -24.55 -12.48 33.66
N CYS A 201 -25.32 -11.65 32.98
CA CYS A 201 -24.82 -10.88 31.84
C CYS A 201 -24.38 -9.46 32.20
N ILE A 202 -23.36 -8.98 31.50
CA ILE A 202 -22.84 -7.62 31.68
C ILE A 202 -22.51 -7.01 30.32
N TYR A 203 -23.29 -6.02 29.92
CA TYR A 203 -23.05 -5.30 28.67
C TYR A 203 -22.38 -3.97 28.96
N VAL A 204 -21.20 -3.78 28.37
CA VAL A 204 -20.45 -2.54 28.53
C VAL A 204 -20.52 -1.71 27.25
N ALA A 205 -21.22 -0.57 27.33
CA ALA A 205 -21.34 0.34 26.20
C ALA A 205 -20.26 1.42 26.26
N ILE A 206 -19.40 1.43 25.25
CA ILE A 206 -18.28 2.37 25.18
C ILE A 206 -18.39 3.26 23.94
N GLY A 207 -18.50 4.56 24.16
CA GLY A 207 -18.50 5.54 23.08
C GLY A 207 -19.77 5.56 22.23
N GLN A 208 -20.82 4.92 22.73
CA GLN A 208 -22.11 4.88 22.04
C GLN A 208 -22.94 6.09 22.47
N LYS A 209 -23.79 6.58 21.57
CA LYS A 209 -24.69 7.68 21.89
C LYS A 209 -25.78 7.22 22.87
N ARG A 210 -26.23 8.15 23.72
CA ARG A 210 -27.15 7.85 24.83
C ARG A 210 -28.48 7.22 24.40
N SER A 211 -29.06 7.72 23.31
CA SER A 211 -30.33 7.21 22.80
C SER A 211 -30.23 5.79 22.23
N THR A 212 -29.03 5.38 21.83
CA THR A 212 -28.79 4.01 21.37
C THR A 212 -28.86 3.03 22.55
N VAL A 213 -28.14 3.35 23.62
CA VAL A 213 -28.16 2.56 24.85
C VAL A 213 -29.58 2.54 25.44
N ALA A 214 -30.32 3.62 25.23
CA ALA A 214 -31.73 3.71 25.63
C ALA A 214 -32.60 2.70 24.89
N GLN A 215 -32.40 2.59 23.58
CA GLN A 215 -33.10 1.60 22.75
C GLN A 215 -32.63 0.19 23.12
N LEU A 216 -31.38 0.10 23.57
CA LEU A 216 -30.75 -1.16 23.96
C LEU A 216 -31.35 -1.72 25.24
N VAL A 217 -31.55 -0.86 26.23
CA VAL A 217 -32.16 -1.26 27.51
C VAL A 217 -33.68 -1.47 27.38
N LYS A 218 -34.27 -0.82 26.38
CA LYS A 218 -35.69 -1.01 26.05
C LYS A 218 -35.91 -2.43 25.51
N ARG A 219 -34.95 -2.90 24.73
CA ARG A 219 -34.99 -4.24 24.15
C ARG A 219 -34.86 -5.33 25.22
N LEU A 220 -33.86 -5.18 26.08
CA LEU A 220 -33.59 -6.15 27.14
C LEU A 220 -34.69 -6.20 28.20
N THR A 221 -35.40 -5.09 28.39
CA THR A 221 -36.53 -5.03 29.33
C THR A 221 -37.77 -5.70 28.72
N ASP A 222 -37.98 -5.50 27.43
CA ASP A 222 -39.13 -6.08 26.72
C ASP A 222 -38.99 -7.59 26.50
N ALA A 223 -37.75 -8.07 26.49
CA ALA A 223 -37.46 -9.49 26.39
C ALA A 223 -37.22 -10.10 27.77
N ASP A 224 -37.41 -9.28 28.81
CA ASP A 224 -37.20 -9.66 30.21
C ASP A 224 -35.80 -10.24 30.46
N ALA A 225 -34.80 -9.59 29.89
CA ALA A 225 -33.40 -10.01 30.02
C ALA A 225 -32.61 -9.08 30.94
N MET A 226 -33.23 -7.97 31.33
CA MET A 226 -32.59 -6.98 32.20
C MET A 226 -32.39 -7.44 33.64
N LYS A 227 -33.29 -8.30 34.12
CA LYS A 227 -33.31 -8.74 35.52
C LYS A 227 -32.04 -9.48 35.96
N TYR A 228 -31.24 -9.94 35.01
CA TYR A 228 -29.97 -10.60 35.29
C TYR A 228 -28.80 -9.93 34.55
N THR A 229 -29.01 -8.69 34.14
CA THR A 229 -28.00 -7.96 33.37
C THR A 229 -27.72 -6.58 33.97
N ILE A 230 -26.44 -6.26 34.14
CA ILE A 230 -25.99 -4.93 34.51
C ILE A 230 -25.42 -4.22 33.28
N VAL A 231 -25.88 -3.00 33.03
CA VAL A 231 -25.43 -2.24 31.87
C VAL A 231 -24.46 -1.14 32.28
N VAL A 232 -23.19 -1.36 31.96
CA VAL A 232 -22.14 -0.36 32.19
C VAL A 232 -22.08 0.55 30.96
N SER A 233 -22.31 1.85 31.16
CA SER A 233 -22.37 2.78 30.04
C SER A 233 -21.50 4.02 30.24
N ALA A 234 -20.51 4.14 29.37
CA ALA A 234 -19.73 5.37 29.24
C ALA A 234 -19.93 5.91 27.83
N THR A 235 -20.85 6.86 27.71
CA THR A 235 -21.31 7.35 26.41
C THR A 235 -20.33 8.31 25.73
N ALA A 236 -20.69 8.78 24.54
CA ALA A 236 -19.80 9.60 23.71
C ALA A 236 -19.45 10.97 24.32
N SER A 237 -20.39 11.54 25.06
CA SER A 237 -20.17 12.85 25.71
C SER A 237 -19.36 12.74 27.01
N ASP A 238 -19.34 11.54 27.60
CA ASP A 238 -18.57 11.27 28.80
C ASP A 238 -17.08 11.38 28.52
N ALA A 239 -16.34 11.89 29.51
CA ALA A 239 -14.90 12.12 29.38
C ALA A 239 -14.13 10.87 28.96
N ALA A 240 -12.97 11.07 28.34
CA ALA A 240 -12.14 9.99 27.82
C ALA A 240 -11.66 8.97 28.86
N PRO A 241 -11.31 9.43 30.09
CA PRO A 241 -10.96 8.46 31.14
C PRO A 241 -12.09 7.55 31.58
N LEU A 242 -13.34 8.03 31.49
CA LEU A 242 -14.51 7.23 31.84
C LEU A 242 -14.74 6.09 30.85
N GLN A 243 -14.54 6.41 29.56
CA GLN A 243 -14.63 5.41 28.50
C GLN A 243 -13.47 4.42 28.59
N TYR A 244 -12.34 4.88 29.11
CA TYR A 244 -11.17 4.02 29.36
C TYR A 244 -11.43 3.02 30.51
N LEU A 245 -12.01 3.51 31.60
CA LEU A 245 -12.27 2.70 32.79
C LEU A 245 -13.43 1.70 32.60
N ALA A 246 -14.44 2.10 31.83
CA ALA A 246 -15.68 1.33 31.69
C ALA A 246 -15.54 -0.20 31.60
N PRO A 247 -14.64 -0.71 30.71
CA PRO A 247 -14.46 -2.16 30.62
C PRO A 247 -13.91 -2.81 31.91
N TYR A 248 -12.90 -2.18 32.51
CA TYR A 248 -12.30 -2.65 33.76
C TYR A 248 -13.32 -2.67 34.89
N SER A 249 -14.17 -1.64 34.92
CA SER A 249 -15.22 -1.50 35.92
C SER A 249 -16.24 -2.64 35.83
N GLY A 250 -16.68 -2.92 34.60
CA GLY A 250 -17.61 -4.02 34.35
C GLY A 250 -16.99 -5.38 34.64
N CYS A 251 -15.72 -5.53 34.27
CA CYS A 251 -14.97 -6.76 34.51
C CYS A 251 -14.91 -7.09 35.99
N SER A 252 -14.62 -6.07 36.81
CA SER A 252 -14.57 -6.23 38.27
C SER A 252 -15.91 -6.64 38.86
N MET A 253 -16.99 -6.21 38.22
CA MET A 253 -18.34 -6.61 38.62
C MET A 253 -18.62 -8.07 38.26
N GLY A 254 -18.05 -8.52 37.14
CA GLY A 254 -18.17 -9.91 36.70
C GLY A 254 -17.28 -10.85 37.49
N GLU A 255 -16.10 -10.35 37.87
CA GLU A 255 -15.15 -11.11 38.67
C GLU A 255 -15.70 -11.47 40.05
N TYR A 256 -16.71 -10.72 40.50
CA TYR A 256 -17.42 -11.01 41.75
C TYR A 256 -18.15 -12.34 41.65
N PHE A 257 -18.85 -12.55 40.54
CA PHE A 257 -19.55 -13.80 40.29
C PHE A 257 -18.56 -14.95 40.09
N ARG A 258 -17.50 -14.67 39.33
CA ARG A 258 -16.43 -15.64 39.05
C ARG A 258 -15.75 -16.17 40.32
N ASP A 259 -15.61 -15.32 41.33
CA ASP A 259 -14.93 -15.69 42.56
C ASP A 259 -15.85 -16.34 43.60
N ASN A 260 -17.14 -16.04 43.53
CA ASN A 260 -18.12 -16.62 44.46
C ASN A 260 -18.90 -17.81 43.90
N GLY A 261 -18.30 -18.53 42.95
CA GLY A 261 -18.86 -19.76 42.43
C GLY A 261 -19.80 -19.61 41.23
N LYS A 262 -20.33 -18.41 41.04
CA LYS A 262 -21.29 -18.15 39.97
C LYS A 262 -20.61 -17.93 38.62
N HIS A 263 -21.40 -17.91 37.56
CA HIS A 263 -20.88 -17.74 36.20
C HIS A 263 -21.37 -16.46 35.60
N ALA A 264 -20.44 -15.67 35.07
CA ALA A 264 -20.76 -14.37 34.47
C ALA A 264 -20.24 -14.22 33.05
N LEU A 265 -20.99 -13.47 32.24
CA LEU A 265 -20.62 -13.18 30.86
C LEU A 265 -20.56 -11.67 30.62
N ILE A 266 -19.46 -11.20 30.04
CA ILE A 266 -19.27 -9.77 29.79
C ILE A 266 -19.05 -9.44 28.31
N ILE A 267 -19.74 -8.40 27.84
CA ILE A 267 -19.62 -7.93 26.47
C ILE A 267 -19.03 -6.52 26.44
N TYR A 268 -17.84 -6.38 25.85
CA TYR A 268 -17.21 -5.08 25.65
C TYR A 268 -17.58 -4.53 24.28
N ASP A 269 -18.47 -3.54 24.25
CA ASP A 269 -18.98 -2.99 22.99
C ASP A 269 -18.74 -1.48 22.86
N ASP A 270 -17.60 -1.08 22.29
CA ASP A 270 -16.56 -1.99 21.79
C ASP A 270 -15.17 -1.57 22.28
N LEU A 271 -14.19 -2.47 22.16
CA LEU A 271 -12.83 -2.20 22.59
C LEU A 271 -12.06 -1.23 21.68
N SER A 272 -12.51 -1.11 20.44
CA SER A 272 -11.93 -0.18 19.47
C SER A 272 -12.01 1.28 19.96
N LYS A 273 -13.18 1.65 20.47
CA LYS A 273 -13.41 3.02 20.96
C LYS A 273 -12.73 3.29 22.30
N GLN A 274 -12.61 2.24 23.13
CA GLN A 274 -11.88 2.33 24.39
C GLN A 274 -10.41 2.65 24.13
N ALA A 275 -9.84 2.01 23.10
CA ALA A 275 -8.48 2.26 22.67
C ALA A 275 -8.32 3.70 22.13
N VAL A 276 -9.37 4.19 21.49
CA VAL A 276 -9.39 5.57 20.99
C VAL A 276 -9.41 6.56 22.14
N ALA A 277 -10.18 6.26 23.19
CA ALA A 277 -10.20 7.05 24.42
C ALA A 277 -8.83 7.08 25.11
N TYR A 278 -8.17 5.94 25.18
CA TYR A 278 -6.85 5.83 25.80
C TYR A 278 -5.73 6.48 24.97
N ARG A 279 -5.89 6.46 23.65
CA ARG A 279 -4.95 7.11 22.76
C ARG A 279 -4.99 8.63 22.97
N GLN A 280 -6.19 9.18 23.12
CA GLN A 280 -6.38 10.60 23.41
C GLN A 280 -5.66 11.00 24.71
N MET A 281 -5.82 10.19 25.75
CA MET A 281 -5.19 10.43 27.05
C MET A 281 -3.67 10.40 26.95
N SER A 282 -3.15 9.35 26.31
CA SER A 282 -1.71 9.13 26.18
C SER A 282 -1.02 10.21 25.34
N LEU A 283 -1.63 10.57 24.21
CA LEU A 283 -1.09 11.61 23.32
C LEU A 283 -1.02 12.97 23.99
N LEU A 284 -2.06 13.29 24.76
CA LEU A 284 -2.14 14.59 25.44
C LEU A 284 -1.24 14.70 26.66
N LEU A 285 -0.86 13.56 27.23
CA LEU A 285 0.15 13.51 28.29
C LEU A 285 1.56 13.52 27.71
N ARG A 286 1.64 13.57 26.37
CA ARG A 286 2.90 13.57 25.62
C ARG A 286 3.68 12.27 25.78
N ARG A 287 2.96 11.16 25.91
CA ARG A 287 3.56 9.84 25.91
C ARG A 287 3.91 9.46 24.46
N PRO A 288 5.06 8.78 24.26
CA PRO A 288 5.59 8.52 22.91
C PRO A 288 4.62 7.78 22.00
N PRO A 289 4.26 8.40 20.86
CA PRO A 289 3.32 7.80 19.92
C PRO A 289 3.94 6.76 19.00
N GLY A 290 3.19 5.71 18.71
CA GLY A 290 3.64 4.65 17.82
C GLY A 290 2.75 4.52 16.60
N ARG A 291 2.64 3.30 16.08
CA ARG A 291 1.84 3.02 14.89
C ARG A 291 0.37 3.38 15.13
N GLU A 292 -0.21 4.08 14.15
CA GLU A 292 -1.57 4.63 14.26
C GLU A 292 -1.75 5.54 15.48
N ALA A 293 -0.66 6.23 15.84
CA ALA A 293 -0.61 7.18 16.99
C ALA A 293 -0.82 6.54 18.37
N TYR A 294 -1.08 5.24 18.41
CA TYR A 294 -1.26 4.52 19.67
C TYR A 294 0.05 4.37 20.44
N PRO A 295 -0.02 4.43 21.79
CA PRO A 295 1.18 4.26 22.61
C PRO A 295 1.60 2.78 22.68
N GLY A 296 2.83 2.53 23.11
CA GLY A 296 3.38 1.18 23.18
C GLY A 296 2.85 0.29 24.29
N ASP A 297 1.78 0.75 24.96
CA ASP A 297 1.15 -0.03 26.02
C ASP A 297 -0.34 -0.29 25.76
N VAL A 298 -0.76 -0.09 24.50
CA VAL A 298 -2.17 -0.29 24.12
C VAL A 298 -2.50 -1.80 24.03
N PHE A 299 -1.49 -2.61 23.75
CA PHE A 299 -1.62 -4.07 23.82
C PHE A 299 -1.77 -4.47 25.28
N TYR A 300 -0.88 -3.95 26.12
CA TYR A 300 -0.91 -4.11 27.58
C TYR A 300 -2.27 -3.69 28.14
N LEU A 301 -2.89 -2.69 27.50
CA LEU A 301 -4.23 -2.23 27.84
C LEU A 301 -5.28 -3.34 27.70
N HIS A 302 -5.33 -3.98 26.53
CA HIS A 302 -6.33 -5.00 26.24
C HIS A 302 -6.03 -6.34 26.86
N SER A 303 -4.74 -6.68 26.94
CA SER A 303 -4.32 -7.97 27.49
C SER A 303 -4.61 -8.09 28.99
N ARG A 304 -4.50 -6.99 29.71
CA ARG A 304 -4.81 -6.96 31.15
C ARG A 304 -6.28 -7.26 31.40
N LEU A 305 -7.14 -6.67 30.58
CA LEU A 305 -8.60 -6.81 30.70
C LEU A 305 -9.10 -8.21 30.35
N LEU A 306 -8.67 -8.70 29.19
CA LEU A 306 -9.18 -9.95 28.63
C LEU A 306 -8.61 -11.19 29.30
N GLU A 307 -7.41 -11.06 29.87
CA GLU A 307 -6.79 -12.16 30.60
C GLU A 307 -7.53 -12.44 31.92
N ARG A 308 -8.27 -11.44 32.39
CA ARG A 308 -9.05 -11.55 33.62
C ARG A 308 -10.31 -12.42 33.45
N ALA A 309 -10.61 -12.76 32.20
CA ALA A 309 -11.66 -13.72 31.88
C ALA A 309 -11.08 -15.12 31.97
N ALA A 310 -11.65 -15.96 32.85
CA ALA A 310 -11.12 -17.30 33.10
C ALA A 310 -12.17 -18.28 33.60
N LYS A 311 -11.81 -19.56 33.60
CA LYS A 311 -12.59 -20.61 34.25
C LYS A 311 -11.79 -21.12 35.45
N MET A 312 -12.37 -20.96 36.64
CA MET A 312 -11.71 -21.37 37.88
C MET A 312 -11.99 -22.84 38.18
N ASN A 313 -11.04 -23.51 38.82
CA ASN A 313 -11.24 -24.89 39.25
C ASN A 313 -12.12 -24.98 40.50
N ASP A 314 -12.57 -26.20 40.81
CA ASP A 314 -13.48 -26.44 41.94
C ASP A 314 -12.89 -26.06 43.30
N ALA A 315 -11.56 -26.05 43.39
CA ALA A 315 -10.86 -25.63 44.60
C ALA A 315 -11.04 -24.13 44.86
N PHE A 316 -11.21 -23.36 43.78
CA PHE A 316 -11.44 -21.92 43.86
C PHE A 316 -12.90 -21.53 43.68
N GLY A 317 -13.80 -22.50 43.83
CA GLY A 317 -15.23 -22.25 43.71
C GLY A 317 -15.87 -22.77 42.43
N GLY A 318 -15.06 -22.88 41.38
CA GLY A 318 -15.51 -23.40 40.09
C GLY A 318 -16.32 -22.40 39.26
N GLY A 319 -16.14 -21.12 39.55
CA GLY A 319 -16.81 -20.05 38.80
C GLY A 319 -16.09 -19.71 37.51
N SER A 320 -16.76 -18.96 36.65
CA SER A 320 -16.19 -18.59 35.36
C SER A 320 -16.60 -17.19 34.90
N LEU A 321 -15.71 -16.53 34.17
CA LEU A 321 -16.00 -15.27 33.50
C LEU A 321 -15.69 -15.38 32.01
N THR A 322 -16.74 -15.31 31.20
CA THR A 322 -16.61 -15.38 29.76
C THR A 322 -16.63 -13.96 29.18
N ALA A 323 -15.75 -13.70 28.23
CA ALA A 323 -15.66 -12.37 27.62
C ALA A 323 -15.99 -12.38 26.14
N LEU A 324 -16.89 -11.47 25.74
CA LEU A 324 -17.21 -11.26 24.34
C LEU A 324 -16.88 -9.83 23.92
N PRO A 325 -15.59 -9.52 23.73
CA PRO A 325 -15.21 -8.17 23.30
C PRO A 325 -15.57 -7.94 21.83
N VAL A 326 -15.76 -6.67 21.46
CA VAL A 326 -16.10 -6.32 20.09
C VAL A 326 -15.05 -5.39 19.49
N ILE A 327 -14.60 -5.73 18.28
CA ILE A 327 -13.68 -4.90 17.53
C ILE A 327 -14.35 -4.49 16.21
N GLU A 328 -14.24 -3.20 15.88
CA GLU A 328 -14.76 -2.69 14.62
C GLU A 328 -13.60 -2.53 13.63
N THR A 329 -13.60 -3.35 12.59
CA THR A 329 -12.60 -3.25 11.53
C THR A 329 -13.01 -2.21 10.50
N GLN A 330 -12.04 -1.73 9.73
CA GLN A 330 -12.30 -0.82 8.63
C GLN A 330 -11.98 -1.52 7.31
N ALA A 331 -13.01 -1.76 6.51
CA ALA A 331 -12.91 -2.49 5.22
C ALA A 331 -12.26 -3.87 5.38
N GLY A 332 -12.57 -4.55 6.49
CA GLY A 332 -12.11 -5.91 6.74
C GLY A 332 -10.64 -6.05 7.10
N ASP A 333 -9.98 -4.93 7.38
CA ASP A 333 -8.55 -4.92 7.69
C ASP A 333 -8.26 -5.50 9.08
N VAL A 334 -7.99 -6.80 9.11
CA VAL A 334 -7.65 -7.49 10.36
C VAL A 334 -6.21 -7.19 10.78
N SER A 335 -5.44 -6.61 9.86
CA SER A 335 -4.03 -6.30 10.09
C SER A 335 -3.81 -4.94 10.74
N ALA A 336 -4.89 -4.19 10.94
CA ALA A 336 -4.84 -2.92 11.67
C ALA A 336 -4.43 -3.16 13.12
N TYR A 337 -3.75 -2.19 13.71
CA TYR A 337 -3.09 -2.36 15.02
C TYR A 337 -4.00 -2.84 16.15
N ILE A 338 -5.19 -2.23 16.27
CA ILE A 338 -6.13 -2.62 17.32
C ILE A 338 -6.79 -3.98 17.07
N PRO A 339 -7.28 -4.23 15.84
CA PRO A 339 -7.69 -5.60 15.49
C PRO A 339 -6.58 -6.65 15.67
N THR A 340 -5.34 -6.30 15.33
CA THR A 340 -4.21 -7.23 15.45
C THR A 340 -4.00 -7.69 16.89
N ASN A 341 -3.97 -6.72 17.81
CA ASN A 341 -3.75 -7.01 19.22
C ASN A 341 -4.82 -7.95 19.79
N VAL A 342 -6.08 -7.61 19.56
CA VAL A 342 -7.21 -8.31 20.16
C VAL A 342 -7.41 -9.73 19.61
N ILE A 343 -7.18 -9.90 18.30
CA ILE A 343 -7.26 -11.22 17.67
C ILE A 343 -6.30 -12.21 18.34
N SER A 344 -5.05 -11.80 18.52
CA SER A 344 -4.03 -12.67 19.11
C SER A 344 -4.25 -12.92 20.61
N ILE A 345 -4.86 -11.96 21.29
CA ILE A 345 -5.19 -12.10 22.71
C ILE A 345 -6.34 -13.09 22.91
N THR A 346 -7.41 -12.90 22.15
CA THR A 346 -8.63 -13.71 22.29
C THR A 346 -8.44 -15.17 21.91
N ASP A 347 -9.35 -16.03 22.37
CA ASP A 347 -9.30 -17.47 22.11
C ASP A 347 -9.86 -17.82 20.73
N GLY A 348 -10.75 -16.98 20.22
CA GLY A 348 -11.37 -17.21 18.92
C GLY A 348 -12.13 -16.01 18.40
N GLN A 349 -12.48 -16.06 17.11
CA GLN A 349 -13.14 -14.94 16.42
C GLN A 349 -14.44 -15.36 15.75
N ILE A 350 -15.45 -14.49 15.82
CA ILE A 350 -16.68 -14.66 15.06
C ILE A 350 -16.77 -13.53 14.01
N PHE A 351 -16.48 -13.87 12.76
CA PHE A 351 -16.36 -12.89 11.68
C PHE A 351 -17.68 -12.54 11.02
N LEU A 352 -17.84 -11.26 10.70
CA LEU A 352 -19.01 -10.75 10.00
C LEU A 352 -18.61 -9.94 8.77
N GLU A 353 -19.34 -10.15 7.68
CA GLU A 353 -19.07 -9.45 6.41
C GLU A 353 -20.33 -8.80 5.84
N THR A 354 -20.13 -7.67 5.17
CA THR A 354 -21.22 -6.90 4.56
C THR A 354 -21.89 -7.66 3.41
N GLU A 355 -21.06 -8.35 2.61
CA GLU A 355 -21.56 -9.10 1.46
C GLU A 355 -22.49 -10.25 1.85
N LEU A 356 -22.14 -10.96 2.92
CA LEU A 356 -22.97 -12.04 3.45
C LEU A 356 -24.31 -11.52 3.97
N PHE A 357 -24.27 -10.37 4.64
CA PHE A 357 -25.46 -9.75 5.22
C PHE A 357 -26.51 -9.42 4.15
N TYR A 358 -26.06 -8.83 3.05
CA TYR A 358 -26.96 -8.40 1.98
C TYR A 358 -27.27 -9.47 0.94
N LYS A 359 -26.55 -10.59 1.01
CA LYS A 359 -26.89 -11.78 0.22
C LYS A 359 -28.07 -12.53 0.85
N GLY A 360 -28.33 -12.24 2.12
CA GLY A 360 -29.43 -12.88 2.85
C GLY A 360 -28.93 -13.73 4.00
N ILE A 361 -27.63 -14.00 4.02
CA ILE A 361 -27.02 -14.84 5.05
C ILE A 361 -26.80 -14.04 6.33
N ARG A 362 -27.89 -13.71 7.01
CA ARG A 362 -27.79 -13.04 8.32
C ARG A 362 -28.45 -13.85 9.43
N PRO A 363 -27.75 -14.04 10.57
CA PRO A 363 -26.44 -13.47 10.93
C PRO A 363 -25.33 -13.78 9.93
N ALA A 364 -24.52 -12.77 9.60
CA ALA A 364 -23.52 -12.86 8.53
C ALA A 364 -22.18 -13.44 8.98
N ILE A 365 -22.19 -14.72 9.34
CA ILE A 365 -20.99 -15.37 9.87
C ILE A 365 -20.25 -16.21 8.83
N ASN A 366 -18.98 -15.88 8.61
CA ASN A 366 -18.08 -16.71 7.79
C ASN A 366 -17.67 -17.94 8.58
N VAL A 367 -18.17 -19.11 8.17
CA VAL A 367 -17.81 -20.37 8.83
C VAL A 367 -16.32 -20.67 8.66
N GLY A 368 -15.80 -20.39 7.46
CA GLY A 368 -14.39 -20.64 7.15
C GLY A 368 -13.43 -19.74 7.91
N LEU A 369 -13.78 -18.45 7.99
CA LEU A 369 -12.93 -17.46 8.66
C LEU A 369 -13.07 -17.48 10.18
N SER A 370 -14.30 -17.60 10.66
CA SER A 370 -14.57 -17.69 12.11
C SER A 370 -13.97 -18.95 12.69
N VAL A 371 -13.49 -18.84 13.93
CA VAL A 371 -12.76 -19.92 14.59
C VAL A 371 -12.94 -19.90 16.11
N SER A 372 -12.85 -21.08 16.71
CA SER A 372 -12.83 -21.24 18.17
C SER A 372 -12.01 -22.48 18.47
N ARG A 373 -10.74 -22.28 18.84
CA ARG A 373 -9.81 -23.40 19.06
C ARG A 373 -10.11 -24.21 20.32
N VAL A 374 -10.96 -23.67 21.19
CA VAL A 374 -11.57 -24.47 22.26
C VAL A 374 -12.69 -25.28 21.59
N GLY A 375 -13.73 -24.58 21.15
CA GLY A 375 -14.81 -25.15 20.32
C GLY A 375 -15.48 -26.40 20.82
N SER A 376 -14.94 -27.55 20.38
CA SER A 376 -15.55 -28.87 20.59
C SER A 376 -15.77 -29.24 22.07
N ALA A 377 -14.84 -28.86 22.93
CA ALA A 377 -14.89 -29.19 24.35
C ALA A 377 -16.11 -28.59 25.08
N ALA A 378 -16.77 -27.64 24.42
CA ALA A 378 -17.94 -26.96 24.97
C ALA A 378 -19.25 -27.63 24.55
N GLN A 379 -19.30 -28.11 23.31
CA GLN A 379 -20.51 -28.68 22.72
C GLN A 379 -21.07 -29.87 23.48
N THR A 380 -22.40 -29.99 23.45
CA THR A 380 -23.09 -31.16 24.00
C THR A 380 -22.99 -32.33 23.03
N ARG A 381 -23.25 -33.53 23.55
CA ARG A 381 -23.23 -34.76 22.74
C ARG A 381 -24.22 -34.72 21.58
N ALA A 382 -25.40 -34.16 21.83
CA ALA A 382 -26.43 -33.99 20.81
C ALA A 382 -25.98 -33.07 19.68
N MET A 383 -25.27 -32.00 20.04
CA MET A 383 -24.73 -31.05 19.06
C MET A 383 -23.56 -31.65 18.29
N LYS A 384 -22.64 -32.30 19.02
CA LYS A 384 -21.45 -32.90 18.41
C LYS A 384 -21.74 -33.83 17.24
N GLN A 385 -22.90 -34.50 17.30
CA GLN A 385 -23.27 -35.47 16.26
C GLN A 385 -23.60 -34.83 14.92
N VAL A 386 -24.51 -33.86 14.93
CA VAL A 386 -24.95 -33.21 13.69
C VAL A 386 -24.02 -32.08 13.23
N ALA A 387 -23.29 -31.48 14.17
CA ALA A 387 -22.35 -30.41 13.86
C ALA A 387 -21.14 -30.93 13.08
N GLY A 388 -20.57 -32.04 13.55
CA GLY A 388 -19.37 -32.65 12.95
C GLY A 388 -19.55 -33.00 11.49
N THR A 389 -20.74 -33.47 11.13
CA THR A 389 -21.09 -33.76 9.75
C THR A 389 -21.26 -32.47 8.96
N MET A 390 -21.94 -31.49 9.57
CA MET A 390 -22.20 -30.20 8.95
C MET A 390 -20.92 -29.41 8.68
N LYS A 391 -19.97 -29.49 9.61
CA LYS A 391 -18.69 -28.80 9.50
C LYS A 391 -17.91 -29.25 8.26
N LEU A 392 -17.91 -30.56 8.02
CA LEU A 392 -17.20 -31.14 6.89
C LEU A 392 -17.91 -30.84 5.56
N GLU A 393 -19.23 -31.01 5.55
CA GLU A 393 -20.04 -30.78 4.35
C GLU A 393 -20.03 -29.34 3.87
N LEU A 394 -19.98 -28.39 4.82
CA LEU A 394 -19.86 -26.97 4.48
C LEU A 394 -18.44 -26.61 4.02
N ALA A 395 -17.44 -27.34 4.50
CA ALA A 395 -16.06 -27.15 4.08
C ALA A 395 -15.84 -27.72 2.67
N GLN A 396 -16.52 -28.83 2.38
CA GLN A 396 -16.52 -29.44 1.05
C GLN A 396 -17.23 -28.52 0.06
N TYR A 397 -18.20 -27.77 0.55
CA TYR A 397 -18.94 -26.79 -0.24
C TYR A 397 -18.09 -25.58 -0.61
N ARG A 398 -17.38 -25.02 0.38
CA ARG A 398 -16.56 -23.83 0.17
C ARG A 398 -15.42 -24.02 -0.83
N GLU A 399 -14.98 -25.27 -1.00
CA GLU A 399 -13.93 -25.61 -1.96
C GLU A 399 -14.46 -25.68 -3.39
N VAL A 400 -15.76 -25.45 -3.56
CA VAL A 400 -16.41 -25.53 -4.87
C VAL A 400 -17.51 -24.46 -5.03
N ALA A 401 -17.79 -23.74 -3.94
CA ALA A 401 -18.84 -22.72 -3.90
C ALA A 401 -18.60 -21.56 -4.85
N ALA A 402 -17.31 -21.25 -5.07
CA ALA A 402 -16.91 -20.16 -5.97
C ALA A 402 -17.21 -20.46 -7.44
N PHE A 403 -17.83 -21.62 -7.68
CA PHE A 403 -18.16 -22.06 -9.02
C PHE A 403 -19.64 -22.42 -9.13
N ALA A 404 -20.48 -21.60 -8.49
CA ALA A 404 -21.93 -21.84 -8.43
C ALA A 404 -22.68 -21.16 -9.57
N GLN A 405 -22.04 -20.18 -10.21
CA GLN A 405 -22.65 -19.42 -11.31
C GLN A 405 -22.86 -20.29 -12.54
N PHE A 406 -22.09 -21.37 -12.63
CA PHE A 406 -22.23 -22.36 -13.69
C PHE A 406 -22.81 -23.66 -13.11
N GLY A 407 -23.43 -23.55 -11.93
CA GLY A 407 -23.91 -24.71 -11.16
C GLY A 407 -25.08 -25.47 -11.73
N SER A 408 -25.09 -25.61 -13.06
CA SER A 408 -26.07 -26.42 -13.77
C SER A 408 -25.39 -26.99 -15.02
N ASP A 409 -24.08 -27.20 -14.91
CA ASP A 409 -23.26 -27.62 -16.04
C ASP A 409 -22.07 -28.48 -15.60
N LEU A 410 -21.86 -28.59 -14.29
CA LEU A 410 -20.76 -29.38 -13.74
C LEU A 410 -21.11 -30.87 -13.61
N ASP A 411 -20.16 -31.63 -13.08
CA ASP A 411 -20.36 -33.06 -12.81
C ASP A 411 -21.40 -33.27 -11.71
N ALA A 412 -22.10 -34.40 -11.77
CA ALA A 412 -23.16 -34.73 -10.82
C ALA A 412 -22.68 -34.79 -9.37
N ALA A 413 -21.41 -35.16 -9.18
CA ALA A 413 -20.81 -35.24 -7.85
C ALA A 413 -20.68 -33.86 -7.19
N THR A 414 -20.19 -32.90 -7.96
CA THR A 414 -20.01 -31.52 -7.47
C THR A 414 -21.34 -30.79 -7.29
N GLN A 415 -22.31 -31.10 -8.17
CA GLN A 415 -23.66 -30.54 -8.08
C GLN A 415 -24.32 -30.93 -6.76
N GLN A 416 -24.00 -32.12 -6.28
CA GLN A 416 -24.52 -32.64 -5.02
C GLN A 416 -23.93 -31.86 -3.84
N LEU A 417 -22.62 -31.57 -3.91
CA LEU A 417 -21.94 -30.77 -2.90
C LEU A 417 -22.46 -29.33 -2.86
N LEU A 418 -22.78 -28.79 -4.04
CA LEU A 418 -23.43 -27.48 -4.17
C LEU A 418 -24.80 -27.47 -3.50
N SER A 419 -25.59 -28.52 -3.75
CA SER A 419 -26.94 -28.63 -3.19
C SER A 419 -26.95 -28.78 -1.68
N ARG A 420 -26.09 -29.65 -1.15
CA ARG A 420 -25.99 -29.82 0.30
C ARG A 420 -25.50 -28.54 0.97
N GLY A 421 -24.57 -27.85 0.31
CA GLY A 421 -24.01 -26.60 0.81
C GLY A 421 -25.03 -25.48 0.96
N VAL A 422 -25.80 -25.24 -0.09
CA VAL A 422 -26.80 -24.15 -0.08
C VAL A 422 -27.94 -24.42 0.91
N ARG A 423 -28.29 -25.69 1.09
CA ARG A 423 -29.35 -26.08 2.03
C ARG A 423 -28.91 -25.97 3.49
N LEU A 424 -27.65 -26.32 3.77
CA LEU A 424 -27.10 -26.18 5.12
C LEU A 424 -26.91 -24.71 5.51
N THR A 425 -26.58 -23.88 4.53
CA THR A 425 -26.45 -22.43 4.72
C THR A 425 -27.78 -21.80 5.11
N GLU A 426 -28.84 -22.18 4.38
CA GLU A 426 -30.19 -21.69 4.65
C GLU A 426 -30.67 -22.06 6.05
N LEU A 427 -30.11 -23.15 6.60
CA LEU A 427 -30.42 -23.60 7.96
C LEU A 427 -29.77 -22.71 9.02
N LEU A 428 -28.63 -22.11 8.70
CA LEU A 428 -27.88 -21.26 9.62
C LEU A 428 -28.44 -19.84 9.72
N LYS A 429 -29.36 -19.50 8.82
CA LYS A 429 -30.04 -18.21 8.83
C LYS A 429 -31.04 -18.16 9.98
N GLN A 430 -31.00 -17.08 10.76
CA GLN A 430 -31.86 -16.94 11.94
C GLN A 430 -32.39 -15.51 12.08
N GLY A 431 -33.60 -15.39 12.62
CA GLY A 431 -34.21 -14.11 12.91
C GLY A 431 -33.66 -13.50 14.19
N GLN A 432 -33.75 -12.17 14.29
CA GLN A 432 -33.20 -11.45 15.42
C GLN A 432 -34.10 -11.57 16.67
N TYR A 433 -33.47 -11.46 17.84
CA TYR A 433 -34.16 -11.47 19.14
C TYR A 433 -34.90 -12.78 19.47
N SER A 434 -34.64 -13.83 18.69
CA SER A 434 -35.27 -15.13 18.92
C SER A 434 -34.26 -16.28 18.93
N PRO A 435 -33.45 -16.38 20.01
CA PRO A 435 -32.47 -17.46 20.13
C PRO A 435 -33.13 -18.80 20.48
N MET A 436 -32.53 -19.88 20.00
CA MET A 436 -33.12 -21.21 20.13
C MET A 436 -32.42 -22.06 21.18
N ALA A 437 -33.21 -22.88 21.89
CA ALA A 437 -32.69 -23.87 22.82
C ALA A 437 -31.91 -24.94 22.07
N ILE A 438 -30.93 -25.55 22.73
CA ILE A 438 -30.01 -26.50 22.08
C ILE A 438 -30.72 -27.70 21.44
N GLU A 439 -31.76 -28.22 22.10
CA GLU A 439 -32.50 -29.38 21.60
C GLU A 439 -33.34 -29.06 20.36
N GLU A 440 -33.78 -27.81 20.25
CA GLU A 440 -34.49 -27.33 19.07
C GLU A 440 -33.52 -27.11 17.91
N GLN A 441 -32.30 -26.70 18.24
CA GLN A 441 -31.24 -26.46 17.25
C GLN A 441 -30.79 -27.75 16.57
N VAL A 442 -30.55 -28.78 17.36
CA VAL A 442 -30.05 -30.06 16.85
C VAL A 442 -31.08 -30.78 15.96
N ALA A 443 -32.36 -30.55 16.24
CA ALA A 443 -33.45 -31.19 15.51
C ALA A 443 -33.64 -30.61 14.11
N VAL A 444 -33.49 -29.29 14.01
CA VAL A 444 -33.61 -28.62 12.72
C VAL A 444 -32.37 -28.85 11.84
N ILE A 445 -31.21 -28.97 12.48
CA ILE A 445 -29.96 -29.27 11.77
C ILE A 445 -29.95 -30.73 11.31
N TYR A 446 -30.56 -31.60 12.13
CA TYR A 446 -30.75 -33.03 11.79
C TYR A 446 -31.40 -33.19 10.41
N ALA A 447 -32.45 -32.42 10.16
CA ALA A 447 -32.99 -32.29 8.81
C ALA A 447 -32.01 -31.46 7.98
N GLY A 448 -31.60 -32.01 6.84
CA GLY A 448 -30.59 -31.35 6.01
C GLY A 448 -29.26 -32.05 6.11
N VAL A 449 -28.79 -32.29 7.33
CA VAL A 449 -27.56 -33.05 7.56
C VAL A 449 -27.79 -34.53 7.25
N ARG A 450 -29.05 -34.95 7.29
CA ARG A 450 -29.45 -36.30 6.89
C ARG A 450 -29.99 -36.33 5.46
N GLY A 451 -30.09 -35.16 4.84
CA GLY A 451 -30.37 -35.04 3.40
C GLY A 451 -31.84 -34.93 3.01
N TYR A 452 -32.66 -34.40 3.91
CA TYR A 452 -34.10 -34.29 3.66
C TYR A 452 -34.50 -33.01 2.91
N LEU A 453 -33.54 -32.12 2.73
CA LEU A 453 -33.80 -30.83 2.07
C LEU A 453 -33.18 -30.75 0.67
N ASP A 454 -32.46 -31.81 0.28
CA ASP A 454 -31.71 -31.84 -0.98
C ASP A 454 -32.55 -31.63 -2.24
N LYS A 455 -33.75 -32.20 -2.23
CA LYS A 455 -34.66 -32.09 -3.38
C LYS A 455 -35.78 -31.09 -3.07
N LEU A 456 -35.42 -30.04 -2.35
CA LEU A 456 -36.36 -29.02 -1.90
C LEU A 456 -35.84 -27.64 -2.30
N GLU A 457 -36.70 -26.84 -2.94
CA GLU A 457 -36.35 -25.50 -3.43
C GLU A 457 -35.67 -24.65 -2.35
N PRO A 458 -34.49 -24.08 -2.67
CA PRO A 458 -33.68 -23.30 -1.72
C PRO A 458 -34.44 -22.16 -1.03
N SER A 459 -35.39 -21.53 -1.74
CA SER A 459 -36.13 -20.38 -1.21
C SER A 459 -37.08 -20.76 -0.08
N LYS A 460 -37.61 -21.98 -0.12
CA LYS A 460 -38.60 -22.42 0.86
C LYS A 460 -38.02 -23.31 1.98
N ILE A 461 -36.72 -23.20 2.21
CA ILE A 461 -36.04 -23.90 3.31
C ILE A 461 -36.37 -23.24 4.64
N THR A 462 -36.42 -21.92 4.66
CA THR A 462 -36.74 -21.15 5.87
C THR A 462 -38.21 -21.38 6.26
N LYS A 463 -39.09 -21.38 5.26
CA LYS A 463 -40.52 -21.66 5.47
C LYS A 463 -40.75 -23.09 5.95
N PHE A 464 -39.87 -24.00 5.53
CA PHE A 464 -39.87 -25.38 6.03
C PHE A 464 -39.48 -25.42 7.50
N GLU A 465 -38.37 -24.75 7.83
CA GLU A 465 -37.82 -24.75 9.19
C GLU A 465 -38.80 -24.22 10.24
N ASN A 466 -39.38 -23.04 9.98
CA ASN A 466 -40.32 -22.41 10.91
C ASN A 466 -41.56 -23.26 11.17
N ALA A 467 -42.05 -23.94 10.14
CA ALA A 467 -43.19 -24.84 10.27
C ALA A 467 -42.79 -26.14 10.97
N PHE A 468 -41.63 -26.67 10.61
CA PHE A 468 -41.09 -27.90 11.21
C PHE A 468 -40.81 -27.73 12.69
N LEU A 469 -40.26 -26.57 13.06
CA LEU A 469 -39.95 -26.27 14.46
C LEU A 469 -41.22 -26.06 15.28
N SER A 470 -42.21 -25.39 14.69
CA SER A 470 -43.50 -25.14 15.35
C SER A 470 -44.27 -26.44 15.63
N HIS A 471 -44.14 -27.40 14.70
CA HIS A 471 -44.82 -28.68 14.82
C HIS A 471 -44.21 -29.55 15.89
N VAL A 472 -42.88 -29.63 15.93
CA VAL A 472 -42.16 -30.46 16.89
C VAL A 472 -42.28 -29.92 18.31
N ILE A 473 -42.34 -28.59 18.43
CA ILE A 473 -42.57 -27.92 19.72
C ILE A 473 -43.98 -28.23 20.25
N SER A 474 -44.96 -28.28 19.35
CA SER A 474 -46.36 -28.50 19.70
C SER A 474 -46.68 -29.98 19.98
N GLN A 475 -46.20 -30.87 19.11
CA GLN A 475 -46.58 -32.28 19.13
C GLN A 475 -45.61 -33.17 19.90
N HIS A 476 -44.32 -32.84 19.82
CA HIS A 476 -43.28 -33.70 20.39
C HIS A 476 -42.45 -32.99 21.41
N GLN A 477 -43.09 -32.57 22.51
CA GLN A 477 -42.42 -31.98 23.65
C GLN A 477 -41.57 -33.02 24.38
N ALA A 478 -42.03 -34.27 24.37
CA ALA A 478 -41.34 -35.38 25.02
C ALA A 478 -40.00 -35.70 24.34
N LEU A 479 -39.97 -35.59 23.02
CA LEU A 479 -38.76 -35.84 22.23
C LEU A 479 -37.69 -34.81 22.55
N LEU A 480 -38.02 -33.54 22.38
CA LEU A 480 -37.12 -32.42 22.69
C LEU A 480 -36.69 -32.46 24.15
N GLY A 481 -37.64 -32.81 25.03
CA GLY A 481 -37.38 -32.98 26.46
C GLY A 481 -36.42 -34.12 26.76
N LYS A 482 -36.41 -35.13 25.89
CA LYS A 482 -35.51 -36.27 26.06
C LYS A 482 -34.10 -36.00 25.53
N ILE A 483 -34.00 -35.26 24.43
CA ILE A 483 -32.71 -34.84 23.88
C ILE A 483 -32.00 -33.91 24.85
N ARG A 484 -32.78 -33.03 25.48
CA ARG A 484 -32.27 -32.06 26.45
C ARG A 484 -31.79 -32.73 27.75
N THR A 485 -32.61 -33.61 28.31
CA THR A 485 -32.31 -34.28 29.58
C THR A 485 -31.13 -35.26 29.46
N ASP A 486 -31.15 -36.08 28.41
CA ASP A 486 -30.09 -37.05 28.16
C ASP A 486 -28.83 -36.37 27.64
N GLY A 487 -29.01 -35.19 27.04
CA GLY A 487 -27.90 -34.40 26.49
C GLY A 487 -27.36 -34.96 25.19
N LYS A 488 -28.07 -35.92 24.63
CA LYS A 488 -27.62 -36.64 23.43
C LYS A 488 -28.77 -37.08 22.54
N ILE A 489 -28.40 -37.68 21.40
CA ILE A 489 -29.36 -38.28 20.48
C ILE A 489 -29.39 -39.81 20.65
N SER A 490 -30.37 -40.30 21.40
CA SER A 490 -30.55 -41.74 21.54
C SER A 490 -31.07 -42.34 20.25
N GLU A 491 -30.82 -43.63 20.04
CA GLU A 491 -31.29 -44.34 18.85
C GLU A 491 -32.81 -44.32 18.74
N GLU A 492 -33.47 -44.23 19.90
CA GLU A 492 -34.92 -44.12 19.97
C GLU A 492 -35.39 -42.72 19.53
N SER A 493 -34.64 -41.70 19.94
CA SER A 493 -34.93 -40.32 19.54
C SER A 493 -34.58 -40.07 18.07
N ASP A 494 -33.56 -40.77 17.58
CA ASP A 494 -33.14 -40.67 16.19
C ASP A 494 -34.19 -41.26 15.26
N ALA A 495 -34.75 -42.40 15.66
CA ALA A 495 -35.84 -43.05 14.93
C ALA A 495 -37.13 -42.25 15.04
N LYS A 496 -37.36 -41.66 16.22
CA LYS A 496 -38.53 -40.81 16.47
C LYS A 496 -38.52 -39.59 15.56
N LEU A 497 -37.34 -38.97 15.41
CA LEU A 497 -37.16 -37.83 14.51
C LEU A 497 -37.26 -38.22 13.04
N LYS A 498 -36.80 -39.43 12.70
CA LYS A 498 -36.83 -39.91 11.33
C LYS A 498 -38.24 -40.08 10.80
N GLU A 499 -39.12 -40.62 11.63
CA GLU A 499 -40.53 -40.81 11.25
C GLU A 499 -41.26 -39.48 11.10
N ILE A 500 -40.84 -38.48 11.86
CA ILE A 500 -41.42 -37.14 11.78
C ILE A 500 -41.03 -36.45 10.47
N VAL A 501 -39.73 -36.38 10.18
CA VAL A 501 -39.23 -35.65 9.02
C VAL A 501 -39.65 -36.28 7.69
N THR A 502 -39.58 -37.61 7.60
CA THR A 502 -39.99 -38.33 6.39
C THR A 502 -41.45 -38.06 6.03
N ASN A 503 -42.34 -38.14 7.02
CA ASN A 503 -43.76 -37.88 6.82
C ASN A 503 -44.08 -36.39 6.66
N PHE A 504 -43.26 -35.54 7.29
CA PHE A 504 -43.41 -34.08 7.16
C PHE A 504 -42.98 -33.63 5.77
N LEU A 505 -41.92 -34.25 5.27
CA LEU A 505 -41.38 -33.93 3.94
C LEU A 505 -42.42 -34.20 2.85
N ALA A 506 -43.00 -35.41 2.87
CA ALA A 506 -43.99 -35.83 1.88
C ALA A 506 -45.22 -34.93 1.85
N GLY A 507 -45.63 -34.45 3.01
CA GLY A 507 -46.75 -33.51 3.13
C GLY A 507 -46.39 -32.13 2.61
N PHE A 508 -45.16 -31.71 2.90
CA PHE A 508 -44.64 -30.40 2.49
C PHE A 508 -44.37 -30.32 0.99
N GLU A 509 -43.77 -31.37 0.44
CA GLU A 509 -43.34 -31.39 -0.97
C GLU A 509 -44.47 -31.74 -1.94
N ALA A 510 -45.65 -32.03 -1.39
CA ALA A 510 -46.83 -32.36 -2.19
C ALA A 510 -47.45 -31.11 -2.79
N VAL B 23 40.56 16.10 36.77
CA VAL B 23 41.20 17.43 37.02
C VAL B 23 41.55 18.18 35.74
N ASP B 24 41.77 17.43 34.66
CA ASP B 24 42.20 18.01 33.38
C ASP B 24 41.13 17.84 32.30
N LEU B 25 40.21 18.79 32.23
CA LEU B 25 39.06 18.72 31.32
C LEU B 25 39.40 19.07 29.86
N GLU B 26 40.68 19.05 29.53
CA GLU B 26 41.14 19.35 28.17
C GLU B 26 41.55 18.10 27.42
N GLU B 27 42.30 17.22 28.09
CA GLU B 27 42.76 15.95 27.51
C GLU B 27 41.93 14.79 28.07
N THR B 28 41.09 15.10 29.06
CA THR B 28 40.25 14.11 29.72
C THR B 28 38.80 14.60 29.72
N GLY B 29 37.88 13.71 30.09
CA GLY B 29 36.47 14.02 30.21
C GLY B 29 35.73 13.04 31.10
N ARG B 30 34.43 13.28 31.30
CA ARG B 30 33.59 12.40 32.11
C ARG B 30 32.19 12.25 31.51
N VAL B 31 31.66 11.04 31.62
CA VAL B 31 30.34 10.71 31.04
C VAL B 31 29.20 11.39 31.80
N LEU B 32 28.42 12.18 31.07
CA LEU B 32 27.25 12.87 31.63
C LEU B 32 26.01 11.97 31.60
N SER B 33 25.75 11.35 30.45
CA SER B 33 24.60 10.48 30.27
C SER B 33 24.86 9.43 29.18
N ILE B 34 24.28 8.25 29.36
CA ILE B 34 24.42 7.14 28.41
C ILE B 34 23.15 6.29 28.35
N GLY B 35 22.68 6.03 27.13
CA GLY B 35 21.48 5.22 26.92
C GLY B 35 21.04 5.15 25.47
N ASP B 36 20.71 6.30 24.90
CA ASP B 36 20.20 6.39 23.52
C ASP B 36 21.32 6.24 22.49
N GLY B 37 21.99 5.09 22.52
CA GLY B 37 23.06 4.76 21.58
C GLY B 37 24.36 5.52 21.78
N ILE B 38 24.26 6.81 22.09
CA ILE B 38 25.42 7.69 22.23
C ILE B 38 25.60 8.22 23.65
N ALA B 39 26.86 8.32 24.06
CA ALA B 39 27.23 8.88 25.35
C ALA B 39 27.48 10.39 25.25
N ARG B 40 26.95 11.13 26.23
CA ARG B 40 27.24 12.55 26.37
C ARG B 40 28.40 12.71 27.35
N VAL B 41 29.45 13.40 26.90
CA VAL B 41 30.68 13.53 27.69
C VAL B 41 31.03 14.98 27.97
N HIS B 42 31.23 15.30 29.24
CA HIS B 42 31.70 16.61 29.68
C HIS B 42 33.17 16.71 29.47
N GLY B 43 33.65 17.91 29.10
CA GLY B 43 35.07 18.15 28.91
C GLY B 43 35.58 17.76 27.54
N LEU B 44 36.77 17.16 27.50
CA LEU B 44 37.47 16.83 26.25
C LEU B 44 37.55 18.04 25.31
N ARG B 45 38.02 19.18 25.82
CA ARG B 45 37.99 20.44 25.08
C ARG B 45 38.88 20.46 23.84
N ASN B 46 39.98 19.72 23.88
CA ASN B 46 40.95 19.71 22.78
C ASN B 46 40.77 18.56 21.79
N VAL B 47 39.73 17.75 22.00
CA VAL B 47 39.46 16.59 21.16
C VAL B 47 39.02 16.99 19.74
N GLN B 48 39.45 16.19 18.77
CA GLN B 48 39.14 16.41 17.36
C GLN B 48 37.81 15.76 16.98
N ALA B 49 37.24 16.20 15.86
CA ALA B 49 36.09 15.52 15.26
C ALA B 49 36.57 14.24 14.59
N GLU B 50 35.82 13.16 14.80
CA GLU B 50 36.16 11.82 14.31
C GLU B 50 37.46 11.25 14.92
N GLU B 51 37.74 11.66 16.16
CA GLU B 51 38.88 11.13 16.91
C GLU B 51 38.40 9.99 17.81
N MET B 52 39.21 8.94 17.91
CA MET B 52 38.95 7.85 18.84
C MET B 52 39.17 8.30 20.28
N VAL B 53 38.24 7.94 21.16
CA VAL B 53 38.39 8.19 22.59
C VAL B 53 38.48 6.87 23.34
N GLU B 54 38.77 6.95 24.64
CA GLU B 54 39.04 5.78 25.46
C GLU B 54 38.24 5.84 26.75
N PHE B 55 37.37 4.85 26.96
CA PHE B 55 36.53 4.79 28.16
C PHE B 55 37.22 4.03 29.29
N SER B 56 36.84 4.36 30.52
CA SER B 56 37.36 3.73 31.73
C SER B 56 37.31 2.20 31.70
N SER B 57 36.17 1.66 31.28
CA SER B 57 35.92 0.22 31.27
C SER B 57 36.80 -0.58 30.31
N GLY B 58 37.35 0.10 29.31
CA GLY B 58 38.22 -0.53 28.30
C GLY B 58 37.71 -0.38 26.89
N LEU B 59 36.51 0.19 26.75
CA LEU B 59 35.88 0.38 25.45
C LEU B 59 36.41 1.63 24.74
N LYS B 60 36.38 1.58 23.42
CA LYS B 60 36.76 2.71 22.59
C LYS B 60 35.48 3.35 22.02
N GLY B 61 35.62 4.57 21.52
CA GLY B 61 34.50 5.29 20.91
C GLY B 61 34.96 6.36 19.94
N MET B 62 34.01 6.98 19.24
CA MET B 62 34.34 8.07 18.30
C MET B 62 33.64 9.37 18.63
N SER B 63 34.39 10.46 18.57
CA SER B 63 33.86 11.81 18.75
C SER B 63 33.07 12.22 17.49
N LEU B 64 31.75 12.26 17.63
CA LEU B 64 30.87 12.59 16.50
C LEU B 64 30.32 14.00 16.59
N ASN B 65 29.72 14.32 17.74
CA ASN B 65 29.16 15.65 17.98
C ASN B 65 30.04 16.49 18.89
N LEU B 66 30.65 17.53 18.32
CA LEU B 66 31.37 18.51 19.11
C LEU B 66 30.42 19.67 19.38
N GLU B 67 30.01 19.79 20.63
CA GLU B 67 29.04 20.80 21.04
C GLU B 67 29.62 21.73 22.10
N PRO B 68 29.09 22.97 22.20
CA PRO B 68 29.57 23.94 23.18
C PRO B 68 29.79 23.38 24.58
N ASP B 69 28.88 22.53 25.04
CA ASP B 69 28.90 22.04 26.42
C ASP B 69 29.27 20.56 26.58
N ASN B 70 29.17 19.78 25.51
CA ASN B 70 29.47 18.34 25.57
C ASN B 70 30.04 17.74 24.30
N VAL B 71 30.45 16.46 24.37
CA VAL B 71 30.89 15.71 23.20
C VAL B 71 30.06 14.42 23.06
N GLY B 72 29.42 14.26 21.90
CA GLY B 72 28.68 13.06 21.57
C GLY B 72 29.62 11.97 21.07
N VAL B 73 29.58 10.82 21.73
CA VAL B 73 30.50 9.73 21.43
C VAL B 73 29.78 8.44 21.00
N VAL B 74 30.11 7.97 19.81
CA VAL B 74 29.61 6.70 19.28
C VAL B 74 30.44 5.57 19.90
N VAL B 75 29.79 4.68 20.64
CA VAL B 75 30.48 3.63 21.40
C VAL B 75 30.63 2.34 20.60
N PHE B 76 31.88 1.93 20.37
CA PHE B 76 32.18 0.68 19.67
C PHE B 76 32.14 -0.52 20.62
N GLY B 77 30.94 -0.88 21.06
CA GLY B 77 30.74 -1.99 21.99
C GLY B 77 29.47 -1.88 22.81
N ASN B 78 29.34 -2.79 23.77
CA ASN B 78 28.18 -2.85 24.66
C ASN B 78 28.20 -1.69 25.68
N ASP B 79 27.21 -0.80 25.58
CA ASP B 79 27.19 0.41 26.41
C ASP B 79 26.72 0.18 27.85
N LYS B 80 26.61 -1.08 28.26
CA LYS B 80 26.30 -1.41 29.66
C LYS B 80 27.52 -1.15 30.55
N LEU B 81 28.71 -1.22 29.95
CA LEU B 81 29.98 -1.04 30.65
C LEU B 81 30.30 0.43 30.91
N ILE B 82 29.45 1.33 30.43
CA ILE B 82 29.63 2.76 30.62
C ILE B 82 28.59 3.32 31.58
N LYS B 83 29.07 3.97 32.64
CA LYS B 83 28.22 4.61 33.64
C LYS B 83 28.44 6.12 33.64
N GLU B 84 27.50 6.85 34.24
CA GLU B 84 27.64 8.29 34.45
C GLU B 84 28.80 8.55 35.40
N GLY B 85 29.69 9.45 34.99
CA GLY B 85 30.86 9.82 35.80
C GLY B 85 32.14 9.12 35.39
N ASP B 86 32.04 8.21 34.41
CA ASP B 86 33.21 7.46 33.92
C ASP B 86 34.18 8.36 33.15
N ILE B 87 35.47 8.19 33.45
CA ILE B 87 36.54 8.96 32.82
C ILE B 87 36.73 8.58 31.36
N VAL B 88 36.88 9.59 30.51
CA VAL B 88 37.13 9.41 29.07
C VAL B 88 38.41 10.14 28.68
N LYS B 89 39.28 9.45 27.94
CA LYS B 89 40.58 10.01 27.54
C LYS B 89 40.73 10.09 26.02
N ARG B 90 41.47 11.11 25.56
CA ARG B 90 41.85 11.25 24.16
C ARG B 90 42.88 10.20 23.76
N THR B 91 42.79 9.72 22.53
CA THR B 91 43.87 8.90 21.94
C THR B 91 44.74 9.78 21.07
N GLY B 92 44.20 10.92 20.64
CA GLY B 92 44.92 11.90 19.84
C GLY B 92 44.87 11.65 18.34
N ALA B 93 44.31 10.51 17.95
CA ALA B 93 44.32 10.09 16.55
C ALA B 93 42.93 9.87 15.98
N ILE B 94 42.73 10.33 14.74
CA ILE B 94 41.50 10.06 13.98
C ILE B 94 41.33 8.56 13.85
N VAL B 95 40.09 8.08 13.99
CA VAL B 95 39.79 6.65 14.00
C VAL B 95 40.56 5.91 12.91
N ASP B 96 41.45 5.04 13.35
CA ASP B 96 42.28 4.25 12.42
C ASP B 96 42.30 2.76 12.76
N VAL B 97 42.75 1.95 11.80
CA VAL B 97 42.94 0.52 12.01
C VAL B 97 44.32 0.06 11.54
N PRO B 98 44.87 -0.99 12.19
CA PRO B 98 46.13 -1.57 11.73
C PRO B 98 45.99 -2.16 10.32
N VAL B 99 47.01 -1.97 9.49
CA VAL B 99 47.03 -2.52 8.14
C VAL B 99 48.35 -3.22 7.88
N GLY B 100 48.46 -3.90 6.74
CA GLY B 100 49.67 -4.62 6.36
C GLY B 100 49.48 -6.11 6.20
N GLU B 101 50.53 -6.78 5.73
CA GLU B 101 50.50 -8.22 5.44
C GLU B 101 50.48 -9.12 6.68
N GLU B 102 50.64 -8.53 7.85
CA GLU B 102 50.60 -9.28 9.11
C GLU B 102 49.19 -9.79 9.43
N LEU B 103 48.19 -9.12 8.86
CA LEU B 103 46.79 -9.47 9.08
C LEU B 103 46.33 -10.72 8.34
N LEU B 104 47.09 -11.11 7.32
CA LEU B 104 46.77 -12.30 6.52
C LEU B 104 46.80 -13.57 7.37
N GLY B 105 45.69 -14.31 7.34
CA GLY B 105 45.55 -15.53 8.12
C GLY B 105 44.87 -15.30 9.45
N ARG B 106 44.53 -14.05 9.74
CA ARG B 106 43.94 -13.67 11.02
C ARG B 106 42.46 -13.28 10.90
N VAL B 107 41.72 -13.52 11.98
CA VAL B 107 40.33 -13.08 12.10
C VAL B 107 40.27 -11.96 13.13
N VAL B 108 39.80 -10.80 12.70
CA VAL B 108 39.73 -9.62 13.56
C VAL B 108 38.31 -9.09 13.69
N ASP B 109 38.06 -8.31 14.74
CA ASP B 109 36.80 -7.58 14.87
C ASP B 109 36.87 -6.24 14.11
N ALA B 110 35.83 -5.42 14.26
CA ALA B 110 35.73 -4.15 13.54
C ALA B 110 36.86 -3.16 13.83
N LEU B 111 37.49 -3.30 15.00
CA LEU B 111 38.56 -2.39 15.41
C LEU B 111 39.95 -2.88 14.99
N GLY B 112 40.00 -4.09 14.42
CA GLY B 112 41.26 -4.70 14.01
C GLY B 112 41.90 -5.53 15.11
N ASN B 113 41.18 -5.70 16.22
CA ASN B 113 41.63 -6.55 17.31
C ASN B 113 41.44 -8.02 16.97
N ALA B 114 42.47 -8.81 17.22
CA ALA B 114 42.46 -10.25 16.90
C ALA B 114 41.47 -11.02 17.78
N ILE B 115 40.58 -11.75 17.14
CA ILE B 115 39.56 -12.53 17.86
C ILE B 115 39.62 -14.04 17.60
N ASP B 116 40.77 -14.49 17.10
CA ASP B 116 40.99 -15.92 16.83
C ASP B 116 41.92 -16.59 17.84
N GLY B 117 42.27 -15.86 18.90
CA GLY B 117 43.06 -16.41 20.01
C GLY B 117 44.49 -16.80 19.65
N LYS B 118 44.93 -16.40 18.46
CA LYS B 118 46.26 -16.74 17.96
C LYS B 118 47.33 -15.71 18.35
N GLY B 119 46.92 -14.70 19.10
CA GLY B 119 47.85 -13.70 19.64
C GLY B 119 47.73 -12.32 19.04
N PRO B 120 48.66 -11.42 19.39
CA PRO B 120 48.65 -10.06 18.86
C PRO B 120 49.19 -10.01 17.44
N ILE B 121 48.68 -9.06 16.66
CA ILE B 121 49.15 -8.85 15.29
C ILE B 121 50.31 -7.86 15.33
N GLY B 122 51.46 -8.27 14.80
CA GLY B 122 52.65 -7.44 14.79
C GLY B 122 52.58 -6.36 13.73
N SER B 123 51.49 -5.60 13.74
CA SER B 123 51.26 -4.54 12.75
C SER B 123 52.13 -3.33 13.01
N LYS B 124 52.64 -2.75 11.93
CA LYS B 124 53.48 -1.55 11.99
C LYS B 124 52.68 -0.32 11.60
N ALA B 125 52.13 -0.34 10.39
CA ALA B 125 51.40 0.80 9.83
C ALA B 125 49.94 0.82 10.27
N ARG B 126 49.35 2.02 10.28
CA ARG B 126 47.94 2.23 10.57
C ARG B 126 47.32 3.16 9.53
N ARG B 127 46.05 2.94 9.22
CA ARG B 127 45.33 3.76 8.25
C ARG B 127 43.96 4.18 8.77
N ARG B 128 43.60 5.45 8.53
CA ARG B 128 42.29 5.97 8.91
C ARG B 128 41.18 5.23 8.16
N VAL B 129 40.09 4.96 8.87
CA VAL B 129 38.96 4.21 8.31
C VAL B 129 38.09 5.05 7.37
N GLY B 130 38.14 6.36 7.52
CA GLY B 130 37.29 7.26 6.76
C GLY B 130 38.02 8.10 5.73
N LEU B 131 39.14 7.56 5.23
CA LEU B 131 39.96 8.26 4.23
C LEU B 131 39.20 8.41 2.93
N LYS B 132 39.23 9.62 2.36
CA LYS B 132 38.52 9.91 1.12
C LYS B 132 39.11 9.15 -0.06
N ALA B 133 38.22 8.63 -0.91
CA ALA B 133 38.60 7.83 -2.07
C ALA B 133 39.49 8.61 -3.02
N PRO B 134 40.41 7.91 -3.73
CA PRO B 134 41.28 8.54 -4.72
C PRO B 134 40.47 9.25 -5.81
N GLY B 135 40.97 10.39 -6.27
CA GLY B 135 40.31 11.20 -7.28
C GLY B 135 40.52 10.69 -8.71
N ILE B 136 40.22 11.56 -9.67
CA ILE B 136 40.27 11.22 -11.10
C ILE B 136 41.66 10.81 -11.60
N ILE B 137 42.66 11.67 -11.36
CA ILE B 137 44.02 11.51 -11.90
C ILE B 137 44.77 10.22 -11.50
N PRO B 138 44.72 9.84 -10.19
CA PRO B 138 45.44 8.63 -9.78
C PRO B 138 44.92 7.33 -10.40
N ARG B 139 43.71 7.37 -10.97
CA ARG B 139 43.05 6.18 -11.51
C ARG B 139 43.36 5.92 -12.97
N ILE B 140 43.19 4.67 -13.39
CA ILE B 140 43.26 4.26 -14.79
C ILE B 140 42.23 3.15 -15.06
N SER B 141 41.89 2.95 -16.33
CA SER B 141 40.90 1.94 -16.74
C SER B 141 41.34 0.54 -16.33
N VAL B 142 40.37 -0.26 -15.87
CA VAL B 142 40.63 -1.66 -15.49
C VAL B 142 40.97 -2.50 -16.71
N ARG B 143 41.97 -3.37 -16.55
CA ARG B 143 42.47 -4.18 -17.67
C ARG B 143 42.89 -5.58 -17.24
N GLU B 144 43.16 -5.75 -15.94
CA GLU B 144 43.58 -7.03 -15.38
C GLU B 144 42.37 -7.83 -14.90
N PRO B 145 42.28 -9.11 -15.30
CA PRO B 145 41.14 -9.96 -14.95
C PRO B 145 41.11 -10.40 -13.49
N MET B 146 39.92 -10.47 -12.91
CA MET B 146 39.72 -11.00 -11.57
C MET B 146 38.93 -12.30 -11.68
N GLN B 147 39.65 -13.42 -11.73
CA GLN B 147 39.05 -14.73 -11.97
C GLN B 147 38.35 -15.31 -10.74
N THR B 148 37.08 -15.66 -10.92
CA THR B 148 36.27 -16.25 -9.85
C THR B 148 36.35 -17.78 -9.83
N GLY B 149 36.58 -18.36 -11.01
CA GLY B 149 36.59 -19.82 -11.16
C GLY B 149 35.21 -20.35 -11.54
N ILE B 150 34.23 -19.46 -11.56
CA ILE B 150 32.86 -19.79 -11.95
C ILE B 150 32.71 -19.58 -13.46
N LYS B 151 32.14 -20.57 -14.14
CA LYS B 151 31.95 -20.52 -15.58
C LYS B 151 31.07 -19.36 -16.03
N ALA B 152 29.92 -19.19 -15.38
CA ALA B 152 28.95 -18.14 -15.73
C ALA B 152 29.49 -16.73 -15.50
N VAL B 153 30.30 -16.57 -14.45
CA VAL B 153 30.86 -15.26 -14.12
C VAL B 153 32.03 -14.92 -15.04
N ASP B 154 33.04 -15.78 -15.10
CA ASP B 154 34.26 -15.51 -15.87
C ASP B 154 34.05 -15.42 -17.39
N SER B 155 32.87 -15.84 -17.86
CA SER B 155 32.55 -15.79 -19.29
C SER B 155 31.57 -14.67 -19.65
N LEU B 156 30.44 -14.60 -18.93
CA LEU B 156 29.35 -13.71 -19.29
C LEU B 156 29.33 -12.42 -18.49
N VAL B 157 29.78 -12.49 -17.24
CA VAL B 157 29.85 -11.32 -16.36
C VAL B 157 31.28 -11.16 -15.81
N PRO B 158 32.27 -10.89 -16.70
CA PRO B 158 33.67 -10.90 -16.27
C PRO B 158 34.03 -9.72 -15.36
N ILE B 159 34.73 -10.02 -14.27
CA ILE B 159 35.16 -9.00 -13.32
C ILE B 159 36.62 -8.62 -13.54
N GLY B 160 36.91 -7.33 -13.46
CA GLY B 160 38.26 -6.80 -13.55
C GLY B 160 38.79 -6.32 -12.21
N ARG B 161 40.11 -6.16 -12.13
CA ARG B 161 40.77 -5.73 -10.90
C ARG B 161 40.66 -4.23 -10.68
N GLY B 162 40.07 -3.85 -9.55
CA GLY B 162 39.79 -2.44 -9.23
C GLY B 162 38.33 -2.08 -9.42
N GLN B 163 37.55 -3.05 -9.89
CA GLN B 163 36.14 -2.85 -10.20
C GLN B 163 35.24 -3.06 -8.97
N ARG B 164 34.02 -2.55 -9.06
CA ARG B 164 32.99 -2.82 -8.06
C ARG B 164 31.88 -3.65 -8.71
N GLU B 165 31.69 -4.87 -8.21
CA GLU B 165 30.67 -5.76 -8.76
C GLU B 165 29.73 -6.26 -7.67
N LEU B 166 28.46 -5.86 -7.78
CA LEU B 166 27.45 -6.15 -6.78
C LEU B 166 26.87 -7.56 -6.92
N ILE B 167 26.87 -8.31 -5.82
CA ILE B 167 26.17 -9.59 -5.75
C ILE B 167 24.82 -9.34 -5.08
N ILE B 168 23.74 -9.49 -5.84
CA ILE B 168 22.41 -9.12 -5.37
C ILE B 168 21.39 -10.25 -5.54
N GLY B 169 20.53 -10.41 -4.54
CA GLY B 169 19.48 -11.43 -4.59
C GLY B 169 18.87 -11.76 -3.23
N ASP B 170 17.82 -12.57 -3.24
CA ASP B 170 17.16 -13.02 -2.00
C ASP B 170 18.05 -13.93 -1.18
N ARG B 171 17.64 -14.21 0.05
CA ARG B 171 18.41 -15.12 0.92
C ARG B 171 18.39 -16.56 0.39
N GLN B 172 19.52 -17.23 0.56
CA GLN B 172 19.72 -18.63 0.13
C GLN B 172 19.66 -18.83 -1.39
N THR B 173 19.96 -17.79 -2.15
CA THR B 173 20.05 -17.87 -3.61
C THR B 173 21.47 -18.21 -4.07
N GLY B 174 22.44 -18.08 -3.17
CA GLY B 174 23.83 -18.44 -3.44
C GLY B 174 24.82 -17.29 -3.41
N LYS B 175 24.44 -16.19 -2.77
CA LYS B 175 25.24 -14.96 -2.78
C LYS B 175 26.63 -15.13 -2.16
N THR B 176 26.67 -15.61 -0.92
CA THR B 176 27.92 -15.90 -0.22
C THR B 176 28.78 -16.92 -0.97
N SER B 177 28.13 -17.91 -1.58
CA SER B 177 28.80 -18.97 -2.33
C SER B 177 29.67 -18.46 -3.48
N ILE B 178 29.22 -17.38 -4.12
CA ILE B 178 30.00 -16.73 -5.18
C ILE B 178 31.32 -16.20 -4.62
N ALA B 179 31.22 -15.54 -3.47
CA ALA B 179 32.34 -14.89 -2.80
C ALA B 179 33.39 -15.88 -2.28
N ILE B 180 32.92 -17.00 -1.75
CA ILE B 180 33.80 -18.01 -1.14
C ILE B 180 34.58 -18.77 -2.22
N ASP B 181 33.87 -19.20 -3.26
CA ASP B 181 34.51 -19.88 -4.40
C ASP B 181 35.53 -18.99 -5.09
N THR B 182 35.33 -17.68 -5.03
CA THR B 182 36.27 -16.71 -5.59
C THR B 182 37.56 -16.64 -4.77
N ILE B 183 37.42 -16.60 -3.45
CA ILE B 183 38.58 -16.60 -2.54
C ILE B 183 39.38 -17.90 -2.67
N ILE B 184 38.68 -19.03 -2.74
CA ILE B 184 39.31 -20.35 -2.91
C ILE B 184 40.06 -20.47 -4.25
N ASN B 185 39.54 -19.79 -5.27
CA ASN B 185 40.13 -19.81 -6.62
C ASN B 185 41.53 -19.21 -6.68
N GLN B 186 41.80 -18.22 -5.82
CA GLN B 186 43.04 -17.44 -5.87
C GLN B 186 44.32 -18.22 -5.55
N LYS B 187 44.16 -19.36 -4.88
CA LYS B 187 45.29 -20.19 -4.48
C LYS B 187 46.16 -20.58 -5.69
N ARG B 188 45.53 -20.76 -6.83
CA ARG B 188 46.23 -21.13 -8.08
C ARG B 188 47.18 -20.02 -8.55
N PHE B 189 46.90 -18.78 -8.14
CA PHE B 189 47.75 -17.63 -8.46
C PHE B 189 48.72 -17.35 -7.31
N ASN B 190 48.20 -17.32 -6.09
CA ASN B 190 48.97 -16.97 -4.89
C ASN B 190 50.10 -17.95 -4.54
N ASP B 191 50.15 -19.08 -5.25
CA ASP B 191 51.21 -20.06 -5.09
C ASP B 191 52.25 -19.99 -6.21
N GLY B 192 51.82 -19.49 -7.37
CA GLY B 192 52.71 -19.37 -8.53
C GLY B 192 53.71 -18.24 -8.43
N THR B 193 54.78 -18.33 -9.22
CA THR B 193 55.86 -17.34 -9.19
C THR B 193 55.59 -16.20 -10.17
N ASP B 194 54.55 -15.42 -9.85
CA ASP B 194 54.20 -14.22 -10.61
C ASP B 194 53.49 -13.25 -9.67
N GLU B 195 54.23 -12.25 -9.20
CA GLU B 195 53.80 -11.38 -8.11
C GLU B 195 52.64 -10.44 -8.47
N LYS B 196 52.55 -10.06 -9.74
CA LYS B 196 51.50 -9.16 -10.23
C LYS B 196 50.13 -9.83 -10.31
N LYS B 197 50.13 -11.15 -10.48
CA LYS B 197 48.89 -11.90 -10.71
C LYS B 197 48.29 -12.44 -9.41
N LYS B 198 48.97 -12.18 -8.30
CA LYS B 198 48.48 -12.58 -6.97
C LYS B 198 47.35 -11.68 -6.50
N LEU B 199 46.45 -12.23 -5.68
CA LEU B 199 45.30 -11.48 -5.17
C LEU B 199 45.04 -11.81 -3.70
N TYR B 200 45.15 -10.79 -2.85
CA TYR B 200 44.96 -10.96 -1.42
C TYR B 200 43.51 -10.63 -1.03
N CYS B 201 42.88 -11.55 -0.33
CA CYS B 201 41.45 -11.47 -0.08
C CYS B 201 41.10 -10.94 1.30
N ILE B 202 39.97 -10.24 1.39
CA ILE B 202 39.41 -9.77 2.65
C ILE B 202 37.90 -10.02 2.64
N TYR B 203 37.41 -10.67 3.69
CA TYR B 203 35.99 -10.95 3.83
C TYR B 203 35.44 -10.23 5.05
N VAL B 204 34.49 -9.33 4.81
CA VAL B 204 33.84 -8.59 5.90
C VAL B 204 32.49 -9.23 6.21
N ALA B 205 32.31 -9.63 7.46
CA ALA B 205 31.07 -10.23 7.92
C ALA B 205 30.26 -9.22 8.74
N ILE B 206 29.14 -8.78 8.17
CA ILE B 206 28.26 -7.82 8.83
C ILE B 206 26.92 -8.45 9.15
N GLY B 207 26.59 -8.51 10.44
CA GLY B 207 25.30 -9.01 10.90
C GLY B 207 25.11 -10.52 10.86
N GLN B 208 26.09 -11.23 10.32
CA GLN B 208 26.03 -12.70 10.21
C GLN B 208 26.12 -13.36 11.57
N LYS B 209 25.71 -14.63 11.65
CA LYS B 209 25.91 -15.43 12.86
C LYS B 209 27.40 -15.72 13.05
N ARG B 210 27.81 -15.81 14.31
CA ARG B 210 29.19 -16.11 14.66
C ARG B 210 29.57 -17.53 14.23
N SER B 211 28.58 -18.43 14.22
CA SER B 211 28.74 -19.81 13.77
C SER B 211 29.03 -19.90 12.27
N THR B 212 28.33 -19.10 11.48
CA THR B 212 28.50 -19.06 10.03
C THR B 212 29.92 -18.64 9.68
N VAL B 213 30.45 -17.69 10.44
CA VAL B 213 31.81 -17.18 10.24
C VAL B 213 32.86 -18.20 10.71
N ALA B 214 32.58 -18.85 11.84
CA ALA B 214 33.46 -19.90 12.37
C ALA B 214 33.55 -21.09 11.42
N GLN B 215 32.44 -21.42 10.76
CA GLN B 215 32.42 -22.46 9.73
C GLN B 215 33.12 -21.98 8.47
N LEU B 216 33.02 -20.68 8.20
CA LEU B 216 33.62 -20.07 7.01
C LEU B 216 35.15 -20.04 7.09
N VAL B 217 35.68 -19.81 8.29
CA VAL B 217 37.13 -19.79 8.50
C VAL B 217 37.73 -21.20 8.35
N LYS B 218 36.98 -22.21 8.78
CA LYS B 218 37.41 -23.61 8.69
C LYS B 218 37.43 -24.09 7.24
N ARG B 219 36.42 -23.68 6.47
CA ARG B 219 36.35 -24.01 5.04
C ARG B 219 37.56 -23.45 4.30
N LEU B 220 37.94 -22.22 4.63
CA LEU B 220 39.10 -21.58 4.00
C LEU B 220 40.43 -22.16 4.51
N THR B 221 40.46 -22.57 5.77
CA THR B 221 41.63 -23.18 6.39
C THR B 221 41.97 -24.51 5.70
N ASP B 222 40.95 -25.36 5.53
CA ASP B 222 41.11 -26.68 4.93
C ASP B 222 41.41 -26.63 3.44
N ALA B 223 40.92 -25.58 2.78
CA ALA B 223 41.18 -25.37 1.35
C ALA B 223 42.46 -24.55 1.13
N ASP B 224 43.18 -24.29 2.22
CA ASP B 224 44.46 -23.55 2.21
C ASP B 224 44.35 -22.15 1.57
N ALA B 225 43.22 -21.51 1.79
CA ALA B 225 42.95 -20.18 1.24
C ALA B 225 43.12 -19.09 2.30
N MET B 226 43.09 -19.49 3.56
CA MET B 226 43.15 -18.55 4.69
C MET B 226 44.47 -17.77 4.76
N LYS B 227 45.56 -18.40 4.34
CA LYS B 227 46.90 -17.80 4.39
C LYS B 227 47.01 -16.45 3.65
N TYR B 228 46.13 -16.23 2.67
CA TYR B 228 46.09 -14.97 1.94
C TYR B 228 44.77 -14.22 2.16
N THR B 229 44.08 -14.55 3.25
CA THR B 229 42.78 -13.95 3.55
C THR B 229 42.78 -13.28 4.92
N ILE B 230 42.17 -12.10 4.97
CA ILE B 230 41.89 -11.41 6.23
C ILE B 230 40.37 -11.42 6.44
N VAL B 231 39.95 -11.78 7.64
CA VAL B 231 38.52 -11.78 7.98
C VAL B 231 38.21 -10.72 9.04
N VAL B 232 37.35 -9.78 8.68
CA VAL B 232 36.85 -8.77 9.60
C VAL B 232 35.42 -9.13 9.97
N SER B 233 35.18 -9.32 11.26
CA SER B 233 33.90 -9.83 11.74
C SER B 233 33.22 -8.93 12.76
N ALA B 234 32.02 -8.47 12.42
CA ALA B 234 31.12 -7.81 13.37
C ALA B 234 29.78 -8.53 13.31
N THR B 235 29.61 -9.49 14.22
CA THR B 235 28.47 -10.42 14.17
C THR B 235 27.15 -9.80 14.66
N ALA B 236 26.12 -10.63 14.73
CA ALA B 236 24.78 -10.18 15.12
C ALA B 236 24.69 -9.72 16.58
N SER B 237 25.57 -10.23 17.44
CA SER B 237 25.58 -9.86 18.86
C SER B 237 26.45 -8.63 19.16
N ASP B 238 27.27 -8.24 18.19
CA ASP B 238 28.09 -7.03 18.30
C ASP B 238 27.22 -5.78 18.15
N ALA B 239 27.63 -4.70 18.82
CA ALA B 239 26.91 -3.44 18.78
C ALA B 239 26.85 -2.87 17.37
N ALA B 240 25.77 -2.14 17.08
CA ALA B 240 25.54 -1.55 15.76
C ALA B 240 26.68 -0.67 15.24
N PRO B 241 27.29 0.17 16.12
CA PRO B 241 28.46 0.93 15.67
C PRO B 241 29.59 0.07 15.12
N LEU B 242 29.88 -1.06 15.78
CA LEU B 242 30.91 -1.99 15.31
C LEU B 242 30.56 -2.53 13.93
N GLN B 243 29.28 -2.83 13.71
CA GLN B 243 28.79 -3.31 12.41
C GLN B 243 28.84 -2.20 11.36
N TYR B 244 28.56 -0.97 11.78
CA TYR B 244 28.69 0.20 10.91
C TYR B 244 30.14 0.38 10.46
N LEU B 245 31.07 0.24 11.39
CA LEU B 245 32.50 0.48 11.16
C LEU B 245 33.18 -0.61 10.32
N ALA B 246 32.73 -1.86 10.49
CA ALA B 246 33.39 -3.03 9.93
C ALA B 246 33.79 -2.97 8.44
N PRO B 247 32.91 -2.46 7.56
CA PRO B 247 33.32 -2.34 6.16
C PRO B 247 34.43 -1.31 5.91
N TYR B 248 34.46 -0.24 6.71
CA TYR B 248 35.46 0.82 6.56
C TYR B 248 36.84 0.39 7.06
N SER B 249 36.84 -0.46 8.09
CA SER B 249 38.08 -1.02 8.63
C SER B 249 38.69 -2.02 7.67
N GLY B 250 37.83 -2.87 7.10
CA GLY B 250 38.25 -3.85 6.10
C GLY B 250 38.77 -3.19 4.83
N CYS B 251 38.13 -2.10 4.41
CA CYS B 251 38.52 -1.36 3.22
C CYS B 251 39.91 -0.74 3.38
N SER B 252 40.19 -0.23 4.57
CA SER B 252 41.49 0.37 4.89
C SER B 252 42.61 -0.67 4.83
N MET B 253 42.29 -1.91 5.21
CA MET B 253 43.21 -3.02 5.15
C MET B 253 43.48 -3.45 3.70
N GLY B 254 42.48 -3.27 2.84
CA GLY B 254 42.62 -3.54 1.41
C GLY B 254 43.29 -2.40 0.67
N GLU B 255 43.17 -1.20 1.22
CA GLU B 255 43.78 -0.01 0.63
C GLU B 255 45.30 0.01 0.81
N TYR B 256 45.79 -0.76 1.78
CA TYR B 256 47.24 -0.95 1.96
C TYR B 256 47.86 -1.57 0.71
N PHE B 257 47.25 -2.64 0.22
CA PHE B 257 47.70 -3.32 -0.99
C PHE B 257 47.57 -2.39 -2.21
N ARG B 258 46.44 -1.70 -2.28
CA ARG B 258 46.10 -0.80 -3.39
C ARG B 258 47.17 0.25 -3.68
N ASP B 259 47.68 0.87 -2.63
CA ASP B 259 48.66 1.96 -2.76
C ASP B 259 50.12 1.48 -2.74
N ASN B 260 50.30 0.16 -2.59
CA ASN B 260 51.64 -0.42 -2.52
C ASN B 260 51.95 -1.44 -3.63
N GLY B 261 51.33 -1.24 -4.79
CA GLY B 261 51.61 -2.05 -5.98
C GLY B 261 51.08 -3.47 -5.96
N LYS B 262 50.20 -3.78 -5.00
CA LYS B 262 49.63 -5.11 -4.87
C LYS B 262 48.12 -5.11 -5.08
N HIS B 263 47.54 -6.29 -5.29
CA HIS B 263 46.12 -6.39 -5.62
C HIS B 263 45.33 -7.10 -4.56
N ALA B 264 44.21 -6.47 -4.17
CA ALA B 264 43.37 -7.00 -3.10
C ALA B 264 41.91 -7.10 -3.50
N LEU B 265 41.24 -8.14 -3.01
CA LEU B 265 39.81 -8.34 -3.22
C LEU B 265 39.05 -8.20 -1.90
N ILE B 266 38.06 -7.33 -1.88
CA ILE B 266 37.23 -7.15 -0.70
C ILE B 266 35.77 -7.55 -0.95
N ILE B 267 35.18 -8.19 0.06
CA ILE B 267 33.79 -8.64 0.00
C ILE B 267 33.06 -8.15 1.25
N TYR B 268 31.95 -7.45 1.03
CA TYR B 268 31.12 -6.96 2.12
C TYR B 268 29.86 -7.81 2.23
N ASP B 269 29.82 -8.66 3.25
CA ASP B 269 28.74 -9.62 3.42
C ASP B 269 28.02 -9.41 4.76
N ASP B 270 26.96 -8.59 4.78
CA ASP B 270 26.48 -7.87 3.59
C ASP B 270 26.25 -6.40 3.91
N LEU B 271 26.16 -5.57 2.88
CA LEU B 271 25.94 -4.13 3.05
C LEU B 271 24.49 -3.79 3.45
N SER B 272 23.59 -4.73 3.21
CA SER B 272 22.19 -4.59 3.62
C SER B 272 22.06 -4.48 5.13
N LYS B 273 22.81 -5.30 5.86
CA LYS B 273 22.77 -5.31 7.32
C LYS B 273 23.55 -4.17 7.96
N GLN B 274 24.50 -3.61 7.21
CA GLN B 274 25.23 -2.41 7.64
C GLN B 274 24.29 -1.20 7.69
N ALA B 275 23.40 -1.12 6.70
CA ALA B 275 22.41 -0.05 6.61
C ALA B 275 21.38 -0.15 7.73
N VAL B 276 21.00 -1.37 8.08
CA VAL B 276 20.12 -1.64 9.23
C VAL B 276 20.81 -1.21 10.53
N ALA B 277 22.11 -1.50 10.62
CA ALA B 277 22.93 -1.10 11.77
C ALA B 277 23.10 0.42 11.86
N TYR B 278 23.20 1.08 10.71
CA TYR B 278 23.33 2.54 10.65
C TYR B 278 21.98 3.22 10.86
N ARG B 279 20.91 2.60 10.35
CA ARG B 279 19.55 3.11 10.52
C ARG B 279 19.17 3.15 11.99
N GLN B 280 19.61 2.13 12.75
CA GLN B 280 19.45 2.09 14.20
C GLN B 280 20.12 3.30 14.85
N MET B 281 21.39 3.52 14.52
CA MET B 281 22.16 4.66 15.02
C MET B 281 21.48 5.99 14.70
N SER B 282 21.08 6.17 13.45
CA SER B 282 20.43 7.40 12.98
C SER B 282 19.13 7.72 13.71
N LEU B 283 18.29 6.70 13.92
CA LEU B 283 17.00 6.87 14.58
C LEU B 283 17.14 7.10 16.09
N LEU B 284 18.17 6.52 16.69
CA LEU B 284 18.51 6.76 18.09
C LEU B 284 19.09 8.17 18.24
N LEU B 285 19.78 8.63 17.20
CA LEU B 285 20.26 10.01 17.13
C LEU B 285 19.15 10.98 16.77
N ARG B 286 17.93 10.45 16.62
CA ARG B 286 16.72 11.23 16.32
C ARG B 286 16.83 12.06 15.04
N ARG B 287 17.53 11.51 14.05
CA ARG B 287 17.67 12.13 12.73
C ARG B 287 16.47 11.76 11.86
N PRO B 288 15.99 12.72 11.05
CA PRO B 288 14.78 12.52 10.24
C PRO B 288 14.89 11.36 9.25
N PRO B 289 13.99 10.36 9.36
CA PRO B 289 13.97 9.20 8.48
C PRO B 289 13.21 9.46 7.18
N GLY B 290 13.47 8.63 6.17
CA GLY B 290 12.81 8.73 4.87
C GLY B 290 12.16 7.42 4.48
N ARG B 291 12.51 6.92 3.30
CA ARG B 291 12.01 5.63 2.82
C ARG B 291 12.51 4.49 3.71
N GLU B 292 11.60 3.60 4.08
CA GLU B 292 11.90 2.46 4.97
C GLU B 292 12.62 2.90 6.25
N ALA B 293 12.24 4.08 6.74
CA ALA B 293 12.82 4.69 7.96
C ALA B 293 14.34 4.92 7.90
N TYR B 294 14.90 4.92 6.70
CA TYR B 294 16.34 5.13 6.51
C TYR B 294 16.72 6.61 6.50
N PRO B 295 17.94 6.94 6.99
CA PRO B 295 18.43 8.31 6.94
C PRO B 295 18.75 8.76 5.51
N GLY B 296 18.78 10.06 5.29
CA GLY B 296 19.03 10.63 3.96
C GLY B 296 20.44 10.43 3.43
N ASP B 297 21.37 10.14 4.34
CA ASP B 297 22.77 9.93 3.97
C ASP B 297 23.16 8.45 3.84
N VAL B 298 22.15 7.58 3.76
CA VAL B 298 22.38 6.13 3.64
C VAL B 298 23.01 5.76 2.30
N PHE B 299 22.68 6.50 1.25
CA PHE B 299 23.34 6.35 -0.04
C PHE B 299 24.80 6.71 0.10
N TYR B 300 25.07 7.81 0.78
CA TYR B 300 26.42 8.29 1.05
C TYR B 300 27.20 7.32 1.94
N LEU B 301 26.49 6.56 2.77
CA LEU B 301 27.08 5.53 3.62
C LEU B 301 27.78 4.45 2.81
N HIS B 302 27.21 4.11 1.66
CA HIS B 302 27.77 3.08 0.78
C HIS B 302 28.68 3.67 -0.25
N SER B 303 28.32 4.85 -0.77
CA SER B 303 29.04 5.44 -1.89
C SER B 303 30.49 5.79 -1.55
N ARG B 304 30.72 6.37 -0.37
CA ARG B 304 32.07 6.70 0.07
C ARG B 304 32.95 5.46 0.31
N LEU B 305 32.30 4.35 0.66
CA LEU B 305 32.97 3.09 0.91
C LEU B 305 33.43 2.42 -0.38
N LEU B 306 32.50 2.29 -1.33
CA LEU B 306 32.75 1.54 -2.57
C LEU B 306 33.58 2.33 -3.59
N GLU B 307 33.60 3.64 -3.44
CA GLU B 307 34.45 4.52 -4.26
C GLU B 307 35.94 4.28 -3.99
N ARG B 308 36.25 3.84 -2.78
CA ARG B 308 37.62 3.57 -2.35
C ARG B 308 38.22 2.36 -3.07
N ALA B 309 37.35 1.50 -3.62
CA ALA B 309 37.77 0.43 -4.50
C ALA B 309 38.11 1.04 -5.86
N ALA B 310 39.37 0.90 -6.28
CA ALA B 310 39.85 1.55 -7.50
C ALA B 310 41.02 0.81 -8.13
N LYS B 311 41.31 1.16 -9.38
CA LYS B 311 42.53 0.72 -10.06
C LYS B 311 43.48 1.92 -10.18
N MET B 312 44.70 1.75 -9.68
CA MET B 312 45.69 2.83 -9.67
C MET B 312 46.65 2.71 -10.85
N ASN B 313 47.09 3.85 -11.37
CA ASN B 313 48.04 3.88 -12.49
C ASN B 313 49.48 3.56 -12.06
N ASP B 314 50.39 3.53 -13.03
CA ASP B 314 51.80 3.19 -12.79
C ASP B 314 52.48 4.08 -11.76
N ALA B 315 52.13 5.36 -11.75
CA ALA B 315 52.73 6.34 -10.83
C ALA B 315 52.35 6.12 -9.36
N PHE B 316 51.35 5.26 -9.13
CA PHE B 316 50.92 4.92 -7.78
C PHE B 316 51.18 3.44 -7.46
N GLY B 317 52.14 2.85 -8.16
CA GLY B 317 52.53 1.45 -7.95
C GLY B 317 51.80 0.46 -8.85
N GLY B 318 50.59 0.82 -9.28
CA GLY B 318 49.79 -0.01 -10.17
C GLY B 318 48.92 -1.04 -9.44
N GLY B 319 48.67 -0.80 -8.16
CA GLY B 319 47.85 -1.69 -7.35
C GLY B 319 46.36 -1.48 -7.60
N SER B 320 45.54 -2.35 -7.02
CA SER B 320 44.09 -2.25 -7.17
C SER B 320 43.32 -2.85 -6.00
N LEU B 321 42.11 -2.35 -5.79
CA LEU B 321 41.17 -2.92 -4.82
C LEU B 321 39.87 -3.24 -5.54
N THR B 322 39.55 -4.53 -5.65
CA THR B 322 38.29 -4.97 -6.24
C THR B 322 37.26 -5.17 -5.14
N ALA B 323 36.04 -4.70 -5.38
CA ALA B 323 34.98 -4.79 -4.39
C ALA B 323 33.82 -5.68 -4.85
N LEU B 324 33.37 -6.53 -3.93
CA LEU B 324 32.17 -7.34 -4.15
C LEU B 324 31.18 -7.12 -3.01
N PRO B 325 30.36 -6.05 -3.11
CA PRO B 325 29.34 -5.82 -2.09
C PRO B 325 28.13 -6.73 -2.28
N VAL B 326 27.48 -7.09 -1.18
CA VAL B 326 26.33 -7.98 -1.22
C VAL B 326 25.08 -7.27 -0.69
N ILE B 327 23.99 -7.35 -1.46
CA ILE B 327 22.71 -6.79 -1.06
C ILE B 327 21.63 -7.87 -1.07
N GLU B 328 21.01 -8.09 0.09
CA GLU B 328 19.92 -9.05 0.22
C GLU B 328 18.58 -8.37 -0.09
N THR B 329 17.99 -8.72 -1.22
CA THR B 329 16.68 -8.19 -1.61
C THR B 329 15.56 -8.97 -0.93
N GLN B 330 14.37 -8.37 -0.89
CA GLN B 330 13.17 -9.05 -0.42
C GLN B 330 12.30 -9.39 -1.62
N ALA B 331 11.82 -10.63 -1.65
CA ALA B 331 10.89 -11.11 -2.69
C ALA B 331 11.33 -10.83 -4.12
N GLY B 332 12.65 -10.73 -4.33
CA GLY B 332 13.22 -10.47 -5.64
C GLY B 332 13.06 -9.05 -6.16
N ASP B 333 12.77 -8.12 -5.26
CA ASP B 333 12.57 -6.72 -5.64
C ASP B 333 13.88 -5.94 -5.70
N VAL B 334 14.21 -5.44 -6.89
CA VAL B 334 15.44 -4.69 -7.12
C VAL B 334 15.20 -3.18 -7.21
N SER B 335 13.94 -2.78 -7.12
CA SER B 335 13.56 -1.36 -7.16
C SER B 335 13.53 -0.73 -5.77
N ALA B 336 13.82 -1.53 -4.75
CA ALA B 336 13.82 -1.06 -3.37
C ALA B 336 14.94 -0.05 -3.11
N TYR B 337 14.80 0.72 -2.02
CA TYR B 337 15.66 1.87 -1.73
C TYR B 337 17.16 1.55 -1.67
N ILE B 338 17.54 0.58 -0.84
CA ILE B 338 18.96 0.21 -0.67
C ILE B 338 19.55 -0.48 -1.92
N PRO B 339 18.82 -1.44 -2.53
CA PRO B 339 19.31 -2.03 -3.78
C PRO B 339 19.54 -1.00 -4.90
N THR B 340 18.63 -0.04 -5.05
CA THR B 340 18.76 1.01 -6.07
C THR B 340 19.96 1.94 -5.84
N ASN B 341 20.33 2.11 -4.57
CA ASN B 341 21.51 2.90 -4.21
C ASN B 341 22.81 2.27 -4.70
N VAL B 342 23.04 1.02 -4.28
CA VAL B 342 24.29 0.31 -4.56
C VAL B 342 24.45 -0.02 -6.05
N ILE B 343 23.32 -0.30 -6.72
CA ILE B 343 23.33 -0.53 -8.18
C ILE B 343 23.84 0.73 -8.90
N SER B 344 23.46 1.88 -8.37
CA SER B 344 23.91 3.16 -8.92
C SER B 344 25.28 3.59 -8.40
N ILE B 345 25.97 2.67 -7.72
CA ILE B 345 27.34 2.90 -7.24
C ILE B 345 28.31 1.95 -7.94
N THR B 346 27.94 0.67 -8.01
CA THR B 346 28.81 -0.36 -8.58
C THR B 346 28.91 -0.29 -10.10
N ASP B 347 29.82 -1.09 -10.67
CA ASP B 347 30.02 -1.17 -12.11
C ASP B 347 29.32 -2.41 -12.67
N GLY B 348 28.03 -2.55 -12.39
CA GLY B 348 27.25 -3.71 -12.83
C GLY B 348 26.83 -4.61 -11.68
N GLN B 349 26.04 -5.63 -11.97
CA GLN B 349 25.51 -6.53 -10.93
C GLN B 349 25.45 -7.98 -11.37
N ILE B 350 25.73 -8.89 -10.43
CA ILE B 350 25.45 -10.31 -10.60
C ILE B 350 24.14 -10.60 -9.85
N PHE B 351 23.07 -10.84 -10.60
CA PHE B 351 21.74 -10.97 -10.03
C PHE B 351 21.31 -12.43 -9.90
N LEU B 352 20.90 -12.81 -8.69
CA LEU B 352 20.44 -14.17 -8.41
C LEU B 352 18.95 -14.21 -8.14
N GLU B 353 18.31 -15.31 -8.51
CA GLU B 353 16.86 -15.44 -8.42
C GLU B 353 16.47 -16.78 -7.81
N THR B 354 15.51 -16.75 -6.87
CA THR B 354 15.02 -17.94 -6.18
C THR B 354 14.37 -18.94 -7.13
N GLU B 355 13.68 -18.42 -8.15
CA GLU B 355 13.00 -19.24 -9.15
C GLU B 355 13.99 -20.11 -9.94
N LEU B 356 15.13 -19.52 -10.31
CA LEU B 356 16.18 -20.22 -11.04
C LEU B 356 16.85 -21.30 -10.21
N PHE B 357 17.05 -21.04 -8.92
CA PHE B 357 17.70 -21.98 -8.02
C PHE B 357 16.89 -23.28 -7.86
N TYR B 358 15.58 -23.12 -7.71
CA TYR B 358 14.67 -24.24 -7.54
C TYR B 358 14.60 -25.17 -8.76
N LYS B 359 14.81 -24.59 -9.95
CA LYS B 359 14.73 -25.35 -11.20
C LYS B 359 15.98 -26.16 -11.52
N GLY B 360 17.06 -25.92 -10.79
CA GLY B 360 18.31 -26.64 -11.00
C GLY B 360 19.44 -25.78 -11.55
N ILE B 361 19.13 -24.54 -11.88
CA ILE B 361 20.14 -23.59 -12.35
C ILE B 361 20.96 -23.13 -11.15
N ARG B 362 22.14 -23.72 -11.00
CA ARG B 362 23.04 -23.42 -9.90
C ARG B 362 24.47 -23.31 -10.43
N PRO B 363 25.09 -22.12 -10.34
CA PRO B 363 24.61 -20.88 -9.70
C PRO B 363 23.33 -20.32 -10.31
N ALA B 364 22.52 -19.67 -9.47
CA ALA B 364 21.22 -19.15 -9.89
C ALA B 364 21.32 -17.77 -10.55
N ILE B 365 22.34 -17.59 -11.39
CA ILE B 365 22.61 -16.31 -12.04
C ILE B 365 21.66 -16.06 -13.20
N ASN B 366 21.00 -14.90 -13.19
CA ASN B 366 20.16 -14.46 -14.29
C ASN B 366 21.02 -13.74 -15.32
N VAL B 367 21.46 -14.47 -16.34
CA VAL B 367 22.37 -13.97 -17.38
C VAL B 367 21.79 -12.75 -18.11
N GLY B 368 20.48 -12.74 -18.31
CA GLY B 368 19.79 -11.63 -18.97
C GLY B 368 19.90 -10.30 -18.25
N LEU B 369 19.75 -10.33 -16.93
CA LEU B 369 19.75 -9.12 -16.11
C LEU B 369 21.13 -8.78 -15.51
N SER B 370 22.06 -9.73 -15.56
CA SER B 370 23.40 -9.53 -15.03
C SER B 370 24.29 -8.78 -16.02
N VAL B 371 24.97 -7.75 -15.53
CA VAL B 371 25.83 -6.90 -16.36
C VAL B 371 27.17 -6.65 -15.65
N SER B 372 28.24 -6.55 -16.44
CA SER B 372 29.55 -6.12 -15.95
C SER B 372 30.05 -4.97 -16.80
N ARG B 373 29.96 -3.75 -16.26
CA ARG B 373 30.15 -2.53 -17.04
C ARG B 373 31.56 -2.36 -17.61
N VAL B 374 32.56 -2.25 -16.74
CA VAL B 374 33.95 -2.06 -17.19
C VAL B 374 34.75 -3.36 -17.24
N GLY B 375 34.16 -4.44 -16.71
CA GLY B 375 34.85 -5.73 -16.61
C GLY B 375 35.06 -6.48 -17.91
N SER B 376 34.38 -6.04 -18.97
CA SER B 376 34.46 -6.69 -20.28
C SER B 376 35.85 -6.57 -20.91
N ALA B 377 36.54 -5.47 -20.61
CA ALA B 377 37.92 -5.27 -21.08
C ALA B 377 38.90 -6.19 -20.35
N ALA B 378 38.57 -6.51 -19.10
CA ALA B 378 39.37 -7.43 -18.30
C ALA B 378 38.86 -8.86 -18.43
N GLN B 379 39.16 -9.47 -19.58
CA GLN B 379 38.82 -10.86 -19.87
C GLN B 379 39.84 -11.39 -20.88
N THR B 380 40.36 -12.59 -20.61
CA THR B 380 41.41 -13.19 -21.45
C THR B 380 40.96 -13.36 -22.91
N ARG B 381 41.93 -13.31 -23.82
CA ARG B 381 41.66 -13.43 -25.26
C ARG B 381 40.96 -14.73 -25.63
N ALA B 382 41.33 -15.82 -24.93
CA ALA B 382 40.73 -17.13 -25.16
C ALA B 382 39.25 -17.18 -24.78
N MET B 383 38.94 -16.67 -23.59
CA MET B 383 37.57 -16.65 -23.09
C MET B 383 36.64 -15.78 -23.94
N LYS B 384 37.21 -14.71 -24.51
CA LYS B 384 36.46 -13.81 -25.38
C LYS B 384 36.11 -14.48 -26.71
N GLN B 385 36.90 -15.48 -27.09
CA GLN B 385 36.70 -16.21 -28.35
C GLN B 385 35.55 -17.21 -28.31
N VAL B 386 35.12 -17.58 -27.10
CA VAL B 386 34.02 -18.54 -26.93
C VAL B 386 32.78 -17.94 -26.26
N ALA B 387 33.01 -17.06 -25.28
CA ALA B 387 31.91 -16.45 -24.52
C ALA B 387 31.12 -15.44 -25.35
N GLY B 388 31.82 -14.76 -26.26
CA GLY B 388 31.20 -13.79 -27.15
C GLY B 388 30.08 -14.38 -27.98
N THR B 389 30.35 -15.53 -28.59
CA THR B 389 29.37 -16.26 -29.39
C THR B 389 28.35 -17.04 -28.55
N MET B 390 28.72 -17.38 -27.32
CA MET B 390 27.77 -17.97 -26.36
C MET B 390 26.78 -16.90 -25.87
N LYS B 391 27.29 -15.68 -25.68
CA LYS B 391 26.50 -14.54 -25.23
C LYS B 391 25.40 -14.22 -26.24
N LEU B 392 25.77 -14.21 -27.52
CA LEU B 392 24.86 -13.90 -28.60
C LEU B 392 23.78 -14.97 -28.77
N GLU B 393 24.19 -16.24 -28.67
CA GLU B 393 23.28 -17.37 -28.84
C GLU B 393 22.29 -17.49 -27.68
N LEU B 394 22.74 -17.12 -26.47
CA LEU B 394 21.84 -17.03 -25.31
C LEU B 394 20.89 -15.85 -25.43
N ALA B 395 21.39 -14.75 -25.99
CA ALA B 395 20.57 -13.57 -26.28
C ALA B 395 19.50 -13.88 -27.33
N GLN B 396 19.87 -14.67 -28.34
CA GLN B 396 18.93 -15.14 -29.36
C GLN B 396 17.86 -16.05 -28.77
N TYR B 397 18.27 -16.86 -27.80
CA TYR B 397 17.42 -17.86 -27.16
C TYR B 397 16.29 -17.29 -26.30
N ARG B 398 16.52 -16.10 -25.73
CA ARG B 398 15.59 -15.54 -24.73
C ARG B 398 14.26 -14.99 -25.24
N GLU B 399 14.20 -14.52 -26.49
CA GLU B 399 12.96 -13.97 -27.05
C GLU B 399 11.92 -15.03 -27.44
N VAL B 400 12.38 -16.26 -27.69
CA VAL B 400 11.48 -17.36 -28.05
C VAL B 400 11.08 -18.22 -26.85
N ALA B 401 11.97 -18.34 -25.87
CA ALA B 401 11.70 -19.10 -24.66
C ALA B 401 10.88 -18.28 -23.66
N LEU B 410 7.00 -23.91 -33.89
CA LEU B 410 8.45 -24.08 -33.83
C LEU B 410 9.01 -24.69 -35.11
N ASP B 411 9.55 -23.85 -35.98
CA ASP B 411 10.21 -24.30 -37.20
C ASP B 411 11.72 -24.46 -36.97
N ALA B 412 12.40 -25.08 -37.94
CA ALA B 412 13.83 -25.40 -37.84
C ALA B 412 14.73 -24.21 -37.48
N ALA B 413 14.29 -23.00 -37.81
CA ALA B 413 15.05 -21.78 -37.53
C ALA B 413 15.08 -21.44 -36.04
N THR B 414 13.90 -21.41 -35.41
CA THR B 414 13.76 -21.08 -34.00
C THR B 414 14.07 -22.26 -33.08
N GLN B 415 13.77 -23.47 -33.56
CA GLN B 415 14.00 -24.69 -32.78
C GLN B 415 15.49 -24.94 -32.55
N GLN B 416 16.31 -24.57 -33.52
CA GLN B 416 17.77 -24.67 -33.41
C GLN B 416 18.31 -23.73 -32.34
N LEU B 417 17.75 -22.52 -32.29
CA LEU B 417 18.13 -21.53 -31.27
C LEU B 417 17.68 -21.97 -29.88
N LEU B 418 16.53 -22.64 -29.82
CA LEU B 418 16.03 -23.24 -28.59
C LEU B 418 16.84 -24.47 -28.19
N SER B 419 17.33 -25.20 -29.19
CA SER B 419 18.18 -26.38 -28.96
C SER B 419 19.55 -25.98 -28.43
N ARG B 420 20.14 -24.95 -29.03
CA ARG B 420 21.43 -24.41 -28.61
C ARG B 420 21.33 -23.77 -27.22
N GLY B 421 20.22 -23.08 -26.97
CA GLY B 421 19.99 -22.39 -25.71
C GLY B 421 20.06 -23.27 -24.48
N VAL B 422 19.17 -24.26 -24.41
CA VAL B 422 19.10 -25.17 -23.25
C VAL B 422 20.40 -25.94 -23.01
N ARG B 423 21.12 -26.23 -24.09
CA ARG B 423 22.39 -26.94 -24.01
C ARG B 423 23.50 -26.07 -23.41
N LEU B 424 23.57 -24.82 -23.85
CA LEU B 424 24.55 -23.87 -23.30
C LEU B 424 24.23 -23.51 -21.85
N THR B 425 22.95 -23.55 -21.49
CA THR B 425 22.49 -23.31 -20.12
C THR B 425 23.01 -24.37 -19.16
N GLU B 426 23.05 -25.62 -19.60
CA GLU B 426 23.54 -26.74 -18.81
C GLU B 426 25.03 -26.61 -18.51
N LEU B 427 25.76 -26.00 -19.44
CA LEU B 427 27.19 -25.73 -19.25
C LEU B 427 27.44 -24.69 -18.17
N LEU B 428 26.49 -23.77 -18.00
CA LEU B 428 26.60 -22.72 -16.99
C LEU B 428 26.33 -23.23 -15.58
N LYS B 429 25.75 -24.43 -15.48
CA LYS B 429 25.54 -25.09 -14.20
C LYS B 429 26.87 -25.56 -13.62
N GLN B 430 27.07 -25.33 -12.33
CA GLN B 430 28.34 -25.64 -11.67
C GLN B 430 28.13 -26.02 -10.21
N GLY B 431 28.97 -26.94 -9.73
CA GLY B 431 28.98 -27.33 -8.32
C GLY B 431 29.77 -26.34 -7.47
N GLN B 432 29.73 -26.54 -6.15
CA GLN B 432 30.46 -25.71 -5.22
C GLN B 432 31.84 -26.25 -4.88
N TYR B 433 32.73 -25.34 -4.47
CA TYR B 433 34.06 -25.67 -3.94
C TYR B 433 35.04 -26.30 -4.96
N SER B 434 34.73 -26.13 -6.23
CA SER B 434 35.66 -26.50 -7.31
C SER B 434 35.72 -25.43 -8.41
N PRO B 435 36.21 -24.21 -8.05
CA PRO B 435 36.39 -23.16 -9.05
C PRO B 435 37.38 -23.59 -10.13
N MET B 436 36.97 -23.48 -11.39
CA MET B 436 37.75 -23.97 -12.52
C MET B 436 38.77 -22.96 -13.02
N ALA B 437 39.87 -23.47 -13.58
CA ALA B 437 40.86 -22.65 -14.25
C ALA B 437 40.30 -22.12 -15.57
N ILE B 438 40.82 -21.00 -16.04
CA ILE B 438 40.33 -20.33 -17.25
C ILE B 438 40.39 -21.23 -18.51
N GLU B 439 41.48 -21.97 -18.65
CA GLU B 439 41.69 -22.84 -19.80
C GLU B 439 40.77 -24.07 -19.81
N GLU B 440 40.36 -24.49 -18.61
CA GLU B 440 39.41 -25.60 -18.47
C GLU B 440 38.01 -25.12 -18.82
N GLN B 441 37.68 -23.90 -18.39
CA GLN B 441 36.41 -23.24 -18.72
C GLN B 441 36.29 -22.99 -20.22
N VAL B 442 37.38 -22.56 -20.84
CA VAL B 442 37.40 -22.24 -22.28
C VAL B 442 37.25 -23.49 -23.14
N ALA B 443 37.52 -24.65 -22.54
CA ALA B 443 37.39 -25.94 -23.23
C ALA B 443 35.95 -26.42 -23.28
N VAL B 444 35.23 -26.28 -22.18
CA VAL B 444 33.85 -26.76 -22.07
C VAL B 444 32.85 -25.88 -22.83
N ILE B 445 33.17 -24.59 -22.93
CA ILE B 445 32.35 -23.64 -23.71
C ILE B 445 32.63 -23.81 -25.21
N TYR B 446 33.88 -24.17 -25.53
CA TYR B 446 34.26 -24.50 -26.90
C TYR B 446 33.37 -25.60 -27.47
N ALA B 447 33.19 -26.67 -26.68
CA ALA B 447 32.38 -27.82 -27.09
C ALA B 447 30.92 -27.44 -27.35
N GLY B 448 30.36 -26.60 -26.49
CA GLY B 448 28.98 -26.15 -26.62
C GLY B 448 28.76 -25.23 -27.81
N VAL B 449 29.63 -24.22 -27.93
CA VAL B 449 29.52 -23.20 -28.97
C VAL B 449 29.74 -23.78 -30.38
N ARG B 450 30.74 -24.64 -30.52
CA ARG B 450 31.08 -25.22 -31.82
C ARG B 450 30.16 -26.37 -32.25
N GLY B 451 29.07 -26.56 -31.51
CA GLY B 451 28.01 -27.50 -31.89
C GLY B 451 28.37 -28.96 -31.77
N TYR B 452 28.96 -29.33 -30.64
CA TYR B 452 29.28 -30.73 -30.36
C TYR B 452 28.25 -31.36 -29.43
N LEU B 453 27.40 -30.52 -28.84
CA LEU B 453 26.36 -30.98 -27.92
C LEU B 453 25.01 -31.15 -28.62
N ASP B 454 24.88 -30.55 -29.80
CA ASP B 454 23.60 -30.47 -30.54
C ASP B 454 22.84 -31.80 -30.66
N LYS B 455 23.56 -32.89 -30.89
CA LYS B 455 22.94 -34.21 -31.08
C LYS B 455 22.73 -34.97 -29.78
N LEU B 456 23.32 -34.47 -28.70
CA LEU B 456 23.13 -35.03 -27.36
C LEU B 456 21.93 -34.38 -26.68
N GLU B 457 21.18 -35.18 -25.92
CA GLU B 457 20.01 -34.67 -25.19
C GLU B 457 20.41 -33.81 -23.98
N PRO B 458 19.63 -32.75 -23.71
CA PRO B 458 19.93 -31.73 -22.69
C PRO B 458 20.20 -32.27 -21.28
N SER B 459 19.51 -33.34 -20.90
CA SER B 459 19.57 -33.88 -19.53
C SER B 459 20.91 -34.53 -19.17
N LYS B 460 21.70 -34.89 -20.18
CA LYS B 460 22.95 -35.61 -19.95
C LYS B 460 24.19 -34.81 -20.33
N ILE B 461 24.01 -33.49 -20.53
CA ILE B 461 25.11 -32.59 -20.89
C ILE B 461 26.16 -32.49 -19.77
N THR B 462 25.69 -32.41 -18.53
CA THR B 462 26.56 -32.38 -17.35
C THR B 462 27.50 -33.59 -17.32
N LYS B 463 26.93 -34.78 -17.53
CA LYS B 463 27.70 -36.02 -17.59
C LYS B 463 28.77 -35.97 -18.68
N PHE B 464 28.41 -35.40 -19.83
CA PHE B 464 29.37 -35.20 -20.93
C PHE B 464 30.46 -34.23 -20.52
N GLU B 465 30.07 -33.14 -19.87
CA GLU B 465 30.99 -32.09 -19.45
C GLU B 465 32.06 -32.63 -18.49
N ASN B 466 31.63 -33.44 -17.52
CA ASN B 466 32.54 -34.06 -16.56
C ASN B 466 33.50 -35.05 -17.22
N ALA B 467 32.95 -35.90 -18.09
CA ALA B 467 33.75 -36.92 -18.79
C ALA B 467 34.73 -36.30 -19.78
N PHE B 468 34.31 -35.22 -20.44
CA PHE B 468 35.16 -34.50 -21.40
C PHE B 468 36.29 -33.77 -20.68
N LEU B 469 35.96 -33.15 -19.54
CA LEU B 469 36.92 -32.39 -18.75
C LEU B 469 37.99 -33.28 -18.12
N SER B 470 37.57 -34.42 -17.57
CA SER B 470 38.50 -35.38 -16.98
C SER B 470 39.39 -36.02 -18.03
N HIS B 471 38.92 -36.02 -19.28
CA HIS B 471 39.69 -36.53 -20.42
C HIS B 471 40.79 -35.59 -20.81
N VAL B 472 40.47 -34.31 -20.93
CA VAL B 472 41.46 -33.31 -21.39
C VAL B 472 42.53 -32.98 -20.35
N ILE B 473 42.19 -33.13 -19.08
CA ILE B 473 43.15 -32.92 -18.00
C ILE B 473 44.09 -34.12 -17.88
N SER B 474 43.56 -35.31 -18.17
CA SER B 474 44.34 -36.54 -18.12
C SER B 474 45.22 -36.73 -19.35
N GLN B 475 44.68 -36.41 -20.53
CA GLN B 475 45.36 -36.68 -21.80
C GLN B 475 46.12 -35.48 -22.37
N HIS B 476 45.52 -34.29 -22.26
CA HIS B 476 46.04 -33.12 -22.96
C HIS B 476 46.42 -31.98 -22.06
N GLN B 477 47.38 -32.23 -21.17
CA GLN B 477 47.95 -31.17 -20.33
C GLN B 477 48.86 -30.26 -21.16
N ALA B 478 49.26 -30.75 -22.33
CA ALA B 478 50.07 -29.98 -23.27
C ALA B 478 49.29 -28.83 -23.89
N LEU B 479 47.99 -29.02 -24.10
CA LEU B 479 47.15 -28.01 -24.72
C LEU B 479 46.54 -27.06 -23.70
N LEU B 480 46.19 -27.59 -22.52
CA LEU B 480 45.66 -26.76 -21.44
C LEU B 480 46.71 -25.80 -20.91
N GLY B 481 47.96 -26.25 -20.84
CA GLY B 481 49.09 -25.39 -20.49
C GLY B 481 49.48 -24.45 -21.61
N LYS B 482 49.09 -24.79 -22.84
CA LYS B 482 49.37 -23.97 -24.02
C LYS B 482 48.45 -22.75 -24.10
N ILE B 483 47.15 -22.97 -23.86
CA ILE B 483 46.14 -21.90 -23.91
C ILE B 483 46.31 -20.91 -22.76
N ARG B 484 46.61 -21.42 -21.56
CA ARG B 484 46.75 -20.60 -20.36
C ARG B 484 47.91 -19.61 -20.45
N THR B 485 49.04 -20.06 -21.01
CA THR B 485 50.24 -19.23 -21.15
C THR B 485 50.04 -18.15 -22.22
N ASP B 486 49.49 -18.55 -23.37
CA ASP B 486 49.20 -17.64 -24.47
C ASP B 486 48.00 -16.75 -24.19
N GLY B 487 47.08 -17.27 -23.37
CA GLY B 487 45.81 -16.59 -23.09
C GLY B 487 44.92 -16.51 -24.31
N LYS B 488 45.24 -17.33 -25.32
CA LYS B 488 44.65 -17.22 -26.65
C LYS B 488 44.53 -18.57 -27.34
N ILE B 489 43.52 -18.70 -28.20
CA ILE B 489 43.38 -19.86 -29.08
C ILE B 489 43.68 -19.45 -30.52
N SER B 490 44.85 -19.87 -31.01
CA SER B 490 45.28 -19.56 -32.38
C SER B 490 44.95 -20.72 -33.32
N GLU B 491 45.35 -20.58 -34.59
CA GLU B 491 45.19 -21.64 -35.60
C GLU B 491 45.79 -22.96 -35.12
N GLU B 492 46.93 -22.86 -34.42
CA GLU B 492 47.63 -23.99 -33.84
C GLU B 492 46.75 -24.79 -32.89
N SER B 493 46.05 -24.10 -31.99
CA SER B 493 45.26 -24.74 -30.95
C SER B 493 43.80 -25.01 -31.34
N ASP B 494 43.27 -24.22 -32.27
CA ASP B 494 41.87 -24.35 -32.70
C ASP B 494 41.63 -25.69 -33.40
N ALA B 495 42.49 -26.00 -34.37
CA ALA B 495 42.44 -27.28 -35.08
C ALA B 495 42.89 -28.44 -34.19
N LYS B 496 43.74 -28.12 -33.21
CA LYS B 496 44.21 -29.08 -32.22
C LYS B 496 43.07 -29.49 -31.28
N LEU B 497 42.23 -28.52 -30.93
CA LEU B 497 41.08 -28.74 -30.06
C LEU B 497 39.90 -29.32 -30.84
N LYS B 498 39.93 -29.17 -32.16
CA LYS B 498 38.89 -29.72 -33.04
C LYS B 498 38.97 -31.25 -33.09
N GLU B 499 40.20 -31.77 -33.21
CA GLU B 499 40.44 -33.22 -33.23
C GLU B 499 40.14 -33.88 -31.89
N ILE B 500 40.39 -33.16 -30.80
CA ILE B 500 40.18 -33.67 -29.44
C ILE B 500 38.70 -33.90 -29.12
N VAL B 501 37.87 -32.90 -29.42
CA VAL B 501 36.43 -32.97 -29.12
C VAL B 501 35.69 -33.93 -30.05
N THR B 502 35.98 -33.85 -31.35
CA THR B 502 35.34 -34.70 -32.36
C THR B 502 35.57 -36.19 -32.09
N ASN B 503 36.82 -36.56 -31.79
CA ASN B 503 37.16 -37.94 -31.47
C ASN B 503 36.55 -38.44 -30.17
N PHE B 504 36.48 -37.56 -29.18
CA PHE B 504 35.89 -37.89 -27.88
C PHE B 504 34.37 -38.08 -27.99
N LEU B 505 33.73 -37.21 -28.78
CA LEU B 505 32.28 -37.26 -28.98
C LEU B 505 31.83 -38.57 -29.64
N ALA B 506 32.65 -39.07 -30.57
CA ALA B 506 32.42 -40.38 -31.19
C ALA B 506 32.55 -41.50 -30.17
N GLY B 507 33.47 -41.31 -29.22
CA GLY B 507 33.66 -42.26 -28.12
C GLY B 507 32.54 -42.21 -27.10
N PHE B 508 32.11 -41.00 -26.75
CA PHE B 508 31.01 -40.78 -25.81
C PHE B 508 29.71 -41.29 -26.41
N GLU B 509 29.10 -42.28 -25.77
CA GLU B 509 27.91 -42.92 -26.30
C GLU B 509 26.83 -43.13 -25.23
N ALA B 510 26.87 -42.30 -24.19
CA ALA B 510 25.85 -42.30 -23.12
C ALA B 510 25.74 -40.95 -22.45
N ASP C 24 14.05 53.03 20.58
CA ASP C 24 12.63 52.96 20.12
C ASP C 24 12.28 51.55 19.66
N LEU C 25 11.93 50.69 20.62
CA LEU C 25 11.62 49.28 20.33
C LEU C 25 10.14 49.03 20.06
N GLU C 26 9.33 50.09 20.08
CA GLU C 26 7.91 49.98 19.78
C GLU C 26 7.64 50.08 18.28
N GLU C 27 8.46 50.87 17.59
CA GLU C 27 8.30 51.08 16.14
C GLU C 27 9.41 50.42 15.33
N THR C 28 10.56 50.19 15.96
CA THR C 28 11.69 49.53 15.30
C THR C 28 12.15 48.28 16.07
N GLY C 29 12.86 47.41 15.39
CA GLY C 29 13.39 46.18 15.99
C GLY C 29 14.83 45.90 15.60
N ARG C 30 15.38 44.83 16.18
CA ARG C 30 16.73 44.38 15.86
C ARG C 30 16.74 42.88 15.57
N VAL C 31 17.37 42.49 14.47
CA VAL C 31 17.45 41.08 14.07
C VAL C 31 18.29 40.28 15.07
N LEU C 32 17.69 39.21 15.60
CA LEU C 32 18.39 38.29 16.50
C LEU C 32 19.09 37.20 15.71
N SER C 33 18.36 36.60 14.77
CA SER C 33 18.88 35.53 13.93
C SER C 33 18.25 35.58 12.55
N ILE C 34 19.00 35.17 11.54
CA ILE C 34 18.50 35.13 10.17
C ILE C 34 18.99 33.88 9.43
N GLY C 35 18.04 33.11 8.90
CA GLY C 35 18.34 31.91 8.14
C GLY C 35 17.12 31.40 7.41
N ASP C 36 17.34 30.88 6.20
CA ASP C 36 16.31 30.26 5.36
C ASP C 36 15.05 31.12 5.16
N GLY C 37 15.26 32.41 4.89
CA GLY C 37 14.16 33.35 4.65
C GLY C 37 13.38 33.75 5.89
N ILE C 38 13.88 33.38 7.05
CA ILE C 38 13.21 33.68 8.32
C ILE C 38 14.10 34.55 9.20
N ALA C 39 13.57 35.70 9.61
CA ALA C 39 14.28 36.60 10.52
C ALA C 39 13.55 36.66 11.85
N ARG C 40 14.24 36.24 12.90
CA ARG C 40 13.76 36.42 14.27
C ARG C 40 14.17 37.80 14.74
N VAL C 41 13.19 38.64 15.03
CA VAL C 41 13.43 40.05 15.37
C VAL C 41 13.03 40.36 16.82
N HIS C 42 13.96 40.99 17.54
CA HIS C 42 13.70 41.50 18.89
C HIS C 42 13.20 42.91 18.82
N GLY C 43 12.11 43.17 19.54
CA GLY C 43 11.48 44.49 19.54
C GLY C 43 10.19 44.52 18.75
N LEU C 44 10.00 45.60 17.99
CA LEU C 44 8.78 45.83 17.20
C LEU C 44 7.51 45.57 18.02
N ARG C 45 7.45 46.17 19.21
CA ARG C 45 6.39 45.88 20.18
C ARG C 45 4.99 46.31 19.75
N ASN C 46 4.91 47.21 18.77
CA ASN C 46 3.63 47.68 18.26
C ASN C 46 3.29 47.16 16.86
N VAL C 47 4.12 46.25 16.35
CA VAL C 47 3.87 45.64 15.04
C VAL C 47 2.63 44.75 15.08
N GLN C 48 1.84 44.81 14.00
CA GLN C 48 0.61 44.04 13.90
C GLN C 48 0.88 42.68 13.28
N ALA C 49 -0.03 41.74 13.50
CA ALA C 49 0.04 40.44 12.85
C ALA C 49 -0.23 40.63 11.36
N GLU C 50 0.61 40.02 10.52
CA GLU C 50 0.52 40.13 9.06
C GLU C 50 0.87 41.53 8.51
N GLU C 51 1.60 42.31 9.31
CA GLU C 51 2.06 43.64 8.90
C GLU C 51 3.37 43.57 8.11
N MET C 52 3.54 44.49 7.17
CA MET C 52 4.76 44.55 6.38
C MET C 52 5.82 45.41 7.07
N VAL C 53 7.03 44.86 7.21
CA VAL C 53 8.17 45.56 7.80
C VAL C 53 9.32 45.69 6.82
N GLU C 54 10.13 46.74 6.98
CA GLU C 54 11.27 46.98 6.10
C GLU C 54 12.59 46.72 6.81
N PHE C 55 13.53 46.11 6.08
CA PHE C 55 14.87 45.83 6.60
C PHE C 55 15.86 46.96 6.30
N SER C 56 17.01 46.90 6.95
CA SER C 56 18.10 47.85 6.76
C SER C 56 18.48 48.03 5.29
N SER C 57 18.56 46.92 4.57
CA SER C 57 18.97 46.90 3.16
C SER C 57 17.85 47.30 2.19
N GLY C 58 16.65 47.50 2.72
CA GLY C 58 15.49 47.92 1.92
C GLY C 58 14.54 46.79 1.59
N LEU C 59 14.93 45.56 1.93
CA LEU C 59 14.11 44.37 1.71
C LEU C 59 12.86 44.37 2.58
N LYS C 60 11.75 43.92 2.01
CA LYS C 60 10.47 43.87 2.71
C LYS C 60 10.29 42.51 3.39
N GLY C 61 9.56 42.51 4.51
CA GLY C 61 9.24 41.30 5.25
C GLY C 61 7.88 41.36 5.91
N MET C 62 7.24 40.20 6.04
CA MET C 62 5.90 40.12 6.65
C MET C 62 5.94 39.43 8.00
N SER C 63 5.35 40.08 9.00
CA SER C 63 5.35 39.55 10.36
C SER C 63 4.22 38.54 10.54
N LEU C 64 4.57 37.26 10.57
CA LEU C 64 3.58 36.19 10.66
C LEU C 64 3.54 35.52 12.02
N ASN C 65 4.68 35.51 12.70
CA ASN C 65 4.75 35.01 14.07
C ASN C 65 4.99 36.12 15.08
N LEU C 66 4.08 36.25 16.05
CA LEU C 66 4.23 37.20 17.15
C LEU C 66 4.38 36.46 18.47
N GLU C 67 5.62 36.14 18.82
CA GLU C 67 5.93 35.44 20.06
C GLU C 67 6.26 36.43 21.18
N PRO C 68 6.21 35.99 22.45
CA PRO C 68 6.48 36.90 23.58
C PRO C 68 7.88 37.52 23.60
N ASP C 69 8.85 36.83 23.00
CA ASP C 69 10.25 37.27 23.04
C ASP C 69 10.83 37.64 21.67
N ASN C 70 10.05 37.39 20.61
CA ASN C 70 10.52 37.63 19.24
C ASN C 70 9.38 37.79 18.22
N VAL C 71 9.74 38.25 17.02
CA VAL C 71 8.81 38.30 15.89
C VAL C 71 9.41 37.54 14.72
N GLY C 72 8.71 36.52 14.24
CA GLY C 72 9.13 35.74 13.08
C GLY C 72 8.71 36.43 11.80
N VAL C 73 9.68 36.86 11.02
CA VAL C 73 9.44 37.60 9.79
C VAL C 73 9.88 36.80 8.57
N VAL C 74 8.95 36.58 7.64
CA VAL C 74 9.27 35.92 6.37
C VAL C 74 9.83 36.94 5.39
N VAL C 75 10.90 36.56 4.69
CA VAL C 75 11.65 37.50 3.84
C VAL C 75 11.24 37.43 2.36
N PHE C 76 10.99 38.60 1.78
CA PHE C 76 10.61 38.74 0.38
C PHE C 76 11.84 38.93 -0.50
N GLY C 77 12.75 37.96 -0.46
CA GLY C 77 13.97 38.00 -1.26
C GLY C 77 15.12 37.27 -0.61
N ASN C 78 16.33 37.53 -1.09
CA ASN C 78 17.55 36.95 -0.54
C ASN C 78 17.81 37.45 0.88
N ASP C 79 18.42 36.60 1.72
CA ASP C 79 18.72 36.98 3.10
C ASP C 79 20.21 37.17 3.40
N LYS C 80 21.04 37.23 2.37
CA LYS C 80 22.45 37.55 2.53
C LYS C 80 22.64 39.02 2.90
N LEU C 81 21.62 39.83 2.57
CA LEU C 81 21.63 41.27 2.84
C LEU C 81 21.06 41.57 4.23
N ILE C 82 20.73 40.52 4.98
CA ILE C 82 20.24 40.65 6.35
C ILE C 82 21.24 39.98 7.29
N LYS C 83 21.71 40.73 8.27
CA LYS C 83 22.68 40.24 9.24
C LYS C 83 22.12 40.38 10.66
N GLU C 84 22.80 39.76 11.62
CA GLU C 84 22.45 39.93 13.03
C GLU C 84 22.74 41.37 13.47
N GLY C 85 21.78 41.99 14.13
CA GLY C 85 21.92 43.36 14.60
C GLY C 85 21.33 44.41 13.68
N ASP C 86 20.93 43.99 12.48
CA ASP C 86 20.26 44.87 11.52
C ASP C 86 18.98 45.46 12.10
N ILE C 87 18.70 46.71 11.73
CA ILE C 87 17.50 47.40 12.22
C ILE C 87 16.29 47.13 11.33
N VAL C 88 15.17 46.81 11.96
CA VAL C 88 13.91 46.56 11.25
C VAL C 88 12.91 47.66 11.60
N LYS C 89 12.22 48.17 10.60
CA LYS C 89 11.30 49.30 10.79
C LYS C 89 9.86 48.97 10.40
N ARG C 90 8.91 49.59 11.09
CA ARG C 90 7.50 49.47 10.77
C ARG C 90 7.11 50.38 9.61
N THR C 91 6.14 49.92 8.82
CA THR C 91 5.55 50.72 7.74
C THR C 91 4.13 51.13 8.15
N GLY C 92 3.52 50.32 9.03
CA GLY C 92 2.20 50.60 9.58
C GLY C 92 1.07 50.24 8.63
N ALA C 93 1.28 49.22 7.81
CA ALA C 93 0.29 48.79 6.82
C ALA C 93 0.44 47.31 6.44
N ILE C 94 -0.67 46.71 6.04
CA ILE C 94 -0.69 45.36 5.47
C ILE C 94 -0.35 45.49 3.98
N VAL C 95 -0.07 44.37 3.32
CA VAL C 95 0.36 44.37 1.91
C VAL C 95 -0.77 44.76 0.95
N ASP C 96 -0.44 45.62 0.00
CA ASP C 96 -1.38 46.00 -1.07
C ASP C 96 -0.70 45.96 -2.44
N VAL C 97 -1.53 45.93 -3.49
CA VAL C 97 -1.03 45.86 -4.87
C VAL C 97 -1.74 46.89 -5.76
N PRO C 98 -1.09 47.32 -6.86
CA PRO C 98 -1.74 48.24 -7.80
C PRO C 98 -2.95 47.59 -8.46
N VAL C 99 -3.92 48.41 -8.86
CA VAL C 99 -5.19 47.91 -9.37
C VAL C 99 -5.75 48.79 -10.50
N GLY C 100 -6.46 48.15 -11.43
CA GLY C 100 -7.11 48.87 -12.52
C GLY C 100 -6.77 48.38 -13.92
N GLU C 101 -7.38 49.02 -14.92
CA GLU C 101 -7.23 48.65 -16.32
C GLU C 101 -5.88 49.01 -16.92
N GLU C 102 -5.03 49.67 -16.12
CA GLU C 102 -3.67 50.02 -16.54
C GLU C 102 -2.73 48.81 -16.49
N LEU C 103 -3.19 47.74 -15.84
CA LEU C 103 -2.42 46.50 -15.71
C LEU C 103 -2.59 45.57 -16.92
N LEU C 104 -3.59 45.86 -17.75
CA LEU C 104 -3.87 45.07 -18.94
C LEU C 104 -2.73 45.21 -19.94
N GLY C 105 -2.18 44.08 -20.37
CA GLY C 105 -1.05 44.04 -21.30
C GLY C 105 0.29 43.95 -20.62
N ARG C 106 0.30 44.00 -19.28
CA ARG C 106 1.53 44.05 -18.51
C ARG C 106 1.85 42.74 -17.80
N VAL C 107 3.14 42.45 -17.62
CA VAL C 107 3.61 41.32 -16.84
C VAL C 107 4.18 41.86 -15.52
N VAL C 108 3.57 41.49 -14.41
CA VAL C 108 3.99 41.98 -13.09
C VAL C 108 4.40 40.85 -12.15
N ASP C 109 5.13 41.20 -11.08
CA ASP C 109 5.48 40.25 -10.03
C ASP C 109 4.39 40.18 -8.95
N ALA C 110 4.71 39.52 -7.85
CA ALA C 110 3.75 39.29 -6.76
C ALA C 110 3.27 40.57 -6.10
N LEU C 111 4.13 41.59 -6.07
CA LEU C 111 3.79 42.86 -5.44
C LEU C 111 3.16 43.86 -6.42
N GLY C 112 3.12 43.48 -7.70
CA GLY C 112 2.54 44.33 -8.74
C GLY C 112 3.54 45.26 -9.42
N ASN C 113 4.83 45.01 -9.21
CA ASN C 113 5.90 45.73 -9.91
C ASN C 113 6.09 45.16 -11.31
N ALA C 114 6.13 46.03 -12.32
CA ALA C 114 6.30 45.62 -13.71
C ALA C 114 7.64 44.94 -13.94
N ILE C 115 7.61 43.77 -14.60
CA ILE C 115 8.82 43.03 -14.92
C ILE C 115 8.98 42.77 -16.43
N ASP C 116 8.08 43.36 -17.21
CA ASP C 116 8.14 43.26 -18.67
C ASP C 116 9.03 44.35 -19.28
N GLY C 117 9.46 45.30 -18.45
CA GLY C 117 10.37 46.37 -18.86
C GLY C 117 9.74 47.40 -19.79
N LYS C 118 8.41 47.45 -19.81
CA LYS C 118 7.67 48.34 -20.70
C LYS C 118 7.27 49.66 -20.03
N GLY C 119 7.81 49.90 -18.84
CA GLY C 119 7.58 51.15 -18.12
C GLY C 119 6.85 50.99 -16.80
N PRO C 120 6.44 52.12 -16.20
CA PRO C 120 5.71 52.08 -14.93
C PRO C 120 4.20 51.91 -15.12
N ILE C 121 3.59 51.11 -14.26
CA ILE C 121 2.13 50.93 -14.26
C ILE C 121 1.48 52.22 -13.79
N GLY C 122 0.80 52.90 -14.71
CA GLY C 122 0.16 54.18 -14.40
C GLY C 122 -1.16 54.04 -13.66
N SER C 123 -1.16 53.19 -12.63
CA SER C 123 -2.36 52.86 -11.87
C SER C 123 -2.73 53.98 -10.90
N LYS C 124 -4.03 54.27 -10.82
CA LYS C 124 -4.55 55.34 -9.95
C LYS C 124 -5.23 54.80 -8.68
N ALA C 125 -5.09 53.50 -8.43
CA ALA C 125 -5.73 52.87 -7.27
C ALA C 125 -4.92 51.72 -6.69
N ARG C 126 -5.07 51.50 -5.39
CA ARG C 126 -4.43 50.40 -4.68
C ARG C 126 -5.50 49.56 -3.99
N ARG C 127 -5.20 48.29 -3.73
CA ARG C 127 -6.14 47.40 -3.04
C ARG C 127 -5.41 46.38 -2.15
N ARG C 128 -5.95 46.17 -0.95
CA ARG C 128 -5.42 45.20 0.00
C ARG C 128 -5.55 43.77 -0.55
N VAL C 129 -4.52 42.95 -0.30
CA VAL C 129 -4.48 41.59 -0.82
C VAL C 129 -5.29 40.59 0.03
N GLY C 130 -5.51 40.92 1.30
CA GLY C 130 -6.19 40.03 2.24
C GLY C 130 -7.65 40.35 2.51
N LEU C 131 -8.30 41.03 1.57
CA LEU C 131 -9.73 41.36 1.71
C LEU C 131 -10.60 40.11 1.61
N LYS C 132 -11.57 39.99 2.51
CA LYS C 132 -12.40 38.79 2.58
C LYS C 132 -13.54 38.79 1.56
N ALA C 133 -13.98 37.59 1.20
CA ALA C 133 -15.02 37.34 0.21
C ALA C 133 -16.34 38.06 0.53
N PRO C 134 -17.12 38.37 -0.52
CA PRO C 134 -18.48 38.88 -0.30
C PRO C 134 -19.33 37.85 0.43
N GLY C 135 -20.18 38.32 1.35
CA GLY C 135 -21.06 37.45 2.11
C GLY C 135 -22.21 36.93 1.29
N ILE C 136 -23.24 36.42 1.97
CA ILE C 136 -24.42 35.87 1.33
C ILE C 136 -25.16 36.95 0.51
N ILE C 137 -25.47 38.07 1.17
CA ILE C 137 -26.29 39.15 0.60
C ILE C 137 -25.86 39.69 -0.77
N PRO C 138 -24.59 40.11 -0.93
CA PRO C 138 -24.18 40.79 -2.17
C PRO C 138 -24.09 39.90 -3.41
N ARG C 139 -24.46 38.62 -3.27
CA ARG C 139 -24.37 37.66 -4.37
C ARG C 139 -25.71 37.42 -5.06
N ILE C 140 -25.65 36.85 -6.26
CA ILE C 140 -26.82 36.40 -7.01
C ILE C 140 -26.45 35.14 -7.78
N SER C 141 -27.46 34.34 -8.15
CA SER C 141 -27.25 33.10 -8.89
C SER C 141 -26.44 33.33 -10.17
N VAL C 142 -25.54 32.39 -10.46
CA VAL C 142 -24.75 32.40 -11.69
C VAL C 142 -25.67 32.16 -12.88
N ARG C 143 -25.70 33.12 -13.80
CA ARG C 143 -26.67 33.11 -14.90
C ARG C 143 -26.08 33.50 -16.26
N GLU C 144 -24.78 33.76 -16.29
CA GLU C 144 -24.08 34.17 -17.51
C GLU C 144 -23.07 33.11 -17.91
N PRO C 145 -23.02 32.76 -19.21
CA PRO C 145 -22.08 31.75 -19.71
C PRO C 145 -20.64 32.25 -19.81
N MET C 146 -19.70 31.46 -19.29
CA MET C 146 -18.28 31.73 -19.43
C MET C 146 -17.69 30.76 -20.45
N GLN C 147 -17.78 31.14 -21.73
CA GLN C 147 -17.41 30.25 -22.84
C GLN C 147 -15.90 30.07 -22.95
N THR C 148 -15.47 28.82 -23.01
CA THR C 148 -14.04 28.50 -23.14
C THR C 148 -13.64 28.30 -24.60
N GLY C 149 -14.60 27.87 -25.42
CA GLY C 149 -14.33 27.56 -26.83
C GLY C 149 -13.99 26.10 -27.05
N ILE C 150 -13.88 25.35 -25.96
CA ILE C 150 -13.56 23.93 -26.00
C ILE C 150 -14.86 23.11 -25.90
N LYS C 151 -15.16 22.39 -26.98
CA LYS C 151 -16.41 21.63 -27.10
C LYS C 151 -16.76 20.81 -25.86
N ALA C 152 -15.77 20.04 -25.36
CA ALA C 152 -15.97 19.16 -24.22
C ALA C 152 -16.27 19.92 -22.93
N VAL C 153 -15.78 21.15 -22.83
CA VAL C 153 -16.03 21.98 -21.66
C VAL C 153 -17.40 22.68 -21.76
N ASP C 154 -17.60 23.44 -22.83
CA ASP C 154 -18.82 24.23 -22.98
C ASP C 154 -20.10 23.39 -23.06
N SER C 155 -19.94 22.10 -23.36
CA SER C 155 -21.08 21.18 -23.48
C SER C 155 -21.31 20.32 -22.25
N LEU C 156 -20.23 19.71 -21.75
CA LEU C 156 -20.34 18.72 -20.67
C LEU C 156 -19.91 19.22 -19.29
N VAL C 157 -19.00 20.19 -19.25
CA VAL C 157 -18.59 20.85 -18.01
C VAL C 157 -18.73 22.38 -18.11
N PRO C 158 -19.96 22.89 -18.32
CA PRO C 158 -20.14 24.32 -18.58
C PRO C 158 -19.77 25.22 -17.41
N ILE C 159 -19.02 26.28 -17.70
CA ILE C 159 -18.60 27.23 -16.67
C ILE C 159 -19.41 28.52 -16.78
N GLY C 160 -19.81 29.06 -15.63
CA GLY C 160 -20.54 30.31 -15.55
C GLY C 160 -19.72 31.42 -14.91
N ARG C 161 -20.12 32.66 -15.18
CA ARG C 161 -19.39 33.82 -14.67
C ARG C 161 -19.58 34.01 -13.17
N GLY C 162 -18.50 33.86 -12.42
CA GLY C 162 -18.51 33.91 -10.97
C GLY C 162 -18.30 32.55 -10.35
N GLN C 163 -18.07 31.54 -11.19
CA GLN C 163 -17.90 30.16 -10.74
C GLN C 163 -16.44 29.82 -10.45
N ARG C 164 -16.24 28.74 -9.70
CA ARG C 164 -14.91 28.18 -9.45
C ARG C 164 -14.83 26.80 -10.09
N GLU C 165 -13.98 26.67 -11.12
CA GLU C 165 -13.84 25.41 -11.84
C GLU C 165 -12.39 24.94 -11.84
N LEU C 166 -12.15 23.81 -11.20
CA LEU C 166 -10.81 23.24 -11.09
C LEU C 166 -10.35 22.55 -12.39
N ILE C 167 -9.07 22.72 -12.71
CA ILE C 167 -8.42 21.98 -13.80
C ILE C 167 -7.39 21.07 -13.16
N ILE C 168 -7.70 19.78 -13.10
CA ILE C 168 -6.87 18.82 -12.37
C ILE C 168 -6.39 17.66 -13.25
N GLY C 169 -5.15 17.24 -13.03
CA GLY C 169 -4.56 16.13 -13.76
C GLY C 169 -3.06 16.08 -13.59
N ASP C 170 -2.45 14.97 -14.03
CA ASP C 170 -1.01 14.78 -13.95
C ASP C 170 -0.26 15.79 -14.82
N ARG C 171 1.06 15.79 -14.72
CA ARG C 171 1.92 16.61 -15.57
C ARG C 171 1.71 16.27 -17.05
N GLN C 172 1.73 17.31 -17.88
CA GLN C 172 1.64 17.18 -19.36
C GLN C 172 0.34 16.55 -19.87
N THR C 173 -0.75 16.78 -19.14
CA THR C 173 -2.07 16.29 -19.54
C THR C 173 -2.86 17.34 -20.34
N GLY C 174 -2.41 18.59 -20.28
CA GLY C 174 -3.02 19.69 -21.03
C GLY C 174 -3.70 20.75 -20.17
N LYS C 175 -3.37 20.78 -18.88
CA LYS C 175 -4.01 21.68 -17.91
C LYS C 175 -3.89 23.16 -18.30
N THR C 176 -2.65 23.64 -18.42
CA THR C 176 -2.37 25.02 -18.82
C THR C 176 -3.09 25.37 -20.12
N SER C 177 -3.08 24.43 -21.06
CA SER C 177 -3.65 24.64 -22.40
C SER C 177 -5.16 24.87 -22.41
N ILE C 178 -5.86 24.32 -21.42
CA ILE C 178 -7.29 24.60 -21.23
C ILE C 178 -7.45 26.08 -20.89
N ALA C 179 -6.66 26.54 -19.93
CA ALA C 179 -6.70 27.93 -19.48
C ALA C 179 -6.32 28.91 -20.59
N ILE C 180 -5.31 28.56 -21.37
CA ILE C 180 -4.80 29.41 -22.45
C ILE C 180 -5.85 29.58 -23.55
N ASP C 181 -6.42 28.46 -23.99
CA ASP C 181 -7.48 28.48 -25.02
C ASP C 181 -8.71 29.27 -24.56
N THR C 182 -9.00 29.21 -23.27
CA THR C 182 -10.09 29.99 -22.67
C THR C 182 -9.83 31.48 -22.77
N ILE C 183 -8.57 31.88 -22.52
CA ILE C 183 -8.16 33.28 -22.61
C ILE C 183 -8.26 33.79 -24.05
N ILE C 184 -7.73 33.01 -24.99
CA ILE C 184 -7.74 33.35 -26.42
C ILE C 184 -9.18 33.51 -26.93
N ASN C 185 -10.08 32.67 -26.45
CA ASN C 185 -11.49 32.69 -26.85
C ASN C 185 -12.20 34.01 -26.58
N GLN C 186 -11.72 34.76 -25.60
CA GLN C 186 -12.38 35.99 -25.17
C GLN C 186 -12.22 37.15 -26.15
N LYS C 187 -11.22 37.05 -27.03
CA LYS C 187 -10.96 38.07 -28.06
C LYS C 187 -12.22 38.41 -28.86
N ARG C 188 -13.01 37.38 -29.16
CA ARG C 188 -14.27 37.52 -29.90
C ARG C 188 -15.28 38.41 -29.15
N PHE C 189 -15.26 38.32 -27.82
CA PHE C 189 -16.15 39.12 -26.97
C PHE C 189 -15.59 40.53 -26.73
N ASN C 190 -14.28 40.61 -26.58
CA ASN C 190 -13.61 41.87 -26.27
C ASN C 190 -13.41 42.80 -27.47
N ASP C 191 -13.50 42.24 -28.67
CA ASP C 191 -13.45 43.03 -29.91
C ASP C 191 -14.82 43.56 -30.30
N GLY C 192 -15.86 43.04 -29.66
CA GLY C 192 -17.24 43.43 -29.94
C GLY C 192 -17.66 44.70 -29.23
N THR C 193 -18.94 45.07 -29.39
CA THR C 193 -19.50 46.28 -28.81
C THR C 193 -20.22 46.01 -27.49
N ASP C 194 -20.81 44.82 -27.38
CA ASP C 194 -21.52 44.37 -26.18
C ASP C 194 -20.57 44.28 -24.99
N GLU C 195 -20.82 45.10 -23.97
CA GLU C 195 -19.87 45.28 -22.86
C GLU C 195 -20.00 44.27 -21.71
N LYS C 196 -21.23 43.87 -21.38
CA LYS C 196 -21.45 42.85 -20.35
C LYS C 196 -21.15 41.44 -20.87
N LYS C 197 -20.86 41.35 -22.16
CA LYS C 197 -20.45 40.12 -22.82
C LYS C 197 -18.94 39.94 -22.67
N LYS C 198 -18.24 41.02 -22.30
CA LYS C 198 -16.77 41.03 -22.23
C LYS C 198 -16.20 40.30 -21.03
N LEU C 199 -14.91 39.96 -21.12
CA LEU C 199 -14.20 39.26 -20.04
C LEU C 199 -12.72 39.63 -20.04
N TYR C 200 -12.24 40.07 -18.88
CA TYR C 200 -10.84 40.44 -18.71
C TYR C 200 -10.10 39.31 -18.00
N CYS C 201 -8.92 38.96 -18.52
CA CYS C 201 -8.21 37.76 -18.07
C CYS C 201 -7.02 38.07 -17.18
N ILE C 202 -6.80 37.21 -16.18
CA ILE C 202 -5.66 37.29 -15.29
C ILE C 202 -5.04 35.91 -15.13
N TYR C 203 -3.83 35.75 -15.65
CA TYR C 203 -3.08 34.51 -15.51
C TYR C 203 -2.05 34.66 -14.40
N VAL C 204 -2.22 33.87 -13.33
CA VAL C 204 -1.28 33.88 -12.22
C VAL C 204 -0.36 32.67 -12.34
N ALA C 205 0.92 32.93 -12.59
CA ALA C 205 1.94 31.88 -12.66
C ALA C 205 2.65 31.76 -11.32
N ILE C 206 2.64 30.56 -10.75
CA ILE C 206 3.26 30.32 -9.45
C ILE C 206 4.25 29.16 -9.50
N GLY C 207 5.52 29.48 -9.32
CA GLY C 207 6.57 28.47 -9.23
C GLY C 207 7.09 27.93 -10.55
N GLN C 208 6.68 28.56 -11.65
CA GLN C 208 7.14 28.16 -12.99
C GLN C 208 8.49 28.81 -13.31
N LYS C 209 9.12 28.39 -14.40
CA LYS C 209 10.36 29.03 -14.82
C LYS C 209 10.11 30.20 -15.77
N ARG C 210 11.00 31.18 -15.75
CA ARG C 210 10.81 32.44 -16.49
C ARG C 210 10.71 32.28 -18.00
N SER C 211 11.44 31.30 -18.55
CA SER C 211 11.40 31.02 -19.99
C SER C 211 10.04 30.46 -20.43
N THR C 212 9.43 29.65 -19.58
CA THR C 212 8.08 29.13 -19.82
C THR C 212 7.06 30.28 -19.80
N VAL C 213 7.19 31.16 -18.81
CA VAL C 213 6.30 32.32 -18.67
C VAL C 213 6.40 33.24 -19.88
N ALA C 214 7.63 33.51 -20.34
CA ALA C 214 7.87 34.36 -21.51
C ALA C 214 7.31 33.73 -22.79
N GLN C 215 7.43 32.42 -22.89
CA GLN C 215 6.88 31.65 -24.01
C GLN C 215 5.35 31.63 -23.95
N LEU C 216 4.82 31.77 -22.75
CA LEU C 216 3.38 31.86 -22.54
C LEU C 216 2.86 33.23 -22.97
N VAL C 217 3.63 34.28 -22.66
CA VAL C 217 3.28 35.65 -23.02
C VAL C 217 3.39 35.86 -24.54
N LYS C 218 4.40 35.24 -25.15
CA LYS C 218 4.59 35.27 -26.61
C LYS C 218 3.38 34.66 -27.33
N ARG C 219 2.85 33.58 -26.76
CA ARG C 219 1.67 32.89 -27.30
C ARG C 219 0.42 33.78 -27.23
N LEU C 220 0.27 34.53 -26.14
CA LEU C 220 -0.87 35.43 -25.96
C LEU C 220 -0.75 36.70 -26.82
N THR C 221 0.48 37.14 -27.05
CA THR C 221 0.74 38.32 -27.87
C THR C 221 0.43 38.05 -29.35
N ASP C 222 0.79 36.86 -29.83
CA ASP C 222 0.53 36.45 -31.20
C ASP C 222 -0.96 36.31 -31.48
N ALA C 223 -1.72 35.86 -30.48
CA ALA C 223 -3.16 35.70 -30.59
C ALA C 223 -3.90 37.01 -30.32
N ASP C 224 -3.13 38.07 -30.06
CA ASP C 224 -3.66 39.39 -29.70
C ASP C 224 -4.53 39.33 -28.44
N ALA C 225 -4.11 38.49 -27.49
CA ALA C 225 -4.86 38.26 -26.26
C ALA C 225 -4.34 39.07 -25.07
N MET C 226 -3.12 39.58 -25.18
CA MET C 226 -2.48 40.34 -24.10
C MET C 226 -3.23 41.60 -23.70
N LYS C 227 -3.79 42.31 -24.68
CA LYS C 227 -4.42 43.61 -24.48
C LYS C 227 -5.59 43.62 -23.47
N TYR C 228 -6.04 42.43 -23.07
CA TYR C 228 -7.04 42.28 -22.02
C TYR C 228 -6.58 41.33 -20.91
N THR C 229 -5.31 40.96 -20.94
CA THR C 229 -4.75 40.00 -19.99
C THR C 229 -3.69 40.61 -19.08
N ILE C 230 -3.83 40.34 -17.79
CA ILE C 230 -2.82 40.69 -16.78
C ILE C 230 -2.06 39.40 -16.43
N VAL C 231 -0.73 39.47 -16.51
CA VAL C 231 0.12 38.33 -16.13
C VAL C 231 0.81 38.61 -14.81
N VAL C 232 0.43 37.86 -13.78
CA VAL C 232 1.04 37.98 -12.45
C VAL C 232 1.96 36.78 -12.24
N SER C 233 3.26 37.05 -12.15
CA SER C 233 4.24 35.97 -12.13
C SER C 233 5.18 36.01 -10.94
N ALA C 234 5.06 34.99 -10.09
CA ALA C 234 6.03 34.73 -9.04
C ALA C 234 6.67 33.38 -9.36
N THR C 235 7.83 33.45 -10.01
CA THR C 235 8.48 32.27 -10.58
C THR C 235 9.27 31.45 -9.55
N ALA C 236 10.03 30.46 -10.04
CA ALA C 236 10.74 29.51 -9.20
C ALA C 236 11.92 30.09 -8.42
N SER C 237 12.55 31.14 -8.94
CA SER C 237 13.67 31.79 -8.27
C SER C 237 13.22 32.79 -7.20
N ASP C 238 11.97 33.22 -7.28
CA ASP C 238 11.38 34.12 -6.30
C ASP C 238 11.19 33.42 -4.95
N ALA C 239 11.30 34.20 -3.88
CA ALA C 239 11.16 33.68 -2.52
C ALA C 239 9.77 33.10 -2.27
N ALA C 240 9.69 32.15 -1.35
CA ALA C 240 8.43 31.47 -1.02
C ALA C 240 7.27 32.43 -0.68
N PRO C 241 7.54 33.50 0.11
CA PRO C 241 6.49 34.48 0.37
C PRO C 241 5.97 35.19 -0.88
N LEU C 242 6.84 35.37 -1.88
CA LEU C 242 6.40 35.93 -3.17
C LEU C 242 5.46 34.96 -3.89
N GLN C 243 5.82 33.68 -3.90
CA GLN C 243 4.98 32.62 -4.47
C GLN C 243 3.66 32.45 -3.71
N TYR C 244 3.75 32.55 -2.38
CA TYR C 244 2.57 32.48 -1.49
C TYR C 244 1.56 33.60 -1.73
N LEU C 245 2.05 34.81 -1.99
CA LEU C 245 1.20 35.99 -2.09
C LEU C 245 0.62 36.22 -3.48
N ALA C 246 1.30 35.70 -4.51
CA ALA C 246 0.92 35.94 -5.91
C ALA C 246 -0.55 35.67 -6.27
N PRO C 247 -1.13 34.55 -5.79
CA PRO C 247 -2.56 34.32 -6.07
C PRO C 247 -3.47 35.41 -5.49
N TYR C 248 -3.20 35.84 -4.26
CA TYR C 248 -4.01 36.86 -3.59
C TYR C 248 -3.89 38.24 -4.25
N SER C 249 -2.69 38.54 -4.76
CA SER C 249 -2.44 39.79 -5.48
C SER C 249 -3.28 39.88 -6.76
N GLY C 250 -3.24 38.82 -7.57
CA GLY C 250 -4.01 38.75 -8.81
C GLY C 250 -5.51 38.72 -8.57
N CYS C 251 -5.91 38.16 -7.43
CA CYS C 251 -7.32 38.10 -7.05
C CYS C 251 -7.88 39.51 -6.81
N SER C 252 -7.12 40.32 -6.08
CA SER C 252 -7.49 41.72 -5.80
C SER C 252 -7.57 42.55 -7.08
N MET C 253 -6.74 42.17 -8.07
CA MET C 253 -6.77 42.80 -9.38
C MET C 253 -8.06 42.44 -10.12
N GLY C 254 -8.49 41.20 -9.98
CA GLY C 254 -9.75 40.72 -10.53
C GLY C 254 -10.95 41.33 -9.82
N GLU C 255 -10.83 41.47 -8.51
CA GLU C 255 -11.90 42.02 -7.67
C GLU C 255 -12.27 43.46 -8.05
N TYR C 256 -11.30 44.21 -8.56
CA TYR C 256 -11.56 45.56 -9.07
C TYR C 256 -12.61 45.55 -10.16
N PHE C 257 -12.48 44.63 -11.12
CA PHE C 257 -13.45 44.48 -12.20
C PHE C 257 -14.79 44.01 -11.63
N ARG C 258 -14.72 43.05 -10.72
CA ARG C 258 -15.90 42.47 -10.06
C ARG C 258 -16.73 43.54 -9.36
N ASP C 259 -16.06 44.48 -8.70
CA ASP C 259 -16.73 45.52 -7.92
C ASP C 259 -17.06 46.78 -8.73
N ASN C 260 -16.67 46.79 -10.00
CA ASN C 260 -16.96 47.91 -10.90
C ASN C 260 -17.79 47.54 -12.12
N GLY C 261 -18.70 46.59 -11.94
CA GLY C 261 -19.64 46.17 -13.00
C GLY C 261 -18.98 45.55 -14.21
N LYS C 262 -17.90 44.80 -13.98
CA LYS C 262 -17.18 44.13 -15.06
C LYS C 262 -16.89 42.67 -14.69
N HIS C 263 -16.58 41.86 -15.70
CA HIS C 263 -16.38 40.43 -15.50
C HIS C 263 -14.96 40.05 -15.78
N ALA C 264 -14.34 39.38 -14.80
CA ALA C 264 -12.94 38.99 -14.90
C ALA C 264 -12.73 37.49 -14.66
N LEU C 265 -11.72 36.94 -15.33
CA LEU C 265 -11.36 35.53 -15.20
C LEU C 265 -9.93 35.39 -14.69
N ILE C 266 -9.78 34.70 -13.55
CA ILE C 266 -8.45 34.45 -12.98
C ILE C 266 -8.07 32.97 -13.11
N ILE C 267 -6.77 32.73 -13.30
CA ILE C 267 -6.24 31.38 -13.44
C ILE C 267 -5.03 31.23 -12.53
N TYR C 268 -5.15 30.33 -11.56
CA TYR C 268 -4.06 30.04 -10.63
C TYR C 268 -3.30 28.81 -11.10
N ASP C 269 -2.12 29.05 -11.68
CA ASP C 269 -1.34 27.97 -12.28
C ASP C 269 0.06 27.90 -11.66
N ASP C 270 0.23 27.07 -10.62
CA ASP C 270 -0.85 26.28 -10.02
C ASP C 270 -0.86 26.44 -8.49
N LEU C 271 -1.96 26.02 -7.86
CA LEU C 271 -2.08 26.09 -6.41
C LEU C 271 -1.27 24.99 -5.71
N SER C 272 -0.80 24.01 -6.48
CA SER C 272 0.08 22.97 -5.97
C SER C 272 1.41 23.55 -5.53
N LYS C 273 2.03 24.37 -6.38
CA LYS C 273 3.32 25.00 -6.09
C LYS C 273 3.21 26.12 -5.06
N GLN C 274 2.02 26.70 -4.90
CA GLN C 274 1.79 27.70 -3.87
C GLN C 274 1.80 27.06 -2.49
N ALA C 275 1.13 25.91 -2.38
CA ALA C 275 1.10 25.15 -1.13
C ALA C 275 2.50 24.71 -0.70
N VAL C 276 3.32 24.31 -1.66
CA VAL C 276 4.72 23.95 -1.43
C VAL C 276 5.50 25.11 -0.83
N ALA C 277 5.30 26.31 -1.39
CA ALA C 277 5.96 27.52 -0.90
C ALA C 277 5.52 27.90 0.52
N TYR C 278 4.22 27.75 0.78
CA TYR C 278 3.66 28.08 2.10
C TYR C 278 4.10 27.09 3.18
N ARG C 279 4.28 25.83 2.78
CA ARG C 279 4.77 24.79 3.67
C ARG C 279 6.17 25.12 4.16
N GLN C 280 7.04 25.50 3.23
CA GLN C 280 8.41 25.93 3.55
C GLN C 280 8.42 27.04 4.62
N MET C 281 7.61 28.06 4.40
CA MET C 281 7.48 29.18 5.34
C MET C 281 7.05 28.69 6.71
N SER C 282 5.94 27.94 6.74
CA SER C 282 5.36 27.44 7.97
C SER C 282 6.30 26.52 8.74
N LEU C 283 7.05 25.69 8.02
CA LEU C 283 8.00 24.77 8.64
C LEU C 283 9.19 25.50 9.27
N LEU C 284 9.68 26.53 8.58
CA LEU C 284 10.83 27.31 9.04
C LEU C 284 10.46 28.38 10.06
N LEU C 285 9.16 28.64 10.22
CA LEU C 285 8.65 29.46 11.32
C LEU C 285 8.44 28.58 12.56
N ARG C 286 8.81 27.31 12.41
CA ARG C 286 8.72 26.29 13.47
C ARG C 286 7.29 25.90 13.84
N ARG C 287 6.36 26.05 12.89
CA ARG C 287 5.00 25.54 13.05
C ARG C 287 4.98 24.06 12.69
N PRO C 288 4.46 23.21 13.60
CA PRO C 288 4.49 21.75 13.44
C PRO C 288 3.86 21.25 12.14
N PRO C 289 4.47 20.23 11.50
CA PRO C 289 3.95 19.67 10.25
C PRO C 289 2.81 18.68 10.47
N GLY C 290 1.95 18.53 9.46
CA GLY C 290 0.86 17.57 9.50
C GLY C 290 0.98 16.54 8.38
N ARG C 291 -0.13 16.33 7.68
CA ARG C 291 -0.16 15.39 6.54
C ARG C 291 0.71 15.90 5.41
N GLU C 292 1.58 15.02 4.90
CA GLU C 292 2.56 15.35 3.86
C GLU C 292 3.37 16.61 4.20
N ALA C 293 3.66 16.77 5.49
CA ALA C 293 4.45 17.90 6.02
C ALA C 293 3.75 19.26 5.97
N TYR C 294 2.54 19.30 5.41
CA TYR C 294 1.79 20.56 5.28
C TYR C 294 1.26 21.06 6.61
N PRO C 295 1.14 22.40 6.76
CA PRO C 295 0.57 22.99 7.98
C PRO C 295 -0.94 22.76 8.10
N GLY C 296 -1.46 22.93 9.31
CA GLY C 296 -2.88 22.72 9.60
C GLY C 296 -3.84 23.61 8.85
N ASP C 297 -3.37 24.76 8.38
CA ASP C 297 -4.24 25.74 7.72
C ASP C 297 -4.11 25.77 6.19
N VAL C 298 -3.55 24.71 5.60
CA VAL C 298 -3.32 24.67 4.15
C VAL C 298 -4.62 24.62 3.34
N PHE C 299 -5.67 24.06 3.94
CA PHE C 299 -7.01 24.08 3.36
C PHE C 299 -7.58 25.50 3.36
N TYR C 300 -7.46 26.18 4.49
CA TYR C 300 -7.94 27.55 4.64
C TYR C 300 -7.19 28.53 3.74
N LEU C 301 -5.96 28.17 3.37
CA LEU C 301 -5.17 28.93 2.41
C LEU C 301 -5.91 29.07 1.08
N HIS C 302 -6.39 27.95 0.55
CA HIS C 302 -7.06 27.93 -0.75
C HIS C 302 -8.52 28.25 -0.69
N SER C 303 -9.16 27.90 0.42
CA SER C 303 -10.58 28.17 0.58
C SER C 303 -10.86 29.67 0.59
N ARG C 304 -10.14 30.41 1.43
CA ARG C 304 -10.31 31.87 1.52
C ARG C 304 -9.99 32.58 0.19
N LEU C 305 -9.14 31.96 -0.62
CA LEU C 305 -8.80 32.49 -1.93
C LEU C 305 -9.94 32.32 -2.93
N LEU C 306 -10.42 31.08 -3.07
CA LEU C 306 -11.42 30.75 -4.08
C LEU C 306 -12.83 31.22 -3.73
N GLU C 307 -13.09 31.46 -2.44
CA GLU C 307 -14.35 32.04 -2.00
C GLU C 307 -14.53 33.47 -2.51
N ARG C 308 -13.41 34.14 -2.79
CA ARG C 308 -13.41 35.52 -3.29
C ARG C 308 -13.89 35.65 -4.74
N ALA C 309 -13.99 34.50 -5.43
CA ALA C 309 -14.65 34.44 -6.73
C ALA C 309 -16.15 34.42 -6.52
N ALA C 310 -16.87 35.33 -7.18
CA ALA C 310 -18.30 35.50 -6.98
C ALA C 310 -19.02 36.16 -8.16
N LYS C 311 -20.34 36.02 -8.17
CA LYS C 311 -21.20 36.77 -9.07
C LYS C 311 -22.08 37.70 -8.24
N MET C 312 -21.85 39.01 -8.41
CA MET C 312 -22.51 40.04 -7.60
C MET C 312 -23.92 40.36 -8.11
N ASN C 313 -24.79 40.79 -7.20
CA ASN C 313 -26.11 41.28 -7.61
C ASN C 313 -26.04 42.66 -8.25
N ASP C 314 -27.15 43.11 -8.83
CA ASP C 314 -27.17 44.35 -9.61
C ASP C 314 -26.94 45.62 -8.78
N ALA C 315 -27.28 45.58 -7.50
CA ALA C 315 -27.04 46.71 -6.61
C ALA C 315 -25.55 46.93 -6.35
N PHE C 316 -24.77 45.87 -6.49
CA PHE C 316 -23.32 45.91 -6.31
C PHE C 316 -22.55 46.02 -7.63
N GLY C 317 -23.29 46.11 -8.74
CA GLY C 317 -22.68 46.30 -10.06
C GLY C 317 -22.97 45.23 -11.10
N GLY C 318 -23.33 44.04 -10.64
CA GLY C 318 -23.60 42.91 -11.53
C GLY C 318 -22.35 42.34 -12.17
N GLY C 319 -21.19 42.72 -11.64
CA GLY C 319 -19.91 42.20 -12.11
C GLY C 319 -19.61 40.83 -11.52
N SER C 320 -18.59 40.17 -12.07
CA SER C 320 -18.22 38.83 -11.59
C SER C 320 -16.72 38.59 -11.58
N LEU C 321 -16.33 37.54 -10.87
CA LEU C 321 -14.97 37.02 -10.91
C LEU C 321 -15.01 35.49 -10.97
N THR C 322 -14.58 34.95 -12.11
CA THR C 322 -14.52 33.50 -12.30
C THR C 322 -13.09 33.02 -12.04
N ALA C 323 -12.98 31.93 -11.29
CA ALA C 323 -11.68 31.37 -10.92
C ALA C 323 -11.45 30.02 -11.57
N LEU C 324 -10.24 29.84 -12.11
CA LEU C 324 -9.82 28.55 -12.65
C LEU C 324 -8.52 28.10 -11.99
N PRO C 325 -8.63 27.49 -10.78
CA PRO C 325 -7.45 26.96 -10.12
C PRO C 325 -6.91 25.76 -10.86
N VAL C 326 -5.61 25.55 -10.79
CA VAL C 326 -4.98 24.38 -11.39
C VAL C 326 -4.32 23.57 -10.28
N ILE C 327 -4.52 22.25 -10.32
CA ILE C 327 -3.88 21.33 -9.39
C ILE C 327 -3.21 20.20 -10.16
N GLU C 328 -1.95 19.92 -9.81
CA GLU C 328 -1.22 18.82 -10.40
C GLU C 328 -1.19 17.64 -9.43
N THR C 329 -1.65 16.49 -9.91
CA THR C 329 -1.62 15.27 -9.13
C THR C 329 -0.34 14.48 -9.41
N GLN C 330 -0.08 13.47 -8.58
CA GLN C 330 1.09 12.60 -8.77
C GLN C 330 0.64 11.16 -9.05
N ALA C 331 0.92 10.71 -10.28
CA ALA C 331 0.51 9.38 -10.78
C ALA C 331 -0.99 9.12 -10.65
N GLY C 332 -1.77 10.18 -10.86
CA GLY C 332 -3.23 10.12 -10.78
C GLY C 332 -3.80 10.04 -9.38
N ASP C 333 -2.96 10.23 -8.36
CA ASP C 333 -3.39 10.10 -6.96
C ASP C 333 -4.25 11.28 -6.52
N VAL C 334 -5.55 11.17 -6.80
CA VAL C 334 -6.52 12.20 -6.46
C VAL C 334 -6.82 12.21 -4.96
N SER C 335 -6.26 11.25 -4.23
CA SER C 335 -6.50 11.10 -2.79
C SER C 335 -5.57 11.98 -1.94
N ALA C 336 -4.52 12.49 -2.55
CA ALA C 336 -3.51 13.30 -1.85
C ALA C 336 -4.12 14.51 -1.13
N TYR C 337 -3.45 14.95 -0.07
CA TYR C 337 -3.91 16.01 0.82
C TYR C 337 -4.36 17.27 0.08
N ILE C 338 -3.49 17.82 -0.77
CA ILE C 338 -3.74 19.09 -1.47
C ILE C 338 -4.92 19.00 -2.47
N PRO C 339 -4.89 18.03 -3.41
CA PRO C 339 -5.97 17.91 -4.39
C PRO C 339 -7.36 17.69 -3.79
N THR C 340 -7.45 16.89 -2.72
CA THR C 340 -8.74 16.62 -2.06
C THR C 340 -9.36 17.87 -1.43
N ASN C 341 -8.51 18.81 -1.02
CA ASN C 341 -8.98 20.10 -0.50
C ASN C 341 -9.66 20.93 -1.57
N VAL C 342 -8.99 21.07 -2.71
CA VAL C 342 -9.45 21.97 -3.78
C VAL C 342 -10.69 21.43 -4.50
N ILE C 343 -10.82 20.10 -4.55
CA ILE C 343 -11.99 19.46 -5.13
C ILE C 343 -13.24 19.77 -4.31
N SER C 344 -13.11 19.73 -2.99
CA SER C 344 -14.23 20.04 -2.10
C SER C 344 -14.58 21.53 -2.06
N ILE C 345 -13.61 22.38 -2.39
CA ILE C 345 -13.84 23.84 -2.46
C ILE C 345 -14.66 24.22 -3.69
N THR C 346 -14.19 23.82 -4.87
CA THR C 346 -14.69 24.31 -6.16
C THR C 346 -16.09 23.84 -6.53
N ASP C 347 -16.70 24.52 -7.51
CA ASP C 347 -18.03 24.19 -8.00
C ASP C 347 -18.00 23.11 -9.07
N GLY C 348 -16.82 22.55 -9.31
CA GLY C 348 -16.66 21.52 -10.32
C GLY C 348 -15.21 21.31 -10.67
N GLN C 349 -14.93 20.18 -11.32
CA GLN C 349 -13.58 19.81 -11.69
C GLN C 349 -13.53 19.31 -13.12
N ILE C 350 -12.41 19.59 -13.79
CA ILE C 350 -12.14 19.04 -15.12
C ILE C 350 -10.95 18.11 -14.99
N PHE C 351 -11.22 16.80 -15.08
CA PHE C 351 -10.19 15.79 -14.91
C PHE C 351 -9.47 15.43 -16.21
N LEU C 352 -8.15 15.49 -16.15
CA LEU C 352 -7.31 15.16 -17.29
C LEU C 352 -6.40 13.97 -16.99
N GLU C 353 -6.26 13.08 -17.98
CA GLU C 353 -5.50 11.85 -17.79
C GLU C 353 -4.57 11.58 -18.96
N THR C 354 -3.40 11.03 -18.67
CA THR C 354 -2.39 10.72 -19.69
C THR C 354 -2.82 9.58 -20.61
N GLU C 355 -3.55 8.61 -20.05
CA GLU C 355 -4.05 7.47 -20.82
C GLU C 355 -4.90 7.90 -22.00
N LEU C 356 -5.83 8.82 -21.74
CA LEU C 356 -6.71 9.37 -22.78
C LEU C 356 -5.93 10.25 -23.75
N PHE C 357 -4.98 11.01 -23.21
CA PHE C 357 -4.14 11.91 -23.99
C PHE C 357 -3.40 11.19 -25.11
N TYR C 358 -2.85 10.02 -24.79
CA TYR C 358 -2.09 9.23 -25.75
C TYR C 358 -2.97 8.28 -26.57
N LYS C 359 -4.24 8.15 -26.16
CA LYS C 359 -5.23 7.40 -26.93
C LYS C 359 -5.83 8.23 -28.07
N GLY C 360 -5.46 9.51 -28.12
CA GLY C 360 -5.97 10.43 -29.13
C GLY C 360 -7.03 11.38 -28.60
N ILE C 361 -7.53 11.09 -27.39
CA ILE C 361 -8.53 11.94 -26.75
C ILE C 361 -7.86 13.21 -26.25
N ARG C 362 -7.78 14.20 -27.12
CA ARG C 362 -7.21 15.50 -26.78
C ARG C 362 -8.22 16.59 -27.17
N PRO C 363 -8.66 17.40 -26.19
CA PRO C 363 -8.28 17.44 -24.77
C PRO C 363 -8.57 16.14 -24.02
N ALA C 364 -7.74 15.84 -23.03
CA ALA C 364 -7.82 14.57 -22.30
C ALA C 364 -8.82 14.61 -21.14
N ILE C 365 -10.03 15.10 -21.41
CA ILE C 365 -11.06 15.27 -20.38
C ILE C 365 -11.80 13.96 -20.11
N ASN C 366 -11.62 13.42 -18.89
CA ASN C 366 -12.42 12.31 -18.41
C ASN C 366 -13.81 12.81 -18.07
N VAL C 367 -14.77 12.53 -18.97
CA VAL C 367 -16.13 13.05 -18.88
C VAL C 367 -16.87 12.52 -17.65
N GLY C 368 -16.63 11.25 -17.32
CA GLY C 368 -17.26 10.61 -16.16
C GLY C 368 -16.89 11.24 -14.83
N LEU C 369 -15.61 11.60 -14.67
CA LEU C 369 -15.11 12.19 -13.44
C LEU C 369 -15.37 13.69 -13.37
N SER C 370 -15.49 14.32 -14.54
CA SER C 370 -15.69 15.77 -14.63
C SER C 370 -17.15 16.17 -14.49
N VAL C 371 -17.40 17.18 -13.65
CA VAL C 371 -18.75 17.72 -13.42
C VAL C 371 -18.73 19.24 -13.28
N SER C 372 -19.91 19.86 -13.39
CA SER C 372 -20.08 21.29 -13.18
C SER C 372 -21.41 21.53 -12.47
N ARG C 373 -21.35 22.03 -11.24
CA ARG C 373 -22.52 22.15 -10.37
C ARG C 373 -23.54 23.20 -10.84
N VAL C 374 -23.07 24.20 -11.58
CA VAL C 374 -23.96 25.24 -12.12
C VAL C 374 -24.81 24.65 -13.25
N GLY C 375 -24.19 23.86 -14.12
CA GLY C 375 -24.89 23.09 -15.14
C GLY C 375 -25.38 23.90 -16.32
N SER C 376 -26.54 23.51 -16.84
CA SER C 376 -27.15 24.13 -18.03
C SER C 376 -27.53 25.61 -17.82
N ALA C 377 -27.60 26.02 -16.56
CA ALA C 377 -27.82 27.43 -16.21
C ALA C 377 -26.64 28.31 -16.61
N ALA C 378 -25.55 27.67 -17.06
CA ALA C 378 -24.36 28.38 -17.55
C ALA C 378 -24.16 28.17 -19.06
N GLN C 379 -25.21 27.71 -19.73
CA GLN C 379 -25.15 27.45 -21.17
C GLN C 379 -26.14 28.32 -21.94
N THR C 380 -25.81 28.61 -23.20
CA THR C 380 -26.74 29.27 -24.10
C THR C 380 -27.83 28.30 -24.52
N ARG C 381 -29.03 28.81 -24.77
CA ARG C 381 -30.22 27.99 -25.09
C ARG C 381 -29.97 27.00 -26.25
N ALA C 382 -29.03 27.33 -27.12
CA ALA C 382 -28.66 26.48 -28.25
C ALA C 382 -27.89 25.23 -27.79
N MET C 383 -26.85 25.46 -26.99
CA MET C 383 -25.99 24.39 -26.47
C MET C 383 -26.72 23.43 -25.53
N LYS C 384 -27.74 23.94 -24.83
CA LYS C 384 -28.54 23.11 -23.92
C LYS C 384 -29.30 22.02 -24.67
N GLN C 385 -29.78 22.35 -25.86
CA GLN C 385 -30.57 21.44 -26.70
C GLN C 385 -29.77 20.21 -27.15
N VAL C 386 -28.49 20.41 -27.44
CA VAL C 386 -27.64 19.35 -27.97
C VAL C 386 -26.87 18.56 -26.92
N ALA C 387 -26.40 19.26 -25.87
CA ALA C 387 -25.59 18.64 -24.82
C ALA C 387 -26.42 17.97 -23.72
N GLY C 388 -27.70 18.33 -23.64
CA GLY C 388 -28.60 17.79 -22.62
C GLY C 388 -28.69 16.27 -22.62
N THR C 389 -28.72 15.69 -23.82
CA THR C 389 -28.78 14.23 -23.98
C THR C 389 -27.41 13.57 -23.86
N MET C 390 -26.36 14.29 -24.29
CA MET C 390 -24.99 13.76 -24.33
C MET C 390 -24.50 13.11 -23.04
N LYS C 391 -24.81 13.73 -21.90
CA LYS C 391 -24.35 13.27 -20.59
C LYS C 391 -24.71 11.79 -20.34
N LEU C 392 -26.00 11.49 -20.37
CA LEU C 392 -26.49 10.14 -20.11
C LEU C 392 -26.17 9.17 -21.25
N GLU C 393 -26.21 9.68 -22.48
CA GLU C 393 -25.90 8.90 -23.67
C GLU C 393 -24.45 8.38 -23.64
N LEU C 394 -23.55 9.19 -23.09
CA LEU C 394 -22.14 8.79 -22.90
C LEU C 394 -21.97 7.93 -21.65
N ALA C 395 -22.85 8.11 -20.67
CA ALA C 395 -22.85 7.29 -19.46
C ALA C 395 -23.34 5.88 -19.77
N GLN C 396 -24.31 5.78 -20.68
CA GLN C 396 -24.80 4.49 -21.17
C GLN C 396 -23.70 3.78 -21.98
N TYR C 397 -22.86 4.58 -22.64
CA TYR C 397 -21.74 4.07 -23.44
C TYR C 397 -20.63 3.47 -22.59
N ARG C 398 -20.20 4.21 -21.56
CA ARG C 398 -19.11 3.78 -20.69
C ARG C 398 -19.46 2.54 -19.88
N GLU C 399 -20.77 2.36 -19.63
CA GLU C 399 -21.27 1.16 -18.97
C GLU C 399 -21.08 -0.06 -19.86
N VAL C 400 -21.34 0.09 -21.15
CA VAL C 400 -21.23 -0.99 -22.13
C VAL C 400 -19.81 -1.15 -22.66
N ALA C 401 -18.98 -0.12 -22.47
CA ALA C 401 -17.58 -0.14 -22.91
C ALA C 401 -16.75 -1.21 -22.20
N ALA C 402 -16.83 -1.22 -20.87
CA ALA C 402 -16.15 -2.24 -20.05
C ALA C 402 -17.10 -3.40 -19.75
N PHE C 403 -17.90 -3.74 -20.76
CA PHE C 403 -18.94 -4.75 -20.67
C PHE C 403 -18.86 -5.65 -21.91
N ALA C 404 -18.28 -5.11 -22.97
CA ALA C 404 -18.10 -5.82 -24.24
C ALA C 404 -16.98 -6.85 -24.13
N GLY C 407 -14.77 -9.73 -27.37
CA GLY C 407 -15.50 -10.00 -28.61
C GLY C 407 -16.41 -11.21 -28.51
N SER C 408 -17.33 -11.17 -27.56
CA SER C 408 -18.29 -12.26 -27.37
C SER C 408 -19.58 -12.01 -28.15
N ASP C 409 -19.58 -10.97 -28.98
CA ASP C 409 -20.70 -10.55 -29.81
C ASP C 409 -21.88 -9.97 -29.01
N LEU C 410 -22.24 -8.73 -29.33
CA LEU C 410 -23.29 -8.01 -28.62
C LEU C 410 -24.53 -7.88 -29.50
N ASP C 411 -25.69 -7.74 -28.87
CA ASP C 411 -26.96 -7.58 -29.59
C ASP C 411 -27.07 -6.20 -30.25
N ALA C 412 -28.05 -6.06 -31.13
CA ALA C 412 -28.25 -4.83 -31.92
C ALA C 412 -28.41 -3.56 -31.07
N ALA C 413 -29.08 -3.69 -29.94
CA ALA C 413 -29.34 -2.56 -29.05
C ALA C 413 -28.07 -2.05 -28.34
N THR C 414 -27.28 -2.98 -27.79
CA THR C 414 -26.08 -2.63 -27.03
C THR C 414 -24.89 -2.26 -27.93
N GLN C 415 -24.89 -2.77 -29.16
CA GLN C 415 -23.87 -2.40 -30.15
C GLN C 415 -24.14 -0.98 -30.67
N GLN C 416 -25.41 -0.60 -30.68
CA GLN C 416 -25.83 0.75 -31.07
C GLN C 416 -25.37 1.79 -30.04
N LEU C 417 -25.52 1.46 -28.76
CA LEU C 417 -25.07 2.33 -27.67
C LEU C 417 -23.56 2.53 -27.69
N LEU C 418 -22.83 1.48 -28.06
CA LEU C 418 -21.37 1.55 -28.22
C LEU C 418 -20.99 2.42 -29.41
N SER C 419 -21.72 2.27 -30.51
CA SER C 419 -21.45 3.05 -31.72
C SER C 419 -21.66 4.54 -31.50
N ARG C 420 -22.81 4.90 -30.92
CA ARG C 420 -23.15 6.30 -30.65
C ARG C 420 -22.10 6.96 -29.76
N GLY C 421 -21.75 6.29 -28.65
CA GLY C 421 -20.77 6.79 -27.71
C GLY C 421 -19.38 7.02 -28.30
N VAL C 422 -18.95 6.09 -29.15
CA VAL C 422 -17.65 6.20 -29.82
C VAL C 422 -17.62 7.41 -30.75
N ARG C 423 -18.72 7.65 -31.46
CA ARG C 423 -18.82 8.76 -32.42
C ARG C 423 -18.95 10.13 -31.76
N LEU C 424 -19.58 10.18 -30.58
CA LEU C 424 -19.67 11.42 -29.81
C LEU C 424 -18.31 11.78 -29.19
N THR C 425 -17.59 10.75 -28.74
CA THR C 425 -16.24 10.90 -28.18
C THR C 425 -15.29 11.51 -29.21
N GLU C 426 -15.41 11.06 -30.45
CA GLU C 426 -14.60 11.56 -31.57
C GLU C 426 -14.87 13.05 -31.85
N LEU C 427 -16.11 13.47 -31.61
CA LEU C 427 -16.49 14.88 -31.78
C LEU C 427 -15.95 15.77 -30.68
N LEU C 428 -15.70 15.19 -29.51
CA LEU C 428 -15.17 15.93 -28.35
C LEU C 428 -13.67 16.19 -28.47
N LYS C 429 -13.04 15.53 -29.44
CA LYS C 429 -11.65 15.80 -29.79
C LYS C 429 -11.53 17.20 -30.37
N GLN C 430 -10.42 17.87 -30.09
CA GLN C 430 -10.18 19.23 -30.55
C GLN C 430 -8.71 19.60 -30.45
N GLY C 431 -8.20 20.25 -31.49
CA GLY C 431 -6.83 20.74 -31.51
C GLY C 431 -6.63 21.95 -30.60
N GLN C 432 -5.42 22.49 -30.62
CA GLN C 432 -5.08 23.64 -29.79
C GLN C 432 -5.21 24.97 -30.54
N TYR C 433 -5.38 26.03 -29.78
CA TYR C 433 -5.32 27.43 -30.27
C TYR C 433 -6.37 27.77 -31.33
N SER C 434 -7.39 26.91 -31.44
CA SER C 434 -8.52 27.17 -32.31
C SER C 434 -9.84 27.12 -31.52
N PRO C 435 -9.99 28.01 -30.51
CA PRO C 435 -11.24 28.01 -29.74
C PRO C 435 -12.43 28.32 -30.63
N MET C 436 -13.47 27.51 -30.51
CA MET C 436 -14.63 27.58 -31.38
C MET C 436 -15.74 28.44 -30.81
N ALA C 437 -16.40 29.19 -31.70
CA ALA C 437 -17.61 29.94 -31.35
C ALA C 437 -18.73 28.95 -31.02
N ILE C 438 -19.70 29.40 -30.24
CA ILE C 438 -20.74 28.51 -29.73
C ILE C 438 -21.70 27.98 -30.79
N GLU C 439 -21.94 28.78 -31.83
CA GLU C 439 -22.81 28.36 -32.94
C GLU C 439 -22.17 27.27 -33.80
N GLU C 440 -20.85 27.32 -33.92
CA GLU C 440 -20.08 26.32 -34.67
C GLU C 440 -19.99 25.02 -33.88
N GLN C 441 -19.99 25.13 -32.56
CA GLN C 441 -19.96 23.99 -31.66
C GLN C 441 -21.26 23.20 -31.73
N VAL C 442 -22.39 23.91 -31.63
CA VAL C 442 -23.71 23.30 -31.65
C VAL C 442 -23.93 22.50 -32.94
N ALA C 443 -23.53 23.08 -34.07
CA ALA C 443 -23.69 22.45 -35.38
C ALA C 443 -23.00 21.10 -35.50
N VAL C 444 -21.77 21.01 -35.00
CA VAL C 444 -21.01 19.75 -35.09
C VAL C 444 -21.48 18.71 -34.07
N ILE C 445 -21.97 19.18 -32.93
CA ILE C 445 -22.57 18.32 -31.91
C ILE C 445 -23.92 17.80 -32.41
N TYR C 446 -24.65 18.66 -33.10
CA TYR C 446 -25.95 18.33 -33.69
C TYR C 446 -25.87 17.06 -34.54
N ALA C 447 -24.92 17.04 -35.47
CA ALA C 447 -24.75 15.93 -36.41
C ALA C 447 -24.51 14.59 -35.73
N GLY C 448 -23.76 14.61 -34.62
CA GLY C 448 -23.47 13.40 -33.86
C GLY C 448 -24.60 12.95 -32.97
N VAL C 449 -25.21 13.90 -32.26
CA VAL C 449 -26.24 13.62 -31.28
C VAL C 449 -27.58 13.17 -31.89
N ARG C 450 -27.79 13.53 -33.16
CA ARG C 450 -29.01 13.16 -33.88
C ARG C 450 -28.83 11.88 -34.71
N GLY C 451 -27.66 11.25 -34.57
CA GLY C 451 -27.38 9.95 -35.18
C GLY C 451 -26.97 9.99 -36.64
N TYR C 452 -26.73 11.18 -37.17
CA TYR C 452 -26.34 11.34 -38.57
C TYR C 452 -24.92 10.82 -38.87
N LEU C 453 -24.21 10.39 -37.84
CA LEU C 453 -22.87 9.85 -38.01
C LEU C 453 -22.74 8.42 -37.49
N ASP C 454 -23.87 7.82 -37.10
CA ASP C 454 -23.89 6.49 -36.49
C ASP C 454 -23.30 5.39 -37.38
N LYS C 455 -23.55 5.49 -38.68
CA LYS C 455 -23.06 4.49 -39.64
C LYS C 455 -21.86 5.00 -40.44
N LEU C 456 -21.09 5.90 -39.83
CA LEU C 456 -19.85 6.40 -40.41
C LEU C 456 -18.66 5.76 -39.69
N GLU C 457 -17.64 5.40 -40.47
CA GLU C 457 -16.40 4.81 -39.92
C GLU C 457 -15.72 5.79 -38.97
N PRO C 458 -15.48 5.34 -37.71
CA PRO C 458 -14.98 6.19 -36.61
C PRO C 458 -13.68 6.94 -36.89
N SER C 459 -12.86 6.42 -37.81
CA SER C 459 -11.58 7.03 -38.14
C SER C 459 -11.71 8.35 -38.90
N LYS C 460 -12.85 8.53 -39.58
CA LYS C 460 -13.05 9.71 -40.43
C LYS C 460 -14.01 10.76 -39.85
N ILE C 461 -14.39 10.61 -38.58
CA ILE C 461 -15.23 11.59 -37.90
C ILE C 461 -14.49 12.92 -37.73
N THR C 462 -13.22 12.83 -37.33
CA THR C 462 -12.35 13.99 -37.19
C THR C 462 -12.18 14.70 -38.54
N LYS C 463 -11.94 13.90 -39.59
CA LYS C 463 -11.84 14.40 -40.96
C LYS C 463 -13.16 15.02 -41.42
N PHE C 464 -14.27 14.40 -41.03
CA PHE C 464 -15.61 14.89 -41.34
C PHE C 464 -15.84 16.28 -40.78
N GLU C 465 -15.55 16.45 -39.48
CA GLU C 465 -15.79 17.71 -38.78
C GLU C 465 -15.08 18.89 -39.42
N ASN C 466 -13.82 18.69 -39.84
CA ASN C 466 -13.02 19.74 -40.46
C ASN C 466 -13.64 20.25 -41.77
N ALA C 467 -13.97 19.32 -42.65
CA ALA C 467 -14.53 19.65 -43.97
C ALA C 467 -15.98 20.13 -43.87
N PHE C 468 -16.74 19.52 -42.97
CA PHE C 468 -18.14 19.89 -42.76
C PHE C 468 -18.29 21.31 -42.23
N LEU C 469 -17.48 21.66 -41.24
CA LEU C 469 -17.55 22.96 -40.59
C LEU C 469 -17.12 24.09 -41.54
N SER C 470 -16.05 23.86 -42.30
CA SER C 470 -15.54 24.86 -43.25
C SER C 470 -16.51 25.11 -44.41
N HIS C 471 -17.32 24.11 -44.74
CA HIS C 471 -18.39 24.25 -45.73
C HIS C 471 -19.53 25.07 -45.19
N VAL C 472 -19.86 24.86 -43.92
CA VAL C 472 -20.90 25.64 -43.25
C VAL C 472 -20.41 27.07 -42.97
N ILE C 473 -19.11 27.23 -42.77
CA ILE C 473 -18.51 28.54 -42.52
C ILE C 473 -18.50 29.43 -43.78
N SER C 474 -18.17 28.84 -44.93
CA SER C 474 -18.02 29.61 -46.16
C SER C 474 -19.31 29.78 -46.97
N GLN C 475 -20.21 28.80 -46.87
CA GLN C 475 -21.42 28.79 -47.68
C GLN C 475 -22.70 28.99 -46.87
N HIS C 476 -22.62 28.83 -45.55
CA HIS C 476 -23.79 28.96 -44.68
C HIS C 476 -23.53 29.83 -43.48
N GLN C 477 -23.17 31.08 -43.73
CA GLN C 477 -23.01 32.07 -42.66
C GLN C 477 -24.35 32.51 -42.06
N ALA C 478 -25.38 32.55 -42.91
CA ALA C 478 -26.71 32.98 -42.50
C ALA C 478 -27.37 32.02 -41.51
N LEU C 479 -26.99 30.74 -41.57
CA LEU C 479 -27.49 29.73 -40.64
C LEU C 479 -26.82 29.90 -39.27
N LEU C 480 -25.50 29.94 -39.27
CA LEU C 480 -24.72 30.13 -38.05
C LEU C 480 -25.03 31.46 -37.38
N GLY C 481 -25.17 32.50 -38.19
CA GLY C 481 -25.52 33.85 -37.72
C GLY C 481 -26.88 33.89 -37.02
N LYS C 482 -27.82 33.10 -37.53
CA LYS C 482 -29.16 33.03 -36.94
C LYS C 482 -29.18 32.24 -35.64
N ILE C 483 -28.35 31.20 -35.55
CA ILE C 483 -28.21 30.41 -34.31
C ILE C 483 -27.50 31.24 -33.24
N ARG C 484 -26.50 32.02 -33.67
CA ARG C 484 -25.75 32.90 -32.79
C ARG C 484 -26.65 33.97 -32.16
N THR C 485 -27.39 34.69 -33.02
CA THR C 485 -28.21 35.83 -32.58
C THR C 485 -29.49 35.42 -31.87
N ASP C 486 -30.16 34.38 -32.37
CA ASP C 486 -31.39 33.87 -31.75
C ASP C 486 -31.11 33.13 -30.44
N GLY C 487 -29.90 32.57 -30.32
CA GLY C 487 -29.48 31.91 -29.10
C GLY C 487 -30.01 30.49 -28.92
N LYS C 488 -30.85 30.04 -29.84
CA LYS C 488 -31.37 28.68 -29.82
C LYS C 488 -31.42 28.08 -31.24
N ILE C 489 -31.72 26.78 -31.31
CA ILE C 489 -31.99 26.14 -32.61
C ILE C 489 -33.45 26.38 -32.99
N SER C 490 -33.65 27.23 -34.00
CA SER C 490 -34.97 27.52 -34.55
C SER C 490 -35.49 26.30 -35.31
N GLU C 491 -36.82 26.21 -35.43
CA GLU C 491 -37.46 25.15 -36.21
C GLU C 491 -37.02 25.17 -37.67
N GLU C 492 -36.79 26.37 -38.20
CA GLU C 492 -36.26 26.56 -39.54
C GLU C 492 -34.77 26.21 -39.60
N SER C 493 -34.05 26.52 -38.52
CA SER C 493 -32.63 26.21 -38.41
C SER C 493 -32.40 24.70 -38.25
N ASP C 494 -33.32 24.04 -37.55
CA ASP C 494 -33.26 22.60 -37.33
C ASP C 494 -33.45 21.88 -38.66
N ALA C 495 -34.37 22.40 -39.48
CA ALA C 495 -34.64 21.87 -40.81
C ALA C 495 -33.45 22.09 -41.74
N LYS C 496 -32.82 23.26 -41.67
CA LYS C 496 -31.68 23.58 -42.51
C LYS C 496 -30.43 22.78 -42.14
N LEU C 497 -30.17 22.65 -40.84
CA LEU C 497 -29.06 21.81 -40.35
C LEU C 497 -29.18 20.37 -40.85
N LYS C 498 -30.40 19.82 -40.72
CA LYS C 498 -30.73 18.48 -41.22
C LYS C 498 -30.50 18.36 -42.74
N GLU C 499 -30.87 19.41 -43.47
CA GLU C 499 -30.70 19.45 -44.93
C GLU C 499 -29.22 19.34 -45.32
N ILE C 500 -28.36 20.07 -44.61
CA ILE C 500 -26.93 20.07 -44.91
C ILE C 500 -26.23 18.76 -44.51
N VAL C 501 -26.46 18.31 -43.27
CA VAL C 501 -25.75 17.13 -42.74
C VAL C 501 -26.04 15.83 -43.50
N THR C 502 -27.29 15.63 -43.92
CA THR C 502 -27.69 14.41 -44.62
C THR C 502 -27.11 14.31 -46.03
N ASN C 503 -27.07 15.44 -46.73
CA ASN C 503 -26.52 15.49 -48.09
C ASN C 503 -24.99 15.50 -48.10
N PHE C 504 -24.40 16.11 -47.07
CA PHE C 504 -22.95 16.10 -46.88
C PHE C 504 -22.49 14.69 -46.53
N LEU C 505 -23.28 14.01 -45.68
CA LEU C 505 -23.05 12.63 -45.28
C LEU C 505 -22.76 11.73 -46.48
N ALA C 506 -23.71 11.67 -47.40
CA ALA C 506 -23.66 10.74 -48.54
C ALA C 506 -22.52 11.03 -49.51
N GLY C 507 -22.16 12.31 -49.64
CA GLY C 507 -21.02 12.72 -50.44
C GLY C 507 -19.71 12.28 -49.82
N PHE C 508 -19.59 12.48 -48.50
CA PHE C 508 -18.41 12.10 -47.74
C PHE C 508 -18.25 10.58 -47.66
N GLU C 509 -19.36 9.86 -47.54
CA GLU C 509 -19.38 8.40 -47.44
C GLU C 509 -18.82 7.70 -48.70
N ALA C 510 -18.90 8.39 -49.83
CA ALA C 510 -18.40 7.86 -51.10
C ALA C 510 -16.99 8.39 -51.39
N THR D 11 -12.87 42.10 33.71
CA THR D 11 -11.39 41.99 33.91
C THR D 11 -10.64 42.19 32.59
N THR D 12 -9.55 42.96 32.66
CA THR D 12 -8.79 43.35 31.47
C THR D 12 -7.50 42.55 31.34
N GLY D 13 -7.29 41.95 30.17
CA GLY D 13 -6.08 41.20 29.86
C GLY D 13 -5.35 41.73 28.65
N ARG D 14 -4.15 41.22 28.39
CA ARG D 14 -3.33 41.65 27.27
C ARG D 14 -2.86 40.46 26.42
N ILE D 15 -2.93 40.63 25.10
CA ILE D 15 -2.36 39.66 24.16
C ILE D 15 -0.84 39.61 24.32
N VAL D 16 -0.28 38.40 24.34
CA VAL D 16 1.17 38.22 24.40
C VAL D 16 1.72 37.49 23.18
N ALA D 17 0.85 36.76 22.48
CA ALA D 17 1.25 35.98 21.31
C ALA D 17 0.13 35.84 20.28
N VAL D 18 0.49 35.90 19.01
CA VAL D 18 -0.43 35.66 17.90
C VAL D 18 0.23 34.76 16.85
N ILE D 19 -0.27 33.54 16.72
CA ILE D 19 0.21 32.58 15.72
C ILE D 19 -1.00 32.00 14.99
N GLY D 20 -1.35 32.61 13.86
CA GLY D 20 -2.53 32.21 13.08
C GLY D 20 -3.81 32.45 13.86
N ALA D 21 -4.62 31.40 14.00
CA ALA D 21 -5.88 31.48 14.73
C ALA D 21 -5.70 31.38 16.25
N VAL D 22 -4.48 31.05 16.67
CA VAL D 22 -4.17 30.84 18.09
C VAL D 22 -3.57 32.09 18.75
N VAL D 23 -4.28 32.62 19.74
CA VAL D 23 -3.90 33.84 20.43
C VAL D 23 -3.76 33.61 21.93
N ASP D 24 -2.59 33.96 22.48
CA ASP D 24 -2.32 33.80 23.91
C ASP D 24 -2.51 35.13 24.64
N VAL D 25 -3.29 35.09 25.73
CA VAL D 25 -3.64 36.31 26.47
C VAL D 25 -3.27 36.19 27.95
N GLN D 26 -2.64 37.23 28.49
CA GLN D 26 -2.21 37.27 29.89
C GLN D 26 -3.16 38.12 30.74
N PHE D 27 -3.56 37.57 31.88
CA PHE D 27 -4.38 38.27 32.86
C PHE D 27 -3.64 38.38 34.18
N ASP D 28 -3.43 39.60 34.65
CA ASP D 28 -2.65 39.85 35.87
C ASP D 28 -3.40 39.49 37.15
N GLU D 29 -4.73 39.54 37.11
CA GLU D 29 -5.56 39.22 38.26
C GLU D 29 -6.44 37.98 38.00
N GLY D 30 -7.76 38.17 38.03
CA GLY D 30 -8.71 37.07 37.84
C GLY D 30 -8.67 36.45 36.46
N LEU D 31 -8.24 35.18 36.41
CA LEU D 31 -8.10 34.45 35.16
C LEU D 31 -9.42 33.84 34.70
N PRO D 32 -9.79 34.04 33.42
CA PRO D 32 -11.06 33.53 32.89
C PRO D 32 -11.03 32.02 32.65
N PRO D 33 -12.08 31.30 33.12
CA PRO D 33 -12.21 29.88 32.88
C PRO D 33 -12.30 29.51 31.41
N ILE D 34 -11.95 28.26 31.09
CA ILE D 34 -11.98 27.74 29.72
C ILE D 34 -13.39 27.85 29.13
N LEU D 35 -13.45 28.12 27.83
CA LEU D 35 -14.69 28.26 27.05
C LEU D 35 -15.36 29.64 27.16
N ASN D 36 -14.74 30.56 27.88
CA ASN D 36 -15.24 31.92 27.96
C ASN D 36 -14.99 32.73 26.68
N ALA D 37 -15.86 33.70 26.44
CA ALA D 37 -15.73 34.60 25.30
C ALA D 37 -14.98 35.86 25.71
N LEU D 38 -13.90 36.17 24.99
CA LEU D 38 -13.12 37.37 25.27
C LEU D 38 -13.26 38.38 24.14
N GLU D 39 -13.47 39.63 24.51
CA GLU D 39 -13.65 40.72 23.54
C GLU D 39 -12.35 41.47 23.34
N VAL D 40 -11.84 41.46 22.10
CA VAL D 40 -10.64 42.21 21.76
C VAL D 40 -11.02 43.68 21.54
N GLN D 41 -10.30 44.56 22.21
CA GLN D 41 -10.57 46.00 22.13
C GLN D 41 -9.82 46.64 20.98
N GLY D 42 -10.32 47.80 20.53
CA GLY D 42 -9.70 48.54 19.43
C GLY D 42 -9.83 47.86 18.09
N ARG D 43 -11.03 47.35 17.81
CA ARG D 43 -11.34 46.69 16.54
C ARG D 43 -12.59 47.28 15.91
N GLU D 44 -12.64 47.27 14.59
CA GLU D 44 -13.78 47.82 13.84
C GLU D 44 -14.97 46.85 13.88
N THR D 45 -14.71 45.57 13.63
CA THR D 45 -15.71 44.52 13.81
C THR D 45 -15.41 43.74 15.10
N ARG D 46 -16.46 43.20 15.71
CA ARG D 46 -16.36 42.50 16.99
C ARG D 46 -15.56 41.20 16.86
N LEU D 47 -14.43 41.13 17.56
CA LEU D 47 -13.55 39.96 17.52
C LEU D 47 -13.59 39.18 18.83
N VAL D 48 -13.97 37.91 18.73
CA VAL D 48 -14.14 37.05 19.89
C VAL D 48 -13.04 35.99 19.96
N LEU D 49 -12.41 35.88 21.12
CA LEU D 49 -11.44 34.82 21.39
C LEU D 49 -12.02 33.85 22.41
N GLU D 50 -12.11 32.58 22.04
CA GLU D 50 -12.63 31.56 22.95
C GLU D 50 -11.50 30.86 23.67
N VAL D 51 -11.51 30.96 25.00
CA VAL D 51 -10.48 30.34 25.84
C VAL D 51 -10.52 28.82 25.70
N ALA D 52 -9.40 28.26 25.26
CA ALA D 52 -9.30 26.81 25.03
C ALA D 52 -8.46 26.13 26.11
N GLN D 53 -7.40 26.79 26.55
CA GLN D 53 -6.44 26.23 27.50
C GLN D 53 -5.97 27.25 28.52
N HIS D 54 -5.59 26.78 29.71
CA HIS D 54 -4.85 27.57 30.67
C HIS D 54 -3.42 27.11 30.61
N LEU D 55 -2.56 27.94 30.02
CA LEU D 55 -1.17 27.57 29.79
C LEU D 55 -0.33 27.60 31.05
N GLY D 56 -0.79 28.35 32.05
CA GLY D 56 -0.03 28.58 33.27
C GLY D 56 0.66 29.93 33.22
N GLU D 57 1.22 30.33 34.36
CA GLU D 57 1.84 31.65 34.54
C GLU D 57 0.87 32.77 34.14
N SER D 58 -0.38 32.64 34.59
CA SER D 58 -1.44 33.63 34.34
C SER D 58 -1.69 33.90 32.85
N THR D 59 -1.55 32.87 32.02
CA THR D 59 -1.75 33.00 30.58
C THR D 59 -2.78 31.98 30.07
N VAL D 60 -3.67 32.43 29.20
CA VAL D 60 -4.64 31.55 28.56
C VAL D 60 -4.39 31.46 27.05
N ARG D 61 -4.77 30.32 26.46
CA ARG D 61 -4.67 30.13 25.02
C ARG D 61 -6.07 30.14 24.42
N THR D 62 -6.26 30.95 23.38
CA THR D 62 -7.57 31.13 22.76
C THR D 62 -7.58 30.84 21.26
N ILE D 63 -8.78 30.60 20.73
CA ILE D 63 -8.99 30.50 19.30
C ILE D 63 -9.85 31.68 18.82
N ALA D 64 -9.42 32.32 17.74
CA ALA D 64 -10.12 33.49 17.21
C ALA D 64 -11.35 33.09 16.40
N MET D 65 -12.41 33.89 16.51
CA MET D 65 -13.65 33.67 15.76
C MET D 65 -13.71 34.49 14.48
N ASP D 66 -12.63 35.22 14.21
CA ASP D 66 -12.46 35.94 12.96
C ASP D 66 -10.96 36.12 12.73
N GLY D 67 -10.58 36.73 11.61
CA GLY D 67 -9.17 36.95 11.26
C GLY D 67 -8.37 37.61 12.36
N THR D 68 -7.10 37.23 12.47
CA THR D 68 -6.22 37.78 13.50
C THR D 68 -5.25 38.82 12.96
N GLU D 69 -5.46 39.25 11.72
CA GLU D 69 -4.66 40.32 11.13
C GLU D 69 -4.92 41.64 11.86
N GLY D 70 -3.86 42.41 12.08
CA GLY D 70 -3.96 43.71 12.75
C GLY D 70 -3.86 43.65 14.26
N LEU D 71 -3.61 42.46 14.80
CA LEU D 71 -3.48 42.28 16.24
C LEU D 71 -2.07 42.60 16.73
N VAL D 72 -2.01 43.26 17.88
CA VAL D 72 -0.75 43.72 18.46
C VAL D 72 -0.55 43.07 19.83
N ARG D 73 0.69 42.71 20.14
CA ARG D 73 1.05 42.20 21.47
C ARG D 73 0.93 43.33 22.48
N GLY D 74 -0.02 43.18 23.41
CA GLY D 74 -0.29 44.21 24.42
C GLY D 74 -1.63 44.89 24.24
N GLN D 75 -2.42 44.38 23.29
CA GLN D 75 -3.75 44.91 23.02
C GLN D 75 -4.73 44.45 24.09
N LYS D 76 -5.62 45.34 24.50
CA LYS D 76 -6.61 45.07 25.54
C LYS D 76 -7.60 43.99 25.13
N VAL D 77 -7.81 43.02 26.02
CA VAL D 77 -8.80 41.96 25.80
C VAL D 77 -9.64 41.82 27.07
N LEU D 78 -10.96 41.97 26.92
CA LEU D 78 -11.88 41.92 28.05
C LEU D 78 -12.62 40.59 28.16
N ASP D 79 -12.75 40.09 29.39
CA ASP D 79 -13.50 38.87 29.66
C ASP D 79 -14.97 39.20 29.88
N SER D 80 -15.83 38.64 29.04
CA SER D 80 -17.27 38.88 29.12
C SER D 80 -17.93 38.20 30.33
N GLY D 81 -17.23 37.23 30.91
CA GLY D 81 -17.70 36.53 32.11
C GLY D 81 -18.44 35.23 31.83
N ALA D 82 -18.83 35.05 30.57
CA ALA D 82 -19.58 33.86 30.15
C ALA D 82 -19.15 33.45 28.74
N PRO D 83 -19.42 32.18 28.34
CA PRO D 83 -19.15 31.72 26.97
C PRO D 83 -19.90 32.53 25.92
N ILE D 84 -19.59 32.29 24.65
CA ILE D 84 -20.26 32.97 23.53
C ILE D 84 -21.78 32.84 23.67
N ARG D 85 -22.47 33.97 23.70
CA ARG D 85 -23.93 34.00 23.85
C ARG D 85 -24.62 34.53 22.60
N ILE D 86 -25.65 33.83 22.16
CA ILE D 86 -26.36 34.14 20.92
C ILE D 86 -27.85 34.41 21.13
N PRO D 87 -28.48 35.18 20.22
CA PRO D 87 -29.94 35.37 20.26
C PRO D 87 -30.70 34.08 20.00
N VAL D 88 -31.71 33.82 20.84
CA VAL D 88 -32.59 32.66 20.66
C VAL D 88 -34.06 33.07 20.65
N GLY D 89 -34.91 32.21 20.13
CA GLY D 89 -36.36 32.46 20.07
C GLY D 89 -36.87 32.66 18.66
N PRO D 90 -38.18 32.98 18.53
CA PRO D 90 -38.86 33.16 17.24
C PRO D 90 -38.33 34.33 16.40
N GLU D 91 -37.47 35.17 16.99
CA GLU D 91 -36.88 36.31 16.29
C GLU D 91 -35.63 35.94 15.47
N THR D 92 -35.27 34.65 15.48
CA THR D 92 -34.20 34.14 14.63
C THR D 92 -34.74 33.63 13.29
N LEU D 93 -36.07 33.51 13.21
CA LEU D 93 -36.76 33.01 12.03
C LEU D 93 -36.72 34.03 10.88
N GLY D 94 -36.19 33.60 9.74
CA GLY D 94 -36.02 34.47 8.58
C GLY D 94 -34.74 35.29 8.62
N ARG D 95 -33.96 35.11 9.68
CA ARG D 95 -32.70 35.84 9.88
C ARG D 95 -31.50 34.92 9.70
N ILE D 96 -30.41 35.48 9.20
CA ILE D 96 -29.14 34.74 9.11
C ILE D 96 -28.17 35.26 10.17
N MET D 97 -27.71 34.35 11.03
CA MET D 97 -26.73 34.66 12.06
C MET D 97 -25.37 34.05 11.76
N ASN D 98 -24.34 34.55 12.44
CA ASN D 98 -23.02 33.94 12.38
C ASN D 98 -22.64 33.28 13.71
N VAL D 99 -21.37 32.90 13.84
CA VAL D 99 -20.87 32.16 15.01
C VAL D 99 -21.19 32.83 16.35
N ILE D 100 -21.09 34.15 16.39
CA ILE D 100 -21.21 34.90 17.64
C ILE D 100 -22.58 35.57 17.84
N GLY D 101 -23.48 35.35 16.88
CA GLY D 101 -24.86 35.82 17.00
C GLY D 101 -25.10 37.21 16.44
N GLU D 102 -24.33 37.58 15.43
CA GLU D 102 -24.52 38.84 14.71
C GLU D 102 -25.33 38.59 13.45
N PRO D 103 -26.32 39.46 13.17
CA PRO D 103 -27.06 39.36 11.91
C PRO D 103 -26.18 39.67 10.70
N ILE D 104 -26.32 38.88 9.64
CA ILE D 104 -25.57 39.11 8.40
C ILE D 104 -26.49 39.19 7.19
N ASP D 105 -27.77 39.44 7.43
CA ASP D 105 -28.76 39.58 6.36
C ASP D 105 -29.10 41.06 6.10
N GLU D 106 -28.34 41.95 6.74
CA GLU D 106 -28.49 43.41 6.59
C GLU D 106 -29.83 43.97 7.09
N ARG D 107 -30.60 43.13 7.78
CA ARG D 107 -31.96 43.47 8.18
C ARG D 107 -32.05 44.17 9.54
N GLY D 108 -30.91 44.35 10.20
CA GLY D 108 -30.86 45.06 11.48
C GLY D 108 -30.62 44.15 12.68
N PRO D 109 -30.64 44.73 13.90
CA PRO D 109 -30.35 43.98 15.12
C PRO D 109 -31.46 43.00 15.50
N ILE D 110 -31.07 41.85 16.06
CA ILE D 110 -32.03 40.85 16.53
C ILE D 110 -32.64 41.32 17.85
N LYS D 111 -33.82 41.92 17.76
CA LYS D 111 -34.50 42.51 18.92
C LYS D 111 -35.07 41.42 19.84
N THR D 112 -34.37 41.16 20.94
CA THR D 112 -34.78 40.16 21.93
C THR D 112 -34.04 40.33 23.26
N LYS D 113 -34.76 40.08 24.35
CA LYS D 113 -34.12 40.00 25.67
C LYS D 113 -34.07 38.55 26.17
N GLN D 114 -33.63 37.66 25.28
CA GLN D 114 -33.43 36.25 25.60
C GLN D 114 -32.25 35.67 24.83
N PHE D 115 -31.20 35.31 25.56
CA PHE D 115 -29.96 34.80 24.98
C PHE D 115 -29.54 33.49 25.66
N ALA D 116 -28.68 32.73 24.98
CA ALA D 116 -28.18 31.46 25.51
C ALA D 116 -26.73 31.18 25.10
N ALA D 117 -26.00 30.52 25.99
CA ALA D 117 -24.61 30.13 25.73
C ALA D 117 -24.56 28.96 24.75
N ILE D 118 -23.65 29.06 23.77
CA ILE D 118 -23.52 28.03 22.74
C ILE D 118 -22.85 26.73 23.23
N HIS D 119 -22.27 26.79 24.43
CA HIS D 119 -21.72 25.62 25.10
C HIS D 119 -22.62 25.19 26.20
N ALA D 120 -23.03 23.93 26.18
CA ALA D 120 -23.96 23.39 27.18
C ALA D 120 -23.74 21.90 27.40
N GLU D 121 -24.20 21.42 28.56
CA GLU D 121 -24.15 20.01 28.88
C GLU D 121 -25.15 19.21 28.03
N ALA D 122 -24.70 18.07 27.53
CA ALA D 122 -25.55 17.17 26.76
C ALA D 122 -26.65 16.59 27.64
N PRO D 123 -27.88 16.47 27.09
CA PRO D 123 -29.00 15.86 27.80
C PRO D 123 -28.67 14.50 28.40
N GLU D 124 -29.08 14.27 29.63
CA GLU D 124 -28.74 13.05 30.36
C GLU D 124 -29.45 11.80 29.82
N PHE D 125 -28.96 10.64 30.27
CA PHE D 125 -29.48 9.33 29.86
C PHE D 125 -30.96 9.16 30.21
N VAL D 126 -31.38 9.71 31.35
CA VAL D 126 -32.78 9.66 31.80
C VAL D 126 -33.72 10.47 30.91
N GLU D 127 -33.15 11.42 30.17
CA GLU D 127 -33.94 12.31 29.31
C GLU D 127 -34.14 11.76 27.90
N MET D 128 -33.68 10.52 27.66
CA MET D 128 -33.77 9.90 26.34
C MET D 128 -35.13 9.27 26.05
N SER D 129 -35.54 9.31 24.78
CA SER D 129 -36.82 8.75 24.34
C SER D 129 -36.61 7.62 23.33
N VAL D 130 -37.26 6.49 23.61
CA VAL D 130 -37.17 5.30 22.76
C VAL D 130 -38.24 5.28 21.66
N GLU D 131 -39.12 6.29 21.69
CA GLU D 131 -40.20 6.43 20.72
C GLU D 131 -39.67 6.51 19.28
N GLN D 132 -40.05 5.52 18.47
CA GLN D 132 -39.65 5.47 17.07
C GLN D 132 -40.89 5.40 16.18
N GLU D 133 -41.04 6.39 15.32
CA GLU D 133 -42.16 6.46 14.38
C GLU D 133 -41.67 6.86 12.99
N ILE D 134 -42.02 6.05 11.99
CA ILE D 134 -41.63 6.28 10.60
C ILE D 134 -42.27 7.55 10.02
N LEU D 135 -41.45 8.38 9.38
CA LEU D 135 -41.95 9.54 8.65
C LEU D 135 -41.72 9.38 7.15
N VAL D 136 -42.75 9.65 6.35
CA VAL D 136 -42.63 9.62 4.89
C VAL D 136 -41.81 10.82 4.40
N THR D 137 -40.91 10.55 3.46
CA THR D 137 -40.04 11.59 2.91
C THR D 137 -40.39 11.92 1.46
N GLY D 138 -41.03 10.97 0.79
CA GLY D 138 -41.40 11.14 -0.62
C GLY D 138 -40.38 10.56 -1.58
N ILE D 139 -39.17 10.32 -1.08
CA ILE D 139 -38.10 9.72 -1.87
C ILE D 139 -38.11 8.20 -1.74
N LYS D 140 -38.24 7.53 -2.89
CA LYS D 140 -38.46 6.08 -2.95
C LYS D 140 -37.38 5.25 -2.26
N VAL D 141 -36.12 5.47 -2.64
CA VAL D 141 -35.00 4.69 -2.12
C VAL D 141 -34.92 4.78 -0.59
N VAL D 142 -35.08 5.99 -0.07
CA VAL D 142 -35.05 6.25 1.37
C VAL D 142 -36.28 5.63 2.05
N ASP D 143 -37.46 5.95 1.55
CA ASP D 143 -38.71 5.43 2.11
C ASP D 143 -38.74 3.90 2.15
N LEU D 144 -38.29 3.27 1.06
CA LEU D 144 -38.32 1.82 0.94
C LEU D 144 -37.25 1.12 1.78
N LEU D 145 -35.99 1.45 1.52
CA LEU D 145 -34.86 0.70 2.06
C LEU D 145 -34.36 1.19 3.42
N ALA D 146 -34.14 2.50 3.54
CA ALA D 146 -33.64 3.07 4.79
C ALA D 146 -34.47 4.26 5.26
N PRO D 147 -35.68 3.99 5.82
CA PRO D 147 -36.60 5.07 6.21
C PRO D 147 -36.07 5.91 7.38
N TYR D 148 -36.46 7.17 7.41
CA TYR D 148 -36.12 8.04 8.54
C TYR D 148 -37.23 8.00 9.58
N ALA D 149 -36.86 8.25 10.83
CA ALA D 149 -37.82 8.28 11.93
C ALA D 149 -38.07 9.69 12.43
N LYS D 150 -39.25 9.92 13.00
CA LYS D 150 -39.58 11.21 13.62
C LYS D 150 -38.71 11.42 14.84
N GLY D 151 -37.97 12.54 14.83
CA GLY D 151 -37.04 12.86 15.91
C GLY D 151 -35.77 12.03 15.88
N GLY D 152 -35.48 11.44 14.72
CA GLY D 152 -34.31 10.58 14.55
C GLY D 152 -33.09 11.35 14.12
N LYS D 153 -31.92 10.69 14.22
CA LYS D 153 -30.66 11.27 13.78
C LYS D 153 -30.26 10.74 12.41
N ILE D 154 -30.43 11.58 11.40
CA ILE D 154 -30.20 11.23 10.00
C ILE D 154 -28.89 11.86 9.51
N GLY D 155 -28.09 11.07 8.80
CA GLY D 155 -26.83 11.54 8.24
C GLY D 155 -26.64 11.12 6.79
N LEU D 156 -26.33 12.08 5.93
CA LEU D 156 -26.18 11.83 4.50
C LEU D 156 -24.70 11.84 4.10
N PHE D 157 -24.13 10.64 3.97
CA PHE D 157 -22.72 10.47 3.64
C PHE D 157 -22.48 10.62 2.14
N GLY D 158 -21.25 11.00 1.78
CA GLY D 158 -20.85 11.08 0.39
C GLY D 158 -19.55 11.82 0.14
N GLY D 159 -18.80 11.35 -0.86
CA GLY D 159 -17.60 12.03 -1.33
C GLY D 159 -17.96 13.29 -2.12
N ALA D 160 -16.96 13.93 -2.71
CA ALA D 160 -17.19 15.20 -3.41
C ALA D 160 -18.00 15.04 -4.70
N GLY D 161 -19.11 15.79 -4.77
CA GLY D 161 -19.91 15.87 -5.99
C GLY D 161 -20.96 14.79 -6.20
N VAL D 162 -21.23 14.00 -5.18
CA VAL D 162 -22.20 12.89 -5.30
C VAL D 162 -23.65 13.30 -5.02
N GLY D 163 -23.85 14.43 -4.36
CA GLY D 163 -25.21 14.98 -4.16
C GLY D 163 -25.68 15.21 -2.74
N LYS D 164 -24.75 15.45 -1.81
CA LYS D 164 -25.10 15.69 -0.41
C LYS D 164 -25.97 16.93 -0.21
N THR D 165 -25.57 18.03 -0.87
CA THR D 165 -26.29 19.30 -0.78
C THR D 165 -27.65 19.23 -1.47
N VAL D 166 -27.69 18.66 -2.67
CA VAL D 166 -28.94 18.50 -3.43
C VAL D 166 -29.95 17.66 -2.66
N LEU D 167 -29.47 16.62 -1.98
CA LEU D 167 -30.33 15.75 -1.19
C LEU D 167 -30.90 16.45 0.04
N ILE D 168 -30.05 17.14 0.80
CA ILE D 168 -30.49 17.87 2.00
C ILE D 168 -31.41 19.05 1.65
N MET D 169 -31.21 19.61 0.45
CA MET D 169 -32.00 20.73 -0.06
C MET D 169 -33.45 20.31 -0.31
N GLU D 170 -33.62 19.11 -0.85
CA GLU D 170 -34.94 18.58 -1.16
C GLU D 170 -35.61 17.96 0.05
N LEU D 171 -34.82 17.64 1.08
CA LEU D 171 -35.38 17.19 2.36
C LEU D 171 -36.04 18.35 3.08
N ILE D 172 -35.46 19.55 2.96
CA ILE D 172 -36.08 20.77 3.50
C ILE D 172 -37.29 21.15 2.67
N ASN D 173 -37.24 20.84 1.38
CA ASN D 173 -38.34 21.12 0.45
C ASN D 173 -39.56 20.22 0.66
N ASN D 174 -39.33 19.04 1.22
CA ASN D 174 -40.39 18.04 1.42
C ASN D 174 -40.85 17.87 2.87
N VAL D 175 -39.89 17.72 3.79
CA VAL D 175 -40.18 17.43 5.19
C VAL D 175 -40.73 18.64 5.95
N ALA D 176 -40.16 19.82 5.70
CA ALA D 176 -40.61 21.06 6.35
C ALA D 176 -42.06 21.41 6.01
N LYS D 177 -42.51 20.98 4.84
CA LYS D 177 -43.92 21.09 4.43
C LYS D 177 -44.81 20.25 5.34
N ALA D 178 -44.38 19.03 5.63
CA ALA D 178 -45.08 18.14 6.54
C ALA D 178 -44.66 18.39 7.99
N HIS D 179 -44.62 19.67 8.37
CA HIS D 179 -44.19 20.10 9.70
C HIS D 179 -44.74 21.47 10.02
N GLY D 180 -45.40 21.57 11.17
CA GLY D 180 -46.00 22.83 11.62
C GLY D 180 -45.12 23.64 12.56
N GLY D 181 -43.91 23.12 12.83
CA GLY D 181 -42.96 23.78 13.71
C GLY D 181 -41.90 24.57 12.96
N TYR D 182 -40.75 24.75 13.59
CA TYR D 182 -39.67 25.56 13.02
C TYR D 182 -38.47 24.71 12.61
N SER D 183 -37.72 25.21 11.63
CA SER D 183 -36.49 24.56 11.17
C SER D 183 -35.27 25.43 11.38
N VAL D 184 -34.12 24.78 11.58
CA VAL D 184 -32.83 25.47 11.66
C VAL D 184 -31.89 24.88 10.61
N PHE D 185 -31.24 25.75 9.85
CA PHE D 185 -30.21 25.30 8.92
C PHE D 185 -28.84 25.89 9.28
N ALA D 186 -27.92 25.01 9.65
CA ALA D 186 -26.55 25.42 9.93
C ALA D 186 -25.67 25.22 8.71
N GLY D 187 -25.15 26.33 8.20
CA GLY D 187 -24.13 26.32 7.16
C GLY D 187 -22.78 26.27 7.81
N VAL D 188 -22.15 25.10 7.76
CA VAL D 188 -20.86 24.88 8.41
C VAL D 188 -19.77 24.60 7.37
N GLY D 189 -18.88 25.57 7.19
CA GLY D 189 -17.69 25.43 6.36
C GLY D 189 -17.90 25.07 4.90
N GLU D 190 -19.05 25.44 4.36
CA GLU D 190 -19.36 25.13 2.96
C GLU D 190 -19.30 26.38 2.08
N ARG D 191 -20.01 26.36 0.96
CA ARG D 191 -19.92 27.44 -0.03
C ARG D 191 -20.90 28.57 0.28
N THR D 192 -20.36 29.79 0.39
CA THR D 192 -21.15 31.00 0.58
C THR D 192 -22.15 31.17 -0.56
N ARG D 193 -21.77 30.74 -1.76
CA ARG D 193 -22.62 30.73 -2.94
C ARG D 193 -23.94 29.99 -2.68
N GLU D 194 -23.84 28.81 -2.06
CA GLU D 194 -25.01 27.99 -1.72
C GLU D 194 -25.85 28.62 -0.62
N GLY D 195 -25.23 29.47 0.19
CA GLY D 195 -25.93 30.27 1.19
C GLY D 195 -26.87 31.26 0.53
N ASN D 196 -26.37 31.91 -0.52
CA ASN D 196 -27.19 32.79 -1.36
C ASN D 196 -28.26 32.02 -2.09
N ASP D 197 -27.92 30.81 -2.54
CA ASP D 197 -28.86 29.94 -3.23
C ASP D 197 -30.03 29.55 -2.33
N LEU D 198 -29.73 29.06 -1.13
CA LEU D 198 -30.76 28.60 -0.19
C LEU D 198 -31.63 29.73 0.34
N TYR D 199 -31.01 30.89 0.58
CA TYR D 199 -31.71 32.06 1.10
C TYR D 199 -32.79 32.55 0.14
N HIS D 200 -32.42 32.70 -1.13
CA HIS D 200 -33.33 33.22 -2.14
C HIS D 200 -34.33 32.22 -2.64
N GLU D 201 -34.00 30.94 -2.53
CA GLU D 201 -34.94 29.85 -2.86
C GLU D 201 -36.05 29.75 -1.81
N MET D 202 -35.70 30.01 -0.55
CA MET D 202 -36.66 29.96 0.55
C MET D 202 -37.55 31.21 0.60
N ILE D 203 -37.01 32.34 0.16
CA ILE D 203 -37.79 33.57 -0.02
C ILE D 203 -38.83 33.34 -1.11
N GLU D 204 -38.41 32.69 -2.20
CA GLU D 204 -39.29 32.35 -3.31
C GLU D 204 -40.37 31.34 -2.90
N SER D 205 -39.97 30.31 -2.14
CA SER D 205 -40.90 29.29 -1.67
C SER D 205 -41.78 29.76 -0.50
N GLY D 206 -41.42 30.92 0.06
CA GLY D 206 -42.24 31.56 1.10
C GLY D 206 -41.95 31.10 2.52
N VAL D 207 -41.00 30.19 2.67
CA VAL D 207 -40.61 29.67 3.99
C VAL D 207 -39.90 30.75 4.82
N ILE D 208 -39.24 31.68 4.11
CA ILE D 208 -38.75 32.92 4.71
C ILE D 208 -39.57 34.08 4.16
N ASN D 209 -40.12 34.88 5.07
CA ASN D 209 -40.88 36.08 4.70
C ASN D 209 -40.24 37.32 5.31
N LEU D 210 -39.84 38.25 4.45
CA LEU D 210 -39.06 39.42 4.86
C LEU D 210 -39.89 40.59 5.39
N LYS D 211 -41.22 40.43 5.42
CA LYS D 211 -42.09 41.52 5.88
C LYS D 211 -42.95 41.19 7.11
N ASP D 212 -43.33 39.92 7.25
CA ASP D 212 -44.11 39.48 8.41
C ASP D 212 -43.35 38.45 9.27
N ALA D 213 -44.08 37.74 10.13
CA ALA D 213 -43.47 36.83 11.09
C ALA D 213 -43.71 35.35 10.75
N THR D 214 -44.21 35.07 9.56
CA THR D 214 -44.55 33.70 9.14
C THR D 214 -43.34 32.84 8.78
N SER D 215 -42.14 33.43 8.85
CA SER D 215 -40.90 32.71 8.58
C SER D 215 -40.75 31.50 9.51
N LYS D 216 -40.39 30.37 8.93
CA LYS D 216 -40.33 29.10 9.67
C LYS D 216 -38.93 28.48 9.70
N VAL D 217 -37.98 29.13 9.02
CA VAL D 217 -36.59 28.64 8.99
C VAL D 217 -35.63 29.69 9.54
N ALA D 218 -34.86 29.29 10.56
CA ALA D 218 -33.79 30.12 11.12
C ALA D 218 -32.46 29.72 10.50
N LEU D 219 -31.68 30.70 10.09
CA LEU D 219 -30.40 30.44 9.41
C LEU D 219 -29.19 30.82 10.26
N VAL D 220 -28.22 29.91 10.29
CA VAL D 220 -26.92 30.15 10.93
C VAL D 220 -25.84 29.78 9.91
N TYR D 221 -24.93 30.71 9.64
CA TYR D 221 -23.92 30.50 8.62
C TYR D 221 -22.49 30.85 9.04
N GLY D 222 -21.56 29.98 8.66
CA GLY D 222 -20.13 30.17 8.85
C GLY D 222 -19.42 29.32 7.82
N GLN D 223 -19.31 29.83 6.61
CA GLN D 223 -18.81 29.05 5.47
C GLN D 223 -17.28 28.95 5.44
N MET D 224 -16.74 28.43 4.35
CA MET D 224 -15.31 28.11 4.26
C MET D 224 -14.39 29.31 3.99
N ASN D 225 -14.95 30.52 3.94
CA ASN D 225 -14.15 31.75 3.92
C ASN D 225 -13.78 32.18 5.34
N GLU D 226 -14.54 31.68 6.32
CA GLU D 226 -14.27 31.95 7.73
C GLU D 226 -13.08 31.12 8.22
N PRO D 227 -12.28 31.68 9.15
CA PRO D 227 -11.16 30.99 9.80
C PRO D 227 -11.61 29.78 10.63
N PRO D 228 -10.68 28.85 10.96
CA PRO D 228 -11.00 27.59 11.62
C PRO D 228 -11.86 27.75 12.88
N GLY D 229 -11.50 28.70 13.74
CA GLY D 229 -12.25 28.95 14.98
C GLY D 229 -13.73 29.16 14.73
N ALA D 230 -14.04 30.01 13.75
CA ALA D 230 -15.42 30.27 13.35
C ALA D 230 -16.14 29.01 12.87
N ARG D 231 -15.45 28.20 12.05
CA ARG D 231 -15.99 26.95 11.53
C ARG D 231 -16.14 25.87 12.60
N ALA D 232 -15.29 25.90 13.61
CA ALA D 232 -15.32 24.92 14.71
C ALA D 232 -16.51 25.13 15.64
N ARG D 233 -17.01 26.36 15.73
CA ARG D 233 -18.06 26.69 16.69
C ARG D 233 -19.42 27.09 16.08
N VAL D 234 -19.44 27.27 14.75
CA VAL D 234 -20.67 27.67 14.05
C VAL D 234 -21.70 26.54 14.00
N ALA D 235 -21.23 25.30 14.16
CA ALA D 235 -22.11 24.14 14.26
C ALA D 235 -22.81 24.11 15.62
N LEU D 236 -22.12 24.58 16.65
CA LEU D 236 -22.69 24.67 18.00
C LEU D 236 -23.67 25.84 18.12
N THR D 237 -23.42 26.91 17.36
CA THR D 237 -24.31 28.07 17.28
C THR D 237 -25.65 27.65 16.66
N GLY D 238 -25.58 26.84 15.61
CA GLY D 238 -26.76 26.31 14.94
C GLY D 238 -27.64 25.45 15.83
N LEU D 239 -27.01 24.53 16.56
CA LEU D 239 -27.75 23.57 17.40
C LEU D 239 -28.26 24.17 18.71
N THR D 240 -27.70 25.30 19.12
CA THR D 240 -28.14 26.01 20.34
C THR D 240 -29.47 26.71 20.08
N VAL D 241 -29.67 27.16 18.85
CA VAL D 241 -30.95 27.71 18.40
C VAL D 241 -31.99 26.60 18.36
N ALA D 242 -31.56 25.42 17.94
CA ALA D 242 -32.40 24.22 17.92
C ALA D 242 -32.74 23.75 19.33
N GLU D 243 -31.81 23.94 20.26
CA GLU D 243 -32.00 23.54 21.66
C GLU D 243 -33.05 24.38 22.39
N TYR D 244 -33.24 25.62 21.95
CA TYR D 244 -34.26 26.50 22.54
C TYR D 244 -35.67 26.12 22.10
N PHE D 245 -35.84 25.87 20.81
CA PHE D 245 -37.14 25.51 20.25
C PHE D 245 -37.63 24.14 20.76
N ARG D 246 -36.68 23.28 21.11
CA ARG D 246 -36.98 21.96 21.65
C ARG D 246 -37.37 22.01 23.12
N ASP D 247 -36.52 22.62 23.95
CA ASP D 247 -36.69 22.60 25.40
C ASP D 247 -37.65 23.66 25.95
N GLN D 248 -37.40 24.91 25.61
CA GLN D 248 -38.15 26.04 26.17
C GLN D 248 -39.56 26.19 25.60
N GLU D 249 -39.87 25.40 24.56
CA GLU D 249 -41.22 25.35 24.00
C GLU D 249 -41.85 23.97 24.17
N GLY D 250 -41.06 22.92 23.96
CA GLY D 250 -41.54 21.54 24.05
C GLY D 250 -42.08 21.02 22.72
N GLN D 251 -41.77 21.73 21.64
CA GLN D 251 -42.29 21.41 20.31
C GLN D 251 -41.28 20.71 19.42
N ASP D 252 -41.78 20.17 18.31
CA ASP D 252 -40.94 19.45 17.34
C ASP D 252 -40.12 20.41 16.49
N VAL D 253 -38.83 20.12 16.36
CA VAL D 253 -37.89 20.96 15.61
C VAL D 253 -37.17 20.15 14.54
N LEU D 254 -36.82 20.80 13.43
CA LEU D 254 -36.02 20.19 12.38
C LEU D 254 -34.69 20.91 12.26
N LEU D 255 -33.59 20.16 12.26
CA LEU D 255 -32.25 20.72 12.15
C LEU D 255 -31.48 20.13 10.98
N PHE D 256 -31.00 21.01 10.09
CA PHE D 256 -30.23 20.60 8.91
C PHE D 256 -28.82 21.18 8.97
N ILE D 257 -27.83 20.34 8.71
CA ILE D 257 -26.43 20.76 8.74
C ILE D 257 -25.69 20.36 7.47
N ASP D 258 -25.10 21.35 6.80
CA ASP D 258 -24.24 21.14 5.66
C ASP D 258 -23.04 22.09 5.80
N ASN D 259 -21.87 21.58 6.17
CA ASN D 259 -21.58 20.15 6.34
C ASN D 259 -20.93 19.90 7.70
N ILE D 260 -21.31 18.82 8.37
CA ILE D 260 -20.81 18.54 9.73
C ILE D 260 -19.38 17.98 9.78
N PHE D 261 -18.85 17.59 8.61
CA PHE D 261 -17.43 17.21 8.52
C PHE D 261 -16.55 18.41 8.84
N ARG D 262 -16.98 19.59 8.39
CA ARG D 262 -16.24 20.84 8.57
C ARG D 262 -15.99 21.19 10.04
N PHE D 263 -16.87 20.72 10.91
CA PHE D 263 -16.68 20.82 12.37
C PHE D 263 -15.39 20.10 12.81
N THR D 264 -15.19 18.90 12.28
CA THR D 264 -13.99 18.10 12.58
C THR D 264 -12.75 18.64 11.88
N GLN D 265 -12.90 19.05 10.62
CA GLN D 265 -11.81 19.64 9.84
C GLN D 265 -11.21 20.86 10.56
N ALA D 266 -12.08 21.78 10.98
CA ALA D 266 -11.68 23.00 11.67
C ALA D 266 -10.89 22.71 12.94
N GLY D 267 -11.29 21.67 13.66
CA GLY D 267 -10.58 21.23 14.86
C GLY D 267 -9.16 20.77 14.59
N SER D 268 -8.96 20.07 13.47
CA SER D 268 -7.64 19.60 13.08
C SER D 268 -6.75 20.72 12.56
N GLU D 269 -7.38 21.80 12.08
CA GLU D 269 -6.66 22.94 11.53
C GLU D 269 -5.87 23.75 12.56
N VAL D 270 -6.33 23.72 13.82
CA VAL D 270 -5.66 24.44 14.91
C VAL D 270 -4.91 23.51 15.88
N SER D 271 -5.23 22.22 15.83
CA SER D 271 -4.72 21.23 16.78
C SER D 271 -3.20 21.28 17.00
N ALA D 272 -2.44 21.45 15.91
CA ALA D 272 -0.99 21.55 16.01
C ALA D 272 -0.56 22.75 16.85
N LEU D 273 -1.17 23.90 16.58
CA LEU D 273 -0.81 25.16 17.24
C LEU D 273 -1.28 25.25 18.70
N LEU D 274 -2.23 24.39 19.06
CA LEU D 274 -2.68 24.27 20.45
C LEU D 274 -1.68 23.43 21.27
N GLY D 275 -0.72 22.83 20.58
CA GLY D 275 0.36 22.08 21.22
C GLY D 275 0.10 20.59 21.36
N ARG D 276 -0.69 20.04 20.44
CA ARG D 276 -1.03 18.62 20.43
C ARG D 276 -0.15 17.80 19.50
N ILE D 277 0.15 16.56 19.89
CA ILE D 277 0.76 15.58 19.01
C ILE D 277 -0.35 15.08 18.07
N PRO D 278 -0.08 15.03 16.75
CA PRO D 278 -1.10 14.57 15.81
C PRO D 278 -1.47 13.09 15.99
N SER D 279 -2.74 12.77 15.73
CA SER D 279 -3.24 11.41 15.80
C SER D 279 -3.12 10.73 14.43
N ALA D 280 -3.85 9.62 14.25
CA ALA D 280 -3.87 8.90 12.99
C ALA D 280 -4.46 9.75 11.86
N VAL D 281 -3.99 9.51 10.64
CA VAL D 281 -4.45 10.21 9.42
C VAL D 281 -4.47 11.74 9.58
N GLY D 282 -3.54 12.25 10.40
CA GLY D 282 -3.34 13.68 10.56
C GLY D 282 -4.40 14.43 11.33
N TYR D 283 -5.30 13.70 11.99
CA TYR D 283 -6.37 14.31 12.78
C TYR D 283 -5.93 14.61 14.21
N GLN D 284 -6.77 15.36 14.93
CA GLN D 284 -6.56 15.68 16.34
C GLN D 284 -6.86 14.47 17.22
N PRO D 285 -6.12 14.32 18.34
CA PRO D 285 -6.38 13.24 19.30
C PRO D 285 -7.79 13.30 19.89
N THR D 286 -8.35 14.50 19.94
CA THR D 286 -9.65 14.75 20.57
C THR D 286 -10.86 14.47 19.66
N LEU D 287 -10.59 13.95 18.46
CA LEU D 287 -11.62 13.77 17.42
C LEU D 287 -12.94 13.16 17.90
N ALA D 288 -12.86 12.07 18.66
CA ALA D 288 -14.04 11.35 19.12
C ALA D 288 -14.83 12.10 20.19
N THR D 289 -14.13 12.64 21.20
CA THR D 289 -14.80 13.35 22.30
C THR D 289 -15.33 14.73 21.88
N ASP D 290 -14.65 15.37 20.94
CA ASP D 290 -15.13 16.63 20.35
C ASP D 290 -16.48 16.42 19.67
N MET D 291 -16.58 15.34 18.89
CA MET D 291 -17.81 14.94 18.25
C MET D 291 -18.86 14.49 19.28
N GLY D 292 -18.39 13.81 20.31
CA GLY D 292 -19.26 13.30 21.37
C GLY D 292 -20.03 14.39 22.10
N THR D 293 -19.30 15.35 22.67
CA THR D 293 -19.89 16.46 23.42
C THR D 293 -20.68 17.43 22.53
N MET D 294 -20.56 17.26 21.22
CA MET D 294 -21.31 18.03 20.24
C MET D 294 -22.58 17.30 19.81
N GLN D 295 -22.42 16.07 19.31
CA GLN D 295 -23.53 15.27 18.78
C GLN D 295 -24.54 14.87 19.84
N GLU D 296 -24.05 14.61 21.06
CA GLU D 296 -24.92 14.18 22.16
C GLU D 296 -25.88 15.27 22.62
N ARG D 297 -25.65 16.49 22.15
CA ARG D 297 -26.58 17.60 22.34
C ARG D 297 -27.65 17.57 21.25
N ILE D 298 -27.26 17.11 20.06
CA ILE D 298 -28.20 16.91 18.97
C ILE D 298 -28.98 15.61 19.23
N THR D 299 -30.11 15.73 19.91
CA THR D 299 -30.92 14.59 20.31
C THR D 299 -32.37 14.96 20.62
N THR D 300 -33.26 13.97 20.50
CA THR D 300 -34.62 14.08 20.97
C THR D 300 -34.63 13.78 22.47
N THR D 301 -35.37 14.58 23.23
CA THR D 301 -35.53 14.37 24.67
C THR D 301 -37.00 14.11 25.02
N LYS D 302 -37.28 14.02 26.32
CA LYS D 302 -38.66 13.90 26.79
C LYS D 302 -39.34 15.27 26.83
N LYS D 303 -38.54 16.33 26.87
CA LYS D 303 -39.03 17.71 26.79
C LYS D 303 -39.57 18.02 25.40
N GLY D 304 -38.81 17.63 24.38
CA GLY D 304 -39.18 17.90 22.99
C GLY D 304 -38.41 17.04 22.01
N SER D 305 -38.71 17.20 20.72
CA SER D 305 -38.15 16.35 19.67
C SER D 305 -37.37 17.14 18.62
N ILE D 306 -36.16 16.68 18.31
CA ILE D 306 -35.37 17.22 17.21
C ILE D 306 -35.15 16.14 16.15
N THR D 307 -35.63 16.40 14.94
CA THR D 307 -35.30 15.57 13.78
C THR D 307 -34.10 16.23 13.09
N SER D 308 -32.96 15.56 13.14
CA SER D 308 -31.71 16.12 12.62
C SER D 308 -31.26 15.45 11.34
N VAL D 309 -30.90 16.27 10.35
CA VAL D 309 -30.31 15.79 9.11
C VAL D 309 -28.94 16.45 8.93
N GLN D 310 -27.90 15.63 8.81
CA GLN D 310 -26.54 16.13 8.71
C GLN D 310 -25.84 15.60 7.46
N ALA D 311 -25.51 16.52 6.55
CA ALA D 311 -24.68 16.17 5.40
C ALA D 311 -23.27 15.93 5.90
N ILE D 312 -22.68 14.81 5.48
CA ILE D 312 -21.37 14.39 5.98
C ILE D 312 -20.43 14.07 4.81
N TYR D 313 -19.40 14.89 4.66
CA TYR D 313 -18.41 14.72 3.62
C TYR D 313 -17.52 13.50 3.91
N VAL D 314 -17.23 12.75 2.87
CA VAL D 314 -16.38 11.58 2.97
C VAL D 314 -15.10 11.86 2.18
N PRO D 315 -13.99 12.20 2.89
CA PRO D 315 -12.73 12.62 2.28
C PRO D 315 -12.18 11.60 1.29
N ALA D 316 -12.03 12.03 0.03
CA ALA D 316 -11.65 11.16 -1.09
C ALA D 316 -12.53 9.90 -1.16
N ASP D 317 -13.82 10.11 -0.93
CA ASP D 317 -14.82 9.02 -0.76
C ASP D 317 -14.29 7.73 -0.09
N ASP D 318 -13.54 7.92 0.99
CA ASP D 318 -13.05 6.82 1.82
C ASP D 318 -13.81 6.79 3.14
N LEU D 319 -14.71 5.82 3.28
CA LEU D 319 -15.59 5.72 4.45
C LEU D 319 -14.87 5.21 5.71
N THR D 320 -13.62 4.78 5.55
CA THR D 320 -12.82 4.32 6.69
C THR D 320 -12.14 5.50 7.40
N ASP D 321 -12.08 6.64 6.71
CA ASP D 321 -11.52 7.87 7.26
C ASP D 321 -12.14 8.18 8.63
N PRO D 322 -11.30 8.52 9.63
CA PRO D 322 -11.74 8.71 11.01
C PRO D 322 -12.93 9.66 11.20
N ALA D 323 -12.97 10.75 10.43
CA ALA D 323 -14.07 11.70 10.53
C ALA D 323 -15.44 11.08 10.21
N PRO D 324 -15.65 10.56 8.98
CA PRO D 324 -16.93 9.91 8.71
C PRO D 324 -17.15 8.58 9.44
N ALA D 325 -16.07 7.82 9.68
CA ALA D 325 -16.17 6.52 10.34
C ALA D 325 -16.62 6.60 11.81
N THR D 326 -16.26 7.70 12.48
CA THR D 326 -16.68 7.93 13.87
C THR D 326 -18.12 8.48 13.93
N THR D 327 -18.62 8.94 12.78
CA THR D 327 -19.94 9.60 12.71
C THR D 327 -21.10 8.60 12.61
N PHE D 328 -20.82 7.39 12.12
CA PHE D 328 -21.85 6.36 11.98
C PHE D 328 -22.54 6.00 13.29
N ALA D 329 -21.76 5.88 14.36
CA ALA D 329 -22.27 5.49 15.67
C ALA D 329 -23.26 6.49 16.28
N HIS D 330 -23.23 7.72 15.78
CA HIS D 330 -24.10 8.79 16.28
C HIS D 330 -25.44 8.85 15.58
N LEU D 331 -25.63 8.02 14.56
CA LEU D 331 -26.83 8.11 13.71
C LEU D 331 -27.80 6.93 13.85
N ASP D 332 -29.08 7.22 13.60
CA ASP D 332 -30.14 6.23 13.59
C ASP D 332 -30.42 5.75 12.17
N ALA D 333 -30.46 6.70 11.23
CA ALA D 333 -30.62 6.40 9.82
C ALA D 333 -29.42 6.93 9.05
N THR D 334 -28.83 6.08 8.21
CA THR D 334 -27.70 6.47 7.37
C THR D 334 -28.05 6.35 5.90
N THR D 335 -27.78 7.42 5.16
CA THR D 335 -27.94 7.43 3.71
C THR D 335 -26.56 7.59 3.10
N VAL D 336 -26.03 6.51 2.52
CA VAL D 336 -24.68 6.53 1.96
C VAL D 336 -24.73 6.63 0.44
N LEU D 337 -24.15 7.72 -0.07
CA LEU D 337 -24.12 7.99 -1.50
C LEU D 337 -22.87 7.42 -2.15
N SER D 338 -23.02 6.95 -3.39
CA SER D 338 -21.93 6.28 -4.11
C SER D 338 -21.58 6.99 -5.42
N ARG D 339 -20.29 7.08 -5.70
CA ARG D 339 -19.80 7.71 -6.93
C ARG D 339 -20.06 6.84 -8.16
N ALA D 340 -19.91 5.52 -7.99
CA ALA D 340 -20.16 4.57 -9.07
C ALA D 340 -21.62 4.55 -9.50
N ILE D 341 -22.52 4.78 -8.55
CA ILE D 341 -23.96 4.84 -8.81
C ILE D 341 -24.34 6.21 -9.40
N ALA D 342 -23.61 7.25 -9.01
CA ALA D 342 -23.77 8.59 -9.57
C ALA D 342 -23.28 8.64 -11.02
N GLU D 343 -22.25 7.84 -11.30
CA GLU D 343 -21.62 7.78 -12.63
C GLU D 343 -22.53 7.10 -13.66
N LEU D 344 -23.37 6.18 -13.18
CA LEU D 344 -24.38 5.52 -14.02
C LEU D 344 -25.49 6.48 -14.44
N GLY D 345 -25.74 7.49 -13.61
CA GLY D 345 -26.80 8.46 -13.84
C GLY D 345 -28.00 8.25 -12.95
N ILE D 346 -27.80 7.50 -11.87
CA ILE D 346 -28.87 7.21 -10.91
C ILE D 346 -28.86 8.27 -9.81
N TYR D 347 -29.96 9.02 -9.73
CA TYR D 347 -30.11 10.08 -8.73
C TYR D 347 -31.44 9.95 -7.99
N PRO D 348 -31.39 9.99 -6.64
CA PRO D 348 -30.17 10.18 -5.84
C PRO D 348 -29.23 8.97 -5.95
N ALA D 349 -27.94 9.23 -5.76
CA ALA D 349 -26.91 8.21 -5.88
C ALA D 349 -26.77 7.38 -4.61
N VAL D 350 -27.90 7.01 -4.02
CA VAL D 350 -27.93 6.24 -2.78
C VAL D 350 -27.53 4.79 -3.02
N ASP D 351 -26.51 4.32 -2.29
CA ASP D 351 -26.11 2.93 -2.29
C ASP D 351 -27.18 2.12 -1.55
N PRO D 352 -27.89 1.23 -2.26
CA PRO D 352 -28.97 0.42 -1.68
C PRO D 352 -28.44 -0.69 -0.77
N LEU D 353 -27.14 -0.96 -0.88
CA LEU D 353 -26.52 -2.06 -0.15
C LEU D 353 -25.54 -1.58 0.92
N ASP D 354 -25.65 -0.30 1.28
CA ASP D 354 -24.77 0.31 2.30
C ASP D 354 -25.51 1.34 3.17
N SER D 355 -26.83 1.37 3.07
CA SER D 355 -27.67 2.29 3.85
C SER D 355 -28.52 1.54 4.87
N THR D 356 -28.44 1.96 6.12
CA THR D 356 -29.20 1.34 7.23
C THR D 356 -30.26 2.29 7.78
N SER D 357 -31.10 1.80 8.69
CA SER D 357 -32.22 2.59 9.23
C SER D 357 -32.62 2.29 10.68
N ARG D 358 -32.26 1.12 11.18
CA ARG D 358 -32.61 0.68 12.54
C ARG D 358 -34.11 0.38 12.73
N ILE D 359 -34.98 1.28 12.26
CA ILE D 359 -36.43 1.01 12.26
C ILE D 359 -36.81 0.01 11.17
N MET D 360 -35.79 -0.47 10.45
CA MET D 360 -35.93 -1.61 9.54
C MET D 360 -36.14 -2.90 10.33
N ASP D 361 -37.39 -3.13 10.71
CA ASP D 361 -37.79 -4.27 11.51
C ASP D 361 -39.22 -4.61 11.16
N PRO D 362 -39.52 -5.92 10.96
CA PRO D 362 -40.88 -6.36 10.63
C PRO D 362 -41.93 -5.90 11.63
N ASN D 363 -41.54 -5.74 12.90
CA ASN D 363 -42.45 -5.31 13.96
C ASN D 363 -42.56 -3.78 14.09
N ILE D 364 -42.00 -3.06 13.11
CA ILE D 364 -42.06 -1.59 13.10
C ILE D 364 -42.70 -1.06 11.81
N VAL D 365 -42.07 -1.36 10.67
CA VAL D 365 -42.55 -0.87 9.38
C VAL D 365 -43.57 -1.81 8.73
N GLY D 366 -43.71 -2.99 9.31
CA GLY D 366 -44.59 -4.03 8.77
C GLY D 366 -43.80 -5.13 8.10
N SER D 367 -44.35 -6.34 8.11
CA SER D 367 -43.71 -7.51 7.49
C SER D 367 -43.73 -7.43 5.97
N GLU D 368 -44.72 -6.73 5.42
CA GLU D 368 -44.84 -6.54 3.98
C GLU D 368 -43.76 -5.57 3.48
N HIS D 369 -43.59 -4.47 4.20
CA HIS D 369 -42.59 -3.46 3.90
C HIS D 369 -41.19 -4.03 4.00
N TYR D 370 -40.91 -4.71 5.12
CA TYR D 370 -39.59 -5.27 5.40
C TYR D 370 -39.13 -6.28 4.35
N ASP D 371 -40.03 -7.18 3.95
CA ASP D 371 -39.70 -8.26 3.00
C ASP D 371 -39.42 -7.76 1.59
N VAL D 372 -40.07 -6.66 1.20
CA VAL D 372 -39.82 -6.04 -0.11
C VAL D 372 -38.45 -5.36 -0.10
N ALA D 373 -38.12 -4.69 1.01
CA ALA D 373 -36.84 -4.01 1.18
C ALA D 373 -35.68 -5.00 1.09
N ARG D 374 -35.81 -6.15 1.76
CA ARG D 374 -34.78 -7.19 1.73
C ARG D 374 -34.77 -7.90 0.37
N GLY D 375 -35.93 -8.02 -0.25
CA GLY D 375 -36.06 -8.63 -1.58
C GLY D 375 -35.38 -7.81 -2.66
N VAL D 376 -35.55 -6.49 -2.59
CA VAL D 376 -34.89 -5.55 -3.50
C VAL D 376 -33.37 -5.60 -3.29
N GLN D 377 -32.95 -5.65 -2.03
CA GLN D 377 -31.53 -5.74 -1.68
C GLN D 377 -30.90 -7.07 -2.10
N LYS D 378 -31.67 -8.15 -2.01
CA LYS D 378 -31.19 -9.49 -2.34
C LYS D 378 -30.89 -9.64 -3.84
N ILE D 379 -31.81 -9.18 -4.68
CA ILE D 379 -31.65 -9.29 -6.13
C ILE D 379 -30.57 -8.35 -6.68
N LEU D 380 -30.35 -7.23 -6.00
CA LEU D 380 -29.30 -6.29 -6.38
C LEU D 380 -27.92 -6.78 -5.96
N GLN D 381 -27.86 -7.49 -4.83
CA GLN D 381 -26.61 -8.10 -4.35
C GLN D 381 -26.23 -9.31 -5.21
N ASP D 382 -27.24 -10.08 -5.61
CA ASP D 382 -27.07 -11.21 -6.52
C ASP D 382 -26.69 -10.76 -7.93
N TYR D 383 -27.21 -9.61 -8.34
CA TYR D 383 -26.88 -9.00 -9.63
C TYR D 383 -25.41 -8.57 -9.69
N LYS D 384 -24.89 -8.13 -8.55
CA LYS D 384 -23.49 -7.70 -8.43
C LYS D 384 -22.52 -8.84 -8.74
N SER D 385 -22.86 -10.05 -8.28
CA SER D 385 -22.08 -11.25 -8.58
C SER D 385 -22.25 -11.68 -10.03
N LEU D 386 -23.41 -11.38 -10.60
CA LEU D 386 -23.69 -11.65 -12.02
C LEU D 386 -22.99 -10.64 -12.92
N GLN D 387 -22.78 -9.43 -12.40
CA GLN D 387 -22.05 -8.38 -13.10
C GLN D 387 -20.59 -8.75 -13.33
N ASP D 388 -20.06 -9.59 -12.45
CA ASP D 388 -18.69 -10.06 -12.53
C ASP D 388 -18.49 -11.04 -13.68
N ILE D 389 -19.57 -11.71 -14.09
CA ILE D 389 -19.54 -12.66 -15.21
C ILE D 389 -19.65 -11.95 -16.55
N ILE D 390 -20.66 -11.09 -16.67
CA ILE D 390 -20.94 -10.35 -17.91
C ILE D 390 -19.88 -9.29 -18.24
N ALA D 391 -18.92 -9.11 -17.34
CA ALA D 391 -17.79 -8.22 -17.56
C ALA D 391 -16.72 -8.88 -18.42
N ILE D 392 -16.64 -10.21 -18.34
CA ILE D 392 -15.59 -10.97 -19.03
C ILE D 392 -16.15 -11.86 -20.15
N LEU D 393 -17.17 -12.64 -19.82
CA LEU D 393 -17.77 -13.60 -20.77
C LEU D 393 -18.89 -12.99 -21.60
N GLY D 394 -19.62 -12.04 -21.00
CA GLY D 394 -20.68 -11.33 -21.70
C GLY D 394 -22.08 -11.80 -21.39
N MET D 395 -23.06 -11.14 -22.00
CA MET D 395 -24.48 -11.40 -21.75
C MET D 395 -24.96 -12.74 -22.30
N ASP D 396 -24.31 -13.20 -23.37
CA ASP D 396 -24.68 -14.45 -24.05
C ASP D 396 -24.49 -15.72 -23.22
N GLU D 397 -23.65 -15.63 -22.18
CA GLU D 397 -23.32 -16.78 -21.35
C GLU D 397 -24.33 -17.08 -20.25
N LEU D 398 -25.12 -16.08 -19.87
CA LEU D 398 -26.08 -16.22 -18.77
C LEU D 398 -27.23 -17.16 -19.09
N SER D 399 -27.69 -17.87 -18.06
CA SER D 399 -28.86 -18.73 -18.14
C SER D 399 -30.13 -17.89 -18.31
N GLU D 400 -31.22 -18.54 -18.73
CA GLU D 400 -32.52 -17.88 -18.87
C GLU D 400 -33.03 -17.37 -17.53
N GLU D 401 -32.69 -18.08 -16.46
CA GLU D 401 -32.99 -17.66 -15.10
C GLU D 401 -32.14 -16.46 -14.70
N ASP D 402 -30.90 -16.43 -15.19
CA ASP D 402 -29.95 -15.37 -14.85
C ASP D 402 -30.31 -14.03 -15.46
N LYS D 403 -30.58 -14.01 -16.77
CA LYS D 403 -30.94 -12.77 -17.46
C LYS D 403 -32.34 -12.26 -17.10
N LEU D 404 -33.13 -13.12 -16.46
CA LEU D 404 -34.43 -12.73 -15.91
C LEU D 404 -34.23 -11.87 -14.66
N THR D 405 -33.28 -12.27 -13.81
CA THR D 405 -32.95 -11.54 -12.59
C THR D 405 -32.16 -10.27 -12.89
N VAL D 406 -31.33 -10.31 -13.93
CA VAL D 406 -30.55 -9.15 -14.38
C VAL D 406 -31.47 -8.03 -14.87
N SER D 407 -32.39 -8.37 -15.76
CA SER D 407 -33.35 -7.39 -16.30
C SER D 407 -34.21 -6.79 -15.20
N ARG D 408 -34.62 -7.61 -14.23
CA ARG D 408 -35.39 -7.15 -13.08
C ARG D 408 -34.56 -6.25 -12.16
N ALA D 409 -33.30 -6.63 -11.93
CA ALA D 409 -32.39 -5.86 -11.09
C ALA D 409 -32.03 -4.51 -11.70
N ARG D 410 -31.90 -4.48 -13.02
CA ARG D 410 -31.59 -3.25 -13.75
C ARG D 410 -32.78 -2.30 -13.77
N LYS D 411 -33.98 -2.86 -13.80
CA LYS D 411 -35.22 -2.09 -13.74
C LYS D 411 -35.47 -1.54 -12.34
N ILE D 412 -35.08 -2.32 -11.33
CA ILE D 412 -35.17 -1.90 -9.93
C ILE D 412 -34.17 -0.78 -9.61
N GLN D 413 -32.96 -0.87 -10.18
CA GLN D 413 -31.96 0.19 -10.06
C GLN D 413 -32.52 1.54 -10.48
N ARG D 414 -33.17 1.57 -11.65
CA ARG D 414 -33.72 2.78 -12.23
C ARG D 414 -34.98 3.28 -11.50
N PHE D 415 -35.78 2.35 -10.99
CA PHE D 415 -37.01 2.71 -10.26
C PHE D 415 -36.70 3.31 -8.89
N LEU D 416 -35.51 3.04 -8.37
CA LEU D 416 -35.03 3.66 -7.14
C LEU D 416 -34.73 5.15 -7.34
N SER D 417 -34.46 5.52 -8.58
CA SER D 417 -34.15 6.89 -8.96
C SER D 417 -35.43 7.69 -9.25
N GLN D 418 -35.43 8.97 -8.86
CA GLN D 418 -36.57 9.86 -9.12
C GLN D 418 -36.11 11.31 -9.36
N PRO D 419 -36.88 12.08 -10.16
CA PRO D 419 -36.53 13.47 -10.35
C PRO D 419 -36.84 14.31 -9.11
N PHE D 420 -35.87 15.12 -8.68
CA PHE D 420 -36.06 15.99 -7.53
C PHE D 420 -36.65 17.32 -7.97
N GLN D 421 -37.40 17.95 -7.06
CA GLN D 421 -38.06 19.24 -7.33
C GLN D 421 -37.13 20.44 -7.09
N VAL D 422 -35.89 20.16 -6.72
CA VAL D 422 -34.84 21.19 -6.60
C VAL D 422 -33.77 20.99 -7.68
N ALA D 423 -33.94 19.96 -8.51
CA ALA D 423 -33.01 19.64 -9.58
C ALA D 423 -33.66 19.71 -10.96
N GLU D 424 -34.24 20.87 -11.28
CA GLU D 424 -34.89 21.10 -12.57
C GLU D 424 -33.91 21.29 -13.71
N VAL D 425 -32.75 21.86 -13.41
CA VAL D 425 -31.73 22.16 -14.43
C VAL D 425 -30.89 20.95 -14.82
N PHE D 426 -30.87 19.93 -13.95
CA PHE D 426 -30.00 18.76 -14.15
C PHE D 426 -30.68 17.62 -14.93
N THR D 427 -31.94 17.33 -14.61
CA THR D 427 -32.64 16.19 -15.20
C THR D 427 -33.62 16.57 -16.32
N GLY D 428 -33.92 17.86 -16.45
CA GLY D 428 -34.78 18.36 -17.51
C GLY D 428 -36.24 18.52 -17.13
N HIS D 429 -36.84 17.45 -16.60
CA HIS D 429 -38.25 17.44 -16.22
C HIS D 429 -38.48 17.58 -14.74
N LEU D 430 -39.65 18.11 -14.38
CA LEU D 430 -40.00 18.45 -12.99
C LEU D 430 -39.93 17.28 -12.02
N GLY D 431 -39.85 17.61 -10.73
CA GLY D 431 -39.78 16.61 -9.66
C GLY D 431 -41.14 16.25 -9.10
N LYS D 432 -41.22 15.11 -8.42
CA LYS D 432 -42.47 14.60 -7.86
C LYS D 432 -42.31 13.73 -6.61
N LEU D 433 -43.32 13.79 -5.74
CA LEU D 433 -43.32 13.10 -4.46
C LEU D 433 -44.09 11.79 -4.55
N VAL D 434 -43.49 10.71 -4.03
CA VAL D 434 -44.09 9.38 -4.09
C VAL D 434 -44.46 8.86 -2.69
N PRO D 435 -45.75 8.56 -2.48
CA PRO D 435 -46.26 7.99 -1.22
C PRO D 435 -45.63 6.62 -0.91
N LEU D 436 -45.58 6.28 0.38
CA LEU D 436 -44.94 5.05 0.85
C LEU D 436 -45.63 3.79 0.35
N LYS D 437 -46.96 3.78 0.43
CA LYS D 437 -47.75 2.61 0.04
C LYS D 437 -47.62 2.29 -1.45
N GLU D 438 -47.42 3.33 -2.26
CA GLU D 438 -47.18 3.17 -3.69
C GLU D 438 -45.74 2.73 -3.98
N THR D 439 -44.83 3.03 -3.06
CA THR D 439 -43.42 2.65 -3.21
C THR D 439 -43.23 1.15 -2.94
N ILE D 440 -43.83 0.65 -1.88
CA ILE D 440 -43.78 -0.78 -1.55
C ILE D 440 -44.40 -1.61 -2.70
N LYS D 441 -45.58 -1.18 -3.16
CA LYS D 441 -46.31 -1.87 -4.23
C LYS D 441 -45.54 -1.89 -5.55
N GLY D 442 -44.92 -0.77 -5.90
CA GLY D 442 -44.16 -0.64 -7.14
C GLY D 442 -43.05 -1.67 -7.29
N PHE D 443 -42.16 -1.72 -6.30
CA PHE D 443 -41.05 -2.67 -6.29
C PHE D 443 -41.53 -4.11 -6.16
N GLN D 444 -42.62 -4.30 -5.42
CA GLN D 444 -43.27 -5.59 -5.23
C GLN D 444 -43.70 -6.18 -6.58
N GLN D 445 -44.22 -5.33 -7.45
CA GLN D 445 -44.69 -5.73 -8.78
C GLN D 445 -43.55 -6.16 -9.70
N ILE D 446 -42.44 -5.43 -9.63
CA ILE D 446 -41.26 -5.73 -10.46
C ILE D 446 -40.58 -7.03 -10.03
N LEU D 447 -40.55 -7.27 -8.73
CA LEU D 447 -39.98 -8.50 -8.16
C LEU D 447 -40.76 -9.74 -8.55
N ALA D 448 -42.07 -9.58 -8.75
CA ALA D 448 -42.94 -10.68 -9.18
C ALA D 448 -42.82 -10.94 -10.67
N GLY D 449 -42.29 -9.96 -11.40
CA GLY D 449 -42.08 -10.08 -12.84
C GLY D 449 -43.25 -9.57 -13.67
N GLU D 450 -44.03 -8.68 -13.08
CA GLU D 450 -45.23 -8.12 -13.73
C GLU D 450 -44.90 -7.17 -14.88
N TYR D 451 -43.67 -6.67 -14.92
CA TYR D 451 -43.24 -5.73 -15.95
C TYR D 451 -41.98 -6.19 -16.69
N ASP D 452 -41.91 -7.50 -16.95
CA ASP D 452 -40.81 -8.07 -17.74
C ASP D 452 -40.98 -7.74 -19.22
N HIS D 453 -42.16 -7.24 -19.58
CA HIS D 453 -42.47 -6.85 -20.95
C HIS D 453 -42.13 -5.41 -21.24
N LEU D 454 -42.07 -4.59 -20.20
CA LEU D 454 -41.74 -3.18 -20.34
C LEU D 454 -40.23 -2.96 -20.55
N PRO D 455 -39.87 -1.93 -21.34
CA PRO D 455 -38.46 -1.61 -21.59
C PRO D 455 -37.72 -1.12 -20.34
N GLU D 456 -36.40 -1.07 -20.42
CA GLU D 456 -35.54 -0.74 -19.29
C GLU D 456 -35.61 0.74 -18.89
N GLN D 457 -35.58 1.63 -19.88
CA GLN D 457 -35.55 3.07 -19.64
C GLN D 457 -36.90 3.66 -19.23
N ALA D 458 -37.91 2.80 -19.12
CA ALA D 458 -39.25 3.21 -18.69
C ALA D 458 -39.30 3.47 -17.18
N PHE D 459 -38.37 2.86 -16.45
CA PHE D 459 -38.30 3.01 -14.99
C PHE D 459 -37.35 4.14 -14.57
N TYR D 460 -36.59 4.66 -15.52
CA TYR D 460 -35.61 5.70 -15.25
C TYR D 460 -36.24 7.07 -15.03
N MET D 461 -35.92 7.68 -13.89
CA MET D 461 -36.32 9.05 -13.54
C MET D 461 -37.83 9.30 -13.65
N VAL D 462 -38.61 8.44 -13.01
CA VAL D 462 -40.06 8.59 -12.95
C VAL D 462 -40.55 8.62 -11.50
N GLY D 463 -41.82 8.96 -11.31
CA GLY D 463 -42.45 8.95 -9.99
C GLY D 463 -42.89 7.55 -9.63
N PRO D 464 -44.19 7.38 -9.32
CA PRO D 464 -44.75 6.06 -8.99
C PRO D 464 -44.71 5.09 -10.18
N ILE D 465 -45.09 3.83 -9.94
CA ILE D 465 -45.05 2.79 -10.97
C ILE D 465 -45.98 3.06 -12.17
N GLU D 466 -47.03 3.86 -11.94
CA GLU D 466 -47.97 4.24 -12.98
C GLU D 466 -47.33 5.10 -14.08
N GLU D 467 -46.32 5.89 -13.70
CA GLU D 467 -45.59 6.73 -14.64
C GLU D 467 -44.67 5.91 -15.55
N ALA D 468 -44.19 4.78 -15.02
CA ALA D 468 -43.33 3.86 -15.78
C ALA D 468 -44.11 3.16 -16.91
N VAL D 469 -45.38 2.89 -16.65
CA VAL D 469 -46.28 2.29 -17.66
C VAL D 469 -46.58 3.29 -18.76
N ALA D 470 -46.83 4.54 -18.38
CA ALA D 470 -47.13 5.61 -19.33
C ALA D 470 -45.92 5.98 -20.19
N LYS D 471 -44.73 5.88 -19.63
CA LYS D 471 -43.48 6.17 -20.34
C LYS D 471 -43.15 5.08 -21.37
N ALA D 472 -43.57 3.85 -21.07
CA ALA D 472 -43.35 2.70 -21.96
C ALA D 472 -44.06 2.86 -23.30
N ASP D 473 -45.23 3.51 -23.28
CA ASP D 473 -45.98 3.82 -24.49
C ASP D 473 -45.34 4.94 -25.28
N LYS D 474 -44.68 5.86 -24.57
CA LYS D 474 -44.12 7.07 -25.16
C LYS D 474 -42.80 6.81 -25.89
N LEU D 475 -42.17 5.67 -25.62
CA LEU D 475 -40.92 5.29 -26.27
C LEU D 475 -41.12 4.65 -27.64
N ALA D 476 -42.34 4.17 -27.89
CA ALA D 476 -42.68 3.50 -29.15
C ALA D 476 -42.84 4.49 -30.30
N GLU D 477 -43.69 5.50 -30.10
CA GLU D 477 -43.96 6.52 -31.12
C GLU D 477 -44.31 7.85 -30.46
N THR E 11 23.80 0.74 47.60
CA THR E 11 23.16 1.99 48.11
C THR E 11 21.66 2.02 47.86
N THR E 12 20.99 3.01 48.44
CA THR E 12 19.55 3.17 48.29
C THR E 12 19.22 4.30 47.31
N GLY E 13 18.17 4.10 46.52
CA GLY E 13 17.70 5.11 45.58
C GLY E 13 16.28 5.57 45.88
N ARG E 14 15.86 6.63 45.20
CA ARG E 14 14.51 7.16 45.35
C ARG E 14 13.85 7.37 44.00
N ILE E 15 12.58 6.96 43.91
CA ILE E 15 11.77 7.17 42.70
C ILE E 15 11.52 8.66 42.49
N VAL E 16 11.73 9.15 41.28
CA VAL E 16 11.48 10.55 40.94
C VAL E 16 10.42 10.74 39.85
N ALA E 17 10.15 9.68 39.10
CA ALA E 17 9.15 9.71 38.04
C ALA E 17 8.53 8.35 37.77
N VAL E 18 7.22 8.32 37.56
CA VAL E 18 6.49 7.11 37.19
C VAL E 18 5.55 7.42 36.00
N ILE E 19 5.89 6.86 34.84
CA ILE E 19 5.04 6.96 33.65
C ILE E 19 4.83 5.57 33.07
N GLY E 20 3.64 5.03 33.27
CA GLY E 20 3.31 3.67 32.83
C GLY E 20 4.31 2.68 33.41
N ALA E 21 5.00 1.96 32.52
CA ALA E 21 6.00 0.96 32.93
C ALA E 21 7.43 1.51 32.93
N VAL E 22 7.56 2.84 32.93
CA VAL E 22 8.87 3.50 32.98
C VAL E 22 9.04 4.19 34.34
N VAL E 23 10.09 3.82 35.06
CA VAL E 23 10.35 4.35 36.41
C VAL E 23 11.73 4.99 36.51
N ASP E 24 11.76 6.26 36.89
CA ASP E 24 13.02 7.00 37.05
C ASP E 24 13.44 7.05 38.51
N VAL E 25 14.70 6.66 38.77
CA VAL E 25 15.22 6.57 40.12
C VAL E 25 16.52 7.37 40.27
N GLN E 26 16.59 8.20 41.30
CA GLN E 26 17.79 9.00 41.59
C GLN E 26 18.62 8.36 42.70
N PHE E 27 19.94 8.45 42.56
CA PHE E 27 20.87 7.88 43.53
C PHE E 27 21.85 8.93 44.07
N ASP E 28 22.09 8.90 45.38
CA ASP E 28 22.92 9.89 46.06
C ASP E 28 24.42 9.65 45.89
N GLU E 29 24.85 8.40 45.99
CA GLU E 29 26.28 8.07 46.03
C GLU E 29 26.78 7.38 44.78
N GLY E 30 26.23 6.20 44.49
CA GLY E 30 26.67 5.39 43.34
C GLY E 30 25.52 4.94 42.45
N LEU E 31 25.76 5.01 41.14
CA LEU E 31 24.74 4.63 40.16
C LEU E 31 24.87 3.18 39.70
N PRO E 32 23.72 2.46 39.65
CA PRO E 32 23.70 1.11 39.12
C PRO E 32 23.89 1.11 37.60
N PRO E 33 24.87 0.34 37.09
CA PRO E 33 25.10 0.22 35.65
C PRO E 33 23.87 -0.30 34.92
N ILE E 34 23.82 -0.07 33.61
CA ILE E 34 22.69 -0.52 32.79
C ILE E 34 22.50 -2.03 32.90
N LEU E 35 21.24 -2.46 32.86
CA LEU E 35 20.81 -3.87 32.96
C LEU E 35 20.77 -4.42 34.39
N ASN E 36 21.13 -3.59 35.36
CA ASN E 36 21.01 -3.96 36.78
C ASN E 36 19.56 -4.05 37.25
N ALA E 37 19.30 -4.98 38.16
CA ALA E 37 17.96 -5.20 38.70
C ALA E 37 17.76 -4.41 39.98
N LEU E 38 16.68 -3.63 40.02
CA LEU E 38 16.36 -2.79 41.18
C LEU E 38 15.13 -3.32 41.92
N GLU E 39 15.26 -3.45 43.24
CA GLU E 39 14.18 -3.97 44.08
C GLU E 39 13.43 -2.82 44.76
N VAL E 40 12.15 -2.69 44.44
CA VAL E 40 11.32 -1.65 45.05
C VAL E 40 10.89 -2.08 46.45
N GLN E 41 11.18 -1.22 47.43
CA GLN E 41 10.84 -1.48 48.83
C GLN E 41 9.42 -1.04 49.15
N GLY E 42 8.83 -1.66 50.18
CA GLY E 42 7.50 -1.29 50.66
C GLY E 42 6.36 -1.70 49.75
N ARG E 43 6.46 -2.90 49.18
CA ARG E 43 5.40 -3.46 48.33
C ARG E 43 5.11 -4.92 48.69
N GLU E 44 3.85 -5.31 48.56
CA GLU E 44 3.39 -6.66 48.92
C GLU E 44 4.03 -7.75 48.06
N THR E 45 4.04 -7.54 46.75
CA THR E 45 4.68 -8.46 45.81
C THR E 45 5.92 -7.84 45.19
N ARG E 46 6.96 -8.67 45.02
CA ARG E 46 8.26 -8.23 44.54
C ARG E 46 8.20 -7.56 43.16
N LEU E 47 8.51 -6.26 43.13
CA LEU E 47 8.57 -5.50 41.88
C LEU E 47 10.01 -5.17 41.50
N VAL E 48 10.46 -5.74 40.37
CA VAL E 48 11.82 -5.55 39.90
C VAL E 48 11.86 -4.50 38.79
N LEU E 49 12.89 -3.66 38.82
CA LEU E 49 13.11 -2.65 37.78
C LEU E 49 14.48 -2.87 37.12
N GLU E 50 14.47 -2.99 35.80
CA GLU E 50 15.70 -3.18 35.03
C GLU E 50 16.23 -1.85 34.51
N VAL E 51 17.46 -1.50 34.90
CA VAL E 51 18.09 -0.25 34.51
C VAL E 51 18.33 -0.22 33.00
N ALA E 52 17.80 0.81 32.34
CA ALA E 52 17.89 0.92 30.89
C ALA E 52 18.75 2.11 30.43
N GLN E 53 18.62 3.24 31.13
CA GLN E 53 19.31 4.47 30.74
C GLN E 53 19.90 5.22 31.93
N HIS E 54 21.02 5.90 31.68
CA HIS E 54 21.57 6.89 32.59
C HIS E 54 21.23 8.24 32.04
N LEU E 55 20.24 8.89 32.64
CA LEU E 55 19.70 10.15 32.11
C LEU E 55 20.53 11.38 32.48
N GLY E 56 21.41 11.22 33.46
CA GLY E 56 22.20 12.33 33.99
C GLY E 56 21.62 12.84 35.30
N GLU E 57 22.36 13.75 35.95
CA GLU E 57 22.00 14.30 37.26
C GLU E 57 21.73 13.19 38.28
N SER E 58 22.54 12.13 38.22
CA SER E 58 22.48 10.99 39.12
C SER E 58 21.13 10.23 39.09
N THR E 59 20.45 10.30 37.96
CA THR E 59 19.15 9.67 37.78
C THR E 59 19.21 8.61 36.68
N VAL E 60 18.60 7.45 36.96
CA VAL E 60 18.53 6.35 35.99
C VAL E 60 17.09 6.05 35.56
N ARG E 61 16.94 5.56 34.33
CA ARG E 61 15.63 5.20 33.78
C ARG E 61 15.50 3.67 33.72
N THR E 62 14.36 3.16 34.17
CA THR E 62 14.15 1.72 34.28
C THR E 62 12.85 1.24 33.64
N ILE E 63 12.84 -0.01 33.21
CA ILE E 63 11.61 -0.68 32.76
C ILE E 63 11.10 -1.60 33.88
N ALA E 64 9.80 -1.53 34.14
CA ALA E 64 9.18 -2.30 35.21
C ALA E 64 8.81 -3.71 34.75
N MET E 65 9.01 -4.69 35.63
CA MET E 65 8.71 -6.09 35.33
C MET E 65 7.32 -6.49 35.80
N ASP E 66 6.69 -5.60 36.57
CA ASP E 66 5.31 -5.78 37.02
C ASP E 66 4.61 -4.42 37.04
N GLY E 67 3.32 -4.40 37.36
CA GLY E 67 2.53 -3.16 37.42
C GLY E 67 3.10 -2.12 38.35
N THR E 68 2.98 -0.85 37.96
CA THR E 68 3.58 0.26 38.72
C THR E 68 2.59 1.04 39.60
N GLU E 69 1.33 0.60 39.64
CA GLU E 69 0.31 1.27 40.44
C GLU E 69 0.68 1.30 41.92
N GLY E 70 0.41 2.42 42.58
CA GLY E 70 0.69 2.59 43.99
C GLY E 70 2.08 3.11 44.33
N LEU E 71 2.88 3.39 43.29
CA LEU E 71 4.23 3.92 43.49
C LEU E 71 4.22 5.41 43.78
N VAL E 72 5.02 5.82 44.75
CA VAL E 72 5.14 7.22 45.16
C VAL E 72 6.51 7.75 44.77
N ARG E 73 6.58 9.04 44.47
CA ARG E 73 7.86 9.71 44.25
C ARG E 73 8.63 9.83 45.56
N GLY E 74 9.82 9.24 45.59
CA GLY E 74 10.66 9.23 46.78
C GLY E 74 10.69 7.89 47.49
N GLN E 75 10.04 6.89 46.91
CA GLN E 75 9.98 5.54 47.48
C GLN E 75 11.31 4.81 47.30
N LYS E 76 11.75 4.16 48.38
CA LYS E 76 13.06 3.49 48.42
C LYS E 76 13.23 2.38 47.40
N VAL E 77 14.40 2.33 46.78
CA VAL E 77 14.75 1.30 45.81
C VAL E 77 16.16 0.75 46.08
N LEU E 78 16.27 -0.57 46.20
CA LEU E 78 17.54 -1.23 46.50
C LEU E 78 18.23 -1.72 45.23
N ASP E 79 19.52 -1.43 45.12
CA ASP E 79 20.34 -1.93 44.01
C ASP E 79 20.90 -3.32 44.37
N SER E 80 20.60 -4.30 43.54
CA SER E 80 21.08 -5.66 43.73
C SER E 80 22.56 -5.82 43.35
N GLY E 81 23.08 -4.81 42.64
CA GLY E 81 24.47 -4.81 42.19
C GLY E 81 24.75 -5.73 41.03
N ALA E 82 23.68 -6.26 40.43
CA ALA E 82 23.76 -7.23 39.34
C ALA E 82 22.45 -7.27 38.54
N PRO E 83 22.50 -7.79 37.30
CA PRO E 83 21.27 -8.05 36.54
C PRO E 83 20.39 -9.10 37.22
N ILE E 84 19.14 -9.22 36.77
CA ILE E 84 18.18 -10.17 37.34
C ILE E 84 18.81 -11.56 37.47
N ARG E 85 18.86 -12.07 38.69
CA ARG E 85 19.45 -13.37 38.96
C ARG E 85 18.38 -14.42 39.26
N ILE E 86 18.32 -15.44 38.42
CA ILE E 86 17.30 -16.49 38.50
C ILE E 86 17.90 -17.83 38.98
N PRO E 87 17.05 -18.71 39.55
CA PRO E 87 17.52 -20.03 39.97
C PRO E 87 17.88 -20.94 38.80
N VAL E 88 19.00 -21.66 38.93
CA VAL E 88 19.43 -22.63 37.93
C VAL E 88 19.79 -23.97 38.57
N GLY E 89 19.73 -25.04 37.77
CA GLY E 89 20.07 -26.38 38.24
C GLY E 89 19.05 -27.45 37.89
N PRO E 90 19.24 -28.67 38.43
CA PRO E 90 18.27 -29.76 38.21
C PRO E 90 16.95 -29.54 38.94
N GLU E 91 16.96 -28.71 39.98
CA GLU E 91 15.76 -28.40 40.78
C GLU E 91 14.73 -27.58 40.00
N THR E 92 15.15 -26.98 38.89
CA THR E 92 14.26 -26.20 38.03
C THR E 92 13.36 -27.08 37.16
N LEU E 93 13.76 -28.33 36.96
CA LEU E 93 13.04 -29.28 36.11
C LEU E 93 11.69 -29.67 36.68
N GLY E 94 10.62 -29.35 35.94
CA GLY E 94 9.25 -29.65 36.35
C GLY E 94 8.55 -28.46 36.97
N ARG E 95 9.32 -27.41 37.27
CA ARG E 95 8.81 -26.20 37.90
C ARG E 95 8.56 -25.10 36.87
N ILE E 96 7.61 -24.23 37.17
CA ILE E 96 7.36 -23.05 36.35
C ILE E 96 7.83 -21.80 37.09
N MET E 97 8.68 -21.03 36.42
CA MET E 97 9.13 -19.75 36.96
C MET E 97 8.70 -18.59 36.07
N ASN E 98 8.56 -17.42 36.66
CA ASN E 98 8.36 -16.19 35.88
C ASN E 98 9.71 -15.66 35.37
N VAL E 99 9.72 -14.43 34.89
CA VAL E 99 10.93 -13.84 34.31
C VAL E 99 12.00 -13.56 35.38
N ILE E 100 11.56 -13.14 36.56
CA ILE E 100 12.48 -12.75 37.64
C ILE E 100 13.00 -13.92 38.47
N GLY E 101 12.38 -15.09 38.33
CA GLY E 101 12.86 -16.31 38.98
C GLY E 101 12.00 -16.84 40.11
N GLU E 102 10.84 -16.21 40.32
CA GLU E 102 9.87 -16.68 41.31
C GLU E 102 9.09 -17.88 40.75
N PRO E 103 8.75 -18.85 41.63
CA PRO E 103 7.90 -19.94 41.19
C PRO E 103 6.43 -19.52 41.10
N ILE E 104 5.77 -19.90 40.02
CA ILE E 104 4.36 -19.56 39.81
C ILE E 104 3.46 -20.80 39.70
N ASP E 105 3.96 -21.93 40.21
CA ASP E 105 3.22 -23.19 40.20
C ASP E 105 2.65 -23.57 41.57
N GLU E 106 2.95 -22.75 42.57
CA GLU E 106 2.54 -22.97 43.97
C GLU E 106 2.95 -24.35 44.50
N ARG E 107 4.24 -24.67 44.34
CA ARG E 107 4.81 -25.92 44.86
C ARG E 107 5.95 -25.66 45.83
N GLY E 108 5.96 -24.46 46.43
CA GLY E 108 7.03 -24.04 47.33
C GLY E 108 8.15 -23.31 46.59
N PRO E 109 9.28 -23.06 47.27
CA PRO E 109 10.41 -22.38 46.63
C PRO E 109 11.22 -23.32 45.75
N ILE E 110 11.82 -22.77 44.70
CA ILE E 110 12.73 -23.54 43.86
C ILE E 110 14.08 -23.62 44.58
N LYS E 111 14.21 -24.65 45.42
CA LYS E 111 15.37 -24.83 46.31
C LYS E 111 16.63 -25.20 45.53
N THR E 112 17.18 -24.23 44.82
CA THR E 112 18.34 -24.45 43.94
C THR E 112 19.67 -24.26 44.66
N LYS E 113 20.73 -24.75 44.01
CA LYS E 113 22.08 -24.67 44.53
C LYS E 113 22.84 -23.45 43.99
N GLN E 114 22.54 -23.06 42.74
CA GLN E 114 23.17 -21.90 42.11
C GLN E 114 22.16 -20.86 41.64
N PHE E 115 22.68 -19.68 41.30
CA PHE E 115 21.91 -18.62 40.65
C PHE E 115 22.72 -18.07 39.48
N ALA E 116 22.02 -17.53 38.48
CA ALA E 116 22.69 -16.94 37.30
C ALA E 116 21.94 -15.74 36.76
N ALA E 117 22.71 -14.72 36.36
CA ALA E 117 22.17 -13.50 35.77
C ALA E 117 21.64 -13.74 34.36
N ILE E 118 20.48 -13.18 34.04
CA ILE E 118 19.82 -13.42 32.75
C ILE E 118 20.49 -12.73 31.58
N HIS E 119 21.20 -11.63 31.86
CA HIS E 119 21.93 -10.91 30.82
C HIS E 119 23.36 -11.36 30.72
N ALA E 120 23.58 -12.36 29.88
CA ALA E 120 24.91 -12.85 29.59
C ALA E 120 25.23 -12.67 28.11
N GLU E 121 26.49 -12.38 27.82
CA GLU E 121 26.94 -12.23 26.44
C GLU E 121 27.06 -13.58 25.74
N ALA E 122 26.92 -13.56 24.42
CA ALA E 122 27.10 -14.75 23.59
C ALA E 122 28.53 -15.24 23.66
N PRO E 123 28.74 -16.57 23.62
CA PRO E 123 30.08 -17.16 23.61
C PRO E 123 30.98 -16.51 22.58
N GLU E 124 32.26 -16.34 22.94
CA GLU E 124 33.24 -15.69 22.07
C GLU E 124 33.52 -16.50 20.80
N PHE E 125 34.12 -15.85 19.80
CA PHE E 125 34.45 -16.48 18.53
C PHE E 125 35.33 -17.73 18.69
N VAL E 126 36.28 -17.67 19.63
CA VAL E 126 37.18 -18.80 19.91
C VAL E 126 36.49 -19.98 20.57
N GLU E 127 35.41 -19.70 21.31
CA GLU E 127 34.66 -20.73 22.03
C GLU E 127 33.76 -21.54 21.09
N MET E 128 33.63 -21.08 19.85
CA MET E 128 32.76 -21.70 18.86
C MET E 128 33.26 -23.06 18.39
N SER E 129 32.33 -24.01 18.28
CA SER E 129 32.64 -25.33 17.72
C SER E 129 32.49 -25.30 16.21
N VAL E 130 33.54 -25.73 15.52
CA VAL E 130 33.57 -25.72 14.05
C VAL E 130 32.86 -26.92 13.43
N GLU E 131 32.78 -28.01 14.20
CA GLU E 131 32.14 -29.26 13.75
C GLU E 131 30.63 -29.11 13.60
N GLN E 132 30.10 -29.65 12.50
CA GLN E 132 28.67 -29.64 12.24
C GLN E 132 28.08 -31.03 12.45
N GLU E 133 27.20 -31.14 13.44
CA GLU E 133 26.61 -32.43 13.80
C GLU E 133 25.09 -32.44 13.64
N ILE E 134 24.54 -33.65 13.47
CA ILE E 134 23.10 -33.86 13.35
C ILE E 134 22.50 -34.27 14.70
N LEU E 135 21.52 -33.50 15.16
CA LEU E 135 20.78 -33.85 16.37
C LEU E 135 19.67 -34.85 16.01
N VAL E 136 19.88 -36.09 16.44
CA VAL E 136 18.91 -37.17 16.17
C VAL E 136 17.66 -36.98 17.01
N THR E 137 16.53 -36.75 16.34
CA THR E 137 15.26 -36.55 17.03
C THR E 137 14.48 -37.85 17.18
N GLY E 138 14.71 -38.79 16.28
CA GLY E 138 13.99 -40.06 16.28
C GLY E 138 12.76 -40.05 15.38
N ILE E 139 12.27 -38.85 15.10
CA ILE E 139 11.13 -38.66 14.19
C ILE E 139 11.63 -38.79 12.75
N LYS E 140 10.90 -39.57 11.95
CA LYS E 140 11.33 -39.95 10.61
C LYS E 140 11.29 -38.82 9.56
N VAL E 141 10.20 -38.04 9.56
CA VAL E 141 10.05 -36.91 8.65
C VAL E 141 11.21 -35.91 8.76
N VAL E 142 11.64 -35.68 9.99
CA VAL E 142 12.69 -34.70 10.30
C VAL E 142 14.08 -35.24 9.95
N ASP E 143 14.46 -36.33 10.59
CA ASP E 143 15.81 -36.92 10.47
C ASP E 143 16.27 -37.11 9.02
N LEU E 144 15.34 -37.45 8.13
CA LEU E 144 15.67 -37.70 6.74
C LEU E 144 15.73 -36.43 5.90
N LEU E 145 14.64 -35.65 5.92
CA LEU E 145 14.45 -34.55 4.98
C LEU E 145 14.86 -33.17 5.50
N ALA E 146 14.53 -32.87 6.76
CA ALA E 146 14.86 -31.57 7.36
C ALA E 146 15.49 -31.71 8.76
N PRO E 147 16.70 -32.31 8.85
CA PRO E 147 17.30 -32.65 10.13
C PRO E 147 17.69 -31.45 11.00
N TYR E 148 17.57 -31.62 12.32
CA TYR E 148 17.95 -30.59 13.28
C TYR E 148 19.45 -30.62 13.53
N ALA E 149 20.07 -29.45 13.54
CA ALA E 149 21.51 -29.35 13.79
C ALA E 149 21.80 -29.04 15.25
N LYS E 150 22.86 -29.65 15.79
CA LYS E 150 23.31 -29.37 17.16
C LYS E 150 23.77 -27.92 17.25
N GLY E 151 23.20 -27.20 18.22
CA GLY E 151 23.48 -25.77 18.38
C GLY E 151 22.92 -24.96 17.23
N GLY E 152 21.71 -25.29 16.80
CA GLY E 152 21.04 -24.62 15.69
C GLY E 152 19.67 -24.09 16.05
N LYS E 153 19.07 -23.35 15.12
CA LYS E 153 17.74 -22.78 15.31
C LYS E 153 16.76 -23.37 14.31
N ILE E 154 15.60 -23.80 14.80
CA ILE E 154 14.58 -24.40 13.95
C ILE E 154 13.27 -23.60 14.06
N GLY E 155 12.76 -23.18 12.91
CA GLY E 155 11.51 -22.42 12.85
C GLY E 155 10.31 -23.31 12.65
N LEU E 156 9.49 -23.41 13.70
CA LEU E 156 8.29 -24.25 13.66
C LEU E 156 7.10 -23.52 13.07
N PHE E 157 6.80 -23.80 11.81
CA PHE E 157 5.65 -23.23 11.12
C PHE E 157 4.42 -24.09 11.32
N GLY E 158 3.24 -23.47 11.21
CA GLY E 158 1.98 -24.19 11.36
C GLY E 158 0.92 -23.39 12.08
N GLY E 159 -0.34 -23.62 11.70
CA GLY E 159 -1.47 -22.94 12.31
C GLY E 159 -1.86 -23.55 13.65
N ALA E 160 -3.13 -23.37 14.02
CA ALA E 160 -3.64 -23.89 15.29
C ALA E 160 -4.35 -25.22 15.11
N GLY E 161 -3.89 -26.23 15.84
CA GLY E 161 -4.52 -27.56 15.83
C GLY E 161 -3.95 -28.52 14.82
N VAL E 162 -2.65 -28.39 14.54
CA VAL E 162 -1.98 -29.27 13.58
C VAL E 162 -1.00 -30.24 14.25
N GLY E 163 -0.66 -29.95 15.51
CA GLY E 163 0.17 -30.84 16.31
C GLY E 163 1.47 -30.26 16.82
N LYS E 164 1.50 -28.93 17.00
CA LYS E 164 2.71 -28.25 17.46
C LYS E 164 3.13 -28.63 18.88
N THR E 165 2.17 -28.67 19.80
CA THR E 165 2.43 -29.03 21.19
C THR E 165 2.77 -30.51 21.34
N VAL E 166 2.06 -31.36 20.59
CA VAL E 166 2.33 -32.80 20.57
C VAL E 166 3.72 -33.08 20.01
N LEU E 167 4.12 -32.33 18.99
CA LEU E 167 5.47 -32.43 18.44
C LEU E 167 6.52 -31.96 19.43
N ILE E 168 6.22 -30.86 20.14
CA ILE E 168 7.12 -30.33 21.17
C ILE E 168 7.29 -31.31 22.32
N MET E 169 6.18 -31.84 22.83
CA MET E 169 6.20 -32.81 23.93
C MET E 169 6.94 -34.09 23.57
N GLU E 170 6.84 -34.49 22.29
CA GLU E 170 7.55 -35.65 21.78
C GLU E 170 9.06 -35.37 21.65
N LEU E 171 9.40 -34.17 21.20
CA LEU E 171 10.80 -33.76 21.07
C LEU E 171 11.52 -33.75 22.42
N ILE E 172 10.84 -33.23 23.45
CA ILE E 172 11.33 -33.27 24.82
C ILE E 172 11.54 -34.72 25.26
N ASN E 173 10.55 -35.56 24.95
CA ASN E 173 10.59 -36.98 25.27
C ASN E 173 11.73 -37.72 24.58
N ASN E 174 11.85 -37.50 23.27
CA ASN E 174 12.82 -38.22 22.43
C ASN E 174 14.28 -37.84 22.67
N VAL E 175 14.54 -36.55 22.89
CA VAL E 175 15.91 -36.05 23.10
C VAL E 175 16.48 -36.52 24.45
N ALA E 176 15.66 -36.45 25.49
CA ALA E 176 16.07 -36.90 26.82
C ALA E 176 16.12 -38.42 26.94
N LYS E 177 15.39 -39.11 26.05
CA LYS E 177 15.33 -40.57 26.06
C LYS E 177 16.60 -41.19 25.49
N ALA E 178 16.98 -40.73 24.29
CA ALA E 178 18.12 -41.32 23.57
C ALA E 178 19.46 -40.69 23.96
N HIS E 179 19.45 -39.39 24.24
CA HIS E 179 20.69 -38.64 24.49
C HIS E 179 20.87 -38.20 25.91
N GLY E 180 19.76 -38.01 26.61
CA GLY E 180 19.79 -37.62 28.03
C GLY E 180 19.76 -36.12 28.26
N GLY E 181 19.60 -35.35 27.19
CA GLY E 181 19.57 -33.89 27.26
C GLY E 181 18.21 -33.35 27.67
N TYR E 182 18.20 -32.53 28.73
CA TYR E 182 16.98 -31.90 29.22
C TYR E 182 16.52 -30.77 28.29
N SER E 183 15.26 -30.37 28.43
CA SER E 183 14.68 -29.32 27.60
C SER E 183 14.16 -28.16 28.44
N VAL E 184 14.08 -26.97 27.84
CA VAL E 184 13.58 -25.78 28.50
C VAL E 184 12.50 -25.12 27.63
N PHE E 185 11.34 -24.83 28.23
CA PHE E 185 10.26 -24.16 27.52
C PHE E 185 10.11 -22.71 27.95
N ALA E 186 10.18 -21.80 26.99
CA ALA E 186 9.97 -20.38 27.23
C ALA E 186 8.64 -19.93 26.64
N GLY E 187 7.73 -19.54 27.52
CA GLY E 187 6.43 -19.00 27.10
C GLY E 187 6.47 -17.48 27.04
N VAL E 188 6.68 -16.96 25.83
CA VAL E 188 6.83 -15.52 25.63
C VAL E 188 5.50 -14.88 25.22
N GLY E 189 4.89 -14.17 26.16
CA GLY E 189 3.63 -13.47 25.92
C GLY E 189 2.48 -14.39 25.54
N GLU E 190 2.39 -15.52 26.24
CA GLU E 190 1.35 -16.51 25.96
C GLU E 190 0.10 -16.29 26.80
N ARG E 191 -1.03 -16.77 26.31
CA ARG E 191 -2.29 -16.73 27.04
C ARG E 191 -2.18 -17.57 28.30
N THR E 192 -2.68 -17.03 29.42
CA THR E 192 -2.62 -17.72 30.71
C THR E 192 -3.39 -19.03 30.69
N ARG E 193 -4.52 -19.03 29.98
CA ARG E 193 -5.37 -20.21 29.81
C ARG E 193 -4.62 -21.34 29.10
N GLU E 194 -3.92 -21.00 28.02
CA GLU E 194 -3.17 -21.98 27.25
C GLU E 194 -1.84 -22.34 27.91
N GLY E 195 -1.37 -21.47 28.80
CA GLY E 195 -0.21 -21.79 29.66
C GLY E 195 -0.59 -22.82 30.70
N ASN E 196 -1.84 -22.73 31.18
CA ASN E 196 -2.40 -23.69 32.12
C ASN E 196 -2.66 -25.03 31.45
N ASP E 197 -3.20 -25.00 30.23
CA ASP E 197 -3.52 -26.19 29.47
C ASP E 197 -2.27 -26.96 29.04
N LEU E 198 -1.22 -26.22 28.71
CA LEU E 198 0.06 -26.82 28.32
C LEU E 198 0.74 -27.53 29.50
N TYR E 199 0.67 -26.91 30.67
CA TYR E 199 1.27 -27.45 31.90
C TYR E 199 0.70 -28.83 32.25
N HIS E 200 -0.61 -28.97 32.16
CA HIS E 200 -1.28 -30.24 32.49
C HIS E 200 -1.13 -31.29 31.42
N GLU E 201 -1.09 -30.87 30.15
CA GLU E 201 -0.85 -31.78 29.03
C GLU E 201 0.54 -32.40 29.11
N MET E 202 1.50 -31.64 29.67
CA MET E 202 2.86 -32.12 29.88
C MET E 202 2.93 -33.14 31.02
N ILE E 203 2.07 -32.95 32.03
CA ILE E 203 1.94 -33.93 33.11
C ILE E 203 1.34 -35.24 32.58
N GLU E 204 0.32 -35.12 31.72
CA GLU E 204 -0.33 -36.27 31.09
C GLU E 204 0.60 -37.03 30.15
N SER E 205 1.47 -36.30 29.45
CA SER E 205 2.42 -36.91 28.52
C SER E 205 3.58 -37.60 29.23
N GLY E 206 3.98 -37.04 30.37
CA GLY E 206 5.06 -37.62 31.18
C GLY E 206 6.34 -36.81 31.23
N VAL E 207 6.44 -35.78 30.41
CA VAL E 207 7.64 -34.92 30.36
C VAL E 207 7.79 -34.06 31.62
N ILE E 208 6.67 -33.83 32.32
CA ILE E 208 6.68 -33.22 33.65
C ILE E 208 6.05 -34.18 34.65
N ASN E 209 6.82 -34.56 35.66
CA ASN E 209 6.31 -35.38 36.76
C ASN E 209 6.39 -34.63 38.08
N LEU E 210 5.35 -34.75 38.90
CA LEU E 210 5.22 -33.99 40.14
C LEU E 210 5.47 -34.85 41.38
N LYS E 211 5.57 -36.17 41.19
CA LYS E 211 5.69 -37.10 42.32
C LYS E 211 7.06 -37.77 42.42
N ASP E 212 7.91 -37.52 41.43
CA ASP E 212 9.34 -37.87 41.50
C ASP E 212 10.19 -36.79 40.82
N ALA E 213 11.47 -37.07 40.62
CA ALA E 213 12.39 -36.10 40.01
C ALA E 213 12.83 -36.50 38.60
N THR E 214 11.88 -36.99 37.81
CA THR E 214 12.17 -37.45 36.44
C THR E 214 11.69 -36.47 35.36
N SER E 215 11.33 -35.25 35.77
CA SER E 215 10.86 -34.22 34.84
C SER E 215 11.95 -33.83 33.85
N LYS E 216 11.57 -33.70 32.59
CA LYS E 216 12.51 -33.43 31.50
C LYS E 216 12.49 -31.99 31.00
N VAL E 217 11.49 -31.22 31.43
CA VAL E 217 11.36 -29.81 31.04
C VAL E 217 11.27 -28.84 32.22
N ALA E 218 11.97 -27.71 32.08
CA ALA E 218 11.86 -26.59 33.00
C ALA E 218 11.09 -25.47 32.30
N LEU E 219 9.95 -25.08 32.87
CA LEU E 219 9.08 -24.07 32.26
C LEU E 219 9.42 -22.66 32.71
N VAL E 220 9.38 -21.73 31.76
CA VAL E 220 9.59 -20.30 32.03
C VAL E 220 8.47 -19.51 31.34
N TYR E 221 7.59 -18.93 32.14
CA TYR E 221 6.42 -18.23 31.61
C TYR E 221 6.47 -16.73 31.76
N GLY E 222 5.98 -16.03 30.73
CA GLY E 222 5.82 -14.59 30.76
C GLY E 222 4.51 -14.25 30.05
N GLN E 223 3.42 -14.25 30.81
CA GLN E 223 2.07 -14.12 30.27
C GLN E 223 1.75 -12.80 29.56
N MET E 224 0.59 -12.77 28.89
CA MET E 224 0.15 -11.62 28.08
C MET E 224 -0.18 -10.37 28.89
N ASN E 225 -0.74 -10.57 30.09
CA ASN E 225 -1.16 -9.47 30.95
C ASN E 225 -0.01 -8.74 31.66
N GLU E 226 1.22 -9.09 31.30
CA GLU E 226 2.41 -8.53 31.94
C GLU E 226 3.00 -7.38 31.11
N PRO E 227 3.71 -6.43 31.78
CA PRO E 227 4.33 -5.31 31.07
C PRO E 227 5.38 -5.77 30.06
N PRO E 228 5.57 -4.99 28.97
CA PRO E 228 6.48 -5.31 27.86
C PRO E 228 7.85 -5.80 28.31
N GLY E 229 8.41 -5.17 29.35
CA GLY E 229 9.71 -5.55 29.89
C GLY E 229 9.81 -7.01 30.29
N ALA E 230 8.80 -7.48 31.03
CA ALA E 230 8.74 -8.87 31.49
C ALA E 230 8.70 -9.87 30.33
N ARG E 231 7.88 -9.57 29.33
CA ARG E 231 7.74 -10.41 28.15
C ARG E 231 8.97 -10.34 27.25
N ALA E 232 9.70 -9.24 27.34
CA ALA E 232 10.92 -9.05 26.55
C ALA E 232 12.09 -9.90 27.07
N ARG E 233 12.20 -9.99 28.39
CA ARG E 233 13.33 -10.67 29.04
C ARG E 233 13.05 -12.13 29.37
N VAL E 234 11.79 -12.56 29.26
CA VAL E 234 11.38 -13.92 29.61
C VAL E 234 12.12 -14.99 28.78
N ALA E 235 12.39 -14.68 27.52
CA ALA E 235 13.14 -15.57 26.63
C ALA E 235 14.60 -15.67 27.07
N LEU E 236 15.15 -14.59 27.60
CA LEU E 236 16.52 -14.56 28.12
C LEU E 236 16.63 -15.37 29.42
N THR E 237 15.53 -15.43 30.18
CA THR E 237 15.47 -16.21 31.41
C THR E 237 15.57 -17.71 31.11
N GLY E 238 14.71 -18.19 30.22
CA GLY E 238 14.75 -19.58 29.76
C GLY E 238 16.09 -19.93 29.15
N LEU E 239 16.69 -18.97 28.45
CA LEU E 239 18.00 -19.10 27.84
C LEU E 239 19.08 -19.32 28.90
N THR E 240 18.93 -18.66 30.03
CA THR E 240 19.85 -18.78 31.16
C THR E 240 19.67 -20.13 31.87
N VAL E 241 18.42 -20.58 31.98
CA VAL E 241 18.10 -21.90 32.50
C VAL E 241 18.79 -22.98 31.66
N ALA E 242 18.69 -22.84 30.34
CA ALA E 242 19.30 -23.79 29.40
C ALA E 242 20.84 -23.70 29.39
N GLU E 243 21.36 -22.50 29.61
CA GLU E 243 22.81 -22.26 29.62
C GLU E 243 23.54 -23.01 30.72
N TYR E 244 22.87 -23.26 31.84
CA TYR E 244 23.47 -23.97 32.96
C TYR E 244 23.87 -25.39 32.59
N PHE E 245 22.93 -26.15 32.00
CA PHE E 245 23.15 -27.55 31.65
C PHE E 245 24.25 -27.73 30.62
N ARG E 246 24.40 -26.77 29.72
CA ARG E 246 25.42 -26.80 28.68
C ARG E 246 26.81 -26.41 29.22
N ASP E 247 26.88 -25.30 29.94
CA ASP E 247 28.16 -24.75 30.40
C ASP E 247 28.76 -25.51 31.58
N GLN E 248 27.92 -25.92 32.53
CA GLN E 248 28.38 -26.58 33.74
C GLN E 248 28.43 -28.10 33.63
N GLU E 249 27.45 -28.68 32.93
CA GLU E 249 27.31 -30.14 32.89
C GLU E 249 27.43 -30.74 31.49
N GLY E 250 27.72 -29.91 30.49
CA GLY E 250 28.00 -30.35 29.13
C GLY E 250 26.92 -31.20 28.49
N GLN E 251 25.82 -30.56 28.10
CA GLN E 251 24.67 -31.26 27.53
C GLN E 251 24.19 -30.65 26.23
N ASP E 252 23.57 -31.47 25.38
CA ASP E 252 22.89 -30.99 24.18
C ASP E 252 21.44 -30.65 24.53
N VAL E 253 21.21 -29.36 24.80
CA VAL E 253 19.96 -28.90 25.40
C VAL E 253 19.00 -28.34 24.34
N LEU E 254 17.71 -28.52 24.58
CA LEU E 254 16.66 -27.91 23.77
C LEU E 254 16.10 -26.66 24.43
N LEU E 255 15.92 -25.61 23.63
CA LEU E 255 15.21 -24.41 24.07
C LEU E 255 14.00 -24.17 23.17
N PHE E 256 12.82 -24.23 23.75
CA PHE E 256 11.60 -23.96 23.01
C PHE E 256 11.16 -22.53 23.24
N ILE E 257 11.08 -21.78 22.15
CA ILE E 257 10.61 -20.39 22.21
C ILE E 257 9.27 -20.27 21.49
N ASP E 258 8.24 -19.95 22.28
CA ASP E 258 6.90 -19.75 21.78
C ASP E 258 6.32 -18.49 22.42
N ASN E 259 6.11 -17.43 21.63
CA ASN E 259 6.36 -17.40 20.19
C ASN E 259 7.40 -16.31 19.87
N ILE E 260 8.27 -16.57 18.88
CA ILE E 260 9.38 -15.66 18.55
C ILE E 260 8.93 -14.26 18.11
N PHE E 261 7.76 -14.17 17.48
CA PHE E 261 7.21 -12.88 17.06
C PHE E 261 6.79 -12.04 18.28
N ARG E 262 6.29 -12.71 19.31
CA ARG E 262 5.86 -12.04 20.54
C ARG E 262 7.05 -11.54 21.35
N PHE E 263 8.21 -12.17 21.18
CA PHE E 263 9.47 -11.67 21.71
C PHE E 263 9.85 -10.35 21.04
N THR E 264 9.70 -10.31 19.72
CA THR E 264 9.93 -9.11 18.91
C THR E 264 8.88 -8.03 19.22
N GLN E 265 7.64 -8.46 19.41
CA GLN E 265 6.52 -7.57 19.73
C GLN E 265 6.75 -6.81 21.04
N ALA E 266 7.21 -7.53 22.06
CA ALA E 266 7.48 -6.96 23.38
C ALA E 266 8.70 -6.04 23.39
N GLY E 267 9.65 -6.31 22.49
CA GLY E 267 10.84 -5.48 22.34
C GLY E 267 10.53 -4.15 21.69
N SER E 268 9.54 -4.15 20.80
CA SER E 268 9.02 -2.94 20.16
C SER E 268 8.33 -2.05 21.18
N GLU E 269 7.52 -2.68 22.04
CA GLU E 269 6.78 -1.96 23.08
C GLU E 269 7.70 -1.30 24.10
N VAL E 270 8.77 -2.00 24.47
CA VAL E 270 9.79 -1.46 25.36
C VAL E 270 10.45 -0.23 24.74
N SER E 271 10.82 -0.35 23.47
CA SER E 271 11.43 0.75 22.71
C SER E 271 10.50 1.97 22.63
N ALA E 272 9.22 1.72 22.38
CA ALA E 272 8.21 2.77 22.28
C ALA E 272 7.94 3.45 23.61
N LEU E 273 8.02 2.68 24.70
CA LEU E 273 7.85 3.21 26.05
C LEU E 273 8.99 4.14 26.45
N LEU E 274 10.17 3.88 25.91
CA LEU E 274 11.38 4.65 26.20
C LEU E 274 11.54 5.86 25.28
N GLY E 275 10.54 6.11 24.44
CA GLY E 275 10.53 7.28 23.56
C GLY E 275 11.38 7.18 22.32
N ARG E 276 11.86 5.97 22.02
CA ARG E 276 12.72 5.74 20.86
C ARG E 276 11.92 5.73 19.56
N ILE E 277 12.37 6.53 18.60
CA ILE E 277 11.73 6.62 17.29
C ILE E 277 11.71 5.24 16.62
N PRO E 278 10.51 4.76 16.24
CA PRO E 278 10.35 3.43 15.64
C PRO E 278 10.88 3.36 14.21
N SER E 279 11.45 2.21 13.85
CA SER E 279 11.93 1.93 12.51
C SER E 279 10.75 1.62 11.57
N ALA E 280 11.02 0.93 10.46
CA ALA E 280 9.97 0.59 9.49
C ALA E 280 8.91 -0.33 10.08
N VAL E 281 7.67 -0.13 9.63
CA VAL E 281 6.48 -0.91 10.06
C VAL E 281 6.21 -0.84 11.58
N GLY E 282 6.79 0.17 12.23
CA GLY E 282 6.50 0.42 13.64
C GLY E 282 7.38 -0.32 14.63
N TYR E 283 8.24 -1.20 14.13
CA TYR E 283 9.15 -1.98 14.98
C TYR E 283 10.27 -1.11 15.56
N GLN E 284 10.93 -1.64 16.58
CA GLN E 284 12.06 -0.98 17.23
C GLN E 284 13.23 -0.75 16.26
N PRO E 285 14.01 0.32 16.46
CA PRO E 285 15.22 0.53 15.64
C PRO E 285 16.31 -0.50 15.98
N THR E 286 16.28 -1.01 17.20
CA THR E 286 17.23 -2.02 17.68
C THR E 286 16.80 -3.45 17.33
N LEU E 287 15.87 -3.57 16.38
CA LEU E 287 15.25 -4.84 15.99
C LEU E 287 16.26 -5.98 15.78
N ALA E 288 17.26 -5.73 14.95
CA ALA E 288 18.27 -6.74 14.63
C ALA E 288 19.25 -7.02 15.77
N THR E 289 19.47 -6.03 16.63
CA THR E 289 20.41 -6.18 17.75
C THR E 289 19.75 -6.79 19.00
N ASP E 290 18.44 -6.55 19.14
CA ASP E 290 17.64 -7.21 20.17
C ASP E 290 17.57 -8.71 19.87
N MET E 291 17.45 -9.04 18.59
CA MET E 291 17.43 -10.41 18.13
C MET E 291 18.82 -11.05 18.23
N GLY E 292 19.84 -10.32 17.75
CA GLY E 292 21.22 -10.81 17.69
C GLY E 292 21.79 -11.21 19.04
N THR E 293 21.71 -10.30 20.01
CA THR E 293 22.23 -10.53 21.36
C THR E 293 21.50 -11.67 22.07
N MET E 294 20.27 -11.96 21.64
CA MET E 294 19.49 -13.07 22.16
C MET E 294 19.85 -14.37 21.45
N GLN E 295 19.78 -14.37 20.12
CA GLN E 295 19.95 -15.57 19.31
C GLN E 295 21.34 -16.20 19.40
N GLU E 296 22.37 -15.37 19.51
CA GLU E 296 23.76 -15.85 19.48
C GLU E 296 24.18 -16.65 20.72
N ARG E 297 23.32 -16.68 21.73
CA ARG E 297 23.53 -17.51 22.92
C ARG E 297 23.13 -18.97 22.64
N ILE E 298 22.27 -19.16 21.64
CA ILE E 298 21.88 -20.48 21.17
C ILE E 298 22.94 -20.98 20.19
N THR E 299 23.81 -21.87 20.65
CA THR E 299 24.97 -22.31 19.87
C THR E 299 25.69 -23.53 20.45
N THR E 300 26.54 -24.13 19.62
CA THR E 300 27.46 -25.18 20.04
C THR E 300 28.76 -24.55 20.54
N THR E 301 29.20 -24.98 21.72
CA THR E 301 30.49 -24.54 22.28
C THR E 301 31.42 -25.74 22.40
N LYS E 302 32.42 -25.63 23.27
CA LYS E 302 33.31 -26.75 23.58
C LYS E 302 32.68 -27.71 24.59
N LYS E 303 31.92 -27.16 25.53
CA LYS E 303 31.25 -27.94 26.57
C LYS E 303 30.07 -28.74 26.04
N GLY E 304 29.24 -28.10 25.21
CA GLY E 304 28.06 -28.74 24.64
C GLY E 304 27.37 -27.87 23.61
N SER E 305 26.03 -27.91 23.61
CA SER E 305 25.23 -27.13 22.66
C SER E 305 23.86 -26.76 23.21
N ILE E 306 23.33 -25.63 22.72
CA ILE E 306 21.93 -25.27 22.92
C ILE E 306 21.26 -25.22 21.55
N THR E 307 20.25 -26.06 21.36
CA THR E 307 19.48 -26.09 20.12
C THR E 307 18.06 -25.60 20.39
N SER E 308 17.57 -24.68 19.58
CA SER E 308 16.27 -24.06 19.82
C SER E 308 15.23 -24.32 18.73
N VAL E 309 14.02 -24.64 19.17
CA VAL E 309 12.85 -24.73 18.30
C VAL E 309 11.99 -23.51 18.56
N GLN E 310 11.78 -22.71 17.52
CA GLN E 310 11.12 -21.42 17.66
C GLN E 310 9.84 -21.34 16.84
N ALA E 311 8.71 -21.20 17.51
CA ALA E 311 7.42 -21.07 16.85
C ALA E 311 7.32 -19.75 16.09
N ILE E 312 6.90 -19.83 14.83
CA ILE E 312 6.86 -18.67 13.95
C ILE E 312 5.43 -18.20 13.68
N TYR E 313 5.24 -16.89 13.75
CA TYR E 313 4.01 -16.26 13.27
C TYR E 313 4.38 -15.26 12.19
N VAL E 314 3.64 -15.30 11.08
CA VAL E 314 3.87 -14.42 9.94
C VAL E 314 2.71 -13.44 9.81
N PRO E 315 2.92 -12.17 10.25
CA PRO E 315 1.86 -11.16 10.26
C PRO E 315 1.37 -10.77 8.87
N ALA E 316 0.04 -10.69 8.72
CA ALA E 316 -0.63 -10.37 7.46
C ALA E 316 -0.30 -11.35 6.32
N ASP E 317 0.17 -12.55 6.70
CA ASP E 317 0.68 -13.57 5.78
C ASP E 317 1.79 -13.01 4.88
N ASP E 318 2.54 -12.04 5.41
CA ASP E 318 3.59 -11.35 4.69
C ASP E 318 4.96 -11.76 5.23
N LEU E 319 5.71 -12.49 4.41
CA LEU E 319 7.01 -13.03 4.81
C LEU E 319 8.14 -11.99 4.82
N THR E 320 7.92 -10.87 4.14
CA THR E 320 8.92 -9.80 4.07
C THR E 320 8.80 -8.80 5.22
N ASP E 321 7.83 -9.05 6.11
CA ASP E 321 7.65 -8.25 7.32
C ASP E 321 8.92 -8.30 8.16
N PRO E 322 9.35 -7.14 8.70
CA PRO E 322 10.61 -7.05 9.44
C PRO E 322 10.74 -8.06 10.60
N ALA E 323 9.63 -8.40 11.24
CA ALA E 323 9.65 -9.33 12.37
C ALA E 323 10.08 -10.75 11.97
N PRO E 324 9.38 -11.38 11.00
CA PRO E 324 9.89 -12.67 10.53
C PRO E 324 11.18 -12.56 9.70
N ALA E 325 11.31 -11.49 8.91
CA ALA E 325 12.48 -11.31 8.02
C ALA E 325 13.81 -11.28 8.77
N THR E 326 13.81 -10.64 9.93
CA THR E 326 15.01 -10.60 10.79
C THR E 326 15.27 -11.97 11.42
N THR E 327 14.19 -12.66 11.78
CA THR E 327 14.28 -13.99 12.39
C THR E 327 14.85 -15.03 11.42
N PHE E 328 14.39 -14.99 10.16
CA PHE E 328 14.77 -15.99 9.15
C PHE E 328 16.28 -16.12 8.94
N ALA E 329 17.02 -15.04 9.13
CA ALA E 329 18.46 -15.03 8.97
C ALA E 329 19.20 -15.84 10.05
N HIS E 330 18.47 -16.23 11.09
CA HIS E 330 19.05 -17.00 12.19
C HIS E 330 18.72 -18.46 12.15
N LEU E 331 17.67 -18.83 11.41
CA LEU E 331 17.19 -20.21 11.33
C LEU E 331 18.10 -21.11 10.49
N ASP E 332 18.36 -22.31 11.02
CA ASP E 332 19.14 -23.33 10.31
C ASP E 332 18.24 -24.37 9.64
N ALA E 333 17.03 -24.53 10.17
CA ALA E 333 16.07 -25.49 9.66
C ALA E 333 14.63 -25.03 9.86
N THR E 334 13.70 -25.65 9.13
CA THR E 334 12.29 -25.35 9.24
C THR E 334 11.47 -26.63 9.37
N THR E 335 10.53 -26.62 10.31
CA THR E 335 9.56 -27.71 10.44
C THR E 335 8.17 -27.15 10.13
N VAL E 336 7.74 -27.32 8.90
CA VAL E 336 6.46 -26.78 8.44
C VAL E 336 5.35 -27.81 8.59
N LEU E 337 4.38 -27.50 9.44
CA LEU E 337 3.20 -28.33 9.63
C LEU E 337 2.08 -27.85 8.71
N SER E 338 1.33 -28.82 8.18
CA SER E 338 0.24 -28.51 7.25
C SER E 338 -1.10 -29.06 7.73
N ARG E 339 -2.16 -28.28 7.50
CA ARG E 339 -3.51 -28.69 7.87
C ARG E 339 -4.05 -29.74 6.89
N ALA E 340 -3.71 -29.59 5.61
CA ALA E 340 -4.16 -30.51 4.56
C ALA E 340 -3.63 -31.93 4.79
N ILE E 341 -2.42 -32.03 5.31
CA ILE E 341 -1.80 -33.33 5.61
C ILE E 341 -2.35 -33.90 6.92
N ALA E 342 -2.78 -33.03 7.82
CA ALA E 342 -3.43 -33.43 9.06
C ALA E 342 -4.82 -34.02 8.78
N GLU E 343 -5.52 -33.44 7.81
CA GLU E 343 -6.85 -33.91 7.40
C GLU E 343 -6.79 -35.26 6.68
N LEU E 344 -5.63 -35.56 6.09
CA LEU E 344 -5.38 -36.85 5.46
C LEU E 344 -5.08 -37.94 6.50
N GLY E 345 -5.01 -37.54 7.77
CA GLY E 345 -4.80 -38.49 8.87
C GLY E 345 -3.34 -38.79 9.16
N ILE E 346 -2.44 -38.14 8.42
CA ILE E 346 -1.00 -38.34 8.59
C ILE E 346 -0.50 -37.58 9.81
N TYR E 347 0.16 -38.30 10.72
CA TYR E 347 0.77 -37.70 11.90
C TYR E 347 2.19 -38.21 12.11
N PRO E 348 3.16 -37.30 12.38
CA PRO E 348 2.98 -35.85 12.47
C PRO E 348 2.64 -35.20 11.12
N ALA E 349 1.89 -34.11 11.17
CA ALA E 349 1.42 -33.43 9.96
C ALA E 349 2.51 -32.54 9.33
N VAL E 350 3.65 -33.15 9.03
CA VAL E 350 4.79 -32.45 8.46
C VAL E 350 4.72 -32.45 6.93
N ASP E 351 4.86 -31.26 6.33
CA ASP E 351 4.95 -31.14 4.88
C ASP E 351 6.36 -31.55 4.45
N PRO E 352 6.48 -32.65 3.68
CA PRO E 352 7.78 -33.22 3.34
C PRO E 352 8.59 -32.41 2.32
N LEU E 353 7.97 -31.37 1.74
CA LEU E 353 8.65 -30.53 0.76
C LEU E 353 8.91 -29.11 1.29
N ASP E 354 7.95 -28.57 2.05
CA ASP E 354 8.09 -27.26 2.67
C ASP E 354 9.22 -27.23 3.71
N SER E 355 9.33 -28.29 4.49
CA SER E 355 10.36 -28.40 5.53
C SER E 355 11.75 -28.53 4.90
N THR E 356 12.62 -27.58 5.20
CA THR E 356 13.99 -27.58 4.69
C THR E 356 15.01 -27.51 5.83
N SER E 357 16.26 -27.83 5.51
CA SER E 357 17.36 -27.76 6.45
C SER E 357 18.67 -27.46 5.72
N ARG E 358 19.49 -26.60 6.33
CA ARG E 358 20.78 -26.21 5.76
C ARG E 358 21.81 -27.34 5.84
N ILE E 359 21.70 -28.19 6.85
CA ILE E 359 22.65 -29.29 7.06
C ILE E 359 22.40 -30.51 6.18
N MET E 360 21.55 -30.35 5.16
CA MET E 360 21.40 -31.34 4.10
C MET E 360 22.58 -31.24 3.14
N ASP E 361 23.73 -31.71 3.60
CA ASP E 361 24.97 -31.65 2.84
C ASP E 361 25.77 -32.94 3.07
N PRO E 362 26.28 -33.56 2.00
CA PRO E 362 27.00 -34.84 2.08
C PRO E 362 28.26 -34.81 2.95
N ASN E 363 28.69 -33.61 3.38
CA ASN E 363 29.86 -33.46 4.24
C ASN E 363 29.52 -33.34 5.73
N ILE E 364 28.30 -32.87 6.02
CA ILE E 364 27.81 -32.79 7.40
C ILE E 364 27.20 -34.14 7.80
N VAL E 365 26.09 -34.50 7.15
CA VAL E 365 25.50 -35.83 7.33
C VAL E 365 26.22 -36.83 6.45
N GLY E 366 26.03 -38.12 6.73
CA GLY E 366 26.70 -39.20 6.01
C GLY E 366 26.56 -39.16 4.50
N SER E 367 27.54 -39.74 3.81
CA SER E 367 27.55 -39.79 2.35
C SER E 367 26.47 -40.71 1.78
N GLU E 368 25.74 -41.37 2.68
CA GLU E 368 24.60 -42.23 2.33
C GLU E 368 23.29 -41.49 2.58
N HIS E 369 23.36 -40.42 3.37
CA HIS E 369 22.19 -39.66 3.80
C HIS E 369 21.63 -38.76 2.73
N TYR E 370 22.51 -38.07 2.02
CA TYR E 370 22.11 -37.03 1.06
C TYR E 370 21.30 -37.56 -0.13
N ASP E 371 21.82 -38.59 -0.79
CA ASP E 371 21.22 -39.17 -2.00
C ASP E 371 19.83 -39.75 -1.73
N VAL E 372 19.68 -40.41 -0.59
CA VAL E 372 18.41 -41.01 -0.19
C VAL E 372 17.32 -39.94 -0.05
N ALA E 373 17.62 -38.87 0.68
CA ALA E 373 16.67 -37.78 0.92
C ALA E 373 16.32 -37.00 -0.34
N ARG E 374 17.27 -36.90 -1.27
CA ARG E 374 17.03 -36.26 -2.56
C ARG E 374 16.11 -37.09 -3.44
N GLY E 375 16.25 -38.42 -3.36
CA GLY E 375 15.38 -39.35 -4.08
C GLY E 375 13.95 -39.32 -3.57
N VAL E 376 13.80 -39.16 -2.25
CA VAL E 376 12.49 -39.03 -1.62
C VAL E 376 11.83 -37.72 -2.06
N GLN E 377 12.62 -36.64 -2.09
CA GLN E 377 12.14 -35.33 -2.55
C GLN E 377 11.74 -35.34 -4.02
N LYS E 378 12.51 -36.05 -4.83
CA LYS E 378 12.24 -36.15 -6.27
C LYS E 378 10.90 -36.84 -6.55
N ILE E 379 10.68 -37.99 -5.92
CA ILE E 379 9.46 -38.78 -6.15
C ILE E 379 8.19 -38.09 -5.67
N LEU E 380 8.29 -37.32 -4.59
CA LEU E 380 7.15 -36.60 -4.03
C LEU E 380 6.76 -35.40 -4.89
N GLN E 381 7.76 -34.74 -5.48
CA GLN E 381 7.53 -33.64 -6.40
C GLN E 381 6.94 -34.13 -7.72
N ASP E 382 7.42 -35.28 -8.18
CA ASP E 382 6.92 -35.91 -9.40
C ASP E 382 5.48 -36.41 -9.23
N TYR E 383 5.18 -36.89 -8.03
CA TYR E 383 3.83 -37.36 -7.69
C TYR E 383 2.82 -36.22 -7.70
N LYS E 384 3.20 -35.08 -7.12
CA LYS E 384 2.33 -33.90 -7.06
C LYS E 384 2.18 -33.22 -8.42
N SER E 385 3.23 -33.28 -9.24
CA SER E 385 3.21 -32.71 -10.59
C SER E 385 2.32 -33.50 -11.54
N LEU E 386 2.21 -34.81 -11.30
CA LEU E 386 1.45 -35.70 -12.16
C LEU E 386 0.06 -36.04 -11.59
N GLN E 387 -0.36 -35.29 -10.57
CA GLN E 387 -1.68 -35.48 -9.95
C GLN E 387 -2.82 -34.91 -10.79
N ASP E 388 -2.48 -34.31 -11.93
CA ASP E 388 -3.47 -33.71 -12.82
C ASP E 388 -4.36 -34.75 -13.50
N ILE E 389 -3.77 -35.89 -13.87
CA ILE E 389 -4.51 -36.98 -14.51
C ILE E 389 -4.85 -38.07 -13.49
N LEU E 398 -3.50 -43.08 -17.92
CA LEU E 398 -2.81 -44.20 -17.29
C LEU E 398 -1.63 -44.66 -18.14
N SER E 399 -0.42 -44.41 -17.64
CA SER E 399 0.81 -44.82 -18.32
C SER E 399 1.67 -45.73 -17.43
N GLU E 400 2.56 -46.50 -18.05
CA GLU E 400 3.32 -47.55 -17.38
C GLU E 400 4.30 -47.06 -16.32
N GLU E 401 5.12 -46.07 -16.66
CA GLU E 401 6.16 -45.56 -15.76
C GLU E 401 5.57 -44.91 -14.50
N ASP E 402 4.38 -44.33 -14.64
CA ASP E 402 3.69 -43.67 -13.53
C ASP E 402 3.17 -44.66 -12.50
N LYS E 403 2.56 -45.75 -12.97
CA LYS E 403 1.95 -46.76 -12.10
C LYS E 403 2.88 -47.29 -11.00
N LEU E 404 4.17 -47.35 -11.30
CA LEU E 404 5.17 -47.80 -10.34
C LEU E 404 5.61 -46.67 -9.39
N THR E 405 5.82 -45.48 -9.95
CA THR E 405 6.27 -44.32 -9.18
C THR E 405 5.17 -43.72 -8.29
N VAL E 406 3.94 -43.67 -8.82
CA VAL E 406 2.78 -43.19 -8.08
C VAL E 406 2.53 -44.05 -6.83
N SER E 407 2.62 -45.38 -7.01
CA SER E 407 2.46 -46.32 -5.91
C SER E 407 3.55 -46.16 -4.86
N ARG E 408 4.81 -46.06 -5.32
CA ARG E 408 5.96 -45.92 -4.43
C ARG E 408 5.91 -44.65 -3.58
N ALA E 409 5.55 -43.53 -4.20
CA ALA E 409 5.45 -42.24 -3.53
C ALA E 409 4.39 -42.23 -2.44
N ARG E 410 3.26 -42.89 -2.70
CA ARG E 410 2.19 -43.05 -1.72
C ARG E 410 2.61 -43.96 -0.57
N LYS E 411 3.51 -44.90 -0.88
CA LYS E 411 4.05 -45.81 0.12
C LYS E 411 5.21 -45.20 0.90
N ILE E 412 5.65 -44.01 0.48
CA ILE E 412 6.67 -43.24 1.20
C ILE E 412 6.00 -42.23 2.14
N GLN E 413 4.94 -41.58 1.67
CA GLN E 413 4.14 -40.65 2.47
C GLN E 413 3.63 -41.31 3.75
N ARG E 414 3.11 -42.52 3.62
CA ARG E 414 2.59 -43.29 4.74
C ARG E 414 3.68 -43.76 5.70
N PHE E 415 4.89 -44.00 5.17
CA PHE E 415 6.02 -44.37 6.01
C PHE E 415 6.67 -43.17 6.70
N LEU E 416 6.38 -41.97 6.18
CA LEU E 416 6.82 -40.72 6.83
C LEU E 416 6.07 -40.46 8.13
N SER E 417 4.83 -40.97 8.21
CA SER E 417 4.03 -40.87 9.43
C SER E 417 4.62 -41.73 10.55
N GLN E 418 4.27 -41.39 11.79
CA GLN E 418 4.86 -42.03 12.96
C GLN E 418 3.94 -41.90 14.18
N PRO E 419 3.71 -43.02 14.89
CA PRO E 419 2.96 -42.93 16.15
C PRO E 419 3.84 -42.38 17.27
N PHE E 420 3.35 -41.37 17.97
CA PHE E 420 4.11 -40.74 19.05
C PHE E 420 3.73 -41.29 20.42
N GLN E 421 4.72 -41.36 21.32
CA GLN E 421 4.52 -41.81 22.69
C GLN E 421 3.54 -40.88 23.44
N VAL E 422 3.58 -39.60 23.09
CA VAL E 422 2.66 -38.61 23.63
C VAL E 422 1.22 -38.86 23.17
N ALA E 423 1.10 -39.44 21.97
CA ALA E 423 -0.21 -39.72 21.37
C ALA E 423 -0.79 -41.09 21.74
N GLU E 424 -0.89 -41.35 23.05
CA GLU E 424 -1.58 -42.53 23.56
C GLU E 424 -2.98 -42.17 24.07
N VAL E 425 -3.18 -40.90 24.38
CA VAL E 425 -4.48 -40.38 24.80
C VAL E 425 -5.41 -40.17 23.61
N PHE E 426 -4.84 -40.07 22.41
CA PHE E 426 -5.62 -39.92 21.19
C PHE E 426 -5.89 -41.28 20.54
N THR E 427 -4.81 -41.99 20.22
CA THR E 427 -4.89 -43.33 19.63
C THR E 427 -4.30 -44.38 20.57
N GLY E 428 -4.79 -45.62 20.45
CA GLY E 428 -4.35 -46.72 21.31
C GLY E 428 -2.98 -47.30 20.95
N HIS E 429 -2.49 -46.95 19.76
CA HIS E 429 -1.21 -47.46 19.26
C HIS E 429 -0.03 -46.99 20.07
N LEU E 430 1.01 -47.82 20.13
CA LEU E 430 2.21 -47.52 20.90
C LEU E 430 3.17 -46.64 20.12
N GLY E 431 3.76 -45.66 20.82
CA GLY E 431 4.71 -44.73 20.21
C GLY E 431 6.07 -45.36 19.97
N LYS E 432 6.82 -44.80 19.01
CA LYS E 432 8.13 -45.35 18.64
C LYS E 432 9.21 -44.27 18.49
N LEU E 433 10.43 -44.64 18.87
CA LEU E 433 11.62 -43.83 18.63
C LEU E 433 12.49 -44.55 17.59
N VAL E 434 12.53 -43.99 16.39
CA VAL E 434 13.23 -44.64 15.27
C VAL E 434 14.63 -44.04 15.09
N PRO E 435 15.68 -44.86 15.32
CA PRO E 435 17.07 -44.44 15.17
C PRO E 435 17.40 -44.01 13.73
N LEU E 436 18.41 -43.16 13.60
CA LEU E 436 18.80 -42.57 12.31
C LEU E 436 19.16 -43.62 11.27
N LYS E 437 19.97 -44.60 11.67
CA LYS E 437 20.44 -45.66 10.76
C LYS E 437 19.30 -46.50 10.22
N GLU E 438 18.29 -46.74 11.05
CA GLU E 438 17.09 -47.50 10.64
C GLU E 438 16.14 -46.67 9.79
N THR E 439 16.19 -45.34 9.96
CA THR E 439 15.35 -44.42 9.19
C THR E 439 15.88 -44.29 7.75
N ILE E 440 17.20 -44.19 7.62
CA ILE E 440 17.86 -44.06 6.31
C ILE E 440 17.64 -45.29 5.43
N LYS E 441 17.89 -46.47 5.98
CA LYS E 441 17.77 -47.74 5.25
C LYS E 441 16.33 -48.07 4.85
N GLY E 442 15.38 -47.62 5.66
CA GLY E 442 13.95 -47.84 5.40
C GLY E 442 13.47 -47.18 4.13
N PHE E 443 13.63 -45.86 4.06
CA PHE E 443 13.22 -45.09 2.87
C PHE E 443 14.05 -45.41 1.63
N GLN E 444 15.25 -45.95 1.83
CA GLN E 444 16.12 -46.39 0.75
C GLN E 444 15.58 -47.64 0.08
N GLN E 445 14.98 -48.52 0.89
CA GLN E 445 14.43 -49.79 0.41
C GLN E 445 13.13 -49.64 -0.38
N ILE E 446 12.31 -48.66 0.00
CA ILE E 446 11.06 -48.36 -0.71
C ILE E 446 11.35 -47.78 -2.10
N LEU E 447 12.38 -46.95 -2.18
CA LEU E 447 12.79 -46.31 -3.44
C LEU E 447 13.37 -47.32 -4.44
N ALA E 448 14.19 -48.24 -3.94
CA ALA E 448 14.85 -49.25 -4.77
C ALA E 448 13.83 -50.22 -5.39
N GLY E 449 12.71 -50.43 -4.69
CA GLY E 449 11.63 -51.28 -5.19
C GLY E 449 11.54 -52.62 -4.49
N GLU E 450 12.08 -52.70 -3.27
CA GLU E 450 12.07 -53.93 -2.48
C GLU E 450 10.66 -54.30 -2.01
N TYR E 451 9.86 -53.29 -1.68
CA TYR E 451 8.52 -53.52 -1.13
C TYR E 451 7.41 -53.07 -2.09
N ASP E 452 7.57 -53.43 -3.36
CA ASP E 452 6.55 -53.17 -4.38
C ASP E 452 5.41 -54.19 -4.30
N HIS E 453 5.67 -55.30 -3.59
CA HIS E 453 4.69 -56.37 -3.43
C HIS E 453 3.82 -56.19 -2.21
N LEU E 454 3.99 -55.06 -1.52
CA LEU E 454 3.21 -54.74 -0.32
C LEU E 454 2.15 -53.67 -0.58
N PRO E 455 0.99 -53.78 0.09
CA PRO E 455 -0.07 -52.77 -0.03
C PRO E 455 0.29 -51.45 0.66
N GLU E 456 -0.47 -50.40 0.36
CA GLU E 456 -0.23 -49.06 0.89
C GLU E 456 -0.34 -48.95 2.42
N GLN E 457 -1.41 -49.52 2.97
CA GLN E 457 -1.72 -49.39 4.39
C GLN E 457 -0.75 -50.13 5.33
N ALA E 458 0.25 -50.79 4.74
CA ALA E 458 1.27 -51.50 5.52
C ALA E 458 2.27 -50.55 6.17
N PHE E 459 2.33 -49.32 5.67
CA PHE E 459 3.33 -48.34 6.11
C PHE E 459 2.74 -47.26 7.03
N TYR E 460 1.42 -47.13 7.03
CA TYR E 460 0.71 -46.14 7.85
C TYR E 460 0.85 -46.45 9.33
N MET E 461 1.46 -45.51 10.06
CA MET E 461 1.67 -45.59 11.51
C MET E 461 2.54 -46.77 11.97
N VAL E 462 3.80 -46.77 11.55
CA VAL E 462 4.77 -47.79 11.98
C VAL E 462 6.11 -47.16 12.37
N GLY E 463 6.88 -47.88 13.18
CA GLY E 463 8.23 -47.45 13.56
C GLY E 463 9.23 -47.74 12.46
N PRO E 464 10.17 -48.67 12.70
CA PRO E 464 11.12 -49.11 11.67
C PRO E 464 10.43 -49.90 10.56
N ILE E 465 11.15 -50.18 9.48
CA ILE E 465 10.58 -50.86 8.31
C ILE E 465 10.35 -52.36 8.51
N GLU E 466 10.86 -52.89 9.63
CA GLU E 466 10.55 -54.27 10.03
C GLU E 466 9.10 -54.40 10.48
N GLU E 467 8.52 -53.30 10.95
CA GLU E 467 7.12 -53.25 11.35
C GLU E 467 6.20 -53.11 10.14
N ALA E 468 6.74 -52.57 9.04
CA ALA E 468 6.02 -52.47 7.77
C ALA E 468 5.86 -53.85 7.13
N VAL E 469 6.82 -54.73 7.39
CA VAL E 469 6.78 -56.11 6.93
C VAL E 469 5.74 -56.91 7.72
N ALA E 470 5.75 -56.71 9.04
CA ALA E 470 4.88 -57.45 9.97
C ALA E 470 3.40 -57.11 9.83
N LYS E 471 3.10 -55.86 9.47
CA LYS E 471 1.71 -55.42 9.30
C LYS E 471 1.08 -55.99 8.03
N ALA E 472 1.90 -56.22 7.01
CA ALA E 472 1.45 -56.80 5.75
C ALA E 472 1.11 -58.28 5.88
N ASP E 473 1.72 -58.95 6.86
CA ASP E 473 1.47 -60.36 7.13
C ASP E 473 0.16 -60.61 7.86
N LYS E 474 -0.15 -59.75 8.84
CA LYS E 474 -1.33 -59.91 9.69
C LYS E 474 -2.66 -59.81 8.93
N LEU E 475 -2.80 -58.77 8.10
CA LEU E 475 -4.01 -58.59 7.30
C LEU E 475 -3.82 -59.13 5.88
N ALA E 476 -3.49 -60.41 5.80
CA ALA E 476 -3.29 -61.09 4.53
C ALA E 476 -4.06 -62.41 4.47
N THR F 11 37.23 40.14 12.96
CA THR F 11 38.22 39.68 11.95
C THR F 11 38.49 38.17 12.07
N THR F 12 38.75 37.72 13.29
CA THR F 12 39.03 36.30 13.55
C THR F 12 37.88 35.60 14.28
N GLY F 13 37.64 34.35 13.89
CA GLY F 13 36.55 33.55 14.46
C GLY F 13 37.04 32.30 15.16
N ARG F 14 36.12 31.66 15.89
CA ARG F 14 36.42 30.48 16.68
C ARG F 14 35.34 29.42 16.51
N ILE F 15 35.76 28.17 16.28
CA ILE F 15 34.84 27.04 16.16
C ILE F 15 34.26 26.69 17.53
N VAL F 16 32.93 26.61 17.60
CA VAL F 16 32.23 26.29 18.85
C VAL F 16 31.40 24.99 18.76
N ALA F 17 31.03 24.60 17.53
CA ALA F 17 30.27 23.36 17.31
C ALA F 17 30.59 22.70 15.98
N VAL F 18 30.76 21.37 16.02
CA VAL F 18 31.05 20.57 14.82
C VAL F 18 30.20 19.31 14.81
N ILE F 19 29.45 19.12 13.72
CA ILE F 19 28.76 17.86 13.45
C ILE F 19 28.59 17.67 11.94
N GLY F 20 29.22 16.62 11.41
CA GLY F 20 29.19 16.33 9.98
C GLY F 20 29.75 17.49 9.18
N ALA F 21 28.98 17.98 8.22
CA ALA F 21 29.39 19.11 7.40
C ALA F 21 29.01 20.45 8.02
N VAL F 22 28.18 20.41 9.07
CA VAL F 22 27.70 21.63 9.74
C VAL F 22 28.62 22.07 10.87
N VAL F 23 29.20 23.27 10.71
CA VAL F 23 30.19 23.80 11.66
C VAL F 23 29.79 25.21 12.12
N ASP F 24 29.79 25.42 13.43
CA ASP F 24 29.43 26.72 14.01
C ASP F 24 30.66 27.53 14.42
N VAL F 25 30.68 28.81 14.02
CA VAL F 25 31.80 29.71 14.30
C VAL F 25 31.30 30.96 15.03
N GLN F 26 32.03 31.37 16.07
CA GLN F 26 31.72 32.59 16.81
C GLN F 26 32.75 33.69 16.54
N PHE F 27 32.26 34.89 16.26
CA PHE F 27 33.12 36.06 15.99
C PHE F 27 32.95 37.12 17.07
N ASP F 28 34.08 37.69 17.51
CA ASP F 28 34.07 38.72 18.55
C ASP F 28 33.58 40.07 18.02
N GLU F 29 34.13 40.48 16.88
CA GLU F 29 33.74 41.72 16.22
C GLU F 29 33.68 41.52 14.71
N GLY F 30 32.63 42.06 14.09
CA GLY F 30 32.44 41.95 12.64
C GLY F 30 32.02 40.57 12.21
N LEU F 31 30.73 40.41 11.93
CA LEU F 31 30.16 39.10 11.58
C LEU F 31 30.04 38.95 10.06
N PRO F 32 30.45 37.78 9.53
CA PRO F 32 30.39 37.56 8.07
C PRO F 32 28.97 37.34 7.54
N PRO F 33 28.60 38.03 6.46
CA PRO F 33 27.29 37.87 5.82
C PRO F 33 27.07 36.46 5.27
N ILE F 34 25.80 36.05 5.17
CA ILE F 34 25.43 34.74 4.67
C ILE F 34 25.99 34.50 3.27
N LEU F 35 26.51 33.29 3.05
CA LEU F 35 27.12 32.85 1.78
C LEU F 35 28.62 33.17 1.67
N ASN F 36 29.17 33.85 2.67
CA ASN F 36 30.61 34.14 2.71
C ASN F 36 31.48 32.90 2.92
N ALA F 37 32.57 32.84 2.18
CA ALA F 37 33.55 31.76 2.33
C ALA F 37 34.47 32.05 3.52
N LEU F 38 34.65 31.05 4.37
CA LEU F 38 35.54 31.18 5.52
C LEU F 38 36.70 30.20 5.39
N GLU F 39 37.88 30.63 5.84
CA GLU F 39 39.09 29.80 5.75
C GLU F 39 39.46 29.30 7.15
N VAL F 40 39.50 27.97 7.30
CA VAL F 40 39.89 27.36 8.56
C VAL F 40 41.41 27.30 8.67
N GLN F 41 41.94 27.78 9.79
CA GLN F 41 43.38 27.77 10.03
C GLN F 41 43.81 26.47 10.71
N GLY F 42 45.03 26.02 10.40
CA GLY F 42 45.59 24.82 11.02
C GLY F 42 45.39 23.55 10.21
N ARG F 43 44.75 23.68 9.06
CA ARG F 43 44.49 22.56 8.16
C ARG F 43 45.58 22.49 7.09
N GLU F 44 46.06 21.27 6.83
CA GLU F 44 47.10 21.05 5.82
C GLU F 44 46.60 21.37 4.41
N THR F 45 45.36 20.98 4.12
CA THR F 45 44.69 21.36 2.87
C THR F 45 43.56 22.36 3.16
N ARG F 46 43.19 23.12 2.13
CA ARG F 46 42.21 24.20 2.27
C ARG F 46 40.80 23.69 2.62
N LEU F 47 40.25 24.20 3.72
CA LEU F 47 38.91 23.85 4.18
C LEU F 47 38.00 25.08 4.22
N VAL F 48 37.10 25.17 3.26
CA VAL F 48 36.23 26.32 3.11
C VAL F 48 34.86 26.07 3.78
N LEU F 49 34.52 26.94 4.74
CA LEU F 49 33.19 26.92 5.36
C LEU F 49 32.34 28.01 4.73
N GLU F 50 31.15 27.63 4.25
CA GLU F 50 30.22 28.59 3.67
C GLU F 50 29.13 28.94 4.67
N VAL F 51 29.03 30.22 5.01
CA VAL F 51 28.05 30.70 6.00
C VAL F 51 26.63 30.57 5.46
N ALA F 52 25.77 29.88 6.22
CA ALA F 52 24.41 29.59 5.79
C ALA F 52 23.36 30.30 6.66
N GLN F 53 23.60 30.35 7.96
CA GLN F 53 22.66 30.94 8.91
C GLN F 53 23.37 31.79 9.96
N HIS F 54 22.75 32.92 10.31
CA HIS F 54 23.15 33.67 11.49
C HIS F 54 22.32 33.18 12.63
N LEU F 55 22.97 32.51 13.59
CA LEU F 55 22.27 31.88 14.71
C LEU F 55 21.94 32.85 15.84
N GLY F 56 22.60 34.01 15.83
CA GLY F 56 22.49 34.98 16.92
C GLY F 56 23.64 34.86 17.88
N GLU F 57 23.73 35.82 18.81
CA GLU F 57 24.82 35.88 19.80
C GLU F 57 26.21 35.84 19.15
N SER F 58 26.32 36.47 17.98
CA SER F 58 27.56 36.54 17.19
C SER F 58 28.10 35.18 16.74
N THR F 59 27.19 34.22 16.53
CA THR F 59 27.55 32.88 16.09
C THR F 59 26.89 32.57 14.75
N VAL F 60 27.69 32.11 13.79
CA VAL F 60 27.19 31.72 12.47
C VAL F 60 27.15 30.21 12.28
N ARG F 61 26.19 29.73 11.49
CA ARG F 61 26.11 28.33 11.11
C ARG F 61 26.63 28.16 9.68
N THR F 62 27.67 27.36 9.54
CA THR F 62 28.33 27.17 8.24
C THR F 62 28.28 25.72 7.78
N ILE F 63 28.57 25.53 6.50
CA ILE F 63 28.63 24.21 5.90
C ILE F 63 29.94 24.06 5.11
N ALA F 64 30.70 23.01 5.44
CA ALA F 64 32.03 22.78 4.86
C ALA F 64 31.97 22.31 3.40
N MET F 65 33.13 22.29 2.75
CA MET F 65 33.25 21.83 1.38
C MET F 65 34.20 20.64 1.28
N ASP F 66 34.66 20.19 2.43
CA ASP F 66 35.52 19.02 2.55
C ASP F 66 35.33 18.41 3.94
N GLY F 67 35.97 17.27 4.19
CA GLY F 67 35.87 16.56 5.46
C GLY F 67 36.22 17.41 6.67
N THR F 68 35.40 17.31 7.71
CA THR F 68 35.57 18.10 8.92
C THR F 68 36.26 17.35 10.05
N GLU F 69 36.86 16.20 9.72
CA GLU F 69 37.60 15.42 10.70
C GLU F 69 38.92 16.12 11.00
N GLY F 70 39.28 16.15 12.29
CA GLY F 70 40.50 16.84 12.73
C GLY F 70 40.27 18.30 13.09
N LEU F 71 39.02 18.67 13.33
CA LEU F 71 38.68 20.01 13.80
C LEU F 71 38.47 20.01 15.31
N VAL F 72 38.93 21.09 15.95
CA VAL F 72 38.87 21.23 17.40
C VAL F 72 38.07 22.48 17.76
N ARG F 73 37.35 22.43 18.88
CA ARG F 73 36.63 23.60 19.40
C ARG F 73 37.63 24.63 19.93
N GLY F 74 37.72 25.75 19.24
CA GLY F 74 38.69 26.79 19.56
C GLY F 74 39.63 27.07 18.41
N GLN F 75 39.52 26.27 17.34
CA GLN F 75 40.32 26.45 16.14
C GLN F 75 39.86 27.71 15.39
N LYS F 76 40.82 28.41 14.80
CA LYS F 76 40.57 29.74 14.23
C LYS F 76 40.04 29.71 12.80
N VAL F 77 39.14 30.64 12.50
CA VAL F 77 38.51 30.75 11.18
C VAL F 77 38.53 32.20 10.71
N LEU F 78 38.91 32.42 9.45
CA LEU F 78 39.01 33.76 8.87
C LEU F 78 38.00 34.00 7.76
N ASP F 79 37.36 35.17 7.79
CA ASP F 79 36.43 35.59 6.74
C ASP F 79 37.22 36.03 5.51
N SER F 80 36.85 35.48 4.35
CA SER F 80 37.48 35.84 3.09
C SER F 80 37.01 37.21 2.58
N GLY F 81 35.82 37.62 3.05
CA GLY F 81 35.23 38.90 2.66
C GLY F 81 34.18 38.76 1.57
N ALA F 82 34.27 37.68 0.81
CA ALA F 82 33.36 37.42 -0.30
C ALA F 82 32.80 35.98 -0.23
N PRO F 83 31.83 35.65 -1.11
CA PRO F 83 31.43 34.24 -1.27
C PRO F 83 32.53 33.45 -2.00
N ILE F 84 32.33 32.14 -2.13
CA ILE F 84 33.28 31.27 -2.83
C ILE F 84 33.50 31.76 -4.26
N ARG F 85 34.76 32.04 -4.59
CA ARG F 85 35.11 32.54 -5.92
C ARG F 85 36.00 31.56 -6.66
N ILE F 86 35.64 31.29 -7.91
CA ILE F 86 36.33 30.29 -8.73
C ILE F 86 36.91 30.91 -10.00
N PRO F 87 37.91 30.25 -10.62
CA PRO F 87 38.42 30.70 -11.92
C PRO F 87 37.39 30.58 -13.04
N VAL F 88 37.22 31.65 -13.80
CA VAL F 88 36.35 31.66 -14.99
C VAL F 88 37.09 32.26 -16.17
N GLY F 89 36.75 31.79 -17.38
CA GLY F 89 37.39 32.28 -18.60
C GLY F 89 37.95 31.18 -19.48
N PRO F 90 38.50 31.55 -20.65
CA PRO F 90 39.03 30.63 -21.67
C PRO F 90 40.15 29.72 -21.18
N GLU F 91 40.91 30.16 -20.17
CA GLU F 91 41.99 29.33 -19.63
C GLU F 91 41.53 28.32 -18.56
N THR F 92 40.24 27.99 -18.57
CA THR F 92 39.70 26.90 -17.77
C THR F 92 39.43 25.68 -18.65
N LEU F 93 39.42 25.90 -19.97
CA LEU F 93 39.15 24.85 -20.95
C LEU F 93 40.25 23.80 -20.96
N GLY F 94 39.86 22.54 -20.80
CA GLY F 94 40.80 21.44 -20.73
C GLY F 94 41.28 21.11 -19.33
N ARG F 95 40.76 21.85 -18.35
CA ARG F 95 41.17 21.67 -16.95
C ARG F 95 40.05 21.04 -16.11
N ILE F 96 40.45 20.35 -15.05
CA ILE F 96 39.49 19.82 -14.07
C ILE F 96 39.64 20.57 -12.75
N MET F 97 38.51 20.94 -12.15
CA MET F 97 38.51 21.65 -10.88
C MET F 97 37.43 21.12 -9.93
N ASN F 98 37.63 21.38 -8.63
CA ASN F 98 36.68 20.97 -7.60
C ASN F 98 35.67 22.07 -7.24
N VAL F 99 34.99 21.89 -6.12
CA VAL F 99 33.97 22.83 -5.65
C VAL F 99 34.44 24.27 -5.54
N ILE F 100 35.60 24.47 -4.93
CA ILE F 100 36.13 25.81 -4.67
C ILE F 100 37.07 26.31 -5.77
N GLY F 101 36.97 25.70 -6.94
CA GLY F 101 37.72 26.12 -8.13
C GLY F 101 39.19 25.76 -8.14
N GLU F 102 39.61 24.92 -7.19
CA GLU F 102 40.98 24.43 -7.13
C GLU F 102 41.22 23.36 -8.19
N PRO F 103 42.33 23.47 -8.94
CA PRO F 103 42.69 22.48 -9.96
C PRO F 103 42.95 21.10 -9.35
N ILE F 104 42.41 20.05 -9.97
CA ILE F 104 42.59 18.68 -9.51
C ILE F 104 43.13 17.76 -10.63
N ASP F 105 43.82 18.37 -11.59
CA ASP F 105 44.40 17.63 -12.71
C ASP F 105 45.93 17.55 -12.63
N GLU F 106 46.49 18.09 -11.54
CA GLU F 106 47.93 18.12 -11.29
C GLU F 106 48.73 18.85 -12.37
N ARG F 107 48.06 19.75 -13.09
CA ARG F 107 48.69 20.51 -14.17
C ARG F 107 49.05 21.94 -13.75
N GLY F 108 48.98 22.21 -12.45
CA GLY F 108 49.38 23.49 -11.90
C GLY F 108 48.24 24.46 -11.66
N PRO F 109 48.57 25.73 -11.39
CA PRO F 109 47.57 26.76 -11.10
C PRO F 109 46.78 27.19 -12.34
N ILE F 110 45.49 27.43 -12.15
CA ILE F 110 44.64 27.95 -13.23
C ILE F 110 44.70 29.48 -13.21
N LYS F 111 45.69 30.02 -13.93
CA LYS F 111 45.89 31.47 -13.99
C LYS F 111 44.90 32.16 -14.93
N THR F 112 43.76 32.55 -14.36
CA THR F 112 42.73 33.26 -15.10
C THR F 112 42.75 34.75 -14.75
N LYS F 113 42.33 35.57 -15.71
CA LYS F 113 42.27 37.02 -15.51
C LYS F 113 41.01 37.42 -14.73
N GLN F 114 40.00 36.58 -14.78
CA GLN F 114 38.72 36.85 -14.11
C GLN F 114 38.35 35.77 -13.09
N PHE F 115 37.70 36.21 -12.01
CA PHE F 115 37.13 35.31 -11.02
C PHE F 115 35.64 35.64 -10.85
N ALA F 116 34.86 34.66 -10.41
CA ALA F 116 33.42 34.85 -10.20
C ALA F 116 32.91 34.02 -9.04
N ALA F 117 31.97 34.60 -8.28
CA ALA F 117 31.34 33.91 -7.16
C ALA F 117 30.37 32.85 -7.65
N ILE F 118 30.34 31.71 -6.97
CA ILE F 118 29.48 30.58 -7.36
C ILE F 118 27.99 30.86 -7.11
N HIS F 119 27.71 31.90 -6.33
CA HIS F 119 26.35 32.36 -6.12
C HIS F 119 26.09 33.60 -6.91
N ALA F 120 24.99 33.58 -7.66
CA ALA F 120 24.58 34.71 -8.48
C ALA F 120 23.07 34.66 -8.64
N GLU F 121 22.46 35.83 -8.87
CA GLU F 121 21.02 35.90 -9.07
C GLU F 121 20.65 35.50 -10.50
N ALA F 122 19.52 34.82 -10.64
CA ALA F 122 19.04 34.33 -11.92
C ALA F 122 18.58 35.48 -12.83
N PRO F 123 18.87 35.36 -14.15
CA PRO F 123 18.48 36.37 -15.14
C PRO F 123 17.01 36.75 -15.06
N GLU F 124 16.74 38.05 -15.16
CA GLU F 124 15.40 38.61 -15.03
C GLU F 124 14.48 38.21 -16.19
N PHE F 125 13.19 38.51 -16.03
CA PHE F 125 12.17 38.16 -17.04
C PHE F 125 12.42 38.81 -18.41
N VAL F 126 12.92 40.05 -18.39
CA VAL F 126 13.24 40.79 -19.62
C VAL F 126 14.41 40.19 -20.41
N GLU F 127 15.23 39.36 -19.73
CA GLU F 127 16.40 38.75 -20.34
C GLU F 127 16.07 37.48 -21.13
N MET F 128 14.84 36.98 -20.98
CA MET F 128 14.44 35.71 -21.59
C MET F 128 14.23 35.78 -23.10
N SER F 129 14.68 34.73 -23.78
CA SER F 129 14.49 34.56 -25.23
C SER F 129 13.41 33.52 -25.49
N VAL F 130 12.66 33.72 -26.56
CA VAL F 130 11.56 32.82 -26.92
C VAL F 130 11.85 31.92 -28.13
N GLU F 131 13.13 31.82 -28.50
CA GLU F 131 13.56 31.04 -29.65
C GLU F 131 13.43 29.54 -29.43
N GLN F 132 12.69 28.88 -30.33
CA GLN F 132 12.53 27.43 -30.28
C GLN F 132 12.89 26.82 -31.63
N GLU F 133 14.04 26.14 -31.67
CA GLU F 133 14.56 25.57 -32.90
C GLU F 133 15.05 24.15 -32.62
N ILE F 134 14.66 23.22 -33.49
CA ILE F 134 14.92 21.79 -33.30
C ILE F 134 16.40 21.43 -33.31
N LEU F 135 16.80 20.62 -32.34
CA LEU F 135 18.15 20.05 -32.30
C LEU F 135 18.07 18.55 -32.61
N VAL F 136 18.46 18.20 -33.83
CA VAL F 136 18.48 16.80 -34.27
C VAL F 136 19.59 16.04 -33.56
N THR F 137 19.20 15.04 -32.79
CA THR F 137 20.16 14.26 -31.99
C THR F 137 20.68 13.05 -32.75
N GLY F 138 19.94 12.64 -33.79
CA GLY F 138 20.25 11.44 -34.55
C GLY F 138 19.67 10.18 -33.92
N ILE F 139 18.99 10.36 -32.78
CA ILE F 139 18.37 9.26 -32.04
C ILE F 139 16.88 9.21 -32.35
N LYS F 140 16.38 7.99 -32.63
CA LYS F 140 15.02 7.79 -33.12
C LYS F 140 13.92 8.17 -32.12
N VAL F 141 13.97 7.59 -30.92
CA VAL F 141 12.99 7.89 -29.86
C VAL F 141 12.90 9.38 -29.54
N VAL F 142 14.05 10.05 -29.54
CA VAL F 142 14.14 11.46 -29.17
C VAL F 142 13.60 12.35 -30.30
N ASP F 143 14.19 12.24 -31.48
CA ASP F 143 13.82 13.09 -32.62
C ASP F 143 12.36 12.96 -33.04
N LEU F 144 11.84 11.73 -33.01
CA LEU F 144 10.46 11.46 -33.42
C LEU F 144 9.41 11.98 -32.43
N LEU F 145 9.55 11.60 -31.17
CA LEU F 145 8.51 11.80 -30.18
C LEU F 145 8.65 13.05 -29.32
N ALA F 146 9.86 13.28 -28.81
CA ALA F 146 10.12 14.40 -27.91
C ALA F 146 11.46 15.08 -28.21
N PRO F 147 11.54 15.78 -29.36
CA PRO F 147 12.81 16.36 -29.82
C PRO F 147 13.34 17.48 -28.93
N TYR F 148 14.66 17.58 -28.83
CA TYR F 148 15.30 18.61 -28.03
C TYR F 148 15.39 19.92 -28.81
N ALA F 149 15.49 21.03 -28.08
CA ALA F 149 15.57 22.36 -28.69
C ALA F 149 16.94 22.99 -28.47
N LYS F 150 17.36 23.81 -29.44
CA LYS F 150 18.59 24.60 -29.31
C LYS F 150 18.39 25.71 -28.29
N GLY F 151 19.29 25.76 -27.30
CA GLY F 151 19.18 26.73 -26.22
C GLY F 151 18.10 26.38 -25.22
N GLY F 152 17.54 25.18 -25.34
CA GLY F 152 16.50 24.71 -24.44
C GLY F 152 17.06 23.89 -23.30
N LYS F 153 16.19 23.54 -22.36
CA LYS F 153 16.56 22.73 -21.21
C LYS F 153 16.11 21.28 -21.37
N ILE F 154 17.07 20.37 -21.30
CA ILE F 154 16.84 18.95 -21.50
C ILE F 154 17.05 18.18 -20.19
N GLY F 155 16.15 17.25 -19.90
CA GLY F 155 16.25 16.40 -18.71
C GLY F 155 16.16 14.92 -19.05
N LEU F 156 17.04 14.13 -18.43
CA LEU F 156 17.05 12.67 -18.66
C LEU F 156 16.74 11.93 -17.36
N PHE F 157 15.47 11.53 -17.22
CA PHE F 157 15.00 10.82 -16.03
C PHE F 157 15.29 9.33 -16.12
N GLY F 158 15.48 8.70 -14.97
CA GLY F 158 15.70 7.26 -14.91
C GLY F 158 16.14 6.75 -13.56
N GLY F 159 15.79 5.50 -13.26
CA GLY F 159 16.21 4.83 -12.04
C GLY F 159 17.60 4.23 -12.15
N ALA F 160 17.94 3.36 -11.21
CA ALA F 160 19.30 2.82 -11.09
C ALA F 160 19.70 1.84 -12.20
N GLY F 161 20.44 2.35 -13.19
CA GLY F 161 21.05 1.52 -14.21
C GLY F 161 20.32 1.41 -15.54
N VAL F 162 19.28 2.22 -15.72
CA VAL F 162 18.46 2.17 -16.93
C VAL F 162 19.12 2.83 -18.15
N GLY F 163 20.07 3.72 -17.89
CA GLY F 163 20.90 4.29 -18.97
C GLY F 163 20.98 5.80 -19.08
N LYS F 164 20.91 6.49 -17.95
CA LYS F 164 21.02 7.95 -17.93
C LYS F 164 22.39 8.42 -18.39
N THR F 165 23.43 7.84 -17.78
CA THR F 165 24.81 8.17 -18.11
C THR F 165 25.17 7.76 -19.55
N VAL F 166 24.74 6.57 -19.96
CA VAL F 166 25.01 6.09 -21.32
C VAL F 166 24.36 6.99 -22.38
N LEU F 167 23.20 7.57 -22.04
CA LEU F 167 22.48 8.47 -22.95
C LEU F 167 23.15 9.85 -23.06
N ILE F 168 23.53 10.41 -21.92
CA ILE F 168 24.17 11.74 -21.89
C ILE F 168 25.54 11.71 -22.60
N MET F 169 26.20 10.56 -22.56
CA MET F 169 27.51 10.39 -23.21
C MET F 169 27.39 10.25 -24.73
N GLU F 170 26.28 9.66 -25.17
CA GLU F 170 25.97 9.55 -26.60
C GLU F 170 25.54 10.91 -27.15
N LEU F 171 24.84 11.69 -26.32
CA LEU F 171 24.40 13.02 -26.70
C LEU F 171 25.55 14.02 -26.78
N ILE F 172 26.59 13.79 -25.97
CA ILE F 172 27.84 14.55 -26.09
C ILE F 172 28.50 14.26 -27.43
N ASN F 173 28.53 12.98 -27.80
CA ASN F 173 29.18 12.53 -29.04
C ASN F 173 28.46 12.97 -30.31
N ASN F 174 27.13 13.11 -30.23
CA ASN F 174 26.31 13.44 -31.39
C ASN F 174 26.19 14.94 -31.66
N VAL F 175 26.22 15.75 -30.59
CA VAL F 175 25.95 17.19 -30.69
C VAL F 175 27.22 18.06 -30.58
N ALA F 176 28.10 17.72 -29.64
CA ALA F 176 29.27 18.56 -29.34
C ALA F 176 30.26 18.74 -30.48
N LYS F 177 30.35 17.73 -31.36
CA LYS F 177 31.20 17.82 -32.56
C LYS F 177 30.65 18.82 -33.57
N ALA F 178 29.34 18.73 -33.81
CA ALA F 178 28.66 19.61 -34.77
C ALA F 178 28.27 20.97 -34.16
N HIS F 179 28.81 21.25 -32.98
CA HIS F 179 28.56 22.52 -32.30
C HIS F 179 29.85 23.26 -32.07
N GLY F 180 30.13 24.21 -32.96
CA GLY F 180 31.37 25.00 -32.90
C GLY F 180 31.36 26.01 -31.76
N GLY F 181 31.54 25.51 -30.54
CA GLY F 181 31.55 26.33 -29.35
C GLY F 181 32.14 25.60 -28.15
N TYR F 182 32.00 26.19 -26.97
CA TYR F 182 32.55 25.60 -25.75
C TYR F 182 31.52 24.75 -25.01
N SER F 183 32.00 23.75 -24.28
CA SER F 183 31.15 22.83 -23.55
C SER F 183 31.60 22.69 -22.10
N VAL F 184 30.66 22.49 -21.19
CA VAL F 184 30.96 22.34 -19.77
C VAL F 184 30.31 21.08 -19.20
N PHE F 185 31.13 20.23 -18.58
CA PHE F 185 30.62 19.04 -17.89
C PHE F 185 30.78 19.16 -16.38
N ALA F 186 29.68 18.92 -15.66
CA ALA F 186 29.68 18.96 -14.21
C ALA F 186 29.33 17.60 -13.63
N GLY F 187 30.34 16.91 -13.11
CA GLY F 187 30.14 15.67 -12.38
C GLY F 187 29.63 15.98 -10.99
N VAL F 188 28.38 15.63 -10.73
CA VAL F 188 27.77 15.88 -9.43
C VAL F 188 27.39 14.55 -8.77
N GLY F 189 28.07 14.24 -7.67
CA GLY F 189 27.78 13.05 -6.85
C GLY F 189 27.70 11.72 -7.58
N GLU F 190 28.46 11.59 -8.66
CA GLU F 190 28.46 10.35 -9.45
C GLU F 190 29.79 9.60 -9.33
N ARG F 191 30.02 8.67 -10.26
CA ARG F 191 31.20 7.80 -10.20
C ARG F 191 32.47 8.53 -10.61
N THR F 192 33.51 8.41 -9.79
CA THR F 192 34.80 9.06 -10.05
C THR F 192 35.53 8.41 -11.24
N ARG F 193 35.42 7.09 -11.38
CA ARG F 193 36.05 6.39 -12.50
C ARG F 193 35.43 6.76 -13.85
N GLU F 194 34.18 7.24 -13.81
CA GLU F 194 33.51 7.78 -15.00
C GLU F 194 34.17 9.09 -15.43
N GLY F 195 34.61 9.88 -14.44
CA GLY F 195 35.34 11.11 -14.69
C GLY F 195 36.71 10.85 -15.30
N ASN F 196 37.34 9.77 -14.85
CA ASN F 196 38.62 9.32 -15.41
C ASN F 196 38.47 8.86 -16.86
N ASP F 197 37.39 8.14 -17.13
CA ASP F 197 37.07 7.65 -18.48
C ASP F 197 36.78 8.79 -19.44
N LEU F 198 36.02 9.78 -18.97
CA LEU F 198 35.65 10.94 -19.78
C LEU F 198 36.86 11.83 -20.09
N TYR F 199 37.71 12.04 -19.09
CA TYR F 199 38.90 12.87 -19.22
C TYR F 199 39.87 12.31 -20.26
N HIS F 200 40.25 11.05 -20.10
CA HIS F 200 41.23 10.41 -20.99
C HIS F 200 40.72 10.12 -22.37
N GLU F 201 39.40 9.90 -22.49
CA GLU F 201 38.75 9.74 -23.79
C GLU F 201 38.80 11.06 -24.56
N MET F 202 38.54 12.16 -23.87
CA MET F 202 38.60 13.49 -24.46
C MET F 202 40.02 13.90 -24.87
N ILE F 203 41.01 13.43 -24.10
CA ILE F 203 42.42 13.62 -24.45
C ILE F 203 42.76 12.79 -25.69
N GLU F 204 42.19 11.58 -25.76
CA GLU F 204 42.40 10.66 -26.87
C GLU F 204 41.83 11.23 -28.18
N SER F 205 40.62 11.76 -28.12
CA SER F 205 39.93 12.30 -29.28
C SER F 205 40.51 13.64 -29.75
N GLY F 206 40.83 14.50 -28.79
CA GLY F 206 41.44 15.79 -29.08
C GLY F 206 40.60 17.01 -28.72
N VAL F 207 39.42 16.78 -28.16
CA VAL F 207 38.55 17.86 -27.70
C VAL F 207 39.08 18.53 -26.43
N ILE F 208 39.92 17.79 -25.70
CA ILE F 208 40.72 18.35 -24.62
C ILE F 208 42.20 18.16 -24.96
N ASN F 209 42.96 19.25 -24.92
CA ASN F 209 44.37 19.22 -25.26
C ASN F 209 45.24 19.73 -24.11
N LEU F 210 46.26 18.95 -23.76
CA LEU F 210 47.21 19.31 -22.70
C LEU F 210 48.40 20.07 -23.28
N LYS F 211 48.66 19.84 -24.57
CA LYS F 211 49.79 20.44 -25.26
C LYS F 211 49.43 21.81 -25.85
N ASP F 212 48.13 22.02 -26.09
CA ASP F 212 47.65 23.20 -26.80
C ASP F 212 46.42 23.80 -26.11
N ALA F 213 46.07 25.02 -26.51
CA ALA F 213 44.89 25.72 -25.97
C ALA F 213 43.64 25.54 -26.84
N THR F 214 43.65 24.50 -27.67
CA THR F 214 42.51 24.20 -28.56
C THR F 214 41.35 23.51 -27.82
N SER F 215 41.56 23.23 -26.53
CA SER F 215 40.56 22.57 -25.68
C SER F 215 39.21 23.26 -25.74
N LYS F 216 38.16 22.46 -25.85
CA LYS F 216 36.80 22.98 -26.03
C LYS F 216 35.88 22.69 -24.85
N VAL F 217 36.31 21.78 -23.97
CA VAL F 217 35.48 21.38 -22.82
C VAL F 217 36.15 21.71 -21.49
N ALA F 218 35.37 22.31 -20.58
CA ALA F 218 35.79 22.53 -19.21
C ALA F 218 35.09 21.52 -18.29
N LEU F 219 35.87 20.92 -17.38
CA LEU F 219 35.34 19.90 -16.48
C LEU F 219 35.34 20.37 -15.02
N VAL F 220 34.23 20.10 -14.33
CA VAL F 220 34.11 20.38 -12.90
C VAL F 220 33.58 19.12 -12.20
N TYR F 221 34.26 18.68 -11.14
CA TYR F 221 33.93 17.41 -10.50
C TYR F 221 33.84 17.45 -8.98
N GLY F 222 32.73 16.88 -8.48
CA GLY F 222 32.50 16.66 -7.06
C GLY F 222 31.63 15.42 -6.94
N GLN F 223 32.29 14.27 -6.83
CA GLN F 223 31.62 12.98 -6.96
C GLN F 223 31.15 12.38 -5.63
N MET F 224 30.64 11.15 -5.70
CA MET F 224 29.99 10.49 -4.55
C MET F 224 30.94 10.11 -3.41
N ASN F 225 32.22 10.47 -3.55
CA ASN F 225 33.21 10.32 -2.49
C ASN F 225 33.36 11.57 -1.62
N GLU F 226 32.66 12.64 -2.02
CA GLU F 226 32.72 13.92 -1.31
C GLU F 226 31.60 14.05 -0.29
N PRO F 227 31.85 14.78 0.82
CA PRO F 227 30.81 15.07 1.82
C PRO F 227 29.66 15.90 1.24
N PRO F 228 28.52 15.97 1.94
CA PRO F 228 27.31 16.60 1.38
C PRO F 228 27.51 18.06 0.99
N GLY F 229 28.36 18.78 1.73
CA GLY F 229 28.66 20.18 1.43
C GLY F 229 29.20 20.39 0.03
N ALA F 230 30.13 19.53 -0.37
CA ALA F 230 30.74 19.59 -1.69
C ALA F 230 29.73 19.23 -2.79
N ARG F 231 28.99 18.15 -2.59
CA ARG F 231 27.99 17.70 -3.55
C ARG F 231 26.83 18.69 -3.72
N ALA F 232 26.49 19.40 -2.65
CA ALA F 232 25.41 20.38 -2.67
C ALA F 232 25.75 21.64 -3.46
N ARG F 233 27.03 21.95 -3.55
CA ARG F 233 27.47 23.20 -4.19
C ARG F 233 28.16 23.01 -5.54
N VAL F 234 28.74 21.83 -5.77
CA VAL F 234 29.51 21.54 -6.99
C VAL F 234 28.74 21.83 -8.29
N ALA F 235 27.42 21.74 -8.23
CA ALA F 235 26.56 22.06 -9.37
C ALA F 235 26.63 23.54 -9.74
N LEU F 236 26.86 24.39 -8.75
CA LEU F 236 26.97 25.84 -8.96
C LEU F 236 28.34 26.22 -9.53
N THR F 237 29.37 25.48 -9.13
CA THR F 237 30.74 25.71 -9.63
C THR F 237 30.81 25.48 -11.14
N GLY F 238 30.27 24.35 -11.60
CA GLY F 238 30.20 24.07 -13.04
C GLY F 238 29.23 24.98 -13.77
N LEU F 239 28.24 25.46 -13.05
CA LEU F 239 27.21 26.37 -13.57
C LEU F 239 27.81 27.76 -13.84
N THR F 240 28.66 28.21 -12.92
CA THR F 240 29.28 29.54 -13.01
C THR F 240 30.26 29.63 -14.18
N VAL F 241 30.96 28.52 -14.45
CA VAL F 241 31.84 28.42 -15.61
C VAL F 241 31.02 28.58 -16.89
N ALA F 242 29.90 27.86 -16.95
CA ALA F 242 28.98 27.92 -18.08
C ALA F 242 28.35 29.31 -18.26
N GLU F 243 28.07 29.98 -17.15
CA GLU F 243 27.47 31.32 -17.16
C GLU F 243 28.35 32.35 -17.85
N TYR F 244 29.64 32.35 -17.51
CA TYR F 244 30.60 33.29 -18.10
C TYR F 244 30.62 33.22 -19.63
N PHE F 245 30.72 32.01 -20.16
CA PHE F 245 30.82 31.79 -21.61
C PHE F 245 29.57 32.25 -22.37
N ARG F 246 28.43 32.22 -21.69
CA ARG F 246 27.17 32.70 -22.25
C ARG F 246 27.16 34.22 -22.41
N ASP F 247 27.49 34.92 -21.31
CA ASP F 247 27.37 36.37 -21.25
C ASP F 247 28.54 37.12 -21.89
N GLN F 248 29.71 37.07 -21.25
CA GLN F 248 30.87 37.86 -21.67
C GLN F 248 31.63 37.30 -22.86
N GLU F 249 30.88 36.80 -23.84
CA GLU F 249 31.43 36.40 -25.15
C GLU F 249 30.34 36.40 -26.21
N GLY F 250 29.21 35.78 -25.90
CA GLY F 250 28.10 35.63 -26.85
C GLY F 250 28.07 34.25 -27.49
N GLN F 251 29.20 33.54 -27.40
CA GLN F 251 29.35 32.19 -27.93
C GLN F 251 28.40 31.21 -27.23
N ASP F 252 27.89 30.25 -27.99
CA ASP F 252 26.93 29.26 -27.48
C ASP F 252 27.60 28.21 -26.59
N VAL F 253 26.91 27.81 -25.53
CA VAL F 253 27.45 26.88 -24.54
C VAL F 253 26.58 25.63 -24.41
N LEU F 254 27.22 24.49 -24.25
CA LEU F 254 26.55 23.24 -23.88
C LEU F 254 26.90 22.93 -22.43
N LEU F 255 25.88 22.71 -21.61
CA LEU F 255 26.08 22.32 -20.21
C LEU F 255 25.53 20.92 -19.96
N PHE F 256 26.44 20.00 -19.62
CA PHE F 256 26.07 18.64 -19.28
C PHE F 256 26.25 18.42 -17.79
N ILE F 257 25.19 17.93 -17.13
CA ILE F 257 25.26 17.64 -15.70
C ILE F 257 24.86 16.19 -15.43
N ASP F 258 25.72 15.48 -14.72
CA ASP F 258 25.46 14.11 -14.27
C ASP F 258 26.02 13.97 -12.86
N ASN F 259 25.16 13.92 -11.84
CA ASN F 259 23.71 13.87 -11.94
C ASN F 259 23.11 14.95 -11.03
N ILE F 260 22.08 15.65 -11.52
CA ILE F 260 21.54 16.82 -10.81
C ILE F 260 20.77 16.48 -9.52
N PHE F 261 20.33 15.23 -9.40
CA PHE F 261 19.64 14.77 -8.19
C PHE F 261 20.56 14.88 -6.97
N ARG F 262 21.85 14.63 -7.18
CA ARG F 262 22.86 14.67 -6.11
C ARG F 262 22.94 16.04 -5.43
N PHE F 263 22.62 17.10 -6.17
CA PHE F 263 22.45 18.44 -5.63
C PHE F 263 21.40 18.44 -4.51
N THR F 264 20.21 17.96 -4.84
CA THR F 264 19.08 17.91 -3.91
C THR F 264 19.25 16.88 -2.80
N GLN F 265 19.90 15.76 -3.12
CA GLN F 265 20.19 14.71 -2.15
C GLN F 265 21.16 15.20 -1.07
N ALA F 266 22.25 15.84 -1.49
CA ALA F 266 23.23 16.41 -0.58
C ALA F 266 22.61 17.50 0.29
N GLY F 267 21.68 18.26 -0.30
CA GLY F 267 20.90 19.25 0.43
C GLY F 267 20.06 18.63 1.54
N SER F 268 19.62 17.40 1.33
CA SER F 268 18.85 16.65 2.33
C SER F 268 19.73 16.21 3.51
N GLU F 269 20.97 15.85 3.21
CA GLU F 269 21.92 15.40 4.22
C GLU F 269 22.26 16.50 5.23
N VAL F 270 22.50 17.71 4.72
CA VAL F 270 22.85 18.85 5.57
C VAL F 270 21.65 19.43 6.33
N SER F 271 20.47 19.33 5.71
CA SER F 271 19.23 19.86 6.28
C SER F 271 18.88 19.21 7.61
N ALA F 272 19.25 17.94 7.75
CA ALA F 272 19.03 17.16 8.97
C ALA F 272 19.87 17.68 10.14
N LEU F 273 20.96 18.37 9.82
CA LEU F 273 21.92 18.87 10.81
C LEU F 273 21.80 20.38 11.06
N LEU F 274 21.07 21.07 10.19
CA LEU F 274 20.86 22.52 10.30
C LEU F 274 19.69 22.84 11.24
N GLY F 275 19.11 21.81 11.85
CA GLY F 275 18.01 21.98 12.80
C GLY F 275 16.67 22.30 12.16
N ARG F 276 16.52 21.96 10.89
CA ARG F 276 15.25 22.14 10.18
C ARG F 276 14.23 21.07 10.57
N ILE F 277 12.95 21.42 10.49
CA ILE F 277 11.87 20.44 10.54
C ILE F 277 11.74 19.86 9.13
N PRO F 278 11.88 18.53 8.99
CA PRO F 278 11.88 17.87 7.69
C PRO F 278 10.55 18.01 6.94
N SER F 279 10.64 18.01 5.61
CA SER F 279 9.48 18.01 4.74
C SER F 279 9.02 16.55 4.54
N ALA F 280 8.19 16.32 3.52
CA ALA F 280 7.72 14.97 3.19
C ALA F 280 8.88 14.11 2.68
N VAL F 281 8.77 12.80 2.87
CA VAL F 281 9.81 11.83 2.47
C VAL F 281 11.17 12.12 3.15
N GLY F 282 11.15 12.92 4.21
CA GLY F 282 12.36 13.26 4.96
C GLY F 282 13.21 14.36 4.34
N TYR F 283 12.74 14.90 3.22
CA TYR F 283 13.45 15.93 2.47
C TYR F 283 13.51 17.29 3.19
N GLN F 284 14.30 18.20 2.63
CA GLN F 284 14.43 19.56 3.14
C GLN F 284 13.17 20.39 2.81
N PRO F 285 12.73 21.25 3.75
CA PRO F 285 11.57 22.10 3.50
C PRO F 285 11.78 23.12 2.38
N THR F 286 13.04 23.46 2.11
CA THR F 286 13.40 24.41 1.06
C THR F 286 13.69 23.74 -0.28
N LEU F 287 13.19 22.51 -0.47
CA LEU F 287 13.52 21.71 -1.66
C LEU F 287 13.28 22.44 -2.98
N ALA F 288 12.06 22.94 -3.17
CA ALA F 288 11.65 23.55 -4.43
C ALA F 288 12.32 24.90 -4.70
N THR F 289 12.56 25.68 -3.65
CA THR F 289 13.19 27.00 -3.78
C THR F 289 14.72 26.91 -3.90
N ASP F 290 15.31 25.88 -3.28
CA ASP F 290 16.73 25.59 -3.46
C ASP F 290 17.00 25.20 -4.90
N MET F 291 16.16 24.31 -5.43
CA MET F 291 16.22 23.89 -6.81
C MET F 291 15.91 25.06 -7.75
N GLY F 292 14.94 25.90 -7.34
CA GLY F 292 14.49 27.04 -8.14
C GLY F 292 15.56 28.08 -8.43
N THR F 293 16.24 28.53 -7.37
CA THR F 293 17.30 29.53 -7.49
C THR F 293 18.53 28.97 -8.21
N MET F 294 18.65 27.65 -8.23
CA MET F 294 19.76 26.97 -8.90
C MET F 294 19.47 26.71 -10.38
N GLN F 295 18.26 26.25 -10.67
CA GLN F 295 17.88 25.87 -12.02
C GLN F 295 17.66 27.07 -12.95
N GLU F 296 17.16 28.17 -12.37
CA GLU F 296 16.88 29.37 -13.15
C GLU F 296 18.14 30.11 -13.61
N ARG F 297 19.30 29.69 -13.12
CA ARG F 297 20.57 30.20 -13.60
C ARG F 297 21.00 29.46 -14.86
N ILE F 298 20.49 28.24 -15.03
CA ILE F 298 20.73 27.45 -16.23
C ILE F 298 19.65 27.80 -17.26
N THR F 299 19.91 28.82 -18.08
CA THR F 299 18.94 29.29 -19.05
C THR F 299 19.57 30.12 -20.17
N THR F 300 18.92 30.13 -21.33
CA THR F 300 19.30 30.96 -22.46
C THR F 300 18.78 32.38 -22.25
N THR F 301 19.64 33.36 -22.52
CA THR F 301 19.26 34.76 -22.45
C THR F 301 19.26 35.39 -23.85
N LYS F 302 18.93 36.68 -23.92
CA LYS F 302 19.06 37.46 -25.16
C LYS F 302 20.53 37.66 -25.51
N LYS F 303 21.39 37.57 -24.49
CA LYS F 303 22.82 37.79 -24.63
C LYS F 303 23.54 36.56 -25.20
N GLY F 304 23.20 35.38 -24.68
CA GLY F 304 23.83 34.13 -25.12
C GLY F 304 22.94 32.91 -24.91
N SER F 305 23.35 31.79 -25.49
CA SER F 305 22.53 30.58 -25.50
C SER F 305 23.17 29.40 -24.76
N ILE F 306 22.40 28.76 -23.90
CA ILE F 306 22.84 27.55 -23.19
C ILE F 306 21.90 26.39 -23.48
N THR F 307 22.44 25.37 -24.15
CA THR F 307 21.71 24.13 -24.39
C THR F 307 22.11 23.14 -23.29
N SER F 308 21.28 23.06 -22.25
CA SER F 308 21.60 22.24 -21.09
C SER F 308 20.96 20.86 -21.13
N VAL F 309 21.77 19.84 -20.88
CA VAL F 309 21.31 18.47 -20.74
C VAL F 309 21.63 18.01 -19.32
N GLN F 310 20.61 17.57 -18.58
CA GLN F 310 20.78 17.15 -17.19
C GLN F 310 20.27 15.73 -16.98
N ALA F 311 21.14 14.87 -16.47
CA ALA F 311 20.73 13.54 -16.04
C ALA F 311 20.09 13.67 -14.66
N ILE F 312 18.94 13.02 -14.48
CA ILE F 312 18.14 13.17 -13.27
C ILE F 312 17.79 11.80 -12.69
N TYR F 313 18.41 11.48 -11.55
CA TYR F 313 18.15 10.21 -10.87
C TYR F 313 16.73 10.17 -10.30
N VAL F 314 16.17 8.97 -10.23
CA VAL F 314 14.83 8.75 -9.71
C VAL F 314 14.91 7.74 -8.56
N PRO F 315 14.65 8.20 -7.32
CA PRO F 315 14.73 7.34 -6.14
C PRO F 315 13.72 6.19 -6.18
N ALA F 316 14.24 4.97 -6.03
CA ALA F 316 13.42 3.75 -6.02
C ALA F 316 12.44 3.64 -7.19
N ASP F 317 12.82 4.22 -8.33
CA ASP F 317 12.00 4.24 -9.56
C ASP F 317 10.70 5.04 -9.43
N ASP F 318 10.52 5.73 -8.31
CA ASP F 318 9.32 6.52 -8.06
C ASP F 318 9.40 7.92 -8.66
N LEU F 319 8.67 8.14 -9.76
CA LEU F 319 8.65 9.44 -10.42
C LEU F 319 7.84 10.50 -9.67
N THR F 320 7.15 10.08 -8.59
CA THR F 320 6.36 11.00 -7.77
C THR F 320 7.17 11.50 -6.57
N ASP F 321 8.39 10.98 -6.41
CA ASP F 321 9.33 11.46 -5.40
C ASP F 321 9.58 12.96 -5.58
N PRO F 322 9.57 13.73 -4.48
CA PRO F 322 9.70 15.19 -4.53
C PRO F 322 10.89 15.71 -5.35
N ALA F 323 11.97 14.94 -5.42
CA ALA F 323 13.16 15.37 -6.16
C ALA F 323 12.98 15.36 -7.69
N PRO F 324 12.62 14.20 -8.28
CA PRO F 324 12.33 14.24 -9.72
C PRO F 324 11.05 14.98 -10.08
N ALA F 325 10.04 14.92 -9.21
CA ALA F 325 8.73 15.52 -9.49
C ALA F 325 8.77 17.04 -9.64
N THR F 326 9.60 17.68 -8.81
CA THR F 326 9.76 19.14 -8.84
C THR F 326 10.57 19.60 -10.06
N THR F 327 11.41 18.71 -10.58
CA THR F 327 12.31 19.02 -11.69
C THR F 327 11.60 19.25 -13.03
N PHE F 328 10.46 18.59 -13.21
CA PHE F 328 9.71 18.63 -14.48
C PHE F 328 9.41 20.04 -15.01
N ALA F 329 9.03 20.94 -14.11
CA ALA F 329 8.67 22.31 -14.49
C ALA F 329 9.85 23.17 -14.94
N HIS F 330 11.07 22.71 -14.63
CA HIS F 330 12.29 23.42 -15.04
C HIS F 330 12.81 22.92 -16.37
N LEU F 331 12.01 22.16 -17.11
CA LEU F 331 12.49 21.52 -18.34
C LEU F 331 11.67 21.88 -19.59
N ASP F 332 12.31 21.78 -20.75
CA ASP F 332 11.67 22.06 -22.03
C ASP F 332 11.46 20.77 -22.83
N ALA F 333 12.29 19.77 -22.55
CA ALA F 333 12.12 18.44 -23.13
C ALA F 333 12.53 17.38 -22.11
N THR F 334 11.66 16.38 -21.94
CA THR F 334 11.91 15.30 -20.98
C THR F 334 12.14 13.96 -21.68
N THR F 335 13.12 13.20 -21.16
CA THR F 335 13.39 11.85 -21.62
C THR F 335 13.36 10.91 -20.41
N VAL F 336 12.22 10.24 -20.23
CA VAL F 336 12.02 9.34 -19.09
C VAL F 336 12.39 7.92 -19.51
N LEU F 337 13.29 7.30 -18.74
CA LEU F 337 13.69 5.91 -18.97
C LEU F 337 12.94 4.97 -18.03
N SER F 338 12.56 3.80 -18.55
CA SER F 338 11.81 2.81 -17.79
C SER F 338 12.60 1.53 -17.58
N ARG F 339 12.43 0.92 -16.40
CA ARG F 339 13.12 -0.33 -16.09
C ARG F 339 12.55 -1.51 -16.88
N ALA F 340 11.22 -1.56 -17.01
CA ALA F 340 10.54 -2.62 -17.74
C ALA F 340 10.90 -2.63 -19.22
N ILE F 341 11.05 -1.43 -19.79
CA ILE F 341 11.46 -1.27 -21.19
C ILE F 341 12.93 -1.65 -21.35
N ALA F 342 13.74 -1.37 -20.32
CA ALA F 342 15.13 -1.78 -20.29
C ALA F 342 15.28 -3.30 -20.20
N GLU F 343 14.41 -3.93 -19.40
CA GLU F 343 14.47 -5.37 -19.17
C GLU F 343 13.94 -6.19 -20.34
N LEU F 344 13.19 -5.55 -21.23
CA LEU F 344 12.73 -6.18 -22.47
C LEU F 344 13.85 -6.22 -23.53
N GLY F 345 14.92 -5.48 -23.29
CA GLY F 345 16.06 -5.41 -24.20
C GLY F 345 16.07 -4.18 -25.09
N ILE F 346 15.16 -3.25 -24.82
CA ILE F 346 15.05 -2.02 -25.60
C ILE F 346 16.04 -0.98 -25.08
N TYR F 347 16.93 -0.54 -25.97
CA TYR F 347 17.89 0.52 -25.66
C TYR F 347 17.98 1.53 -26.81
N PRO F 348 17.88 2.84 -26.50
CA PRO F 348 17.66 3.39 -25.16
C PRO F 348 16.28 3.03 -24.61
N ALA F 349 16.21 2.84 -23.30
CA ALA F 349 14.98 2.41 -22.63
C ALA F 349 14.00 3.57 -22.44
N VAL F 350 13.74 4.30 -23.53
CA VAL F 350 12.88 5.48 -23.48
C VAL F 350 11.42 5.06 -23.48
N ASP F 351 10.67 5.59 -22.52
CA ASP F 351 9.23 5.42 -22.47
C ASP F 351 8.57 6.39 -23.46
N PRO F 352 7.97 5.85 -24.54
CA PRO F 352 7.32 6.67 -25.57
C PRO F 352 6.09 7.41 -25.08
N LEU F 353 5.58 7.04 -23.92
CA LEU F 353 4.34 7.62 -23.39
C LEU F 353 4.56 8.41 -22.10
N ASP F 354 5.80 8.83 -21.88
CA ASP F 354 6.17 9.63 -20.71
C ASP F 354 7.33 10.58 -21.04
N SER F 355 7.65 10.69 -22.32
CA SER F 355 8.67 11.61 -22.80
C SER F 355 7.99 12.71 -23.59
N THR F 356 8.26 13.97 -23.22
CA THR F 356 7.55 15.11 -23.79
C THR F 356 8.50 16.20 -24.27
N SER F 357 7.97 17.08 -25.13
CA SER F 357 8.70 18.23 -25.64
C SER F 357 7.74 19.37 -25.96
N ARG F 358 8.15 20.60 -25.64
CA ARG F 358 7.32 21.77 -25.88
C ARG F 358 7.23 22.12 -27.37
N ILE F 359 8.16 21.58 -28.16
CA ILE F 359 8.18 21.84 -29.61
C ILE F 359 7.47 20.76 -30.43
N MET F 360 6.96 19.73 -29.75
CA MET F 360 6.12 18.72 -30.39
C MET F 360 4.76 19.35 -30.72
N ASP F 361 4.70 19.97 -31.90
CA ASP F 361 3.62 20.84 -32.29
C ASP F 361 3.68 20.99 -33.82
N PRO F 362 2.54 20.76 -34.50
CA PRO F 362 2.49 20.84 -35.97
C PRO F 362 2.97 22.17 -36.53
N ASN F 363 2.80 23.25 -35.77
CA ASN F 363 3.25 24.58 -36.18
C ASN F 363 4.76 24.75 -36.16
N ILE F 364 5.45 23.86 -35.44
CA ILE F 364 6.90 23.96 -35.27
C ILE F 364 7.66 22.87 -36.02
N VAL F 365 7.27 21.61 -35.83
CA VAL F 365 8.00 20.47 -36.44
C VAL F 365 7.41 19.98 -37.77
N GLY F 366 6.21 20.45 -38.10
CA GLY F 366 5.53 20.04 -39.34
C GLY F 366 4.36 19.13 -39.07
N SER F 367 3.37 19.18 -39.97
CA SER F 367 2.14 18.39 -39.84
C SER F 367 2.35 16.88 -40.02
N GLU F 368 3.32 16.50 -40.85
CA GLU F 368 3.64 15.10 -41.10
C GLU F 368 4.43 14.48 -39.95
N HIS F 369 5.37 15.26 -39.40
CA HIS F 369 6.17 14.86 -38.24
C HIS F 369 5.30 14.62 -37.04
N TYR F 370 4.38 15.55 -36.79
CA TYR F 370 3.49 15.49 -35.63
C TYR F 370 2.52 14.31 -35.70
N ASP F 371 1.89 14.12 -36.86
CA ASP F 371 0.89 13.06 -37.04
C ASP F 371 1.46 11.66 -36.86
N VAL F 372 2.66 11.44 -37.39
CA VAL F 372 3.37 10.15 -37.26
C VAL F 372 3.74 9.90 -35.80
N ALA F 373 4.23 10.94 -35.12
CA ALA F 373 4.57 10.86 -33.70
C ALA F 373 3.36 10.48 -32.86
N ARG F 374 2.21 11.07 -33.16
CA ARG F 374 0.98 10.78 -32.44
C ARG F 374 0.35 9.45 -32.86
N GLY F 375 0.68 8.99 -34.08
CA GLY F 375 0.25 7.68 -34.56
C GLY F 375 1.00 6.57 -33.84
N VAL F 376 2.33 6.72 -33.76
CA VAL F 376 3.19 5.81 -33.01
C VAL F 376 2.70 5.68 -31.56
N GLN F 377 2.35 6.82 -30.97
CA GLN F 377 1.89 6.85 -29.58
C GLN F 377 0.51 6.21 -29.37
N LYS F 378 -0.40 6.41 -30.34
CA LYS F 378 -1.76 5.86 -30.25
C LYS F 378 -1.76 4.33 -30.23
N ILE F 379 -1.01 3.72 -31.13
CA ILE F 379 -0.95 2.27 -31.27
C ILE F 379 -0.24 1.61 -30.08
N LEU F 380 0.72 2.34 -29.48
CA LEU F 380 1.44 1.84 -28.30
C LEU F 380 0.59 1.89 -27.03
N GLN F 381 -0.29 2.89 -26.96
CA GLN F 381 -1.27 2.99 -25.87
C GLN F 381 -2.39 1.97 -26.04
N ASP F 382 -2.75 1.68 -27.30
CA ASP F 382 -3.73 0.65 -27.61
C ASP F 382 -3.20 -0.74 -27.27
N TYR F 383 -1.92 -0.95 -27.54
CA TYR F 383 -1.22 -2.20 -27.22
C TYR F 383 -1.07 -2.39 -25.71
N LYS F 384 -0.84 -1.29 -25.00
CA LYS F 384 -0.66 -1.30 -23.56
C LYS F 384 -1.97 -1.63 -22.83
N SER F 385 -3.10 -1.29 -23.46
CA SER F 385 -4.42 -1.56 -22.90
C SER F 385 -4.79 -3.04 -22.96
N LEU F 386 -4.31 -3.73 -24.00
CA LEU F 386 -4.60 -5.15 -24.20
C LEU F 386 -3.69 -6.07 -23.38
N GLN F 387 -2.59 -5.51 -22.87
CA GLN F 387 -1.53 -6.25 -22.16
C GLN F 387 -2.05 -7.30 -21.16
N ASP F 388 -3.12 -6.97 -20.44
CA ASP F 388 -3.72 -7.87 -19.46
C ASP F 388 -4.32 -9.13 -20.10
N ILE F 389 -5.16 -8.94 -21.11
CA ILE F 389 -5.84 -10.04 -21.80
C ILE F 389 -4.85 -10.91 -22.58
N ILE F 390 -3.77 -10.29 -23.05
CA ILE F 390 -2.69 -11.00 -23.75
C ILE F 390 -1.94 -11.95 -22.80
N ALA F 391 -1.79 -11.52 -21.55
CA ALA F 391 -1.07 -12.31 -20.55
C ALA F 391 -1.91 -13.44 -19.96
N ILE F 392 -3.22 -13.22 -19.85
CA ILE F 392 -4.14 -14.23 -19.32
C ILE F 392 -4.45 -15.30 -20.37
N LEU F 393 -5.03 -14.89 -21.50
CA LEU F 393 -5.45 -15.81 -22.55
C LEU F 393 -4.33 -16.06 -23.57
N GLY F 394 -3.98 -15.03 -24.33
CA GLY F 394 -2.96 -15.13 -25.37
C GLY F 394 -3.27 -14.23 -26.56
N MET F 395 -2.26 -14.00 -27.38
CA MET F 395 -2.40 -13.16 -28.58
C MET F 395 -3.37 -13.78 -29.59
N ASP F 396 -3.50 -15.11 -29.53
CA ASP F 396 -4.36 -15.86 -30.44
C ASP F 396 -5.85 -15.71 -30.14
N GLU F 397 -6.18 -15.22 -28.95
CA GLU F 397 -7.57 -15.00 -28.55
C GLU F 397 -8.09 -13.60 -28.89
N LEU F 398 -7.21 -12.78 -29.46
CA LEU F 398 -7.58 -11.43 -29.87
C LEU F 398 -8.33 -11.44 -31.20
N SER F 399 -9.05 -10.35 -31.47
CA SER F 399 -9.74 -10.16 -32.75
C SER F 399 -8.74 -9.90 -33.87
N GLU F 400 -9.23 -9.83 -35.11
CA GLU F 400 -8.38 -9.59 -36.27
C GLU F 400 -7.91 -8.13 -36.32
N GLU F 401 -8.72 -7.24 -35.74
CA GLU F 401 -8.38 -5.83 -35.62
C GLU F 401 -7.26 -5.63 -34.60
N ASP F 402 -7.39 -6.30 -33.45
CA ASP F 402 -6.43 -6.19 -32.36
C ASP F 402 -5.09 -6.87 -32.67
N LYS F 403 -5.15 -8.05 -33.28
CA LYS F 403 -3.94 -8.78 -33.68
C LYS F 403 -3.05 -8.00 -34.64
N LEU F 404 -3.69 -7.18 -35.49
CA LEU F 404 -2.98 -6.36 -36.46
C LEU F 404 -2.26 -5.19 -35.80
N THR F 405 -2.91 -4.56 -34.82
CA THR F 405 -2.30 -3.47 -34.06
C THR F 405 -1.16 -3.98 -33.19
N VAL F 406 -1.35 -5.15 -32.58
CA VAL F 406 -0.34 -5.78 -31.72
C VAL F 406 0.96 -6.09 -32.47
N SER F 407 0.84 -6.68 -33.66
CA SER F 407 2.00 -7.01 -34.48
C SER F 407 2.75 -5.75 -34.93
N ARG F 408 2.00 -4.73 -35.33
CA ARG F 408 2.59 -3.45 -35.76
C ARG F 408 3.24 -2.70 -34.59
N ALA F 409 2.55 -2.65 -33.46
CA ALA F 409 3.06 -1.98 -32.26
C ALA F 409 4.33 -2.63 -31.73
N ARG F 410 4.40 -3.96 -31.79
CA ARG F 410 5.58 -4.70 -31.36
C ARG F 410 6.77 -4.44 -32.27
N LYS F 411 6.51 -4.19 -33.55
CA LYS F 411 7.54 -3.83 -34.53
C LYS F 411 7.99 -2.39 -34.33
N ILE F 412 7.05 -1.53 -33.95
CA ILE F 412 7.35 -0.13 -33.65
C ILE F 412 8.20 0.01 -32.39
N GLN F 413 7.86 -0.75 -31.36
CA GLN F 413 8.66 -0.86 -30.12
C GLN F 413 10.13 -1.11 -30.43
N ARG F 414 10.39 -2.13 -31.24
CA ARG F 414 11.76 -2.56 -31.55
C ARG F 414 12.50 -1.60 -32.46
N PHE F 415 11.78 -1.00 -33.41
CA PHE F 415 12.37 0.00 -34.30
C PHE F 415 12.70 1.31 -33.57
N LEU F 416 12.13 1.50 -32.38
CA LEU F 416 12.47 2.63 -31.51
C LEU F 416 13.85 2.47 -30.87
N SER F 417 14.26 1.23 -30.65
CA SER F 417 15.60 0.93 -30.11
C SER F 417 16.67 1.24 -31.15
N GLN F 418 17.90 1.46 -30.68
CA GLN F 418 18.99 1.93 -31.52
C GLN F 418 20.36 1.58 -30.93
N PRO F 419 21.29 1.09 -31.76
CA PRO F 419 22.65 0.90 -31.29
C PRO F 419 23.42 2.22 -31.15
N PHE F 420 23.99 2.44 -29.97
CA PHE F 420 24.71 3.66 -29.64
C PHE F 420 26.21 3.51 -29.88
N GLN F 421 26.88 4.60 -30.25
CA GLN F 421 28.31 4.61 -30.51
C GLN F 421 29.12 4.41 -29.23
N VAL F 422 28.59 4.89 -28.11
CA VAL F 422 29.20 4.70 -26.79
C VAL F 422 29.03 3.25 -26.34
N ALA F 423 27.95 2.61 -26.79
CA ALA F 423 27.70 1.20 -26.51
C ALA F 423 28.17 0.32 -27.67
N GLU F 424 29.42 0.54 -28.10
CA GLU F 424 30.03 -0.22 -29.19
C GLU F 424 30.67 -1.51 -28.67
N VAL F 425 30.85 -1.57 -27.35
CA VAL F 425 31.41 -2.75 -26.68
C VAL F 425 30.29 -3.56 -26.03
N PHE F 426 29.37 -2.87 -25.36
CA PHE F 426 28.22 -3.50 -24.69
C PHE F 426 27.34 -4.29 -25.64
N THR F 427 27.41 -3.95 -26.93
CA THR F 427 26.63 -4.63 -27.96
C THR F 427 27.54 -5.40 -28.94
N GLY F 428 28.68 -4.80 -29.26
CA GLY F 428 29.58 -5.34 -30.29
C GLY F 428 29.17 -4.90 -31.68
N HIS F 429 28.05 -4.17 -31.76
CA HIS F 429 27.50 -3.69 -33.03
C HIS F 429 28.02 -2.33 -33.39
N LEU F 430 27.61 -1.85 -34.56
CA LEU F 430 28.03 -0.54 -35.06
C LEU F 430 27.07 0.55 -34.59
N GLY F 431 27.63 1.70 -34.22
CA GLY F 431 26.85 2.86 -33.79
C GLY F 431 26.09 3.48 -34.96
N LYS F 432 24.84 3.84 -34.73
CA LYS F 432 23.98 4.36 -35.79
C LYS F 432 23.44 5.76 -35.51
N LEU F 433 23.60 6.64 -36.49
CA LEU F 433 23.10 8.01 -36.43
C LEU F 433 22.11 8.22 -37.58
N VAL F 434 20.84 8.38 -37.22
CA VAL F 434 19.74 8.43 -38.19
C VAL F 434 19.17 9.83 -38.35
N PRO F 435 19.16 10.36 -39.59
CA PRO F 435 18.57 11.68 -39.90
C PRO F 435 17.07 11.72 -39.60
N LEU F 436 16.55 12.93 -39.40
CA LEU F 436 15.15 13.13 -39.01
C LEU F 436 14.15 12.66 -40.07
N LYS F 437 14.35 13.08 -41.32
CA LYS F 437 13.47 12.70 -42.43
C LYS F 437 13.34 11.19 -42.59
N GLU F 438 14.44 10.48 -42.40
CA GLU F 438 14.46 9.01 -42.50
C GLU F 438 13.83 8.33 -41.29
N THR F 439 13.87 9.00 -40.14
CA THR F 439 13.23 8.52 -38.92
C THR F 439 11.70 8.62 -39.04
N ILE F 440 11.23 9.75 -39.56
CA ILE F 440 9.80 9.96 -39.78
C ILE F 440 9.26 8.95 -40.80
N LYS F 441 9.96 8.82 -41.92
CA LYS F 441 9.60 7.89 -43.00
C LYS F 441 9.49 6.45 -42.50
N GLY F 442 10.49 6.01 -41.73
CA GLY F 442 10.54 4.66 -41.19
C GLY F 442 9.28 4.23 -40.46
N PHE F 443 8.92 4.99 -39.42
CA PHE F 443 7.73 4.71 -38.61
C PHE F 443 6.43 4.90 -39.39
N GLN F 444 6.41 5.85 -40.30
CA GLN F 444 5.24 6.14 -41.13
C GLN F 444 4.81 4.93 -41.95
N GLN F 445 5.78 4.19 -42.47
CA GLN F 445 5.55 3.02 -43.32
C GLN F 445 4.98 1.83 -42.53
N ILE F 446 5.48 1.64 -41.31
CA ILE F 446 4.99 0.57 -40.43
C ILE F 446 3.55 0.86 -39.99
N LEU F 447 3.24 2.13 -39.77
CA LEU F 447 1.91 2.56 -39.37
C LEU F 447 0.87 2.39 -40.48
N ALA F 448 1.31 2.60 -41.73
CA ALA F 448 0.42 2.45 -42.89
C ALA F 448 0.29 0.99 -43.35
N GLY F 449 1.14 0.13 -42.81
CA GLY F 449 1.11 -1.30 -43.12
C GLY F 449 1.83 -1.63 -44.41
N GLU F 450 3.14 -1.43 -44.41
CA GLU F 450 3.97 -1.72 -45.58
C GLU F 450 4.95 -2.86 -45.30
N TYR F 451 5.22 -3.11 -44.02
CA TYR F 451 6.15 -4.17 -43.62
C TYR F 451 5.50 -5.21 -42.70
N ASP F 452 4.20 -5.44 -42.88
CA ASP F 452 3.43 -6.39 -42.07
C ASP F 452 3.92 -7.83 -42.18
N HIS F 453 4.49 -8.17 -43.35
CA HIS F 453 4.99 -9.52 -43.62
C HIS F 453 6.30 -9.83 -42.96
N LEU F 454 7.07 -8.78 -42.65
CA LEU F 454 8.41 -8.92 -42.07
C LEU F 454 8.38 -9.33 -40.59
N PRO F 455 9.37 -10.14 -40.16
CA PRO F 455 9.49 -10.58 -38.76
C PRO F 455 9.84 -9.46 -37.78
N GLU F 456 9.54 -9.67 -36.50
CA GLU F 456 9.74 -8.67 -35.45
C GLU F 456 11.21 -8.32 -35.24
N GLN F 457 12.04 -9.34 -35.10
CA GLN F 457 13.47 -9.18 -34.78
C GLN F 457 14.28 -8.43 -35.83
N ALA F 458 13.69 -8.24 -37.01
CA ALA F 458 14.31 -7.46 -38.08
C ALA F 458 14.38 -5.97 -37.74
N PHE F 459 13.42 -5.51 -36.94
CA PHE F 459 13.34 -4.11 -36.52
C PHE F 459 14.14 -3.83 -35.25
N TYR F 460 14.55 -4.89 -34.57
CA TYR F 460 15.31 -4.78 -33.32
C TYR F 460 16.75 -4.33 -33.56
N MET F 461 17.11 -3.22 -32.93
CA MET F 461 18.48 -2.66 -32.96
C MET F 461 19.00 -2.41 -34.38
N VAL F 462 18.35 -1.52 -35.11
CA VAL F 462 18.77 -1.12 -36.45
C VAL F 462 18.87 0.40 -36.59
N GLY F 463 19.50 0.86 -37.66
CA GLY F 463 19.58 2.29 -37.97
C GLY F 463 18.33 2.76 -38.67
N PRO F 464 18.42 3.07 -39.97
CA PRO F 464 17.27 3.50 -40.77
C PRO F 464 16.37 2.32 -41.13
N ILE F 465 15.25 2.61 -41.82
CA ILE F 465 14.28 1.59 -42.21
C ILE F 465 14.83 0.57 -43.21
N GLU F 466 15.82 0.99 -43.99
CA GLU F 466 16.44 0.14 -45.01
C GLU F 466 17.18 -1.06 -44.42
N GLU F 467 17.75 -0.87 -43.22
CA GLU F 467 18.47 -1.93 -42.53
C GLU F 467 17.54 -2.99 -41.95
N ALA F 468 16.30 -2.60 -41.66
CA ALA F 468 15.27 -3.53 -41.19
C ALA F 468 14.88 -4.53 -42.29
N VAL F 469 14.92 -4.07 -43.53
CA VAL F 469 14.65 -4.92 -44.70
C VAL F 469 15.84 -5.84 -44.96
N ALA F 470 17.04 -5.26 -44.90
CA ALA F 470 18.29 -6.00 -45.16
C ALA F 470 18.58 -7.06 -44.09
N LYS F 471 18.09 -6.84 -42.88
CA LYS F 471 18.23 -7.81 -41.79
C LYS F 471 17.27 -8.98 -41.98
N ALA F 472 16.10 -8.69 -42.56
CA ALA F 472 15.07 -9.70 -42.83
C ALA F 472 15.45 -10.66 -43.95
N ASP F 473 16.32 -10.20 -44.86
CA ASP F 473 16.79 -11.00 -45.99
C ASP F 473 17.66 -12.19 -45.56
N LYS F 474 18.44 -11.99 -44.50
CA LYS F 474 19.33 -13.02 -43.97
C LYS F 474 18.57 -14.15 -43.28
N LEU F 475 17.38 -13.82 -42.75
CA LEU F 475 16.53 -14.79 -42.05
C LEU F 475 15.60 -15.55 -42.99
N ALA F 476 15.65 -15.22 -44.27
CA ALA F 476 14.80 -15.86 -45.28
C ALA F 476 15.36 -17.21 -45.72
N ALA G 1 -0.53 2.35 -7.82
CA ALA G 1 0.49 2.42 -6.74
C ALA G 1 -0.14 2.50 -5.36
N THR G 2 -1.32 3.12 -5.28
CA THR G 2 -2.08 3.24 -4.04
C THR G 2 -2.70 1.89 -3.66
N LEU G 3 -2.81 1.64 -2.36
CA LEU G 3 -3.44 0.41 -1.85
C LEU G 3 -4.81 0.15 -2.48
N LYS G 4 -5.59 1.22 -2.64
CA LYS G 4 -6.92 1.16 -3.23
C LYS G 4 -6.89 0.63 -4.67
N ASP G 5 -5.88 1.06 -5.43
CA ASP G 5 -5.70 0.61 -6.82
C ASP G 5 -5.27 -0.86 -6.90
N ILE G 6 -4.45 -1.29 -5.95
CA ILE G 6 -3.98 -2.66 -5.88
C ILE G 6 -5.10 -3.60 -5.41
N THR G 7 -5.86 -3.15 -4.41
CA THR G 7 -7.00 -3.91 -3.88
C THR G 7 -8.05 -4.13 -4.97
N ARG G 8 -8.30 -3.09 -5.77
CA ARG G 8 -9.23 -3.17 -6.90
C ARG G 8 -8.72 -4.13 -7.97
N ARG G 9 -7.43 -4.03 -8.30
CA ARG G 9 -6.82 -4.91 -9.29
C ARG G 9 -6.78 -6.37 -8.87
N LEU G 10 -6.49 -6.61 -7.59
CA LEU G 10 -6.51 -7.96 -7.04
C LEU G 10 -7.87 -8.63 -7.24
N LYS G 11 -8.94 -7.93 -6.87
CA LYS G 11 -10.31 -8.43 -7.01
C LYS G 11 -10.71 -8.59 -8.48
N SER G 12 -10.13 -7.76 -9.35
CA SER G 12 -10.38 -7.81 -10.79
C SER G 12 -9.81 -9.08 -11.43
N ILE G 13 -8.57 -9.40 -11.10
CA ILE G 13 -7.89 -10.58 -11.66
C ILE G 13 -8.34 -11.88 -10.96
N LYS G 14 -8.73 -11.77 -9.69
CA LYS G 14 -9.31 -12.90 -8.96
C LYS G 14 -10.64 -13.33 -9.56
N ASN G 15 -11.39 -12.36 -10.06
CA ASN G 15 -12.66 -12.61 -10.76
C ASN G 15 -12.45 -13.36 -12.06
N ILE G 16 -11.38 -13.00 -12.79
CA ILE G 16 -11.00 -13.68 -14.02
C ILE G 16 -10.55 -15.11 -13.73
N GLN G 17 -9.71 -15.26 -12.70
CA GLN G 17 -9.16 -16.56 -12.30
C GLN G 17 -10.25 -17.53 -11.85
N LYS G 18 -11.24 -17.03 -11.13
CA LYS G 18 -12.37 -17.86 -10.68
C LYS G 18 -13.27 -18.28 -11.83
N ILE G 19 -13.42 -17.41 -12.82
CA ILE G 19 -14.23 -17.70 -14.01
C ILE G 19 -13.52 -18.71 -14.94
N THR G 20 -12.22 -18.54 -15.16
CA THR G 20 -11.45 -19.44 -16.00
C THR G 20 -11.31 -20.85 -15.38
N LYS G 21 -11.23 -20.90 -14.05
CA LYS G 21 -11.18 -22.17 -13.33
C LYS G 21 -12.57 -22.82 -13.28
N SER G 22 -13.60 -21.99 -13.39
CA SER G 22 -14.98 -22.46 -13.43
C SER G 22 -15.32 -23.04 -14.80
N MET G 23 -14.58 -22.61 -15.82
CA MET G 23 -14.78 -23.10 -17.19
C MET G 23 -13.88 -24.29 -17.53
N LYS G 24 -12.90 -24.58 -16.66
CA LYS G 24 -12.04 -25.75 -16.81
C LYS G 24 -12.82 -27.01 -16.46
N MET G 25 -13.66 -26.91 -15.43
CA MET G 25 -14.49 -28.03 -14.97
C MET G 25 -15.73 -28.20 -15.85
N VAL G 26 -16.23 -27.08 -16.39
CA VAL G 26 -17.33 -27.10 -17.35
C VAL G 26 -16.91 -27.83 -18.64
N ALA G 27 -15.72 -27.47 -19.14
CA ALA G 27 -15.16 -28.11 -20.33
C ALA G 27 -14.64 -29.52 -20.05
N ALA G 28 -14.59 -29.90 -18.78
CA ALA G 28 -14.28 -31.27 -18.37
C ALA G 28 -15.56 -32.10 -18.30
N ALA G 29 -16.67 -31.46 -17.92
CA ALA G 29 -17.96 -32.10 -17.82
C ALA G 29 -18.64 -32.24 -19.18
N LYS G 30 -18.47 -31.23 -20.03
CA LYS G 30 -19.03 -31.24 -21.38
C LYS G 30 -18.28 -32.19 -22.31
N TYR G 31 -16.97 -32.30 -22.09
CA TYR G 31 -16.12 -33.26 -22.80
C TYR G 31 -16.50 -34.71 -22.47
N ALA G 32 -16.83 -34.95 -21.21
CA ALA G 32 -17.27 -36.26 -20.74
C ALA G 32 -18.60 -36.65 -21.40
N ARG G 33 -19.47 -35.66 -21.59
CA ARG G 33 -20.73 -35.83 -22.32
C ARG G 33 -20.47 -36.09 -23.81
N ALA G 34 -19.47 -35.40 -24.36
CA ALA G 34 -19.15 -35.48 -25.78
C ALA G 34 -18.48 -36.79 -26.17
N GLU G 35 -17.68 -37.36 -25.26
CA GLU G 35 -17.00 -38.63 -25.51
C GLU G 35 -17.94 -39.83 -25.31
N ARG G 36 -18.90 -39.68 -24.41
CA ARG G 36 -19.94 -40.68 -24.18
C ARG G 36 -20.83 -40.86 -25.40
N GLU G 37 -21.00 -39.79 -26.17
CA GLU G 37 -21.86 -39.80 -27.35
C GLU G 37 -21.08 -39.96 -28.65
N LEU G 38 -19.75 -39.99 -28.54
CA LEU G 38 -18.88 -40.18 -29.70
C LEU G 38 -18.73 -41.66 -30.08
N LYS G 39 -18.81 -42.54 -29.08
CA LYS G 39 -18.71 -43.98 -29.30
C LYS G 39 -19.79 -44.54 -30.25
N PRO G 40 -21.08 -44.18 -30.02
CA PRO G 40 -22.11 -44.62 -30.98
C PRO G 40 -22.09 -43.84 -32.29
N ALA G 41 -21.45 -42.67 -32.29
CA ALA G 41 -21.35 -41.83 -33.48
C ALA G 41 -20.23 -42.30 -34.42
N ARG G 42 -19.17 -42.85 -33.85
CA ARG G 42 -18.04 -43.39 -34.62
C ARG G 42 -18.40 -44.67 -35.38
N VAL G 43 -19.30 -45.45 -34.80
CA VAL G 43 -19.76 -46.70 -35.40
C VAL G 43 -20.91 -46.46 -36.40
N TYR G 44 -21.41 -45.22 -36.43
CA TYR G 44 -22.51 -44.83 -37.30
C TYR G 44 -22.02 -44.22 -38.62
N GLY G 45 -20.97 -43.40 -38.56
CA GLY G 45 -20.48 -42.70 -39.73
C GLY G 45 -19.16 -43.22 -40.27
N VAL G 46 -19.24 -44.18 -41.18
CA VAL G 46 -18.06 -44.76 -41.82
C VAL G 46 -18.17 -44.65 -43.35
N GLY G 47 -19.26 -45.19 -43.91
CA GLY G 47 -19.50 -45.16 -45.35
C GLY G 47 -20.37 -44.01 -45.78
N LEU G 67 -14.50 -29.61 -53.07
CA LEU G 67 -15.30 -29.00 -52.02
C LEU G 67 -14.50 -28.95 -50.71
N ILE G 68 -14.48 -27.78 -50.08
CA ILE G 68 -13.74 -27.59 -48.82
C ILE G 68 -14.71 -27.23 -47.69
N ILE G 69 -14.83 -28.13 -46.72
CA ILE G 69 -15.72 -27.93 -45.57
C ILE G 69 -14.89 -27.75 -44.30
N GLY G 70 -15.08 -26.61 -43.65
CA GLY G 70 -14.39 -26.32 -42.39
C GLY G 70 -15.35 -26.41 -41.22
N VAL G 71 -15.01 -27.26 -40.25
CA VAL G 71 -15.87 -27.52 -39.11
C VAL G 71 -15.29 -26.95 -37.81
N SER G 72 -16.04 -26.02 -37.21
CA SER G 72 -15.67 -25.43 -35.92
C SER G 72 -16.92 -25.03 -35.11
N SER G 73 -16.87 -23.85 -34.49
CA SER G 73 -17.97 -23.36 -33.65
C SER G 73 -17.95 -21.83 -33.52
N ASP G 74 -19.01 -21.28 -32.93
CA ASP G 74 -19.09 -19.86 -32.60
C ASP G 74 -18.33 -19.56 -31.31
N ARG G 75 -18.33 -20.52 -30.40
CA ARG G 75 -17.74 -20.36 -29.08
C ARG G 75 -16.21 -20.48 -29.13
N GLY G 76 -15.54 -19.42 -28.69
CA GLY G 76 -14.08 -19.37 -28.68
C GLY G 76 -13.49 -19.87 -27.37
N LEU G 77 -12.37 -19.28 -26.98
CA LEU G 77 -11.65 -19.62 -25.74
C LEU G 77 -11.23 -21.10 -25.66
N CYS G 78 -10.88 -21.67 -26.81
CA CYS G 78 -10.53 -23.09 -26.89
C CYS G 78 -9.13 -23.35 -27.46
N GLY G 79 -8.27 -22.33 -27.41
CA GLY G 79 -6.89 -22.46 -27.86
C GLY G 79 -6.74 -22.49 -29.37
N ALA G 80 -5.75 -23.25 -29.83
CA ALA G 80 -5.43 -23.34 -31.26
C ALA G 80 -6.28 -24.39 -31.98
N ILE G 81 -7.59 -24.15 -32.02
CA ILE G 81 -8.54 -25.03 -32.71
C ILE G 81 -9.07 -24.36 -33.97
N HIS G 82 -9.52 -23.12 -33.83
CA HIS G 82 -10.02 -22.33 -34.96
C HIS G 82 -8.91 -21.91 -35.88
N SER G 83 -7.72 -21.71 -35.33
CA SER G 83 -6.54 -21.32 -36.11
C SER G 83 -5.91 -22.49 -36.85
N SER G 84 -6.10 -23.70 -36.33
CA SER G 84 -5.55 -24.92 -36.92
C SER G 84 -6.23 -25.28 -38.24
N VAL G 85 -7.56 -25.14 -38.28
CA VAL G 85 -8.34 -25.42 -39.49
C VAL G 85 -8.14 -24.32 -40.54
N ALA G 86 -7.38 -24.66 -41.58
CA ALA G 86 -7.06 -23.72 -42.66
C ALA G 86 -7.06 -24.42 -44.02
N ILE G 105 -22.81 -20.11 -48.90
CA ILE G 105 -21.58 -20.88 -49.08
C ILE G 105 -21.24 -21.70 -47.83
N ILE G 106 -20.22 -22.55 -47.93
CA ILE G 106 -19.80 -23.47 -46.87
C ILE G 106 -19.19 -22.81 -45.64
N GLY G 107 -18.65 -23.65 -44.73
CA GLY G 107 -17.99 -23.18 -43.52
C GLY G 107 -18.89 -23.20 -42.31
N VAL G 108 -18.87 -24.30 -41.58
CA VAL G 108 -19.68 -24.45 -40.36
C VAL G 108 -18.91 -24.05 -39.10
N GLY G 109 -19.46 -23.06 -38.39
CA GLY G 109 -18.79 -22.45 -37.24
C GLY G 109 -18.41 -21.02 -37.57
N ASP G 110 -19.03 -20.07 -36.88
CA ASP G 110 -18.89 -18.65 -37.20
C ASP G 110 -17.45 -18.11 -37.09
N LYS G 111 -16.60 -18.81 -36.36
CA LYS G 111 -15.22 -18.39 -36.14
C LYS G 111 -14.27 -18.73 -37.29
N ILE G 112 -14.76 -19.52 -38.25
CA ILE G 112 -13.95 -19.87 -39.43
C ILE G 112 -14.11 -18.84 -40.57
N ARG G 113 -15.27 -18.19 -40.62
CA ARG G 113 -15.49 -17.09 -41.57
C ARG G 113 -14.91 -15.77 -41.07
N SER G 114 -14.48 -15.79 -39.80
CA SER G 114 -13.92 -14.60 -39.14
C SER G 114 -12.55 -14.22 -39.69
N ILE G 115 -11.90 -15.14 -40.40
CA ILE G 115 -10.59 -14.90 -41.00
C ILE G 115 -10.72 -14.12 -42.32
N LEU G 116 -11.51 -14.65 -43.25
CA LEU G 116 -11.75 -13.97 -44.52
C LEU G 116 -12.92 -12.98 -44.40
N THR G 127 -22.81 -19.64 -45.12
CA THR G 127 -22.05 -19.82 -43.88
C THR G 127 -22.97 -20.30 -42.76
N PHE G 128 -22.45 -21.16 -41.90
CA PHE G 128 -23.25 -21.76 -40.82
C PHE G 128 -22.92 -21.15 -39.46
N LYS G 129 -23.96 -20.76 -38.73
CA LYS G 129 -23.83 -20.05 -37.47
C LYS G 129 -24.66 -20.72 -36.36
N GLU G 130 -24.24 -20.50 -35.12
CA GLU G 130 -24.92 -21.01 -33.92
C GLU G 130 -24.61 -22.47 -33.63
N VAL G 131 -23.33 -22.76 -33.43
CA VAL G 131 -22.86 -24.11 -33.06
C VAL G 131 -21.85 -24.04 -31.93
N GLY G 132 -21.84 -25.06 -31.08
CA GLY G 132 -20.96 -25.13 -29.93
C GLY G 132 -21.67 -24.83 -28.61
N ARG G 133 -22.67 -23.97 -28.67
CA ARG G 133 -23.48 -23.61 -27.49
C ARG G 133 -24.24 -24.83 -26.96
N ARG G 134 -24.82 -25.60 -27.87
CA ARG G 134 -25.47 -26.87 -27.55
C ARG G 134 -24.84 -27.98 -28.38
N PRO G 135 -24.81 -29.22 -27.84
CA PRO G 135 -24.26 -30.36 -28.57
C PRO G 135 -24.89 -30.55 -29.95
N PRO G 136 -24.08 -30.90 -30.97
CA PRO G 136 -24.57 -30.98 -32.36
C PRO G 136 -25.43 -32.21 -32.64
N THR G 137 -26.69 -31.98 -33.04
CA THR G 137 -27.63 -33.04 -33.37
C THR G 137 -27.52 -33.44 -34.83
N PHE G 138 -28.18 -34.55 -35.19
CA PHE G 138 -28.23 -35.02 -36.58
C PHE G 138 -29.00 -34.04 -37.46
N GLY G 139 -30.03 -33.42 -36.89
CA GLY G 139 -30.84 -32.42 -37.58
C GLY G 139 -30.02 -31.24 -38.08
N ASP G 140 -29.03 -30.83 -37.27
CA ASP G 140 -28.09 -29.78 -37.64
C ASP G 140 -27.22 -30.21 -38.82
N ALA G 141 -26.79 -31.47 -38.80
CA ALA G 141 -26.01 -32.06 -39.90
C ALA G 141 -26.87 -32.25 -41.15
N SER G 142 -28.18 -32.33 -40.96
CA SER G 142 -29.14 -32.47 -42.05
C SER G 142 -29.35 -31.14 -42.78
N VAL G 143 -29.51 -30.07 -41.99
CA VAL G 143 -29.72 -28.72 -42.52
C VAL G 143 -28.52 -28.28 -43.37
N ILE G 144 -27.31 -28.62 -42.90
CA ILE G 144 -26.07 -28.36 -43.63
C ILE G 144 -26.09 -29.05 -45.00
N ALA G 145 -26.57 -30.30 -45.03
CA ALA G 145 -26.70 -31.07 -46.27
C ALA G 145 -27.86 -30.58 -47.14
N LEU G 146 -28.88 -30.02 -46.50
CA LEU G 146 -30.06 -29.49 -47.20
C LEU G 146 -29.75 -28.23 -48.01
N GLU G 147 -28.97 -27.33 -47.42
CA GLU G 147 -28.60 -26.06 -48.05
C GLU G 147 -27.76 -26.30 -49.32
N LEU G 148 -26.87 -27.29 -49.26
CA LEU G 148 -26.03 -27.67 -50.39
C LEU G 148 -26.80 -28.57 -51.36
N SER G 159 -11.96 -33.99 -48.57
CA SER G 159 -12.97 -33.01 -48.96
C SER G 159 -13.70 -32.39 -47.76
N ILE G 160 -13.22 -32.71 -46.56
CA ILE G 160 -13.78 -32.15 -45.31
C ILE G 160 -12.69 -32.04 -44.24
N ILE G 161 -12.63 -30.89 -43.57
CA ILE G 161 -11.62 -30.62 -42.54
C ILE G 161 -12.25 -30.41 -41.17
N PHE G 162 -11.78 -31.19 -40.19
CA PHE G 162 -12.21 -31.08 -38.80
C PHE G 162 -11.11 -31.60 -37.87
N ASN G 163 -11.26 -31.36 -36.57
CA ASN G 163 -10.33 -31.88 -35.57
C ASN G 163 -10.78 -33.22 -34.99
N ARG G 164 -9.97 -34.25 -35.21
CA ARG G 164 -10.27 -35.59 -34.72
C ARG G 164 -9.78 -35.77 -33.28
N PHE G 165 -10.66 -36.28 -32.43
CA PHE G 165 -10.37 -36.53 -31.03
C PHE G 165 -9.44 -37.74 -30.87
N ARG G 166 -8.42 -37.57 -30.03
CA ARG G 166 -7.49 -38.65 -29.70
C ARG G 166 -7.55 -38.88 -28.19
N SER G 167 -7.16 -37.85 -27.43
CA SER G 167 -7.22 -37.85 -25.97
C SER G 167 -7.52 -36.43 -25.50
N VAL G 168 -6.96 -36.04 -24.36
CA VAL G 168 -7.15 -34.69 -23.82
C VAL G 168 -6.03 -33.72 -24.21
N ILE G 169 -4.95 -34.26 -24.77
CA ILE G 169 -3.77 -33.47 -25.12
C ILE G 169 -3.54 -33.40 -26.64
N SER G 170 -3.53 -34.57 -27.29
CA SER G 170 -3.17 -34.67 -28.71
C SER G 170 -4.37 -34.63 -29.66
N TYR G 171 -4.19 -33.93 -30.79
CA TYR G 171 -5.20 -33.85 -31.85
C TYR G 171 -4.57 -33.95 -33.23
N LYS G 172 -5.42 -33.99 -34.26
CA LYS G 172 -4.97 -33.92 -35.65
C LYS G 172 -5.99 -33.19 -36.52
N THR G 173 -5.48 -32.41 -37.47
CA THR G 173 -6.33 -31.65 -38.39
C THR G 173 -6.24 -32.21 -39.80
N GLU G 206 -26.40 -38.09 -51.34
CA GLU G 206 -27.33 -39.08 -50.79
C GLU G 206 -27.40 -38.96 -49.27
N TYR G 207 -27.84 -40.03 -48.61
CA TYR G 207 -27.92 -40.09 -47.15
C TYR G 207 -26.53 -40.15 -46.51
N SER G 208 -25.57 -40.73 -47.23
CA SER G 208 -24.22 -40.93 -46.73
C SER G 208 -23.43 -39.63 -46.54
N LEU G 209 -23.75 -38.61 -47.33
CA LEU G 209 -23.05 -37.33 -47.27
C LEU G 209 -23.35 -36.56 -45.97
N ALA G 210 -24.59 -36.66 -45.50
CA ALA G 210 -25.01 -36.04 -44.24
C ALA G 210 -24.37 -36.73 -43.03
N ASN G 211 -24.11 -38.03 -43.18
CA ASN G 211 -23.47 -38.84 -42.14
C ASN G 211 -22.01 -38.44 -41.88
N ILE G 212 -21.32 -38.01 -42.93
CA ILE G 212 -19.96 -37.49 -42.81
C ILE G 212 -19.95 -36.14 -42.08
N ILE G 213 -20.95 -35.31 -42.37
CA ILE G 213 -21.14 -34.03 -41.69
C ILE G 213 -21.46 -34.23 -40.21
N TYR G 214 -22.27 -35.24 -39.91
CA TYR G 214 -22.59 -35.61 -38.53
C TYR G 214 -21.37 -36.16 -37.80
N TYR G 215 -20.57 -36.96 -38.51
CA TYR G 215 -19.34 -37.53 -37.96
C TYR G 215 -18.33 -36.44 -37.60
N SER G 216 -18.22 -35.42 -38.45
CA SER G 216 -17.32 -34.29 -38.21
C SER G 216 -17.80 -33.42 -37.05
N LEU G 217 -19.11 -33.14 -37.01
CA LEU G 217 -19.73 -32.36 -35.94
C LEU G 217 -19.53 -32.97 -34.55
N LYS G 218 -19.75 -34.29 -34.45
CA LYS G 218 -19.56 -35.02 -33.19
C LYS G 218 -18.10 -35.06 -32.76
N GLU G 219 -17.20 -35.22 -33.74
CA GLU G 219 -15.76 -35.25 -33.49
C GLU G 219 -15.20 -33.88 -33.14
N SER G 220 -15.77 -32.84 -33.75
CA SER G 220 -15.30 -31.47 -33.56
C SER G 220 -15.58 -30.94 -32.16
N THR G 221 -16.78 -31.17 -31.66
CA THR G 221 -17.19 -30.66 -30.33
C THR G 221 -16.49 -31.40 -29.18
N THR G 222 -16.09 -32.65 -29.43
CA THR G 222 -15.31 -33.41 -28.45
C THR G 222 -13.87 -32.86 -28.42
N SER G 223 -13.41 -32.40 -29.58
CA SER G 223 -12.09 -31.79 -29.71
C SER G 223 -12.08 -30.37 -29.16
N GLU G 224 -13.15 -29.63 -29.45
CA GLU G 224 -13.31 -28.24 -29.02
C GLU G 224 -13.35 -28.10 -27.50
N GLN G 225 -14.05 -29.04 -26.84
CA GLN G 225 -14.24 -28.98 -25.38
C GLN G 225 -12.99 -29.31 -24.58
N SER G 226 -12.26 -30.35 -25.02
CA SER G 226 -11.05 -30.79 -24.30
C SER G 226 -9.89 -29.81 -24.49
N ALA G 227 -9.87 -29.15 -25.64
CA ALA G 227 -8.87 -28.11 -25.91
C ALA G 227 -9.18 -26.84 -25.12
N ARG G 228 -10.47 -26.59 -24.88
CA ARG G 228 -10.92 -25.49 -24.03
C ARG G 228 -10.59 -25.77 -22.55
N MET G 229 -10.64 -27.05 -22.18
CA MET G 229 -10.29 -27.48 -20.83
C MET G 229 -8.86 -27.08 -20.47
N THR G 230 -7.94 -27.25 -21.42
CA THR G 230 -6.53 -26.91 -21.23
C THR G 230 -6.31 -25.39 -21.36
N ALA G 231 -6.99 -24.77 -22.32
CA ALA G 231 -6.87 -23.34 -22.57
C ALA G 231 -7.21 -22.50 -21.35
N MET G 232 -8.29 -22.87 -20.66
CA MET G 232 -8.73 -22.17 -19.45
C MET G 232 -7.93 -22.61 -18.22
N ASP G 233 -7.33 -23.80 -18.29
CA ASP G 233 -6.42 -24.28 -17.26
C ASP G 233 -5.11 -23.49 -17.29
N ASN G 234 -4.64 -23.18 -18.49
CA ASN G 234 -3.45 -22.34 -18.68
C ASN G 234 -3.73 -20.89 -18.30
N ALA G 235 -4.94 -20.42 -18.59
CA ALA G 235 -5.36 -19.06 -18.25
C ALA G 235 -5.56 -18.88 -16.76
N SER G 236 -5.97 -19.95 -16.08
CA SER G 236 -6.14 -19.95 -14.62
C SER G 236 -4.78 -20.02 -13.91
N LYS G 237 -3.77 -20.54 -14.62
CA LYS G 237 -2.39 -20.53 -14.12
C LYS G 237 -1.76 -19.15 -14.28
N ASN G 238 -2.03 -18.50 -15.41
CA ASN G 238 -1.50 -17.18 -15.72
C ASN G 238 -2.07 -16.09 -14.81
N ALA G 239 -3.35 -16.21 -14.48
CA ALA G 239 -4.02 -15.28 -13.59
C ALA G 239 -3.57 -15.45 -12.14
N SER G 240 -3.23 -16.68 -11.77
CA SER G 240 -2.76 -16.98 -10.42
C SER G 240 -1.33 -16.46 -10.19
N GLU G 241 -0.50 -16.57 -11.22
CA GLU G 241 0.86 -15.99 -11.20
C GLU G 241 0.80 -14.47 -11.12
N MET G 242 -0.22 -13.89 -11.75
CA MET G 242 -0.45 -12.46 -11.76
C MET G 242 -0.88 -11.96 -10.37
N ILE G 243 -1.73 -12.73 -9.70
CA ILE G 243 -2.17 -12.42 -8.34
C ILE G 243 -0.97 -12.44 -7.38
N ASP G 244 -0.13 -13.47 -7.53
CA ASP G 244 1.05 -13.63 -6.68
C ASP G 244 2.01 -12.44 -6.76
N LYS G 245 2.20 -11.90 -7.96
CA LYS G 245 3.06 -10.74 -8.16
C LYS G 245 2.47 -9.46 -7.57
N LEU G 246 1.14 -9.31 -7.67
CA LEU G 246 0.45 -8.15 -7.12
C LEU G 246 0.33 -8.20 -5.59
N THR G 247 0.24 -9.41 -5.04
CA THR G 247 0.20 -9.60 -3.59
C THR G 247 1.50 -9.12 -2.94
N LEU G 248 2.62 -9.37 -3.60
CA LEU G 248 3.92 -8.90 -3.13
C LEU G 248 4.03 -7.38 -3.21
N THR G 249 3.40 -6.78 -4.22
CA THR G 249 3.32 -5.33 -4.36
C THR G 249 2.44 -4.74 -3.25
N PHE G 250 1.30 -5.38 -2.99
CA PHE G 250 0.38 -4.99 -1.94
C PHE G 250 1.07 -4.93 -0.58
N ASN G 251 1.87 -5.95 -0.29
CA ASN G 251 2.59 -6.05 0.99
C ASN G 251 3.69 -5.00 1.14
N ARG G 252 4.35 -4.66 0.04
CA ARG G 252 5.34 -3.58 0.03
C ARG G 252 4.68 -2.23 0.24
N THR G 253 3.53 -2.02 -0.42
CA THR G 253 2.79 -0.78 -0.32
C THR G 253 2.15 -0.62 1.07
N ARG G 254 1.67 -1.74 1.63
CA ARG G 254 1.10 -1.75 2.98
C ARG G 254 2.15 -1.34 4.03
N GLN G 255 3.35 -1.90 3.92
CA GLN G 255 4.47 -1.54 4.79
C GLN G 255 4.87 -0.07 4.61
N ALA G 256 4.90 0.38 3.35
CA ALA G 256 5.27 1.75 3.01
C ALA G 256 4.32 2.79 3.61
N VAL G 257 3.03 2.48 3.64
CA VAL G 257 2.02 3.40 4.15
C VAL G 257 2.11 3.53 5.68
N ILE G 258 2.34 2.40 6.35
CA ILE G 258 2.49 2.38 7.81
C ILE G 258 3.65 3.26 8.27
N THR G 259 4.80 3.11 7.61
CA THR G 259 5.99 3.88 7.93
C THR G 259 5.78 5.38 7.67
N LYS G 260 5.11 5.70 6.56
CA LYS G 260 4.85 7.09 6.18
C LYS G 260 3.94 7.82 7.17
N GLU G 261 2.94 7.10 7.67
CA GLU G 261 2.02 7.63 8.68
C GLU G 261 2.77 7.87 9.99
N LEU G 262 3.67 6.94 10.30
CA LEU G 262 4.44 6.95 11.53
C LEU G 262 5.45 8.11 11.58
N ILE G 263 6.09 8.38 10.44
CA ILE G 263 7.04 9.49 10.33
C ILE G 263 6.32 10.84 10.49
N GLU G 264 5.14 10.95 9.89
CA GLU G 264 4.32 12.16 9.99
C GLU G 264 3.88 12.48 11.41
N ILE G 265 3.82 11.45 12.27
CA ILE G 265 3.45 11.62 13.67
C ILE G 265 4.68 11.99 14.51
N ILE G 266 5.79 11.28 14.31
CA ILE G 266 7.06 11.55 15.01
C ILE G 266 7.52 12.99 14.76
N SER G 267 7.56 13.37 13.47
CA SER G 267 7.97 14.70 13.06
C SER G 267 7.07 15.79 13.66
N GLY G 268 5.77 15.52 13.70
CA GLY G 268 4.79 16.44 14.25
C GLY G 268 4.90 16.61 15.75
N ALA G 269 5.46 15.60 16.42
CA ALA G 269 5.72 15.64 17.84
C ALA G 269 7.05 16.35 18.15
N ALA G 270 8.08 16.03 17.38
CA ALA G 270 9.40 16.63 17.55
C ALA G 270 9.45 18.03 16.95
N PHE H 18 -23.52 -57.98 -38.90
CA PHE H 18 -24.68 -57.06 -38.86
C PHE H 18 -24.50 -55.94 -37.84
N THR H 19 -24.54 -54.72 -38.34
CA THR H 19 -24.43 -53.53 -37.49
C THR H 19 -25.70 -52.69 -37.65
N PHE H 20 -26.37 -52.43 -36.54
CA PHE H 20 -27.59 -51.63 -36.54
C PHE H 20 -27.45 -50.48 -35.54
N ALA H 21 -27.52 -49.26 -36.06
CA ALA H 21 -27.30 -48.06 -35.24
C ALA H 21 -28.07 -46.83 -35.74
N SER H 22 -28.56 -46.05 -34.78
CA SER H 22 -29.09 -44.72 -35.04
C SER H 22 -28.05 -43.71 -34.53
N PRO H 23 -28.22 -42.40 -34.83
CA PRO H 23 -27.34 -41.40 -34.23
C PRO H 23 -27.34 -41.42 -32.70
N THR H 24 -28.47 -41.81 -32.10
CA THR H 24 -28.61 -41.87 -30.65
C THR H 24 -27.89 -43.10 -30.06
N GLN H 25 -28.40 -44.29 -30.36
CA GLN H 25 -27.87 -45.53 -29.79
C GLN H 25 -27.52 -46.59 -30.83
N VAL H 26 -26.69 -47.56 -30.41
CA VAL H 26 -26.32 -48.70 -31.26
C VAL H 26 -26.99 -49.99 -30.75
N PHE H 27 -27.67 -50.68 -31.66
CA PHE H 27 -28.45 -51.87 -31.33
C PHE H 27 -27.67 -53.17 -31.48
N PHE H 28 -26.99 -53.31 -32.62
CA PHE H 28 -26.13 -54.46 -32.87
C PHE H 28 -24.77 -54.00 -33.38
N ASN H 29 -23.71 -54.62 -32.88
CA ASN H 29 -22.34 -54.28 -33.26
C ASN H 29 -21.61 -55.47 -33.87
N SER H 30 -21.69 -55.59 -35.19
CA SER H 30 -20.99 -56.63 -35.97
C SER H 30 -21.41 -58.07 -35.63
N ALA H 31 -22.69 -58.36 -35.84
CA ALA H 31 -23.25 -59.71 -35.72
C ALA H 31 -22.90 -60.55 -36.96
N ASN H 32 -22.89 -61.89 -36.91
CA ASN H 32 -23.28 -62.77 -35.79
C ASN H 32 -24.80 -62.90 -35.58
N VAL H 33 -25.53 -62.91 -36.69
CA VAL H 33 -27.00 -63.03 -36.68
C VAL H 33 -27.50 -63.85 -37.89
N ARG H 34 -28.71 -64.39 -37.77
CA ARG H 34 -29.29 -65.25 -38.81
C ARG H 34 -29.80 -64.47 -40.02
N GLN H 35 -30.86 -63.69 -39.84
CA GLN H 35 -31.41 -62.84 -40.90
C GLN H 35 -32.11 -61.60 -40.35
N VAL H 36 -32.19 -60.56 -41.18
CA VAL H 36 -32.81 -59.30 -40.78
C VAL H 36 -33.81 -58.82 -41.83
N ASP H 37 -35.08 -58.68 -41.43
CA ASP H 37 -36.11 -58.10 -42.27
C ASP H 37 -35.94 -56.58 -42.31
N VAL H 38 -35.96 -56.02 -43.51
CA VAL H 38 -35.65 -54.60 -43.71
C VAL H 38 -36.64 -53.94 -44.67
N PRO H 39 -37.16 -52.75 -44.30
CA PRO H 39 -38.00 -51.97 -45.22
C PRO H 39 -37.15 -51.21 -46.24
N THR H 40 -37.51 -51.34 -47.51
CA THR H 40 -36.77 -50.70 -48.60
C THR H 40 -37.76 -50.02 -49.55
N GLN H 41 -37.31 -48.93 -50.18
CA GLN H 41 -38.13 -48.13 -51.10
C GLN H 41 -39.05 -48.97 -52.01
N THR H 42 -38.56 -50.13 -52.44
CA THR H 42 -39.37 -51.07 -53.21
C THR H 42 -39.72 -52.30 -52.35
N GLY H 43 -40.85 -52.20 -51.64
CA GLY H 43 -41.34 -53.29 -50.81
C GLY H 43 -40.54 -53.55 -49.55
N ALA H 44 -39.94 -54.74 -49.47
CA ALA H 44 -39.14 -55.16 -48.32
C ALA H 44 -38.14 -56.24 -48.72
N PHE H 45 -37.00 -56.27 -48.02
CA PHE H 45 -35.97 -57.28 -48.26
C PHE H 45 -35.52 -57.96 -46.97
N GLY H 46 -35.56 -59.30 -46.99
CA GLY H 46 -35.06 -60.10 -45.87
C GLY H 46 -33.65 -60.59 -46.16
N ILE H 47 -32.67 -59.93 -45.56
CA ILE H 47 -31.26 -60.23 -45.82
C ILE H 47 -30.79 -61.45 -45.04
N LEU H 48 -30.50 -62.52 -45.77
CA LEU H 48 -29.96 -63.76 -45.21
C LEU H 48 -28.43 -63.67 -45.16
N ALA H 49 -27.81 -64.60 -44.44
CA ALA H 49 -26.34 -64.65 -44.29
C ALA H 49 -25.61 -64.64 -45.63
N ALA H 50 -26.16 -65.35 -46.61
CA ALA H 50 -25.62 -65.34 -47.97
C ALA H 50 -26.52 -64.52 -48.90
N HIS H 51 -26.22 -63.24 -48.99
CA HIS H 51 -26.98 -62.31 -49.83
C HIS H 51 -26.06 -61.57 -50.77
N VAL H 52 -26.59 -61.23 -51.95
CA VAL H 52 -25.83 -60.51 -52.97
C VAL H 52 -25.41 -59.11 -52.52
N PRO H 53 -24.18 -58.67 -52.89
CA PRO H 53 -23.70 -57.33 -52.54
C PRO H 53 -24.55 -56.23 -53.19
N THR H 54 -25.26 -55.47 -52.36
CA THR H 54 -26.17 -54.42 -52.83
C THR H 54 -26.16 -53.21 -51.90
N LEU H 55 -26.55 -52.06 -52.44
CA LEU H 55 -26.68 -50.82 -51.67
C LEU H 55 -28.12 -50.32 -51.81
N GLN H 56 -28.84 -50.26 -50.70
CA GLN H 56 -30.26 -49.88 -50.71
C GLN H 56 -30.62 -48.79 -49.71
N VAL H 57 -31.67 -48.04 -50.03
CA VAL H 57 -32.16 -46.94 -49.21
C VAL H 57 -33.54 -47.29 -48.62
N LEU H 58 -33.75 -46.91 -47.36
CA LEU H 58 -34.90 -47.38 -46.58
C LEU H 58 -36.15 -46.50 -46.67
N ARG H 59 -37.27 -47.03 -46.17
CA ARG H 59 -38.53 -46.30 -46.06
C ARG H 59 -39.21 -46.61 -44.71
N PRO H 60 -40.24 -45.84 -44.32
CA PRO H 60 -40.91 -46.07 -43.03
C PRO H 60 -41.50 -47.46 -42.90
N GLY H 61 -40.82 -48.31 -42.12
CA GLY H 61 -41.26 -49.69 -41.89
C GLY H 61 -40.52 -50.36 -40.76
N LEU H 62 -40.96 -51.55 -40.39
CA LEU H 62 -40.39 -52.29 -39.27
C LEU H 62 -39.14 -53.08 -39.65
N VAL H 63 -38.22 -53.20 -38.71
CA VAL H 63 -37.08 -54.12 -38.84
C VAL H 63 -37.25 -55.29 -37.88
N VAL H 64 -37.18 -56.50 -38.43
CA VAL H 64 -37.29 -57.72 -37.64
C VAL H 64 -35.94 -58.43 -37.66
N VAL H 65 -35.34 -58.58 -36.49
CA VAL H 65 -34.04 -59.22 -36.36
C VAL H 65 -34.21 -60.64 -35.81
N HIS H 66 -33.85 -61.62 -36.64
CA HIS H 66 -33.90 -63.02 -36.26
C HIS H 66 -32.59 -63.44 -35.65
N ALA H 67 -32.59 -63.58 -34.33
CA ALA H 67 -31.38 -63.91 -33.57
C ALA H 67 -30.87 -65.33 -33.86
N GLU H 68 -29.58 -65.54 -33.62
CA GLU H 68 -28.89 -66.79 -33.94
C GLU H 68 -29.40 -67.97 -33.11
N ASP H 69 -30.01 -67.68 -31.96
CA ASP H 69 -30.59 -68.71 -31.10
C ASP H 69 -32.09 -68.91 -31.35
N GLY H 70 -32.58 -68.33 -32.45
CA GLY H 70 -33.97 -68.52 -32.88
C GLY H 70 -34.94 -67.42 -32.45
N THR H 71 -34.53 -66.61 -31.47
CA THR H 71 -35.40 -65.56 -30.92
C THR H 71 -35.56 -64.37 -31.86
N THR H 72 -36.47 -63.46 -31.51
CA THR H 72 -36.88 -62.35 -32.38
C THR H 72 -36.66 -60.98 -31.72
N SER H 73 -36.32 -59.98 -32.53
CA SER H 73 -36.20 -58.60 -32.08
C SER H 73 -36.93 -57.66 -33.03
N LYS H 74 -37.85 -56.87 -32.48
CA LYS H 74 -38.68 -55.97 -33.28
C LYS H 74 -38.42 -54.50 -32.98
N TYR H 75 -37.94 -53.77 -33.98
CA TYR H 75 -37.75 -52.32 -33.89
C TYR H 75 -38.43 -51.63 -35.07
N PHE H 76 -38.55 -50.31 -35.01
CA PHE H 76 -39.10 -49.53 -36.12
C PHE H 76 -38.07 -48.57 -36.71
N VAL H 77 -38.13 -48.41 -38.02
CA VAL H 77 -37.22 -47.53 -38.75
C VAL H 77 -37.99 -46.52 -39.60
N SER H 78 -37.58 -45.26 -39.55
CA SER H 78 -38.19 -44.20 -40.33
C SER H 78 -37.54 -44.06 -41.71
N SER H 79 -36.21 -44.00 -41.73
CA SER H 79 -35.44 -43.85 -42.97
C SER H 79 -33.95 -44.11 -42.71
N GLY H 80 -33.19 -44.30 -43.79
CA GLY H 80 -31.75 -44.52 -43.68
C GLY H 80 -31.17 -45.29 -44.86
N SER H 81 -30.22 -46.17 -44.57
CA SER H 81 -29.58 -46.99 -45.60
C SER H 81 -29.15 -48.36 -45.08
N VAL H 82 -29.19 -49.35 -45.97
CA VAL H 82 -28.66 -50.69 -45.69
C VAL H 82 -27.55 -51.04 -46.68
N THR H 83 -26.40 -51.45 -46.16
CA THR H 83 -25.23 -51.74 -46.97
C THR H 83 -24.73 -53.16 -46.72
N VAL H 84 -24.79 -53.99 -47.75
CA VAL H 84 -24.23 -55.34 -47.70
C VAL H 84 -23.05 -55.45 -48.69
N ASN H 85 -21.87 -55.70 -48.15
CA ASN H 85 -20.62 -55.70 -48.92
C ASN H 85 -20.36 -57.02 -49.66
N ALA H 86 -19.17 -57.12 -50.25
CA ALA H 86 -18.75 -58.30 -51.01
C ALA H 86 -18.65 -59.54 -50.12
N ASP H 87 -18.26 -59.35 -48.87
CA ASP H 87 -18.21 -60.42 -47.88
C ASP H 87 -19.55 -60.52 -47.14
N SER H 88 -19.60 -61.40 -46.14
CA SER H 88 -20.80 -61.58 -45.34
C SER H 88 -20.88 -60.54 -44.22
N SER H 89 -21.10 -59.28 -44.61
CA SER H 89 -21.18 -58.17 -43.67
C SER H 89 -22.26 -57.17 -44.07
N VAL H 90 -23.12 -56.81 -43.12
CA VAL H 90 -24.22 -55.87 -43.37
C VAL H 90 -24.19 -54.73 -42.34
N GLN H 91 -24.28 -53.51 -42.81
CA GLN H 91 -24.44 -52.35 -41.93
C GLN H 91 -25.75 -51.59 -42.20
N LEU H 92 -26.68 -51.71 -41.27
CA LEU H 92 -27.96 -51.00 -41.32
C LEU H 92 -27.91 -49.79 -40.40
N LEU H 93 -28.29 -48.62 -40.94
CA LEU H 93 -28.31 -47.40 -40.14
C LEU H 93 -29.52 -46.52 -40.44
N ALA H 94 -30.24 -46.15 -39.39
CA ALA H 94 -31.44 -45.34 -39.50
C ALA H 94 -31.26 -43.99 -38.83
N GLU H 95 -32.13 -43.04 -39.16
CA GLU H 95 -32.12 -41.72 -38.52
C GLU H 95 -32.72 -41.79 -37.12
N GLU H 96 -33.79 -42.58 -36.98
CA GLU H 96 -34.39 -42.88 -35.67
C GLU H 96 -34.89 -44.32 -35.63
N ALA H 97 -34.68 -44.97 -34.48
CA ALA H 97 -35.16 -46.33 -34.24
C ALA H 97 -35.61 -46.47 -32.78
N VAL H 98 -36.92 -46.63 -32.58
CA VAL H 98 -37.52 -46.63 -31.24
C VAL H 98 -38.41 -47.85 -31.00
N THR H 99 -38.51 -48.26 -29.74
CA THR H 99 -39.43 -49.32 -29.32
C THR H 99 -40.37 -48.83 -28.22
N LEU H 100 -41.68 -48.98 -28.41
CA LEU H 100 -42.25 -49.58 -29.62
C LEU H 100 -43.19 -48.60 -30.32
N SER I 10 -34.44 -34.37 -53.15
CA SER I 10 -33.36 -35.03 -52.36
C SER I 10 -33.92 -36.00 -51.33
N TYR I 11 -33.13 -37.02 -50.99
CA TYR I 11 -33.53 -38.02 -50.00
C TYR I 11 -33.44 -37.50 -48.56
N ILE I 12 -32.58 -36.51 -48.34
CA ILE I 12 -32.39 -35.89 -47.03
C ILE I 12 -33.67 -35.22 -46.53
N ARG I 13 -34.36 -34.50 -47.43
CA ARG I 13 -35.62 -33.82 -47.12
C ARG I 13 -36.69 -34.85 -46.76
N TYR I 14 -36.70 -35.96 -47.50
CA TYR I 14 -37.60 -37.08 -47.27
C TYR I 14 -37.31 -37.76 -45.93
N SER I 15 -36.02 -37.94 -45.64
CA SER I 15 -35.56 -38.62 -44.42
C SER I 15 -35.93 -37.87 -43.15
N GLN I 16 -35.83 -36.54 -43.19
CA GLN I 16 -36.14 -35.69 -42.04
C GLN I 16 -37.64 -35.58 -41.78
N ILE I 17 -38.43 -35.72 -42.83
CA ILE I 17 -39.90 -35.74 -42.71
C ILE I 17 -40.37 -37.02 -42.02
N CYS I 18 -39.73 -38.13 -42.35
CA CYS I 18 -39.98 -39.41 -41.70
C CYS I 18 -39.53 -39.39 -40.24
N ALA I 19 -38.52 -38.56 -39.96
CA ALA I 19 -37.98 -38.38 -38.61
C ALA I 19 -38.94 -37.63 -37.69
N LYS I 20 -39.65 -36.66 -38.25
CA LYS I 20 -40.61 -35.85 -37.50
C LYS I 20 -41.80 -36.69 -37.04
N ALA I 21 -42.28 -37.57 -37.91
CA ALA I 21 -43.43 -38.42 -37.63
C ALA I 21 -43.13 -39.51 -36.60
N VAL I 22 -41.92 -40.04 -36.63
CA VAL I 22 -41.51 -41.13 -35.74
C VAL I 22 -41.20 -40.63 -34.31
N ARG I 23 -40.89 -39.34 -34.17
CA ARG I 23 -40.65 -38.73 -32.87
C ARG I 23 -41.94 -38.43 -32.12
N ASP I 24 -43.07 -38.55 -32.83
CA ASP I 24 -44.39 -38.29 -32.26
C ASP I 24 -44.99 -39.49 -31.53
N ALA I 25 -44.17 -40.51 -31.30
CA ALA I 25 -44.61 -41.72 -30.59
C ALA I 25 -43.88 -41.88 -29.26
N THR I 41 -30.50 -26.21 -33.86
CA THR I 41 -29.74 -25.13 -33.21
C THR I 41 -29.13 -24.18 -34.25
N ILE I 42 -28.57 -24.76 -35.30
CA ILE I 42 -27.87 -24.02 -36.36
C ILE I 42 -28.84 -23.11 -37.15
N LYS I 43 -28.40 -21.87 -37.42
CA LYS I 43 -29.18 -20.92 -38.20
C LYS I 43 -28.52 -20.55 -39.53
N ILE I 44 -29.36 -20.28 -40.53
CA ILE I 44 -28.90 -19.98 -41.89
C ILE I 44 -28.32 -18.57 -42.01
N VAL I 45 -27.07 -18.49 -42.48
CA VAL I 45 -26.43 -17.22 -42.79
C VAL I 45 -25.99 -17.17 -44.25
N LYS I 46 -26.63 -16.28 -45.01
CA LYS I 46 -26.32 -16.10 -46.43
C LYS I 46 -25.91 -14.64 -46.69
N VAL I 47 -24.75 -14.48 -47.30
CA VAL I 47 -24.19 -13.15 -47.60
C VAL I 47 -24.93 -12.51 -48.78
PB ADP J . -23.10 -3.60 14.38
O1B ADP J . -23.19 -2.14 13.99
O2B ADP J . -23.18 -3.86 15.86
O3B ADP J . -22.03 -4.38 13.65
PA ADP J . -25.88 -4.13 14.51
O1A ADP J . -26.13 -2.70 14.91
O2A ADP J . -25.94 -5.22 15.56
O3A ADP J . -24.45 -4.22 13.76
O5' ADP J . -26.88 -4.53 13.31
C5' ADP J . -27.18 -3.63 12.27
C4' ADP J . -28.58 -3.93 11.72
O4' ADP J . -28.62 -5.27 11.25
C3' ADP J . -29.65 -3.79 12.80
O3' ADP J . -30.66 -2.87 12.36
C2' ADP J . -30.25 -5.18 12.99
O2' ADP J . -31.67 -5.15 13.03
C1' ADP J . -29.76 -5.97 11.78
N9 ADP J . -29.41 -7.37 12.16
C8 ADP J . -28.25 -7.78 12.71
N7 ADP J . -28.27 -9.13 12.93
C5 ADP J . -29.46 -9.59 12.49
C6 ADP J . -30.14 -10.91 12.43
N6 ADP J . -29.52 -12.03 12.87
N1 ADP J . -31.39 -10.96 11.91
C2 ADP J . -32.01 -9.85 11.47
N3 ADP J . -31.46 -8.62 11.50
C4 ADP J . -30.21 -8.42 12.00
MG MG K . -22.64 -2.34 17.28
PB ADP L . 22.95 -16.59 0.34
O1B ADP L . 22.27 -16.89 1.66
O2B ADP L . 24.34 -16.03 0.46
O3B ADP L . 22.06 -15.85 -0.64
PA ADP L . 24.27 -19.08 0.15
O1A ADP L . 24.28 -19.09 1.66
O2A ADP L . 25.56 -18.79 -0.58
O3A ADP L . 23.14 -18.04 -0.35
O5' ADP L . 23.69 -20.48 -0.37
C5' ADP L . 22.53 -21.07 0.22
C4' ADP L . 22.60 -22.59 0.15
O4' ADP L . 22.62 -23.02 -1.22
C3' ADP L . 23.85 -23.13 0.83
O3' ADP L . 23.48 -24.10 1.80
C2' ADP L . 24.67 -23.76 -0.29
O2' ADP L . 25.19 -25.03 0.09
C1' ADP L . 23.72 -23.90 -1.46
N9 ADP L . 24.38 -23.59 -2.76
C8 ADP L . 24.84 -22.37 -3.15
N7 ADP L . 25.40 -22.43 -4.38
C5 ADP L . 25.29 -23.70 -4.81
C6 ADP L . 25.66 -24.47 -6.03
N6 ADP L . 26.28 -23.87 -7.07
N1 ADP L . 25.36 -25.79 -6.07
C2 ADP L . 24.75 -26.41 -5.04
N3 ADP L . 24.38 -25.79 -3.91
C4 ADP L . 24.61 -24.46 -3.73
MG MG M . 25.02 -15.00 2.41
PB ADP N . 0.08 20.68 -18.36
O1B ADP N . 1.51 20.41 -17.95
O2B ADP N . -0.32 22.13 -18.22
O3B ADP N . -0.92 19.68 -17.82
PA ADP N . 0.17 21.53 -21.07
O1A ADP N . 1.52 22.18 -20.95
O2A ADP N . -1.08 22.37 -21.07
O3A ADP N . 0.04 20.38 -19.95
O5' ADP N . 0.18 20.65 -22.41
C5' ADP N . 1.15 19.63 -22.61
C4' ADP N . 1.33 19.37 -24.10
O4' ADP N . 0.11 18.87 -24.65
C3' ADP N . 1.67 20.66 -24.83
O3' ADP N . 2.89 20.50 -25.56
C2' ADP N . 0.50 20.90 -25.78
O2' ADP N . 0.95 21.31 -27.07
C1' ADP N . -0.22 19.57 -25.85
N9 ADP N . -1.69 19.74 -25.97
C8 ADP N . -2.53 20.22 -25.03
N7 ADP N . -3.82 20.25 -25.47
C5 ADP N . -3.82 19.77 -26.73
C6 ADP N . -4.83 19.52 -27.78
N6 ADP N . -6.14 19.80 -27.56
N1 ADP N . -4.41 19.01 -28.96
C2 ADP N . -3.11 18.72 -29.19
N3 ADP N . -2.13 18.92 -28.29
C4 ADP N . -2.42 19.43 -27.06
MG MG O . 0.98 23.53 -16.97
PB ADP P . -21.96 17.22 -2.90
O1B ADP P . -20.60 17.77 -3.25
O2B ADP P . -22.80 18.11 -2.00
O3B ADP P . -21.93 15.76 -2.48
PA ADP P . -23.80 18.31 -4.76
O1A ADP P . -23.06 19.63 -4.81
O2A ADP P . -25.05 18.18 -3.91
O3A ADP P . -22.76 17.17 -4.30
O5' ADP P . -24.14 17.85 -6.27
C5' ADP P . -23.09 17.69 -7.21
C4' ADP P . -23.60 17.42 -8.62
O4' ADP P . -24.13 16.09 -8.74
C3' ADP P . -24.71 18.34 -9.09
O3' ADP P . -24.21 19.54 -9.65
C2' ADP P . -25.44 17.50 -10.11
O2' ADP P . -24.84 17.62 -11.41
C1' ADP P . -25.28 16.08 -9.59
N9 ADP P . -26.50 15.71 -8.83
C8 ADP P . -26.60 15.58 -7.49
N7 ADP P . -27.85 15.24 -7.12
C5 ADP P . -28.59 15.15 -8.24
C6 ADP P . -30.00 14.82 -8.57
N6 ADP P . -30.90 14.52 -7.59
N1 ADP P . -30.37 14.83 -9.87
C2 ADP P . -29.50 15.12 -10.86
N3 ADP P . -28.21 15.43 -10.63
C4 ADP P . -27.70 15.45 -9.38
MG MG Q . -22.28 20.08 -0.83
PB ADP R . -2.06 -27.34 18.69
O1B ADP R . -3.46 -26.99 19.16
O2B ADP R . -1.02 -27.35 19.78
O3B ADP R . -1.64 -26.64 17.42
PA ADP R . -2.18 -30.07 19.36
O1A ADP R . -2.90 -29.59 20.60
O2A ADP R . -0.77 -30.58 19.46
O3A ADP R . -2.19 -28.89 18.26
O5' ADP R . -3.08 -31.21 18.65
C5' ADP R . -4.44 -30.93 18.31
C4' ADP R . -5.13 -32.19 17.81
O4' ADP R . -4.39 -32.77 16.72
C3' ADP R . -5.24 -33.24 18.90
O3' ADP R . -6.59 -33.31 19.38
C2' ADP R . -4.79 -34.54 18.27
O2' ADP R . -5.89 -35.45 18.12
C1' ADP R . -4.22 -34.18 16.91
N9 ADP R . -2.79 -34.54 16.85
C8 ADP R . -1.76 -33.67 16.89
N7 ADP R . -0.56 -34.30 16.82
C5 ADP R . -0.81 -35.62 16.73
C6 ADP R . 0.01 -36.86 16.63
N6 ADP R . 1.35 -36.80 16.60
N1 ADP R . -0.65 -38.05 16.56
C2 ADP R . -2.00 -38.11 16.58
N3 ADP R . -2.80 -37.03 16.67
C4 ADP R . -2.27 -35.78 16.75
PB ADP S . 22.59 4.94 -14.93
O1B ADP S . 22.86 4.33 -13.57
O2B ADP S . 23.58 6.02 -15.33
O3B ADP S . 21.15 5.32 -15.16
PA ADP S . 24.08 3.66 -16.99
O1A ADP S . 25.36 3.56 -16.21
O2A ADP S . 23.89 4.76 -18.00
O3A ADP S . 22.83 3.72 -15.96
O5' ADP S . 23.86 2.25 -17.72
C5' ADP S . 23.93 1.03 -16.98
C4' ADP S . 24.03 -0.20 -17.87
O4' ADP S . 22.87 -0.36 -18.68
C3' ADP S . 25.22 -0.14 -18.83
O3' ADP S . 26.37 -0.78 -18.27
C2' ADP S . 24.73 -0.86 -20.06
O2' ADP S . 25.14 -2.23 -20.05
C1' ADP S . 23.22 -0.79 -20.01
N9 ADP S . 22.76 0.21 -21.02
C8 ADP S . 22.20 1.40 -20.74
N7 ADP S . 21.92 2.09 -21.88
C5 ADP S . 22.31 1.32 -22.92
C6 ADP S . 22.29 1.44 -24.40
N6 ADP S . 21.79 2.53 -25.01
N1 ADP S . 22.80 0.41 -25.12
C2 ADP S . 23.30 -0.69 -24.53
N3 ADP S . 23.34 -0.87 -23.19
C4 ADP S . 22.87 0.08 -22.35
MG MG T . 24.95 7.09 -14.16
#